data_6UZ5
#
_entry.id   6UZ5
#
loop_
_entity.id
_entity.type
_entity.pdbx_description
1 polymer Plasminogen
2 polymer 'M protein'
#
loop_
_entity_poly.entity_id
_entity_poly.type
_entity_poly.pdbx_seq_one_letter_code
_entity_poly.pdbx_strand_id
1 'polypeptide(L)'
;YVEFSEECMHGSGENYDGKISKTMSGLECQAWDSQSPHAHGYIPSKFPNKNLKKNYCRNPDRDLRPWCFTTDPNKRWEYC
DIPRCAA
;
A
2 'polypeptide(L)' GSKTIQEKEQELKNLKDNVELERLKNERHDHDEEAERKALEDKLADKQEHLDGALRY B
#
# COMPACT_ATOMS: atom_id res chain seq x y z
N GLU A 6 -11.92 -0.69 17.14
CA GLU A 6 -12.57 0.61 17.20
C GLU A 6 -12.89 1.11 15.80
N GLU A 7 -14.01 1.81 15.66
CA GLU A 7 -14.43 2.34 14.37
C GLU A 7 -13.92 3.77 14.19
N CYS A 8 -13.25 4.28 15.21
CA CYS A 8 -12.71 5.63 15.16
C CYS A 8 -11.20 5.62 15.37
N MET A 9 -10.56 6.75 15.09
CA MET A 9 -9.12 6.86 15.25
C MET A 9 -8.79 7.83 16.39
N HIS A 10 -7.65 7.61 17.04
CA HIS A 10 -7.24 8.47 18.15
C HIS A 10 -6.27 9.54 17.65
N GLY A 11 -5.52 9.22 16.62
CA GLY A 11 -4.56 10.16 16.06
C GLY A 11 -4.62 10.20 14.55
N SER A 12 -3.94 9.28 13.90
CA SER A 12 -3.92 9.23 12.45
C SER A 12 -4.46 7.90 11.93
N GLY A 13 -4.91 7.05 12.86
CA GLY A 13 -5.46 5.76 12.47
C GLY A 13 -4.39 4.73 12.13
N GLU A 14 -3.28 4.78 12.85
CA GLU A 14 -2.19 3.83 12.63
C GLU A 14 -2.62 2.43 13.04
N ASN A 15 -3.17 2.30 14.24
CA ASN A 15 -3.63 1.02 14.75
C ASN A 15 -5.14 0.90 14.57
N TYR A 16 -5.65 1.53 13.53
CA TYR A 16 -7.09 1.50 13.26
C TYR A 16 -7.48 0.22 12.54
N ASP A 17 -8.15 -0.66 13.27
CA ASP A 17 -8.61 -1.92 12.72
C ASP A 17 -10.15 -1.92 12.71
N GLY A 18 -10.70 -0.97 11.97
CA GLY A 18 -12.15 -0.85 11.87
C GLY A 18 -12.70 -1.56 10.65
N LYS A 19 -13.99 -1.43 10.42
CA LYS A 19 -14.63 -2.10 9.30
C LYS A 19 -15.08 -1.13 8.21
N ILE A 20 -14.61 0.12 8.28
CA ILE A 20 -14.95 1.11 7.26
C ILE A 20 -14.25 0.76 5.96
N SER A 21 -15.01 0.63 4.88
CA SER A 21 -14.45 0.28 3.59
C SER A 21 -14.92 1.24 2.50
N LYS A 22 -15.09 2.51 2.87
CA LYS A 22 -15.53 3.50 1.93
C LYS A 22 -14.71 4.78 2.06
N THR A 23 -14.29 5.31 0.93
CA THR A 23 -13.52 6.54 0.88
C THR A 23 -14.38 7.74 1.25
N MET A 24 -13.75 8.87 1.51
CA MET A 24 -14.46 10.10 1.86
C MET A 24 -15.17 10.67 0.64
N SER A 25 -14.89 10.08 -0.52
CA SER A 25 -15.50 10.50 -1.76
C SER A 25 -16.77 9.71 -2.03
N GLY A 26 -16.95 8.62 -1.30
CA GLY A 26 -18.13 7.79 -1.46
C GLY A 26 -17.89 6.62 -2.40
N LEU A 27 -16.67 6.11 -2.41
CA LEU A 27 -16.33 4.98 -3.26
C LEU A 27 -15.90 3.79 -2.41
N GLU A 28 -16.39 2.61 -2.74
CA GLU A 28 -16.05 1.41 -2.00
C GLU A 28 -14.59 1.03 -2.26
N CYS A 29 -13.86 0.74 -1.20
CA CYS A 29 -12.46 0.39 -1.29
C CYS A 29 -12.26 -0.97 -1.94
N GLN A 30 -11.16 -1.12 -2.66
CA GLN A 30 -10.83 -2.36 -3.31
C GLN A 30 -10.13 -3.30 -2.33
N ALA A 31 -10.43 -4.58 -2.43
CA ALA A 31 -9.83 -5.59 -1.57
C ALA A 31 -8.32 -5.58 -1.71
N TRP A 32 -7.62 -5.55 -0.58
CA TRP A 32 -6.15 -5.53 -0.55
C TRP A 32 -5.59 -6.76 -1.26
N ASP A 33 -6.23 -7.89 -1.06
CA ASP A 33 -5.81 -9.15 -1.65
C ASP A 33 -6.11 -9.24 -3.14
N SER A 34 -6.78 -8.22 -3.68
CA SER A 34 -7.12 -8.21 -5.09
C SER A 34 -6.32 -7.15 -5.83
N GLN A 35 -6.02 -7.41 -7.09
CA GLN A 35 -5.26 -6.48 -7.93
C GLN A 35 -6.14 -5.92 -9.04
N SER A 36 -7.44 -6.14 -8.90
CA SER A 36 -8.39 -5.66 -9.89
C SER A 36 -9.36 -4.66 -9.26
N PRO A 37 -9.56 -3.50 -9.89
CA PRO A 37 -8.91 -3.15 -11.16
C PRO A 37 -7.58 -2.42 -10.98
N HIS A 38 -7.21 -2.12 -9.74
CA HIS A 38 -5.96 -1.42 -9.47
C HIS A 38 -4.90 -2.34 -8.90
N ALA A 39 -3.73 -2.33 -9.54
CA ALA A 39 -2.60 -3.14 -9.09
C ALA A 39 -1.74 -2.34 -8.12
N HIS A 40 -1.34 -2.97 -7.03
CA HIS A 40 -0.55 -2.29 -6.02
C HIS A 40 0.48 -3.24 -5.38
N GLY A 41 1.30 -2.70 -4.50
CA GLY A 41 2.31 -3.49 -3.83
C GLY A 41 2.08 -3.61 -2.34
N TYR A 42 0.83 -3.45 -1.91
CA TYR A 42 0.49 -3.56 -0.50
C TYR A 42 -0.22 -4.87 -0.23
N ILE A 43 0.49 -5.96 -0.49
CA ILE A 43 -0.05 -7.31 -0.30
C ILE A 43 -0.24 -7.60 1.18
N PRO A 44 -1.43 -8.12 1.57
CA PRO A 44 -1.72 -8.47 2.97
C PRO A 44 -0.68 -9.40 3.58
N SER A 45 -0.08 -10.25 2.75
CA SER A 45 0.96 -11.18 3.20
C SER A 45 2.29 -10.45 3.35
N LYS A 46 2.44 -9.37 2.61
CA LYS A 46 3.66 -8.57 2.64
C LYS A 46 3.70 -7.77 3.94
N PHE A 47 2.53 -7.26 4.33
CA PHE A 47 2.40 -6.50 5.57
C PHE A 47 1.28 -7.06 6.44
N PRO A 48 1.49 -8.26 7.02
CA PRO A 48 0.48 -8.91 7.85
C PRO A 48 0.26 -8.19 9.18
N ASN A 49 1.24 -7.40 9.57
CA ASN A 49 1.17 -6.66 10.83
C ASN A 49 0.50 -5.29 10.64
N LYS A 50 -0.05 -5.05 9.46
CA LYS A 50 -0.70 -3.78 9.17
C LYS A 50 -2.21 -3.92 9.11
N ASN A 51 -2.69 -5.13 9.40
CA ASN A 51 -4.12 -5.43 9.43
C ASN A 51 -4.81 -5.15 8.09
N LEU A 52 -4.17 -5.55 7.00
CA LEU A 52 -4.76 -5.35 5.67
C LEU A 52 -5.83 -6.41 5.42
N LYS A 53 -6.95 -6.26 6.12
CA LYS A 53 -8.05 -7.22 6.02
C LYS A 53 -9.10 -6.78 5.02
N LYS A 54 -9.47 -7.72 4.14
CA LYS A 54 -10.48 -7.52 3.11
C LYS A 54 -10.25 -6.23 2.33
N ASN A 55 -11.15 -5.26 2.51
CA ASN A 55 -11.05 -3.99 1.81
C ASN A 55 -11.25 -2.84 2.79
N TYR A 56 -10.94 -3.08 4.06
CA TYR A 56 -11.10 -2.05 5.08
C TYR A 56 -9.99 -1.02 4.96
N CYS A 57 -10.32 0.23 5.22
CA CYS A 57 -9.33 1.32 5.15
C CYS A 57 -8.27 1.13 6.24
N ARG A 58 -7.01 1.17 5.84
CA ARG A 58 -5.91 1.00 6.78
C ARG A 58 -4.82 2.03 6.53
N ASN A 59 -3.82 2.04 7.39
CA ASN A 59 -2.72 2.98 7.28
C ASN A 59 -1.38 2.22 7.22
N PRO A 60 -0.93 1.86 6.02
CA PRO A 60 0.30 1.11 5.81
C PRO A 60 1.56 1.97 5.64
N ASP A 61 1.41 3.20 5.19
CA ASP A 61 2.57 4.08 4.96
C ASP A 61 2.71 5.13 6.05
N ARG A 62 1.86 5.06 7.07
CA ARG A 62 1.88 6.00 8.19
C ARG A 62 1.46 7.40 7.76
N ASP A 63 0.36 7.47 7.04
CA ASP A 63 -0.19 8.74 6.58
C ASP A 63 -0.97 9.38 7.73
N LEU A 64 -1.62 10.50 7.47
CA LEU A 64 -2.38 11.19 8.51
C LEU A 64 -3.83 10.71 8.51
N ARG A 65 -4.23 10.06 7.44
CA ARG A 65 -5.59 9.54 7.31
C ARG A 65 -5.58 8.18 6.63
N PRO A 66 -6.24 7.17 7.23
CA PRO A 66 -6.31 5.84 6.63
C PRO A 66 -6.95 5.91 5.25
N TRP A 67 -6.26 5.37 4.26
CA TRP A 67 -6.75 5.41 2.89
C TRP A 67 -7.00 4.01 2.35
N CYS A 68 -7.39 3.97 1.08
CA CYS A 68 -7.66 2.72 0.40
C CYS A 68 -7.73 2.96 -1.10
N PHE A 69 -7.66 1.89 -1.88
CA PHE A 69 -7.75 2.00 -3.32
C PHE A 69 -9.22 2.00 -3.71
N THR A 70 -9.58 2.80 -4.69
CA THR A 70 -10.97 2.87 -5.10
C THR A 70 -11.26 1.81 -6.15
N THR A 71 -12.54 1.59 -6.42
CA THR A 71 -12.94 0.60 -7.40
C THR A 71 -13.16 1.24 -8.77
N ASP A 72 -12.78 2.51 -8.89
CA ASP A 72 -12.95 3.24 -10.14
C ASP A 72 -11.62 3.36 -10.88
N PRO A 73 -11.61 3.04 -12.20
CA PRO A 73 -10.40 3.10 -13.02
C PRO A 73 -9.84 4.52 -13.16
N ASN A 74 -10.63 5.53 -12.84
CA ASN A 74 -10.17 6.91 -12.95
C ASN A 74 -9.77 7.47 -11.59
N LYS A 75 -9.60 6.60 -10.62
CA LYS A 75 -9.19 7.00 -9.28
C LYS A 75 -8.35 5.90 -8.64
N ARG A 76 -7.04 6.10 -8.60
CA ARG A 76 -6.11 5.13 -8.03
C ARG A 76 -6.45 4.83 -6.57
N TRP A 77 -6.28 5.84 -5.72
CA TRP A 77 -6.54 5.67 -4.30
C TRP A 77 -7.13 6.95 -3.73
N GLU A 78 -7.75 6.84 -2.57
CA GLU A 78 -8.36 7.98 -1.91
C GLU A 78 -8.36 7.76 -0.40
N TYR A 79 -8.64 8.82 0.34
CA TYR A 79 -8.67 8.73 1.80
C TYR A 79 -10.06 8.39 2.29
N CYS A 80 -10.15 7.75 3.45
CA CYS A 80 -11.43 7.38 4.02
C CYS A 80 -11.82 8.34 5.14
N ASP A 81 -13.09 8.72 5.18
CA ASP A 81 -13.59 9.62 6.20
C ASP A 81 -13.96 8.84 7.46
N ILE A 82 -12.98 8.70 8.33
CA ILE A 82 -13.16 7.96 9.58
C ILE A 82 -13.22 8.93 10.77
N PRO A 83 -14.22 8.77 11.66
CA PRO A 83 -14.38 9.61 12.84
C PRO A 83 -13.21 9.47 13.83
N ARG A 84 -13.14 10.38 14.78
CA ARG A 84 -12.08 10.35 15.77
C ARG A 84 -12.66 10.15 17.18
N CYS A 85 -11.93 9.42 18.00
CA CYS A 85 -12.36 9.14 19.37
C CYS A 85 -11.95 10.27 20.30
N GLY B 1 29.03 -23.93 7.88
CA GLY B 1 29.25 -23.95 6.45
C GLY B 1 29.49 -22.57 5.90
N SER B 2 30.76 -22.23 5.71
CA SER B 2 31.14 -20.93 5.19
C SER B 2 31.06 -20.90 3.67
N LYS B 3 31.29 -22.05 3.05
CA LYS B 3 31.26 -22.15 1.60
C LYS B 3 29.83 -22.40 1.12
N THR B 4 29.10 -23.22 1.86
CA THR B 4 27.72 -23.53 1.52
C THR B 4 26.81 -22.33 1.75
N ILE B 5 26.37 -21.71 0.67
CA ILE B 5 25.51 -20.56 0.76
C ILE B 5 24.05 -20.99 0.89
N GLN B 6 23.55 -20.95 2.11
CA GLN B 6 22.17 -21.33 2.38
C GLN B 6 21.23 -20.21 1.95
N GLU B 7 20.02 -20.58 1.54
CA GLU B 7 19.03 -19.60 1.11
C GLU B 7 18.58 -18.76 2.29
N LYS B 8 18.41 -19.42 3.43
CA LYS B 8 17.98 -18.76 4.66
C LYS B 8 18.92 -17.62 5.00
N GLU B 9 18.35 -16.43 5.18
CA GLU B 9 19.13 -15.25 5.51
C GLU B 9 19.70 -15.34 6.91
N GLN B 10 20.83 -14.68 7.11
CA GLN B 10 21.48 -14.67 8.41
C GLN B 10 20.97 -13.50 9.23
N GLU B 11 20.70 -12.40 8.56
CA GLU B 11 20.18 -11.20 9.21
C GLU B 11 18.85 -10.83 8.58
N LEU B 12 17.88 -10.52 9.42
CA LEU B 12 16.56 -10.15 8.93
C LEU B 12 16.33 -8.65 9.12
N LYS B 13 16.13 -7.96 8.02
CA LYS B 13 15.90 -6.52 8.05
C LYS B 13 14.54 -6.19 8.68
N ASN B 14 14.54 -5.25 9.62
CA ASN B 14 13.33 -4.84 10.30
C ASN B 14 12.64 -3.71 9.54
N LEU B 15 11.39 -3.93 9.19
CA LEU B 15 10.62 -2.93 8.45
C LEU B 15 10.22 -1.77 9.35
N LYS B 16 9.99 -2.07 10.63
CA LYS B 16 9.60 -1.05 11.60
C LYS B 16 10.71 -0.01 11.77
N ASP B 17 11.96 -0.45 11.66
CA ASP B 17 13.09 0.44 11.80
C ASP B 17 13.15 1.41 10.62
N ASN B 18 12.67 0.94 9.48
CA ASN B 18 12.65 1.76 8.26
C ASN B 18 11.59 2.84 8.39
N VAL B 19 10.48 2.49 9.06
CA VAL B 19 9.40 3.43 9.28
C VAL B 19 9.87 4.56 10.20
N GLU B 20 10.68 4.19 11.18
CA GLU B 20 11.22 5.13 12.14
C GLU B 20 12.16 6.12 11.45
N LEU B 21 12.79 5.67 10.38
CA LEU B 21 13.71 6.51 9.62
C LEU B 21 12.94 7.50 8.74
N GLU B 22 11.76 7.07 8.27
CA GLU B 22 10.91 7.90 7.41
C GLU B 22 11.68 8.36 6.18
N ARG B 23 12.26 7.41 5.46
CA ARG B 23 13.02 7.71 4.26
C ARG B 23 12.10 7.72 3.04
N LEU B 24 10.92 7.12 3.18
CA LEU B 24 9.96 7.07 2.10
C LEU B 24 9.33 8.44 1.85
N LYS B 25 9.11 9.17 2.95
CA LYS B 25 8.55 10.52 2.91
C LYS B 25 7.19 10.55 2.18
N ASN B 26 6.47 9.44 2.24
CA ASN B 26 5.14 9.30 1.61
C ASN B 26 5.21 9.47 0.08
N GLU B 27 6.43 9.48 -0.47
CA GLU B 27 6.62 9.64 -1.90
C GLU B 27 6.10 8.46 -2.69
N ARG B 28 6.42 7.25 -2.24
CA ARG B 28 5.98 6.03 -2.92
C ARG B 28 4.46 5.89 -2.87
N HIS B 29 3.86 6.56 -1.89
CA HIS B 29 2.41 6.55 -1.72
C HIS B 29 1.78 7.62 -2.61
N ASP B 30 2.46 8.77 -2.71
CA ASP B 30 1.97 9.87 -3.53
C ASP B 30 2.04 9.53 -5.02
N HIS B 31 3.20 9.04 -5.46
CA HIS B 31 3.39 8.69 -6.86
C HIS B 31 4.08 7.34 -6.99
N ASP B 32 3.48 6.48 -7.80
CA ASP B 32 4.00 5.13 -8.04
C ASP B 32 4.93 5.13 -9.25
N GLU B 33 5.11 6.29 -9.86
CA GLU B 33 5.97 6.42 -11.03
C GLU B 33 7.43 6.06 -10.69
N GLU B 34 7.81 6.29 -9.44
CA GLU B 34 9.17 5.98 -9.00
C GLU B 34 9.40 4.48 -8.96
N ALA B 35 8.32 3.72 -8.83
CA ALA B 35 8.40 2.27 -8.78
C ALA B 35 8.74 1.70 -10.16
N GLU B 36 8.18 2.32 -11.19
CA GLU B 36 8.41 1.89 -12.57
C GLU B 36 9.89 2.03 -12.92
N ARG B 37 10.50 3.11 -12.44
CA ARG B 37 11.90 3.37 -12.69
C ARG B 37 12.80 2.37 -11.97
N LYS B 38 12.26 1.75 -10.92
CA LYS B 38 13.01 0.76 -10.17
C LYS B 38 12.87 -0.61 -10.82
N ALA B 39 11.70 -0.85 -11.40
CA ALA B 39 11.42 -2.10 -12.07
C ALA B 39 12.23 -2.22 -13.35
N LEU B 40 12.17 -1.19 -14.17
CA LEU B 40 12.92 -1.15 -15.43
C LEU B 40 14.28 -0.52 -15.21
N GLU B 41 15.33 -1.24 -15.62
CA GLU B 41 16.69 -0.74 -15.47
C GLU B 41 16.93 0.44 -16.41
N ASP B 42 16.38 0.33 -17.61
CA ASP B 42 16.53 1.37 -18.61
C ASP B 42 15.16 1.74 -19.16
N LYS B 43 15.07 2.89 -19.83
CA LYS B 43 13.81 3.33 -20.40
C LYS B 43 13.63 2.76 -21.80
N LEU B 44 12.38 2.70 -22.24
CA LEU B 44 12.04 2.15 -23.55
C LEU B 44 12.63 3.02 -24.66
N ALA B 45 12.98 2.38 -25.77
CA ALA B 45 13.56 3.08 -26.90
C ALA B 45 12.48 3.79 -27.71
N ASP B 46 11.32 3.16 -27.82
CA ASP B 46 10.21 3.73 -28.57
C ASP B 46 9.25 4.47 -27.65
N LYS B 47 8.17 5.00 -28.21
CA LYS B 47 7.18 5.73 -27.44
C LYS B 47 6.41 4.80 -26.51
N GLN B 48 6.65 4.93 -25.21
CA GLN B 48 5.98 4.12 -24.22
C GLN B 48 4.50 4.50 -24.15
N GLU B 49 3.64 3.48 -24.25
CA GLU B 49 2.19 3.71 -24.19
C GLU B 49 1.79 4.21 -22.80
N HIS B 50 2.38 3.60 -21.79
CA HIS B 50 2.12 3.94 -20.39
C HIS B 50 0.68 3.64 -20.01
N LEU B 51 -0.20 4.64 -20.18
CA LEU B 51 -1.62 4.51 -19.87
C LEU B 51 -1.82 4.25 -18.38
N ASP B 52 -3.07 4.02 -17.99
CA ASP B 52 -3.39 3.75 -16.59
C ASP B 52 -3.59 2.25 -16.40
N GLY B 53 -3.40 1.80 -15.17
CA GLY B 53 -3.56 0.38 -14.88
C GLY B 53 -4.98 0.01 -14.53
N ALA B 54 -5.72 -0.48 -15.52
CA ALA B 54 -7.10 -0.88 -15.31
C ALA B 54 -7.47 -2.02 -16.25
N LEU B 55 -8.68 -2.53 -16.11
CA LEU B 55 -9.15 -3.63 -16.95
C LEU B 55 -9.58 -3.12 -18.33
N ARG B 56 -10.37 -2.06 -18.34
CA ARG B 56 -10.85 -1.49 -19.59
C ARG B 56 -10.18 -0.16 -19.89
N TYR B 57 -9.20 0.19 -19.07
CA TYR B 57 -8.46 1.44 -19.23
C TYR B 57 -7.00 1.25 -18.87
N GLU A 6 -11.63 -0.73 17.79
CA GLU A 6 -12.14 0.63 17.80
C GLU A 6 -12.54 1.06 16.41
N GLU A 7 -13.64 1.80 16.32
CA GLU A 7 -14.13 2.27 15.02
C GLU A 7 -13.90 3.76 14.87
N CYS A 8 -12.88 4.27 15.55
CA CYS A 8 -12.55 5.69 15.48
C CYS A 8 -11.03 5.86 15.46
N MET A 9 -10.57 7.02 15.04
CA MET A 9 -9.15 7.30 14.99
C MET A 9 -8.75 8.29 16.08
N HIS A 10 -7.57 8.11 16.64
CA HIS A 10 -7.08 8.99 17.69
C HIS A 10 -6.17 10.07 17.11
N GLY A 11 -5.27 9.66 16.24
CA GLY A 11 -4.36 10.61 15.63
C GLY A 11 -4.35 10.49 14.12
N SER A 12 -3.65 9.48 13.62
CA SER A 12 -3.56 9.26 12.18
C SER A 12 -4.28 7.98 11.77
N GLY A 13 -4.73 7.21 12.76
CA GLY A 13 -5.43 5.98 12.48
C GLY A 13 -4.46 4.83 12.24
N GLU A 14 -3.32 4.88 12.92
CA GLU A 14 -2.30 3.84 12.78
C GLU A 14 -2.83 2.49 13.28
N ASN A 15 -3.50 2.52 14.42
CA ASN A 15 -4.04 1.31 15.02
C ASN A 15 -5.55 1.20 14.77
N TYR A 16 -5.96 1.50 13.55
CA TYR A 16 -7.36 1.44 13.20
C TYR A 16 -7.70 0.13 12.51
N ASP A 17 -8.51 -0.70 13.16
CA ASP A 17 -8.92 -1.97 12.60
C ASP A 17 -10.45 -2.03 12.51
N GLY A 18 -11.02 -0.98 11.94
CA GLY A 18 -12.46 -0.90 11.79
C GLY A 18 -12.95 -1.60 10.54
N LYS A 19 -14.26 -1.63 10.35
CA LYS A 19 -14.84 -2.29 9.18
C LYS A 19 -15.39 -1.29 8.17
N ILE A 20 -14.73 -0.16 8.04
CA ILE A 20 -15.14 0.86 7.08
C ILE A 20 -14.44 0.61 5.75
N SER A 21 -15.22 0.45 4.70
CA SER A 21 -14.67 0.19 3.37
C SER A 21 -15.15 1.23 2.36
N LYS A 22 -15.25 2.48 2.80
CA LYS A 22 -15.71 3.55 1.92
C LYS A 22 -14.86 4.80 2.09
N THR A 23 -14.37 5.30 0.96
CA THR A 23 -13.56 6.50 0.93
C THR A 23 -14.38 7.74 1.28
N MET A 24 -13.68 8.85 1.50
CA MET A 24 -14.33 10.12 1.83
C MET A 24 -15.21 10.60 0.68
N SER A 25 -14.90 10.13 -0.53
CA SER A 25 -15.66 10.49 -1.71
C SER A 25 -16.93 9.65 -1.83
N GLY A 26 -17.02 8.61 -1.02
CA GLY A 26 -18.17 7.75 -1.04
C GLY A 26 -18.04 6.62 -2.05
N LEU A 27 -16.85 6.07 -2.17
CA LEU A 27 -16.59 4.98 -3.09
C LEU A 27 -16.15 3.74 -2.33
N GLU A 28 -16.56 2.57 -2.79
CA GLU A 28 -16.20 1.32 -2.13
C GLU A 28 -14.71 1.04 -2.33
N CYS A 29 -14.05 0.64 -1.25
CA CYS A 29 -12.63 0.34 -1.29
C CYS A 29 -12.36 -1.00 -1.96
N GLN A 30 -11.23 -1.09 -2.65
CA GLN A 30 -10.81 -2.30 -3.33
C GLN A 30 -10.12 -3.22 -2.34
N ALA A 31 -10.32 -4.52 -2.50
CA ALA A 31 -9.71 -5.51 -1.63
C ALA A 31 -8.20 -5.49 -1.75
N TRP A 32 -7.53 -5.51 -0.59
CA TRP A 32 -6.07 -5.48 -0.55
C TRP A 32 -5.47 -6.71 -1.24
N ASP A 33 -6.15 -7.84 -1.09
CA ASP A 33 -5.69 -9.09 -1.69
C ASP A 33 -6.04 -9.17 -3.18
N SER A 34 -6.63 -8.11 -3.71
CA SER A 34 -7.01 -8.07 -5.11
C SER A 34 -6.18 -7.03 -5.86
N GLN A 35 -5.82 -7.34 -7.10
CA GLN A 35 -5.03 -6.44 -7.92
C GLN A 35 -5.90 -5.83 -9.01
N SER A 36 -7.20 -5.81 -8.75
CA SER A 36 -8.16 -5.26 -9.70
C SER A 36 -9.12 -4.33 -8.96
N PRO A 37 -9.46 -3.18 -9.56
CA PRO A 37 -8.96 -2.78 -10.87
C PRO A 37 -7.58 -2.10 -10.80
N HIS A 38 -7.08 -1.88 -9.60
CA HIS A 38 -5.78 -1.23 -9.43
C HIS A 38 -4.75 -2.20 -8.88
N ALA A 39 -3.64 -2.33 -9.60
CA ALA A 39 -2.55 -3.19 -9.18
C ALA A 39 -1.63 -2.41 -8.23
N HIS A 40 -1.28 -3.03 -7.12
CA HIS A 40 -0.44 -2.39 -6.13
C HIS A 40 0.55 -3.38 -5.50
N GLY A 41 1.39 -2.87 -4.61
CA GLY A 41 2.38 -3.71 -3.95
C GLY A 41 2.14 -3.83 -2.46
N TYR A 42 0.97 -3.39 -2.01
CA TYR A 42 0.62 -3.46 -0.59
C TYR A 42 -0.04 -4.80 -0.32
N ILE A 43 0.69 -5.87 -0.62
CA ILE A 43 0.20 -7.23 -0.45
C ILE A 43 0.02 -7.57 1.02
N PRO A 44 -1.16 -8.09 1.40
CA PRO A 44 -1.45 -8.48 2.79
C PRO A 44 -0.44 -9.50 3.31
N SER A 45 0.05 -10.33 2.41
CA SER A 45 1.05 -11.35 2.76
C SER A 45 2.41 -10.69 2.99
N LYS A 46 2.62 -9.55 2.36
CA LYS A 46 3.87 -8.82 2.50
C LYS A 46 3.87 -8.03 3.81
N PHE A 47 2.69 -7.53 4.17
CA PHE A 47 2.52 -6.77 5.41
C PHE A 47 1.49 -7.48 6.29
N PRO A 48 1.89 -8.55 6.98
CA PRO A 48 0.99 -9.33 7.84
C PRO A 48 0.71 -8.67 9.19
N ASN A 49 1.36 -7.55 9.45
CA ASN A 49 1.18 -6.85 10.71
C ASN A 49 0.47 -5.52 10.53
N LYS A 50 0.02 -5.23 9.31
CA LYS A 50 -0.66 -3.96 9.06
C LYS A 50 -2.17 -4.14 9.04
N ASN A 51 -2.62 -5.37 9.31
CA ASN A 51 -4.05 -5.68 9.37
C ASN A 51 -4.76 -5.37 8.05
N LEU A 52 -4.14 -5.74 6.94
CA LEU A 52 -4.73 -5.51 5.62
C LEU A 52 -5.80 -6.57 5.36
N LYS A 53 -6.93 -6.42 6.02
CA LYS A 53 -8.03 -7.36 5.93
C LYS A 53 -9.09 -6.91 4.94
N LYS A 54 -9.50 -7.84 4.08
CA LYS A 54 -10.53 -7.61 3.06
C LYS A 54 -10.25 -6.34 2.26
N ASN A 55 -11.13 -5.35 2.43
CA ASN A 55 -11.01 -4.08 1.72
C ASN A 55 -11.28 -2.92 2.67
N TYR A 56 -11.00 -3.14 3.95
CA TYR A 56 -11.21 -2.10 4.94
C TYR A 56 -10.10 -1.06 4.89
N CYS A 57 -10.46 0.19 5.17
CA CYS A 57 -9.50 1.29 5.17
C CYS A 57 -8.45 1.10 6.26
N ARG A 58 -7.18 1.24 5.90
CA ARG A 58 -6.08 1.07 6.84
C ARG A 58 -5.00 2.12 6.61
N ASN A 59 -4.03 2.15 7.50
CA ASN A 59 -2.91 3.07 7.40
C ASN A 59 -1.61 2.26 7.40
N PRO A 60 -1.17 1.82 6.21
CA PRO A 60 0.03 1.01 6.06
C PRO A 60 1.32 1.80 5.82
N ASP A 61 1.22 3.04 5.37
CA ASP A 61 2.41 3.83 5.08
C ASP A 61 2.60 4.98 6.06
N ARG A 62 1.98 4.87 7.23
CA ARG A 62 2.09 5.87 8.29
C ARG A 62 1.62 7.25 7.83
N ASP A 63 0.52 7.29 7.08
CA ASP A 63 -0.03 8.55 6.60
C ASP A 63 -0.79 9.25 7.72
N LEU A 64 -1.31 10.44 7.44
CA LEU A 64 -2.05 11.23 8.42
C LEU A 64 -3.50 10.76 8.49
N ARG A 65 -3.95 10.11 7.43
CA ARG A 65 -5.32 9.63 7.35
C ARG A 65 -5.36 8.27 6.66
N PRO A 66 -6.13 7.31 7.19
CA PRO A 66 -6.25 5.98 6.59
C PRO A 66 -6.85 6.08 5.19
N TRP A 67 -6.29 5.32 4.26
CA TRP A 67 -6.75 5.35 2.88
C TRP A 67 -7.04 3.95 2.35
N CYS A 68 -7.47 3.90 1.10
CA CYS A 68 -7.77 2.66 0.42
C CYS A 68 -7.84 2.91 -1.08
N PHE A 69 -7.77 1.86 -1.87
CA PHE A 69 -7.89 1.99 -3.31
C PHE A 69 -9.36 2.01 -3.66
N THR A 70 -9.75 2.76 -4.68
CA THR A 70 -11.15 2.84 -5.04
C THR A 70 -11.49 1.79 -6.09
N THR A 71 -12.78 1.50 -6.23
CA THR A 71 -13.24 0.53 -7.21
C THR A 71 -13.34 1.16 -8.59
N ASP A 72 -12.97 2.43 -8.66
CA ASP A 72 -13.00 3.19 -9.91
C ASP A 72 -11.60 3.31 -10.48
N PRO A 73 -11.36 2.74 -11.67
CA PRO A 73 -10.05 2.80 -12.33
C PRO A 73 -9.56 4.22 -12.60
N ASN A 74 -10.48 5.19 -12.53
CA ASN A 74 -10.14 6.58 -12.78
C ASN A 74 -9.57 7.24 -11.52
N LYS A 75 -9.69 6.56 -10.40
CA LYS A 75 -9.18 7.06 -9.13
C LYS A 75 -8.35 5.99 -8.44
N ARG A 76 -7.03 6.17 -8.49
CA ARG A 76 -6.08 5.24 -7.89
C ARG A 76 -6.41 4.95 -6.43
N TRP A 77 -6.30 5.96 -5.59
CA TRP A 77 -6.58 5.82 -4.18
C TRP A 77 -7.21 7.08 -3.62
N GLU A 78 -7.76 6.98 -2.42
CA GLU A 78 -8.39 8.12 -1.76
C GLU A 78 -8.43 7.86 -0.26
N TYR A 79 -8.46 8.94 0.52
CA TYR A 79 -8.51 8.82 1.97
C TYR A 79 -9.93 8.49 2.42
N CYS A 80 -10.04 7.77 3.51
CA CYS A 80 -11.35 7.40 4.03
C CYS A 80 -11.77 8.34 5.16
N ASP A 81 -13.06 8.61 5.25
CA ASP A 81 -13.57 9.50 6.28
C ASP A 81 -13.97 8.69 7.51
N ILE A 82 -13.09 8.70 8.50
CA ILE A 82 -13.31 7.97 9.73
C ILE A 82 -13.41 8.93 10.91
N PRO A 83 -14.46 8.79 11.74
CA PRO A 83 -14.66 9.65 12.91
C PRO A 83 -13.51 9.57 13.91
N ARG A 84 -13.30 10.65 14.64
CA ARG A 84 -12.26 10.71 15.64
C ARG A 84 -12.85 10.44 17.02
N CYS A 85 -12.07 9.83 17.89
CA CYS A 85 -12.54 9.50 19.24
C CYS A 85 -12.52 10.73 20.14
N GLY B 1 37.41 -15.29 -1.70
CA GLY B 1 38.50 -14.60 -2.36
C GLY B 1 38.46 -13.11 -2.08
N SER B 2 39.63 -12.54 -1.82
CA SER B 2 39.72 -11.11 -1.52
C SER B 2 39.93 -10.29 -2.79
N LYS B 3 40.37 -10.95 -3.85
CA LYS B 3 40.59 -10.28 -5.13
C LYS B 3 39.36 -10.41 -6.01
N THR B 4 38.68 -11.54 -5.88
CA THR B 4 37.47 -11.81 -6.64
C THR B 4 36.33 -10.91 -6.16
N ILE B 5 35.62 -10.30 -7.09
CA ILE B 5 34.51 -9.43 -6.74
C ILE B 5 33.26 -10.25 -6.47
N GLN B 6 32.81 -10.26 -5.23
CA GLN B 6 31.63 -11.01 -4.84
C GLN B 6 30.37 -10.25 -5.22
N GLU B 7 29.41 -10.97 -5.78
CA GLU B 7 28.14 -10.39 -6.19
C GLU B 7 27.21 -10.20 -4.99
N LYS B 8 27.59 -10.80 -3.86
CA LYS B 8 26.80 -10.72 -2.64
C LYS B 8 26.97 -9.34 -2.00
N GLU B 9 25.87 -8.79 -1.53
CA GLU B 9 25.88 -7.48 -0.89
C GLU B 9 26.56 -7.56 0.48
N GLN B 10 27.10 -6.42 0.94
CA GLN B 10 27.75 -6.35 2.24
C GLN B 10 26.76 -5.87 3.28
N GLU B 11 25.86 -4.99 2.86
CA GLU B 11 24.85 -4.43 3.75
C GLU B 11 23.46 -4.68 3.19
N LEU B 12 22.60 -5.29 3.99
CA LEU B 12 21.24 -5.57 3.56
C LEU B 12 20.30 -4.46 4.02
N LYS B 13 19.53 -3.92 3.09
CA LYS B 13 18.58 -2.86 3.39
C LYS B 13 17.31 -3.44 4.00
N ASN B 14 17.11 -3.17 5.29
CA ASN B 14 15.94 -3.66 6.00
C ASN B 14 14.70 -2.85 5.63
N LEU B 15 13.65 -3.55 5.24
CA LEU B 15 12.39 -2.92 4.85
C LEU B 15 11.75 -2.17 6.02
N LYS B 16 11.86 -2.74 7.22
CA LYS B 16 11.29 -2.13 8.41
C LYS B 16 12.00 -0.82 8.73
N ASP B 17 13.31 -0.79 8.51
CA ASP B 17 14.10 0.40 8.77
C ASP B 17 13.73 1.50 7.79
N ASN B 18 13.48 1.12 6.54
CA ASN B 18 13.12 2.08 5.50
C ASN B 18 11.83 2.81 5.87
N VAL B 19 10.88 2.08 6.44
CA VAL B 19 9.60 2.65 6.86
C VAL B 19 9.79 3.49 8.13
N GLU B 20 10.67 3.03 9.01
CA GLU B 20 10.93 3.73 10.25
C GLU B 20 11.65 5.04 9.99
N LEU B 21 12.57 5.03 9.03
CA LEU B 21 13.31 6.23 8.67
C LEU B 21 12.41 7.19 7.90
N GLU B 22 11.47 6.61 7.17
CA GLU B 22 10.50 7.38 6.38
C GLU B 22 11.21 8.33 5.42
N ARG B 23 12.09 7.78 4.60
CA ARG B 23 12.83 8.58 3.64
C ARG B 23 12.01 8.80 2.39
N LEU B 24 10.98 7.99 2.23
CA LEU B 24 10.10 8.08 1.06
C LEU B 24 9.18 9.28 1.19
N LYS B 25 8.80 9.59 2.43
CA LYS B 25 7.91 10.72 2.74
C LYS B 25 6.52 10.48 2.16
N ASN B 26 6.27 9.24 1.78
CA ASN B 26 5.01 8.80 1.18
C ASN B 26 4.75 9.54 -0.14
N GLU B 27 5.77 10.21 -0.65
CA GLU B 27 5.67 10.96 -1.90
C GLU B 27 5.49 10.01 -3.07
N ARG B 28 6.14 8.86 -3.01
CA ARG B 28 6.03 7.86 -4.07
C ARG B 28 4.61 7.30 -4.13
N HIS B 29 3.99 7.17 -2.97
CA HIS B 29 2.64 6.67 -2.86
C HIS B 29 1.64 7.73 -3.28
N ASP B 30 2.01 8.99 -3.07
CA ASP B 30 1.14 10.10 -3.41
C ASP B 30 1.20 10.42 -4.91
N HIS B 31 2.40 10.51 -5.44
CA HIS B 31 2.59 10.82 -6.85
C HIS B 31 3.71 9.98 -7.45
N ASP B 32 3.40 9.27 -8.51
CA ASP B 32 4.36 8.40 -9.19
C ASP B 32 5.21 9.17 -10.19
N GLU B 33 4.89 10.45 -10.36
CA GLU B 33 5.63 11.30 -11.30
C GLU B 33 7.11 11.37 -10.94
N GLU B 34 7.42 11.49 -9.65
CA GLU B 34 8.80 11.57 -9.19
C GLU B 34 9.54 10.26 -9.44
N ALA B 35 8.79 9.15 -9.47
CA ALA B 35 9.38 7.85 -9.70
C ALA B 35 9.79 7.71 -11.16
N GLU B 36 8.91 8.16 -12.07
CA GLU B 36 9.19 8.10 -13.49
C GLU B 36 10.35 9.02 -13.84
N ARG B 37 10.37 10.20 -13.24
CA ARG B 37 11.43 11.17 -13.48
C ARG B 37 12.76 10.66 -12.94
N LYS B 38 12.70 9.70 -12.02
CA LYS B 38 13.91 9.12 -11.44
C LYS B 38 14.46 8.04 -12.37
N ALA B 39 13.57 7.46 -13.17
CA ALA B 39 13.95 6.42 -14.10
C ALA B 39 14.43 7.04 -15.41
N LEU B 40 13.89 8.20 -15.73
CA LEU B 40 14.27 8.90 -16.94
C LEU B 40 15.39 9.89 -16.67
N GLU B 41 16.53 9.67 -17.30
CA GLU B 41 17.68 10.54 -17.15
C GLU B 41 17.42 11.88 -17.84
N ASP B 42 16.61 11.84 -18.88
CA ASP B 42 16.27 13.02 -19.66
C ASP B 42 14.78 13.08 -19.90
N LYS B 43 14.24 14.29 -19.94
CA LYS B 43 12.82 14.47 -20.18
C LYS B 43 12.54 14.40 -21.67
N LEU B 44 11.56 13.61 -22.05
CA LEU B 44 11.20 13.44 -23.47
C LEU B 44 10.79 14.75 -24.11
N ALA B 45 10.90 14.81 -25.42
CA ALA B 45 10.52 15.99 -26.17
C ALA B 45 9.03 15.95 -26.51
N ASP B 46 8.46 14.76 -26.42
CA ASP B 46 7.05 14.57 -26.72
C ASP B 46 6.23 14.51 -25.43
N LYS B 47 4.92 14.34 -25.56
CA LYS B 47 4.03 14.26 -24.42
C LYS B 47 4.21 12.93 -23.68
N GLN B 48 4.62 13.01 -22.43
CA GLN B 48 4.82 11.83 -21.61
C GLN B 48 3.46 11.19 -21.31
N GLU B 49 3.40 9.88 -21.38
CA GLU B 49 2.16 9.16 -21.10
C GLU B 49 1.77 9.32 -19.64
N HIS B 50 2.64 8.83 -18.76
CA HIS B 50 2.43 8.89 -17.31
C HIS B 50 1.24 8.02 -16.88
N LEU B 51 0.03 8.51 -17.14
CA LEU B 51 -1.20 7.79 -16.78
C LEU B 51 -1.30 7.59 -15.27
N ASP B 52 -2.30 6.82 -14.84
CA ASP B 52 -2.50 6.54 -13.43
C ASP B 52 -2.40 5.04 -13.17
N GLY B 53 -3.47 4.33 -13.49
CA GLY B 53 -3.49 2.90 -13.28
C GLY B 53 -4.71 2.26 -13.92
N ALA B 54 -5.52 3.06 -14.59
CA ALA B 54 -6.72 2.56 -15.25
C ALA B 54 -6.35 1.56 -16.34
N LEU B 55 -6.88 0.34 -16.23
CA LEU B 55 -6.60 -0.70 -17.20
C LEU B 55 -7.38 -0.45 -18.49
N ARG B 56 -8.42 0.36 -18.40
CA ARG B 56 -9.25 0.68 -19.56
C ARG B 56 -8.81 1.98 -20.21
N TYR B 57 -7.68 2.52 -19.77
CA TYR B 57 -7.15 3.76 -20.31
C TYR B 57 -5.64 3.79 -20.21
N GLU A 6 -12.03 -0.99 17.15
CA GLU A 6 -12.50 0.40 17.22
C GLU A 6 -12.76 0.91 15.81
N GLU A 7 -13.88 1.59 15.63
CA GLU A 7 -14.26 2.14 14.34
C GLU A 7 -13.85 3.60 14.23
N CYS A 8 -13.16 4.11 15.25
CA CYS A 8 -12.72 5.50 15.24
C CYS A 8 -11.20 5.57 15.34
N MET A 9 -10.65 6.75 15.04
CA MET A 9 -9.20 6.96 15.10
C MET A 9 -8.86 7.90 16.26
N HIS A 10 -7.67 7.72 16.82
CA HIS A 10 -7.22 8.56 17.93
C HIS A 10 -6.26 9.63 17.42
N GLY A 11 -5.45 9.27 16.43
CA GLY A 11 -4.50 10.21 15.87
C GLY A 11 -4.50 10.21 14.36
N SER A 12 -3.63 9.40 13.76
CA SER A 12 -3.55 9.30 12.32
C SER A 12 -4.27 8.05 11.81
N GLY A 13 -4.59 7.15 12.73
CA GLY A 13 -5.28 5.94 12.36
C GLY A 13 -4.33 4.80 12.06
N GLU A 14 -3.21 4.78 12.77
CA GLU A 14 -2.20 3.75 12.59
C GLU A 14 -2.71 2.39 13.06
N ASN A 15 -3.17 2.34 14.31
CA ASN A 15 -3.67 1.10 14.89
C ASN A 15 -5.18 0.99 14.70
N TYR A 16 -5.68 1.57 13.63
CA TYR A 16 -7.11 1.53 13.35
C TYR A 16 -7.49 0.24 12.61
N ASP A 17 -8.30 -0.58 13.25
CA ASP A 17 -8.74 -1.83 12.65
C ASP A 17 -10.26 -1.87 12.63
N GLY A 18 -10.85 -0.89 11.94
CA GLY A 18 -12.29 -0.81 11.83
C GLY A 18 -12.81 -1.55 10.63
N LYS A 19 -14.10 -1.39 10.35
CA LYS A 19 -14.71 -2.07 9.22
C LYS A 19 -15.09 -1.10 8.11
N ILE A 20 -14.70 0.17 8.25
CA ILE A 20 -14.99 1.18 7.24
C ILE A 20 -14.30 0.82 5.93
N SER A 21 -15.10 0.61 4.89
CA SER A 21 -14.57 0.25 3.59
C SER A 21 -15.05 1.21 2.51
N LYS A 22 -15.04 2.50 2.80
CA LYS A 22 -15.49 3.50 1.83
C LYS A 22 -14.66 4.77 1.93
N THR A 23 -14.25 5.28 0.78
CA THR A 23 -13.46 6.50 0.69
C THR A 23 -14.26 7.72 1.16
N MET A 24 -13.58 8.86 1.29
CA MET A 24 -14.23 10.08 1.72
C MET A 24 -15.24 10.56 0.66
N SER A 25 -15.08 10.08 -0.56
CA SER A 25 -15.98 10.44 -1.65
C SER A 25 -17.21 9.51 -1.66
N GLY A 26 -17.16 8.46 -0.84
CA GLY A 26 -18.26 7.53 -0.77
C GLY A 26 -18.16 6.42 -1.81
N LEU A 27 -16.94 5.97 -2.07
CA LEU A 27 -16.72 4.92 -3.04
C LEU A 27 -16.22 3.67 -2.32
N GLU A 28 -16.63 2.50 -2.80
CA GLU A 28 -16.24 1.24 -2.22
C GLU A 28 -14.74 1.02 -2.39
N CYS A 29 -14.09 0.57 -1.32
CA CYS A 29 -12.66 0.33 -1.36
C CYS A 29 -12.36 -1.02 -2.01
N GLN A 30 -11.22 -1.08 -2.70
CA GLN A 30 -10.79 -2.31 -3.36
C GLN A 30 -10.10 -3.23 -2.35
N ALA A 31 -10.33 -4.52 -2.51
CA ALA A 31 -9.73 -5.52 -1.63
C ALA A 31 -8.21 -5.47 -1.74
N TRP A 32 -7.54 -5.42 -0.60
CA TRP A 32 -6.08 -5.36 -0.56
C TRP A 32 -5.45 -6.59 -1.20
N ASP A 33 -6.08 -7.75 -1.02
CA ASP A 33 -5.58 -8.99 -1.58
C ASP A 33 -5.88 -9.11 -3.07
N SER A 34 -6.67 -8.18 -3.59
CA SER A 34 -7.02 -8.18 -5.00
C SER A 34 -6.19 -7.16 -5.75
N GLN A 35 -6.01 -7.38 -7.05
CA GLN A 35 -5.22 -6.48 -7.88
C GLN A 35 -6.10 -5.84 -8.95
N SER A 36 -7.41 -5.98 -8.79
CA SER A 36 -8.36 -5.41 -9.73
C SER A 36 -9.26 -4.42 -9.01
N PRO A 37 -9.51 -3.25 -9.62
CA PRO A 37 -8.97 -2.89 -10.94
C PRO A 37 -7.56 -2.29 -10.87
N HIS A 38 -7.10 -1.96 -9.67
CA HIS A 38 -5.78 -1.36 -9.52
C HIS A 38 -4.77 -2.32 -8.93
N ALA A 39 -3.63 -2.46 -9.60
CA ALA A 39 -2.56 -3.32 -9.13
C ALA A 39 -1.63 -2.51 -8.22
N HIS A 40 -1.10 -3.14 -7.19
CA HIS A 40 -0.23 -2.44 -6.25
C HIS A 40 0.73 -3.41 -5.57
N GLY A 41 1.51 -2.88 -4.63
CA GLY A 41 2.48 -3.70 -3.90
C GLY A 41 2.18 -3.77 -2.42
N TYR A 42 0.96 -3.42 -2.05
CA TYR A 42 0.54 -3.44 -0.65
C TYR A 42 -0.17 -4.76 -0.35
N ILE A 43 0.53 -5.85 -0.63
CA ILE A 43 0.01 -7.19 -0.41
C ILE A 43 -0.08 -7.49 1.08
N PRO A 44 -1.26 -7.91 1.57
CA PRO A 44 -1.47 -8.24 2.99
C PRO A 44 -0.48 -9.31 3.47
N SER A 45 -0.11 -10.22 2.58
CA SER A 45 0.83 -11.29 2.91
C SER A 45 2.25 -10.74 3.07
N LYS A 46 2.47 -9.52 2.59
CA LYS A 46 3.77 -8.87 2.68
C LYS A 46 3.80 -7.93 3.89
N PHE A 47 2.61 -7.55 4.34
CA PHE A 47 2.46 -6.67 5.50
C PHE A 47 1.39 -7.21 6.44
N PRO A 48 1.64 -8.35 7.10
CA PRO A 48 0.66 -8.96 8.01
C PRO A 48 0.50 -8.18 9.32
N ASN A 49 1.30 -7.13 9.47
CA ASN A 49 1.24 -6.32 10.69
C ASN A 49 0.48 -5.01 10.47
N LYS A 50 -0.16 -4.88 9.31
CA LYS A 50 -0.91 -3.66 9.02
C LYS A 50 -2.41 -3.93 8.99
N ASN A 51 -2.78 -5.19 9.25
CA ASN A 51 -4.18 -5.61 9.29
C ASN A 51 -4.95 -5.24 8.02
N LEU A 52 -4.38 -5.55 6.87
CA LEU A 52 -5.03 -5.28 5.59
C LEU A 52 -6.09 -6.34 5.33
N LYS A 53 -7.20 -6.24 6.06
CA LYS A 53 -8.29 -7.19 5.94
C LYS A 53 -9.33 -6.75 4.93
N LYS A 54 -9.71 -7.68 4.05
CA LYS A 54 -10.71 -7.44 3.01
C LYS A 54 -10.44 -6.16 2.22
N ASN A 55 -11.34 -5.19 2.38
CA ASN A 55 -11.21 -3.91 1.70
C ASN A 55 -11.40 -2.76 2.68
N TYR A 56 -11.07 -2.99 3.95
CA TYR A 56 -11.21 -1.96 4.96
C TYR A 56 -10.06 -0.95 4.86
N CYS A 57 -10.38 0.31 5.07
CA CYS A 57 -9.37 1.37 5.01
C CYS A 57 -8.35 1.19 6.13
N ARG A 58 -7.08 1.22 5.76
CA ARG A 58 -6.00 1.05 6.73
C ARG A 58 -4.91 2.09 6.51
N ASN A 59 -3.88 2.04 7.34
CA ASN A 59 -2.77 2.99 7.23
C ASN A 59 -1.44 2.24 7.30
N PRO A 60 -0.96 1.75 6.14
CA PRO A 60 0.29 0.99 6.06
C PRO A 60 1.54 1.86 5.91
N ASP A 61 1.38 3.03 5.28
CA ASP A 61 2.51 3.94 5.06
C ASP A 61 2.57 5.01 6.13
N ARG A 62 1.62 4.94 7.06
CA ARG A 62 1.53 5.87 8.18
C ARG A 62 1.31 7.30 7.69
N ASP A 63 0.22 7.51 6.98
CA ASP A 63 -0.14 8.83 6.47
C ASP A 63 -0.95 9.57 7.52
N LEU A 64 -1.39 10.78 7.20
CA LEU A 64 -2.16 11.59 8.13
C LEU A 64 -3.56 11.04 8.33
N ARG A 65 -4.01 10.23 7.39
CA ARG A 65 -5.34 9.63 7.44
C ARG A 65 -5.34 8.27 6.75
N PRO A 66 -6.12 7.31 7.25
CA PRO A 66 -6.22 5.98 6.65
C PRO A 66 -6.81 6.06 5.24
N TRP A 67 -6.34 5.22 4.35
CA TRP A 67 -6.81 5.24 2.98
C TRP A 67 -7.09 3.84 2.46
N CYS A 68 -7.54 3.78 1.21
CA CYS A 68 -7.83 2.53 0.54
C CYS A 68 -7.79 2.77 -0.97
N PHE A 69 -7.89 1.70 -1.74
CA PHE A 69 -7.89 1.82 -3.19
C PHE A 69 -9.32 1.99 -3.68
N THR A 70 -9.50 2.86 -4.65
CA THR A 70 -10.82 3.14 -5.19
C THR A 70 -11.30 2.06 -6.16
N THR A 71 -12.61 1.90 -6.26
CA THR A 71 -13.20 0.93 -7.17
C THR A 71 -13.27 1.51 -8.58
N ASP A 72 -13.00 2.81 -8.66
CA ASP A 72 -13.01 3.53 -9.92
C ASP A 72 -11.66 3.37 -10.62
N PRO A 73 -11.65 2.77 -11.81
CA PRO A 73 -10.41 2.55 -12.59
C PRO A 73 -9.70 3.86 -12.95
N ASN A 74 -10.38 4.98 -12.79
CA ASN A 74 -9.80 6.29 -13.09
C ASN A 74 -9.13 6.90 -11.85
N LYS A 75 -9.54 6.44 -10.67
CA LYS A 75 -8.99 6.95 -9.43
C LYS A 75 -8.13 5.89 -8.75
N ARG A 76 -6.85 6.19 -8.57
CA ARG A 76 -5.91 5.25 -7.96
C ARG A 76 -6.28 4.93 -6.51
N TRP A 77 -6.14 5.91 -5.63
CA TRP A 77 -6.46 5.71 -4.22
C TRP A 77 -6.99 7.00 -3.61
N GLU A 78 -7.57 6.88 -2.42
CA GLU A 78 -8.11 8.03 -1.72
C GLU A 78 -8.20 7.75 -0.22
N TYR A 79 -8.23 8.81 0.57
CA TYR A 79 -8.34 8.69 2.02
C TYR A 79 -9.79 8.42 2.41
N CYS A 80 -9.98 7.76 3.54
CA CYS A 80 -11.31 7.44 4.02
C CYS A 80 -11.67 8.31 5.20
N ASP A 81 -12.94 8.68 5.29
CA ASP A 81 -13.40 9.51 6.40
C ASP A 81 -13.82 8.62 7.56
N ILE A 82 -13.03 8.64 8.61
CA ILE A 82 -13.28 7.83 9.79
C ILE A 82 -13.41 8.73 11.03
N PRO A 83 -14.45 8.49 11.84
CA PRO A 83 -14.71 9.27 13.07
C PRO A 83 -13.51 9.28 14.01
N ARG A 84 -13.39 10.33 14.80
CA ARG A 84 -12.30 10.44 15.77
C ARG A 84 -12.80 10.13 17.16
N CYS A 85 -12.04 9.36 17.91
CA CYS A 85 -12.41 8.98 19.26
C CYS A 85 -12.25 10.15 20.23
N GLY B 1 31.04 -23.29 7.10
CA GLY B 1 32.39 -23.17 6.57
C GLY B 1 32.64 -21.81 5.96
N SER B 2 33.90 -21.44 5.84
CA SER B 2 34.26 -20.15 5.28
C SER B 2 34.54 -20.27 3.78
N LYS B 3 34.89 -21.47 3.35
CA LYS B 3 35.19 -21.72 1.95
C LYS B 3 33.92 -22.05 1.19
N THR B 4 33.00 -22.75 1.85
CA THR B 4 31.74 -23.13 1.24
C THR B 4 30.78 -21.95 1.18
N ILE B 5 30.51 -21.48 -0.02
CA ILE B 5 29.60 -20.35 -0.21
C ILE B 5 28.15 -20.82 -0.12
N GLN B 6 27.37 -20.13 0.71
CA GLN B 6 25.96 -20.45 0.91
C GLN B 6 25.07 -19.50 0.11
N GLU B 7 23.84 -19.91 -0.12
CA GLU B 7 22.89 -19.10 -0.87
C GLU B 7 22.22 -18.08 0.05
N LYS B 8 21.83 -18.54 1.23
CA LYS B 8 21.18 -17.69 2.21
C LYS B 8 22.21 -16.81 2.91
N GLU B 9 21.85 -15.55 3.14
CA GLU B 9 22.73 -14.62 3.81
C GLU B 9 22.79 -14.94 5.30
N GLN B 10 23.84 -14.47 5.96
CA GLN B 10 23.99 -14.70 7.39
C GLN B 10 22.94 -13.89 8.15
N GLU B 11 22.89 -12.61 7.86
CA GLU B 11 21.92 -11.72 8.50
C GLU B 11 20.75 -11.51 7.55
N LEU B 12 19.56 -11.37 8.11
CA LEU B 12 18.36 -11.18 7.30
C LEU B 12 17.77 -9.79 7.52
N LYS B 13 17.54 -9.10 6.41
CA LYS B 13 16.98 -7.75 6.44
C LYS B 13 15.52 -7.78 6.92
N ASN B 14 15.22 -6.93 7.89
CA ASN B 14 13.88 -6.84 8.45
C ASN B 14 13.03 -5.80 7.71
N LEU B 15 11.86 -6.24 7.24
CA LEU B 15 10.96 -5.35 6.51
C LEU B 15 10.33 -4.32 7.43
N LYS B 16 10.18 -4.67 8.70
CA LYS B 16 9.58 -3.77 9.68
C LYS B 16 10.52 -2.60 9.99
N ASP B 17 11.81 -2.87 9.89
CA ASP B 17 12.83 -1.84 10.15
C ASP B 17 12.69 -0.70 9.14
N ASN B 18 12.21 -1.03 7.94
CA ASN B 18 12.02 -0.05 6.88
C ASN B 18 10.95 0.95 7.25
N VAL B 19 9.98 0.50 8.05
CA VAL B 19 8.88 1.36 8.47
C VAL B 19 9.32 2.27 9.61
N GLU B 20 10.11 1.73 10.52
CA GLU B 20 10.61 2.48 11.66
C GLU B 20 11.55 3.59 11.18
N LEU B 21 12.36 3.27 10.17
CA LEU B 21 13.29 4.24 9.61
C LEU B 21 12.57 5.16 8.62
N GLU B 22 11.46 4.65 8.07
CA GLU B 22 10.64 5.37 7.11
C GLU B 22 11.43 5.69 5.85
N ARG B 23 11.78 4.66 5.11
CA ARG B 23 12.55 4.82 3.88
C ARG B 23 11.60 5.09 2.70
N LEU B 24 10.32 4.78 2.89
CA LEU B 24 9.33 4.98 1.85
C LEU B 24 9.10 6.48 1.60
N LYS B 25 9.02 7.23 2.70
CA LYS B 25 8.83 8.69 2.64
C LYS B 25 7.50 9.05 1.98
N ASN B 26 6.58 8.08 1.95
CA ASN B 26 5.24 8.25 1.36
C ASN B 26 5.31 8.49 -0.15
N GLU B 27 6.52 8.56 -0.71
CA GLU B 27 6.70 8.80 -2.12
C GLU B 27 6.16 7.66 -2.96
N ARG B 28 6.46 6.42 -2.54
CA ARG B 28 5.99 5.24 -3.25
C ARG B 28 4.47 5.13 -3.17
N HIS B 29 3.92 5.74 -2.13
CA HIS B 29 2.48 5.74 -1.92
C HIS B 29 1.81 6.75 -2.86
N ASP B 30 2.42 7.92 -2.98
CA ASP B 30 1.90 8.98 -3.84
C ASP B 30 2.16 8.66 -5.31
N HIS B 31 3.39 8.28 -5.62
CA HIS B 31 3.78 7.98 -6.99
C HIS B 31 4.65 6.73 -7.06
N ASP B 32 4.16 5.69 -7.71
CA ASP B 32 4.92 4.46 -7.84
C ASP B 32 5.73 4.49 -9.13
N GLU B 33 5.95 5.70 -9.64
CA GLU B 33 6.72 5.92 -10.86
C GLU B 33 8.17 5.49 -10.66
N GLU B 34 8.62 5.56 -9.41
CA GLU B 34 9.99 5.18 -9.05
C GLU B 34 10.21 3.68 -9.27
N ALA B 35 9.13 2.92 -9.29
CA ALA B 35 9.21 1.49 -9.50
C ALA B 35 9.75 1.20 -10.89
N GLU B 36 9.39 2.06 -11.84
CA GLU B 36 9.85 1.92 -13.21
C GLU B 36 11.35 2.19 -13.28
N ARG B 37 11.79 3.20 -12.53
CA ARG B 37 13.20 3.58 -12.48
C ARG B 37 14.03 2.45 -11.90
N LYS B 38 13.46 1.72 -10.95
CA LYS B 38 14.16 0.61 -10.33
C LYS B 38 14.11 -0.63 -11.22
N ALA B 39 12.94 -0.87 -11.80
CA ALA B 39 12.73 -2.01 -12.68
C ALA B 39 13.64 -1.94 -13.90
N LEU B 40 13.65 -0.77 -14.55
CA LEU B 40 14.48 -0.57 -15.72
C LEU B 40 15.91 -0.22 -15.30
N GLU B 41 16.88 -0.90 -15.89
CA GLU B 41 18.29 -0.67 -15.57
C GLU B 41 18.75 0.67 -16.12
N ASP B 42 18.09 1.13 -17.16
CA ASP B 42 18.42 2.39 -17.80
C ASP B 42 17.16 3.04 -18.38
N LYS B 43 17.32 4.18 -19.00
CA LYS B 43 16.19 4.88 -19.60
C LYS B 43 16.19 4.68 -21.11
N LEU B 44 15.00 4.75 -21.71
CA LEU B 44 14.86 4.57 -23.14
C LEU B 44 15.59 5.69 -23.89
N ALA B 45 16.17 5.34 -25.03
CA ALA B 45 16.91 6.29 -25.84
C ALA B 45 16.01 7.41 -26.36
N ASP B 46 14.77 7.07 -26.68
CA ASP B 46 13.83 8.04 -27.19
C ASP B 46 13.14 8.79 -26.05
N LYS B 47 12.34 8.11 -25.25
CA LYS B 47 11.64 8.73 -24.14
C LYS B 47 11.12 7.69 -23.16
N GLN B 48 11.18 8.00 -21.87
CA GLN B 48 10.70 7.10 -20.84
C GLN B 48 9.20 7.28 -20.65
N GLU B 49 8.54 6.26 -20.10
CA GLU B 49 7.10 6.30 -19.89
C GLU B 49 6.73 7.25 -18.75
N HIS B 50 7.25 6.98 -17.56
CA HIS B 50 6.95 7.79 -16.37
C HIS B 50 5.46 7.71 -16.05
N LEU B 51 4.78 8.86 -16.08
CA LEU B 51 3.34 8.93 -15.80
C LEU B 51 3.03 8.44 -14.38
N ASP B 52 1.75 8.22 -14.10
CA ASP B 52 1.33 7.74 -12.79
C ASP B 52 0.90 6.28 -12.89
N GLY B 53 0.35 5.72 -11.81
CA GLY B 53 -0.04 4.34 -11.82
C GLY B 53 -1.45 4.09 -12.33
N ALA B 54 -2.05 5.10 -12.95
CA ALA B 54 -3.41 4.97 -13.48
C ALA B 54 -3.48 3.83 -14.50
N LEU B 55 -4.46 2.96 -14.34
CA LEU B 55 -4.64 1.83 -15.24
C LEU B 55 -5.32 2.26 -16.53
N ARG B 56 -6.26 3.19 -16.42
CA ARG B 56 -6.99 3.68 -17.59
C ARG B 56 -6.29 4.85 -18.26
N TYR B 57 -5.17 5.28 -17.69
CA TYR B 57 -4.41 6.40 -18.24
C TYR B 57 -2.92 6.18 -18.08
N GLU A 6 -11.46 -0.86 17.11
CA GLU A 6 -11.87 0.53 17.23
C GLU A 6 -12.37 1.05 15.88
N GLU A 7 -13.53 1.68 15.89
CA GLU A 7 -14.10 2.23 14.67
C GLU A 7 -13.72 3.70 14.53
N CYS A 8 -13.12 4.24 15.58
CA CYS A 8 -12.70 5.63 15.58
C CYS A 8 -11.18 5.72 15.70
N MET A 9 -10.63 6.88 15.36
CA MET A 9 -9.19 7.10 15.42
C MET A 9 -8.84 8.09 16.52
N HIS A 10 -7.62 7.98 17.02
CA HIS A 10 -7.14 8.87 18.08
C HIS A 10 -6.06 9.79 17.50
N GLY A 11 -5.41 9.34 16.44
CA GLY A 11 -4.37 10.12 15.81
C GLY A 11 -4.51 10.15 14.30
N SER A 12 -3.74 9.31 13.63
CA SER A 12 -3.78 9.22 12.16
C SER A 12 -4.51 7.97 11.70
N GLY A 13 -4.73 7.04 12.63
CA GLY A 13 -5.42 5.81 12.30
C GLY A 13 -4.49 4.71 11.83
N GLU A 14 -3.28 4.69 12.39
CA GLU A 14 -2.29 3.68 12.03
C GLU A 14 -2.77 2.29 12.44
N ASN A 15 -3.14 2.17 13.71
CA ASN A 15 -3.62 0.90 14.25
C ASN A 15 -5.13 0.83 14.18
N TYR A 16 -5.70 1.48 13.15
CA TYR A 16 -7.14 1.50 12.98
C TYR A 16 -7.62 0.23 12.30
N ASP A 17 -8.19 -0.67 13.08
CA ASP A 17 -8.71 -1.94 12.55
C ASP A 17 -10.22 -1.86 12.44
N GLY A 18 -10.70 -0.78 11.83
CA GLY A 18 -12.12 -0.59 11.65
C GLY A 18 -12.65 -1.32 10.42
N LYS A 19 -13.95 -1.48 10.34
CA LYS A 19 -14.56 -2.18 9.22
C LYS A 19 -15.15 -1.21 8.20
N ILE A 20 -14.55 -0.04 8.08
CA ILE A 20 -14.99 0.96 7.13
C ILE A 20 -14.34 0.68 5.77
N SER A 21 -15.15 0.44 4.75
CA SER A 21 -14.64 0.15 3.42
C SER A 21 -15.11 1.19 2.41
N LYS A 22 -15.29 2.42 2.87
CA LYS A 22 -15.74 3.49 2.01
C LYS A 22 -14.89 4.75 2.18
N THR A 23 -14.36 5.24 1.08
CA THR A 23 -13.55 6.44 1.07
C THR A 23 -14.36 7.67 1.46
N MET A 24 -13.68 8.78 1.71
CA MET A 24 -14.36 10.02 2.08
C MET A 24 -15.20 10.52 0.91
N SER A 25 -14.86 10.07 -0.29
CA SER A 25 -15.56 10.46 -1.50
C SER A 25 -16.83 9.63 -1.70
N GLY A 26 -16.95 8.55 -0.93
CA GLY A 26 -18.11 7.70 -1.01
C GLY A 26 -17.95 6.56 -1.99
N LEU A 27 -16.72 6.13 -2.22
CA LEU A 27 -16.46 5.03 -3.14
C LEU A 27 -16.03 3.79 -2.35
N GLU A 28 -16.57 2.64 -2.74
CA GLU A 28 -16.24 1.39 -2.08
C GLU A 28 -14.78 1.05 -2.32
N CYS A 29 -14.09 0.65 -1.27
CA CYS A 29 -12.68 0.31 -1.35
C CYS A 29 -12.47 -1.06 -1.98
N GLN A 30 -11.36 -1.19 -2.69
CA GLN A 30 -10.97 -2.42 -3.33
C GLN A 30 -10.25 -3.33 -2.32
N ALA A 31 -10.45 -4.63 -2.45
CA ALA A 31 -9.82 -5.60 -1.55
C ALA A 31 -8.30 -5.53 -1.67
N TRP A 32 -7.63 -5.50 -0.51
CA TRP A 32 -6.17 -5.43 -0.48
C TRP A 32 -5.55 -6.65 -1.14
N ASP A 33 -6.14 -7.82 -0.92
CA ASP A 33 -5.65 -9.06 -1.50
C ASP A 33 -6.05 -9.19 -2.98
N SER A 34 -6.65 -8.14 -3.52
CA SER A 34 -7.07 -8.13 -4.90
C SER A 34 -6.23 -7.13 -5.70
N GLN A 35 -5.92 -7.46 -6.93
CA GLN A 35 -5.13 -6.58 -7.80
C GLN A 35 -6.00 -5.96 -8.87
N SER A 36 -7.31 -6.15 -8.75
CA SER A 36 -8.25 -5.61 -9.70
C SER A 36 -9.18 -4.62 -8.99
N PRO A 37 -9.46 -3.46 -9.63
CA PRO A 37 -8.91 -3.11 -10.94
C PRO A 37 -7.53 -2.47 -10.88
N HIS A 38 -7.13 -2.01 -9.70
CA HIS A 38 -5.84 -1.36 -9.54
C HIS A 38 -4.82 -2.29 -8.90
N ALA A 39 -3.69 -2.46 -9.57
CA ALA A 39 -2.61 -3.31 -9.07
C ALA A 39 -1.75 -2.51 -8.10
N HIS A 40 -1.10 -3.19 -7.16
CA HIS A 40 -0.28 -2.52 -6.18
C HIS A 40 0.70 -3.48 -5.52
N GLY A 41 1.39 -3.00 -4.50
CA GLY A 41 2.35 -3.81 -3.79
C GLY A 41 2.07 -3.85 -2.30
N TYR A 42 0.82 -3.61 -1.95
CA TYR A 42 0.39 -3.63 -0.55
C TYR A 42 -0.30 -4.95 -0.24
N ILE A 43 0.35 -6.03 -0.64
CA ILE A 43 -0.17 -7.38 -0.43
C ILE A 43 -0.26 -7.69 1.06
N PRO A 44 -1.43 -8.19 1.51
CA PRO A 44 -1.65 -8.56 2.92
C PRO A 44 -0.59 -9.54 3.44
N SER A 45 -0.16 -10.46 2.58
CA SER A 45 0.85 -11.44 2.94
C SER A 45 2.23 -10.78 3.05
N LYS A 46 2.39 -9.65 2.37
CA LYS A 46 3.65 -8.92 2.38
C LYS A 46 3.73 -8.07 3.64
N PHE A 47 2.59 -7.55 4.08
CA PHE A 47 2.51 -6.75 5.28
C PHE A 47 1.45 -7.34 6.22
N PRO A 48 1.76 -8.46 6.88
CA PRO A 48 0.83 -9.13 7.79
C PRO A 48 0.58 -8.35 9.08
N ASN A 49 1.53 -7.51 9.45
CA ASN A 49 1.42 -6.72 10.68
C ASN A 49 0.81 -5.35 10.42
N LYS A 50 0.02 -5.23 9.35
CA LYS A 50 -0.60 -3.96 9.03
C LYS A 50 -2.12 -4.07 9.00
N ASN A 51 -2.63 -5.25 9.38
CA ASN A 51 -4.06 -5.50 9.44
C ASN A 51 -4.77 -5.22 8.13
N LEU A 52 -4.18 -5.61 7.01
CA LEU A 52 -4.78 -5.39 5.71
C LEU A 52 -5.85 -6.45 5.44
N LYS A 53 -7.00 -6.27 6.09
CA LYS A 53 -8.09 -7.23 5.97
C LYS A 53 -9.16 -6.75 4.99
N LYS A 54 -9.59 -7.67 4.12
CA LYS A 54 -10.63 -7.42 3.13
C LYS A 54 -10.35 -6.15 2.33
N ASN A 55 -11.28 -5.20 2.42
CA ASN A 55 -11.18 -3.94 1.71
C ASN A 55 -11.38 -2.78 2.67
N TYR A 56 -11.01 -2.97 3.92
CA TYR A 56 -11.17 -1.94 4.93
C TYR A 56 -10.04 -0.92 4.84
N CYS A 57 -10.37 0.33 5.11
CA CYS A 57 -9.40 1.42 5.05
C CYS A 57 -8.33 1.27 6.14
N ARG A 58 -7.07 1.42 5.74
CA ARG A 58 -5.96 1.31 6.68
C ARG A 58 -4.94 2.41 6.44
N ASN A 59 -4.06 2.60 7.40
CA ASN A 59 -3.01 3.61 7.29
C ASN A 59 -1.65 2.96 7.56
N PRO A 60 -1.11 2.25 6.57
CA PRO A 60 0.16 1.55 6.72
C PRO A 60 1.38 2.38 6.31
N ASP A 61 1.17 3.53 5.69
CA ASP A 61 2.29 4.36 5.22
C ASP A 61 2.53 5.54 6.17
N ARG A 62 1.92 5.49 7.34
CA ARG A 62 2.07 6.54 8.35
C ARG A 62 1.56 7.88 7.82
N ASP A 63 0.47 7.84 7.06
CA ASP A 63 -0.13 9.04 6.49
C ASP A 63 -0.94 9.75 7.58
N LEU A 64 -1.64 10.82 7.21
CA LEU A 64 -2.42 11.57 8.18
C LEU A 64 -3.83 11.02 8.30
N ARG A 65 -4.25 10.27 7.29
CA ARG A 65 -5.58 9.67 7.27
C ARG A 65 -5.54 8.31 6.58
N PRO A 66 -6.29 7.32 7.11
CA PRO A 66 -6.35 5.98 6.51
C PRO A 66 -6.86 6.05 5.08
N TRP A 67 -6.21 5.32 4.20
CA TRP A 67 -6.58 5.32 2.80
C TRP A 67 -6.94 3.92 2.33
N CYS A 68 -7.40 3.84 1.09
CA CYS A 68 -7.77 2.57 0.48
C CYS A 68 -7.78 2.73 -1.03
N PHE A 69 -7.88 1.61 -1.74
CA PHE A 69 -7.93 1.65 -3.19
C PHE A 69 -9.36 1.88 -3.63
N THR A 70 -9.56 2.85 -4.51
CA THR A 70 -10.88 3.19 -4.99
C THR A 70 -11.33 2.29 -6.13
N THR A 71 -12.64 2.14 -6.28
CA THR A 71 -13.22 1.31 -7.32
C THR A 71 -13.19 2.03 -8.66
N ASP A 72 -13.07 3.36 -8.61
CA ASP A 72 -13.01 4.19 -9.80
C ASP A 72 -11.79 3.82 -10.62
N PRO A 73 -11.98 3.41 -11.88
CA PRO A 73 -10.86 3.01 -12.76
C PRO A 73 -9.92 4.17 -13.08
N ASN A 74 -10.29 5.38 -12.67
CA ASN A 74 -9.46 6.56 -12.90
C ASN A 74 -8.75 7.00 -11.63
N LYS A 75 -9.23 6.51 -10.49
CA LYS A 75 -8.65 6.86 -9.20
C LYS A 75 -8.04 5.62 -8.56
N ARG A 76 -6.71 5.60 -8.45
CA ARG A 76 -6.00 4.46 -7.89
C ARG A 76 -6.27 4.32 -6.40
N TRP A 77 -6.11 5.40 -5.66
CA TRP A 77 -6.33 5.36 -4.21
C TRP A 77 -6.88 6.70 -3.72
N GLU A 78 -7.58 6.64 -2.59
CA GLU A 78 -8.18 7.82 -1.99
C GLU A 78 -8.15 7.70 -0.47
N TYR A 79 -8.47 8.80 0.21
CA TYR A 79 -8.49 8.82 1.67
C TYR A 79 -9.89 8.50 2.18
N CYS A 80 -9.96 7.79 3.29
CA CYS A 80 -11.23 7.42 3.88
C CYS A 80 -11.57 8.33 5.04
N ASP A 81 -12.86 8.49 5.31
CA ASP A 81 -13.32 9.32 6.41
C ASP A 81 -13.60 8.46 7.62
N ILE A 82 -12.68 8.46 8.58
CA ILE A 82 -12.82 7.67 9.78
C ILE A 82 -13.20 8.56 10.96
N PRO A 83 -14.19 8.13 11.76
CA PRO A 83 -14.65 8.88 12.93
C PRO A 83 -13.55 9.09 13.97
N ARG A 84 -13.70 10.15 14.76
CA ARG A 84 -12.75 10.46 15.80
C ARG A 84 -13.33 10.11 17.16
N CYS A 85 -12.50 9.65 18.08
CA CYS A 85 -12.98 9.28 19.41
C CYS A 85 -13.12 10.50 20.31
N GLY B 1 25.44 -27.14 13.49
CA GLY B 1 24.54 -27.08 12.36
C GLY B 1 24.71 -25.79 11.57
N SER B 2 25.80 -25.09 11.83
CA SER B 2 26.09 -23.83 11.16
C SER B 2 26.54 -24.06 9.72
N LYS B 3 27.08 -25.25 9.46
CA LYS B 3 27.56 -25.61 8.13
C LYS B 3 26.37 -25.86 7.20
N THR B 4 25.23 -26.13 7.80
CA THR B 4 24.01 -26.38 7.04
C THR B 4 23.08 -25.18 7.09
N ILE B 5 22.90 -24.54 5.94
CA ILE B 5 22.03 -23.38 5.86
C ILE B 5 20.61 -23.79 5.50
N GLN B 6 19.73 -23.76 6.49
CA GLN B 6 18.34 -24.14 6.28
C GLN B 6 17.56 -22.98 5.67
N GLU B 7 16.29 -23.22 5.37
CA GLU B 7 15.43 -22.20 4.80
C GLU B 7 15.16 -21.11 5.82
N LYS B 8 14.68 -21.52 7.00
CA LYS B 8 14.36 -20.59 8.07
C LYS B 8 15.63 -19.92 8.60
N GLU B 9 15.58 -18.61 8.71
CA GLU B 9 16.71 -17.84 9.21
C GLU B 9 16.79 -17.98 10.72
N GLN B 10 17.95 -17.67 11.28
CA GLN B 10 18.15 -17.77 12.72
C GLN B 10 17.75 -16.47 13.41
N GLU B 11 17.72 -15.39 12.64
CA GLU B 11 17.35 -14.08 13.15
C GLU B 11 16.32 -13.42 12.24
N LEU B 12 15.44 -12.64 12.83
CA LEU B 12 14.42 -11.93 12.08
C LEU B 12 14.71 -10.43 12.07
N LYS B 13 14.11 -9.73 11.13
CA LYS B 13 14.32 -8.30 11.01
C LYS B 13 13.12 -7.54 11.56
N ASN B 14 13.38 -6.60 12.45
CA ASN B 14 12.33 -5.79 13.06
C ASN B 14 11.77 -4.79 12.05
N LEU B 15 10.54 -5.01 11.65
CA LEU B 15 9.89 -4.14 10.69
C LEU B 15 9.62 -2.76 11.29
N LYS B 16 9.39 -2.74 12.61
CA LYS B 16 9.11 -1.49 13.31
C LYS B 16 10.31 -0.55 13.22
N ASP B 17 11.51 -1.12 13.22
CA ASP B 17 12.74 -0.34 13.14
C ASP B 17 12.78 0.45 11.84
N ASN B 18 12.31 -0.19 10.77
CA ASN B 18 12.26 0.44 9.45
C ASN B 18 11.21 1.52 9.41
N VAL B 19 10.07 1.24 10.05
CA VAL B 19 8.96 2.17 10.10
C VAL B 19 9.38 3.47 10.79
N GLU B 20 10.10 3.33 11.90
CA GLU B 20 10.56 4.50 12.66
C GLU B 20 11.57 5.31 11.87
N LEU B 21 12.26 4.67 10.94
CA LEU B 21 13.26 5.35 10.11
C LEU B 21 12.60 6.09 8.95
N GLU B 22 11.44 5.59 8.52
CA GLU B 22 10.70 6.18 7.41
C GLU B 22 11.50 6.09 6.12
N ARG B 23 11.66 4.88 5.61
CA ARG B 23 12.42 4.66 4.38
C ARG B 23 11.58 5.01 3.14
N LEU B 24 10.26 4.90 3.28
CA LEU B 24 9.36 5.20 2.17
C LEU B 24 9.16 6.69 2.00
N LYS B 25 9.02 7.41 3.11
CA LYS B 25 8.81 8.86 3.10
C LYS B 25 7.53 9.23 2.33
N ASN B 26 6.65 8.24 2.19
CA ASN B 26 5.37 8.40 1.49
C ASN B 26 5.56 8.74 0.01
N GLU B 27 6.80 8.67 -0.48
CA GLU B 27 7.09 8.99 -1.87
C GLU B 27 6.69 7.85 -2.79
N ARG B 28 7.02 6.63 -2.41
CA ARG B 28 6.67 5.45 -3.19
C ARG B 28 5.17 5.26 -3.25
N HIS B 29 4.48 5.83 -2.27
CA HIS B 29 3.03 5.74 -2.19
C HIS B 29 2.38 6.82 -3.05
N ASP B 30 3.13 7.87 -3.33
CA ASP B 30 2.65 8.98 -4.16
C ASP B 30 2.85 8.65 -5.64
N HIS B 31 4.01 8.11 -5.95
CA HIS B 31 4.34 7.78 -7.34
C HIS B 31 5.02 6.42 -7.43
N ASP B 32 4.64 5.65 -8.43
CA ASP B 32 5.22 4.32 -8.66
C ASP B 32 6.33 4.39 -9.70
N GLU B 33 6.64 5.61 -10.14
CA GLU B 33 7.69 5.83 -11.14
C GLU B 33 9.05 5.37 -10.61
N GLU B 34 9.29 5.57 -9.33
CA GLU B 34 10.55 5.17 -8.70
C GLU B 34 10.67 3.65 -8.66
N ALA B 35 9.53 2.97 -8.58
CA ALA B 35 9.51 1.51 -8.56
C ALA B 35 9.81 0.97 -9.94
N GLU B 36 9.35 1.69 -10.96
CA GLU B 36 9.58 1.30 -12.34
C GLU B 36 11.07 1.33 -12.65
N ARG B 37 11.72 2.40 -12.21
CA ARG B 37 13.15 2.59 -12.42
C ARG B 37 13.94 1.54 -11.63
N LYS B 38 13.40 1.12 -10.49
CA LYS B 38 14.05 0.12 -9.65
C LYS B 38 13.91 -1.27 -10.26
N ALA B 39 12.73 -1.57 -10.80
CA ALA B 39 12.48 -2.87 -11.42
C ALA B 39 13.34 -3.06 -12.65
N LEU B 40 13.51 -1.99 -13.42
CA LEU B 40 14.33 -2.03 -14.62
C LEU B 40 15.79 -1.80 -14.28
N GLU B 41 16.69 -2.17 -15.17
CA GLU B 41 18.11 -1.97 -14.95
C GLU B 41 18.61 -0.84 -15.83
N ASP B 42 17.69 -0.31 -16.64
CA ASP B 42 17.96 0.79 -17.56
C ASP B 42 16.63 1.26 -18.13
N LYS B 43 16.66 2.29 -18.97
CA LYS B 43 15.43 2.80 -19.54
C LYS B 43 15.54 2.89 -21.06
N LEU B 44 14.39 3.08 -21.71
CA LEU B 44 14.32 3.19 -23.15
C LEU B 44 15.17 4.35 -23.67
N ALA B 45 15.79 4.15 -24.82
CA ALA B 45 16.62 5.18 -25.44
C ALA B 45 15.75 6.30 -25.97
N ASP B 46 14.61 5.95 -26.52
CA ASP B 46 13.66 6.93 -27.05
C ASP B 46 12.68 7.32 -25.96
N LYS B 47 11.81 8.29 -26.27
CA LYS B 47 10.82 8.75 -25.32
C LYS B 47 9.88 7.62 -24.95
N GLN B 48 10.00 7.12 -23.73
CA GLN B 48 9.17 6.03 -23.25
C GLN B 48 7.72 6.48 -23.16
N GLU B 49 6.81 5.59 -23.55
CA GLU B 49 5.39 5.90 -23.49
C GLU B 49 4.96 6.06 -22.03
N HIS B 50 5.42 5.12 -21.20
CA HIS B 50 5.13 5.10 -19.76
C HIS B 50 3.65 4.82 -19.50
N LEU B 51 2.81 5.82 -19.74
CA LEU B 51 1.36 5.72 -19.55
C LEU B 51 0.99 5.57 -18.06
N ASP B 52 -0.28 5.74 -17.77
CA ASP B 52 -0.78 5.62 -16.41
C ASP B 52 -1.63 4.36 -16.27
N GLY B 53 -2.52 4.33 -15.27
CA GLY B 53 -3.34 3.15 -15.06
C GLY B 53 -4.83 3.39 -15.17
N ALA B 54 -5.23 4.46 -15.84
CA ALA B 54 -6.65 4.75 -16.01
C ALA B 54 -7.25 3.81 -17.04
N LEU B 55 -8.10 2.90 -16.58
CA LEU B 55 -8.73 1.93 -17.47
C LEU B 55 -9.78 2.59 -18.37
N ARG B 56 -10.32 3.72 -17.92
CA ARG B 56 -11.34 4.43 -18.70
C ARG B 56 -10.70 5.30 -19.76
N TYR B 57 -9.43 5.63 -19.58
CA TYR B 57 -8.71 6.47 -20.54
C TYR B 57 -7.31 5.93 -20.79
N GLU A 6 -11.73 -0.77 17.30
CA GLU A 6 -12.35 0.54 17.36
C GLU A 6 -12.65 1.05 15.96
N GLU A 7 -13.82 1.67 15.79
CA GLU A 7 -14.23 2.18 14.49
C GLU A 7 -13.82 3.64 14.32
N CYS A 8 -13.12 4.18 15.31
CA CYS A 8 -12.65 5.55 15.24
C CYS A 8 -11.14 5.60 15.41
N MET A 9 -10.54 6.75 15.14
CA MET A 9 -9.11 6.90 15.27
C MET A 9 -8.77 7.90 16.38
N HIS A 10 -7.62 7.72 16.99
CA HIS A 10 -7.18 8.60 18.06
C HIS A 10 -6.15 9.59 17.53
N GLY A 11 -5.28 9.11 16.66
CA GLY A 11 -4.25 9.96 16.10
C GLY A 11 -4.33 10.01 14.59
N SER A 12 -3.52 9.21 13.92
CA SER A 12 -3.47 9.18 12.47
C SER A 12 -3.98 7.83 11.94
N GLY A 13 -4.78 7.15 12.75
CA GLY A 13 -5.32 5.85 12.37
C GLY A 13 -4.25 4.81 12.07
N GLU A 14 -3.13 4.87 12.78
CA GLU A 14 -2.05 3.92 12.58
C GLU A 14 -2.49 2.52 12.98
N ASN A 15 -3.06 2.40 14.17
CA ASN A 15 -3.53 1.11 14.66
C ASN A 15 -5.04 1.01 14.57
N TYR A 16 -5.60 1.53 13.47
CA TYR A 16 -7.04 1.49 13.26
C TYR A 16 -7.46 0.20 12.57
N ASP A 17 -8.28 -0.59 13.24
CA ASP A 17 -8.78 -1.84 12.67
C ASP A 17 -10.31 -1.84 12.71
N GLY A 18 -10.89 -0.94 11.93
CA GLY A 18 -12.34 -0.82 11.87
C GLY A 18 -12.91 -1.54 10.66
N LYS A 19 -14.20 -1.38 10.44
CA LYS A 19 -14.86 -2.04 9.33
C LYS A 19 -15.23 -1.07 8.22
N ILE A 20 -14.76 0.17 8.32
CA ILE A 20 -15.04 1.17 7.30
C ILE A 20 -14.28 0.82 6.03
N SER A 21 -15.01 0.58 4.95
CA SER A 21 -14.39 0.21 3.69
C SER A 21 -14.89 1.09 2.55
N LYS A 22 -14.89 2.40 2.79
CA LYS A 22 -15.33 3.34 1.77
C LYS A 22 -14.57 4.66 1.90
N THR A 23 -14.28 5.27 0.76
CA THR A 23 -13.56 6.52 0.71
C THR A 23 -14.44 7.67 1.20
N MET A 24 -13.82 8.81 1.47
CA MET A 24 -14.54 9.99 1.93
C MET A 24 -15.46 10.51 0.83
N SER A 25 -15.16 10.11 -0.40
CA SER A 25 -15.95 10.51 -1.56
C SER A 25 -17.16 9.60 -1.72
N GLY A 26 -17.22 8.55 -0.92
CA GLY A 26 -18.33 7.62 -0.99
C GLY A 26 -18.10 6.51 -2.01
N LEU A 27 -16.84 6.21 -2.27
CA LEU A 27 -16.50 5.16 -3.21
C LEU A 27 -16.09 3.90 -2.47
N GLU A 28 -16.50 2.75 -2.99
CA GLU A 28 -16.18 1.47 -2.37
C GLU A 28 -14.70 1.17 -2.50
N CYS A 29 -14.08 0.77 -1.40
CA CYS A 29 -12.66 0.44 -1.39
C CYS A 29 -12.40 -0.91 -2.07
N GLN A 30 -11.25 -1.00 -2.70
CA GLN A 30 -10.84 -2.22 -3.39
C GLN A 30 -10.14 -3.18 -2.43
N ALA A 31 -10.44 -4.47 -2.57
CA ALA A 31 -9.83 -5.50 -1.74
C ALA A 31 -8.32 -5.46 -1.87
N TRP A 32 -7.64 -5.42 -0.73
CA TRP A 32 -6.18 -5.36 -0.71
C TRP A 32 -5.57 -6.60 -1.37
N ASP A 33 -6.18 -7.75 -1.15
CA ASP A 33 -5.72 -9.00 -1.73
C ASP A 33 -6.01 -9.08 -3.23
N SER A 34 -6.69 -8.07 -3.75
CA SER A 34 -7.03 -8.02 -5.17
C SER A 34 -6.17 -7.01 -5.89
N GLN A 35 -5.80 -7.32 -7.13
CA GLN A 35 -4.99 -6.43 -7.94
C GLN A 35 -5.85 -5.78 -9.01
N SER A 36 -7.16 -5.90 -8.83
CA SER A 36 -8.12 -5.33 -9.75
C SER A 36 -9.02 -4.36 -9.01
N PRO A 37 -9.27 -3.16 -9.58
CA PRO A 37 -8.73 -2.76 -10.87
C PRO A 37 -7.37 -2.08 -10.78
N HIS A 38 -6.84 -1.94 -9.57
CA HIS A 38 -5.54 -1.28 -9.40
C HIS A 38 -4.50 -2.24 -8.82
N ALA A 39 -3.38 -2.38 -9.52
CA ALA A 39 -2.31 -3.24 -9.08
C ALA A 39 -1.38 -2.47 -8.15
N HIS A 40 -0.86 -3.13 -7.14
CA HIS A 40 0.02 -2.47 -6.17
C HIS A 40 0.90 -3.48 -5.43
N GLY A 41 1.58 -2.99 -4.40
CA GLY A 41 2.45 -3.85 -3.62
C GLY A 41 2.08 -3.85 -2.15
N TYR A 42 0.79 -3.65 -1.87
CA TYR A 42 0.30 -3.63 -0.51
C TYR A 42 -0.36 -4.97 -0.19
N ILE A 43 0.29 -6.03 -0.61
CA ILE A 43 -0.20 -7.39 -0.40
C ILE A 43 -0.22 -7.72 1.09
N PRO A 44 -1.40 -8.13 1.62
CA PRO A 44 -1.55 -8.49 3.03
C PRO A 44 -0.53 -9.51 3.51
N SER A 45 -0.15 -10.43 2.63
CA SER A 45 0.82 -11.46 2.96
C SER A 45 2.23 -10.87 3.11
N LYS A 46 2.46 -9.73 2.47
CA LYS A 46 3.76 -9.07 2.54
C LYS A 46 3.86 -8.25 3.81
N PHE A 47 2.75 -7.65 4.21
CA PHE A 47 2.68 -6.84 5.41
C PHE A 47 1.54 -7.31 6.30
N PRO A 48 1.72 -8.43 7.01
CA PRO A 48 0.68 -9.01 7.87
C PRO A 48 0.53 -8.25 9.20
N ASN A 49 1.32 -7.21 9.38
CA ASN A 49 1.28 -6.43 10.61
C ASN A 49 0.61 -5.07 10.41
N LYS A 50 -0.16 -4.94 9.33
CA LYS A 50 -0.85 -3.68 9.07
C LYS A 50 -2.36 -3.85 9.02
N ASN A 51 -2.83 -5.04 9.37
CA ASN A 51 -4.26 -5.36 9.41
C ASN A 51 -4.94 -5.12 8.07
N LEU A 52 -4.26 -5.47 6.98
CA LEU A 52 -4.82 -5.28 5.64
C LEU A 52 -5.82 -6.41 5.34
N LYS A 53 -7.02 -6.28 5.88
CA LYS A 53 -8.05 -7.29 5.71
C LYS A 53 -9.14 -6.80 4.76
N LYS A 54 -9.56 -7.69 3.85
CA LYS A 54 -10.61 -7.40 2.88
C LYS A 54 -10.33 -6.09 2.13
N ASN A 55 -11.24 -5.13 2.28
CA ASN A 55 -11.11 -3.84 1.64
C ASN A 55 -11.28 -2.72 2.66
N TYR A 56 -11.01 -3.05 3.92
CA TYR A 56 -11.15 -2.09 5.01
C TYR A 56 -10.07 -1.00 4.91
N CYS A 57 -10.45 0.22 5.23
CA CYS A 57 -9.54 1.35 5.21
C CYS A 57 -8.47 1.18 6.28
N ARG A 58 -7.21 1.22 5.86
CA ARG A 58 -6.09 1.06 6.79
C ARG A 58 -5.01 2.10 6.48
N ASN A 59 -4.04 2.19 7.37
CA ASN A 59 -2.94 3.14 7.18
C ASN A 59 -1.60 2.41 7.18
N PRO A 60 -1.17 1.90 6.02
CA PRO A 60 0.09 1.18 5.90
C PRO A 60 1.30 2.08 5.64
N ASP A 61 1.06 3.26 5.08
CA ASP A 61 2.15 4.19 4.75
C ASP A 61 2.40 5.20 5.87
N ARG A 62 1.66 5.06 6.97
CA ARG A 62 1.78 5.98 8.10
C ARG A 62 1.41 7.39 7.65
N ASP A 63 0.28 7.48 6.97
CA ASP A 63 -0.21 8.74 6.45
C ASP A 63 -0.96 9.53 7.54
N LEU A 64 -1.56 10.64 7.15
CA LEU A 64 -2.30 11.48 8.08
C LEU A 64 -3.68 10.90 8.38
N ARG A 65 -4.19 10.12 7.44
CA ARG A 65 -5.51 9.50 7.56
C ARG A 65 -5.51 8.16 6.84
N PRO A 66 -6.24 7.16 7.36
CA PRO A 66 -6.33 5.86 6.71
C PRO A 66 -6.91 6.00 5.30
N TRP A 67 -6.34 5.26 4.36
CA TRP A 67 -6.78 5.34 2.98
C TRP A 67 -7.04 3.96 2.41
N CYS A 68 -7.50 3.92 1.17
CA CYS A 68 -7.79 2.67 0.50
C CYS A 68 -7.82 2.89 -1.01
N PHE A 69 -7.70 1.81 -1.78
CA PHE A 69 -7.77 1.90 -3.22
C PHE A 69 -9.24 1.93 -3.60
N THR A 70 -9.59 2.61 -4.67
CA THR A 70 -10.99 2.68 -5.06
C THR A 70 -11.31 1.67 -6.14
N THR A 71 -12.57 1.32 -6.26
CA THR A 71 -13.01 0.38 -7.27
C THR A 71 -13.21 1.09 -8.62
N ASP A 72 -12.92 2.39 -8.63
CA ASP A 72 -13.05 3.18 -9.84
C ASP A 72 -11.73 3.17 -10.61
N PRO A 73 -11.76 2.74 -11.88
CA PRO A 73 -10.55 2.66 -12.72
C PRO A 73 -9.87 4.00 -12.97
N ASN A 74 -10.51 5.10 -12.60
CA ASN A 74 -9.94 6.42 -12.83
C ASN A 74 -9.37 7.02 -11.55
N LYS A 75 -9.62 6.37 -10.43
CA LYS A 75 -9.12 6.85 -9.15
C LYS A 75 -8.27 5.78 -8.47
N ARG A 76 -6.97 6.04 -8.40
CA ARG A 76 -6.01 5.11 -7.79
C ARG A 76 -6.36 4.84 -6.32
N TRP A 77 -6.18 5.84 -5.48
CA TRP A 77 -6.47 5.69 -4.06
C TRP A 77 -7.17 6.92 -3.52
N GLU A 78 -7.83 6.77 -2.40
CA GLU A 78 -8.54 7.87 -1.78
C GLU A 78 -8.47 7.77 -0.26
N TYR A 79 -8.73 8.88 0.41
CA TYR A 79 -8.71 8.93 1.87
C TYR A 79 -10.06 8.52 2.42
N CYS A 80 -10.06 7.87 3.58
CA CYS A 80 -11.29 7.45 4.20
C CYS A 80 -11.65 8.38 5.35
N ASP A 81 -12.87 8.92 5.33
CA ASP A 81 -13.33 9.83 6.37
C ASP A 81 -13.82 9.06 7.58
N ILE A 82 -12.89 8.75 8.46
CA ILE A 82 -13.20 8.01 9.68
C ILE A 82 -13.25 8.96 10.87
N PRO A 83 -14.33 8.91 11.65
CA PRO A 83 -14.49 9.78 12.83
C PRO A 83 -13.40 9.54 13.89
N ARG A 84 -13.13 10.58 14.65
CA ARG A 84 -12.13 10.50 15.71
C ARG A 84 -12.83 10.22 17.03
N CYS A 85 -12.16 9.51 17.92
CA CYS A 85 -12.74 9.17 19.21
C CYS A 85 -12.75 10.37 20.16
N GLY B 1 25.23 -25.46 14.83
CA GLY B 1 24.87 -25.24 13.44
C GLY B 1 25.60 -24.06 12.83
N SER B 2 26.90 -24.01 13.05
CA SER B 2 27.72 -22.92 12.53
C SER B 2 28.16 -23.23 11.10
N LYS B 3 28.48 -24.50 10.85
CA LYS B 3 28.90 -24.92 9.52
C LYS B 3 27.67 -25.24 8.67
N THR B 4 26.69 -25.85 9.31
CA THR B 4 25.45 -26.21 8.64
C THR B 4 24.66 -24.97 8.24
N ILE B 5 24.42 -24.80 6.95
CA ILE B 5 23.66 -23.66 6.46
C ILE B 5 22.17 -23.95 6.56
N GLN B 6 21.61 -23.63 7.71
CA GLN B 6 20.20 -23.86 7.96
C GLN B 6 19.34 -22.81 7.27
N GLU B 7 18.21 -23.25 6.72
CA GLU B 7 17.30 -22.36 6.04
C GLU B 7 16.62 -21.42 7.03
N LYS B 8 16.41 -21.92 8.24
CA LYS B 8 15.79 -21.12 9.29
C LYS B 8 16.77 -20.09 9.81
N GLU B 9 16.37 -18.82 9.73
CA GLU B 9 17.22 -17.74 10.20
C GLU B 9 17.24 -17.70 11.73
N GLN B 10 18.39 -17.35 12.28
CA GLN B 10 18.56 -17.27 13.72
C GLN B 10 17.66 -16.17 14.29
N GLU B 11 17.70 -15.01 13.65
CA GLU B 11 16.90 -13.88 14.08
C GLU B 11 15.84 -13.56 13.03
N LEU B 12 14.64 -13.29 13.47
CA LEU B 12 13.55 -12.95 12.58
C LEU B 12 13.53 -11.44 12.34
N LYS B 13 13.41 -11.04 11.08
CA LYS B 13 13.39 -9.63 10.73
C LYS B 13 12.13 -8.95 11.23
N ASN B 14 12.32 -7.95 12.08
CA ASN B 14 11.20 -7.20 12.64
C ASN B 14 10.74 -6.12 11.66
N LEU B 15 9.55 -6.31 11.10
CA LEU B 15 9.00 -5.36 10.13
C LEU B 15 8.63 -4.04 10.80
N LYS B 16 8.50 -4.06 12.12
CA LYS B 16 8.15 -2.85 12.87
C LYS B 16 9.31 -1.85 12.86
N ASP B 17 10.53 -2.37 12.77
CA ASP B 17 11.72 -1.52 12.75
C ASP B 17 11.72 -0.65 11.50
N ASN B 18 11.28 -1.23 10.39
CA ASN B 18 11.24 -0.51 9.12
C ASN B 18 10.24 0.64 9.20
N VAL B 19 9.14 0.41 9.90
CA VAL B 19 8.10 1.43 10.05
C VAL B 19 8.61 2.56 10.94
N GLU B 20 9.46 2.21 11.90
CA GLU B 20 10.02 3.21 12.81
C GLU B 20 11.05 4.06 12.07
N LEU B 21 11.86 3.42 11.25
CA LEU B 21 12.88 4.12 10.46
C LEU B 21 12.20 5.00 9.42
N GLU B 22 11.05 4.52 8.95
CA GLU B 22 10.23 5.23 7.96
C GLU B 22 11.05 5.64 6.74
N ARG B 23 11.59 4.64 6.06
CA ARG B 23 12.38 4.88 4.86
C ARG B 23 11.45 5.08 3.66
N LEU B 24 10.19 4.67 3.82
CA LEU B 24 9.19 4.79 2.76
C LEU B 24 9.00 6.25 2.37
N LYS B 25 8.80 7.09 3.37
CA LYS B 25 8.61 8.53 3.17
C LYS B 25 7.41 8.83 2.27
N ASN B 26 6.47 7.89 2.23
CA ASN B 26 5.25 8.01 1.44
C ASN B 26 5.52 8.04 -0.07
N GLU B 27 6.77 7.83 -0.46
CA GLU B 27 7.16 7.86 -1.87
C GLU B 27 6.43 6.76 -2.64
N ARG B 28 6.36 5.58 -2.04
CA ARG B 28 5.70 4.43 -2.65
C ARG B 28 4.20 4.66 -2.78
N HIS B 29 3.65 5.41 -1.83
CA HIS B 29 2.23 5.71 -1.81
C HIS B 29 1.90 6.71 -2.91
N ASP B 30 2.76 7.71 -3.04
CA ASP B 30 2.59 8.75 -4.05
C ASP B 30 2.77 8.18 -5.46
N HIS B 31 3.74 7.30 -5.60
CA HIS B 31 4.03 6.68 -6.90
C HIS B 31 4.65 5.31 -6.71
N ASP B 32 4.18 4.33 -7.47
CA ASP B 32 4.70 2.97 -7.38
C ASP B 32 5.60 2.64 -8.56
N GLU B 33 5.84 3.63 -9.42
CA GLU B 33 6.68 3.45 -10.59
C GLU B 33 8.11 3.06 -10.21
N GLU B 34 8.54 3.49 -9.02
CA GLU B 34 9.88 3.19 -8.54
C GLU B 34 9.99 1.74 -8.07
N ALA B 35 8.85 1.13 -7.74
CA ALA B 35 8.85 -0.26 -7.31
C ALA B 35 9.18 -1.18 -8.49
N GLU B 36 8.80 -0.75 -9.68
CA GLU B 36 9.08 -1.50 -10.89
C GLU B 36 10.57 -1.46 -11.19
N ARG B 37 11.22 -0.40 -10.73
CA ARG B 37 12.65 -0.21 -10.91
C ARG B 37 13.43 -1.24 -10.10
N LYS B 38 12.83 -1.68 -9.00
CA LYS B 38 13.46 -2.67 -8.14
C LYS B 38 13.29 -4.07 -8.73
N ALA B 39 12.20 -4.27 -9.46
CA ALA B 39 11.92 -5.55 -10.08
C ALA B 39 12.71 -5.71 -11.36
N LEU B 40 12.64 -4.69 -12.22
CA LEU B 40 13.36 -4.69 -13.48
C LEU B 40 14.80 -4.26 -13.27
N GLU B 41 15.72 -5.21 -13.33
CA GLU B 41 17.13 -4.94 -13.15
C GLU B 41 17.64 -4.04 -14.27
N ASP B 42 17.06 -4.20 -15.45
CA ASP B 42 17.43 -3.41 -16.61
C ASP B 42 16.20 -3.07 -17.42
N LYS B 43 16.14 -1.85 -17.93
CA LYS B 43 15.00 -1.41 -18.73
C LYS B 43 15.25 -1.68 -20.20
N LEU B 44 14.17 -1.96 -20.93
CA LEU B 44 14.27 -2.24 -22.35
C LEU B 44 14.45 -0.94 -23.13
N ALA B 45 14.98 -1.06 -24.33
CA ALA B 45 15.22 0.12 -25.18
C ALA B 45 13.92 0.61 -25.81
N ASP B 46 12.95 -0.28 -25.93
CA ASP B 46 11.67 0.08 -26.51
C ASP B 46 10.79 0.79 -25.49
N LYS B 47 9.69 1.36 -25.95
CA LYS B 47 8.77 2.08 -25.08
C LYS B 47 8.01 1.12 -24.17
N GLN B 48 8.00 1.42 -22.88
CA GLN B 48 7.29 0.59 -21.92
C GLN B 48 5.80 0.80 -22.07
N GLU B 49 5.04 -0.30 -22.12
CA GLU B 49 3.59 -0.21 -22.26
C GLU B 49 2.98 0.48 -21.05
N HIS B 50 3.26 -0.08 -19.87
CA HIS B 50 2.77 0.45 -18.60
C HIS B 50 1.24 0.48 -18.57
N LEU B 51 0.66 1.63 -18.94
CA LEU B 51 -0.79 1.82 -18.94
C LEU B 51 -1.37 1.47 -17.57
N ASP B 52 -2.52 0.81 -17.56
CA ASP B 52 -3.15 0.42 -16.31
C ASP B 52 -3.59 -1.04 -16.40
N GLY B 53 -4.24 -1.53 -15.35
CA GLY B 53 -4.70 -2.89 -15.32
C GLY B 53 -6.14 -3.01 -14.85
N ALA B 54 -6.96 -2.05 -15.23
CA ALA B 54 -8.37 -2.07 -14.85
C ALA B 54 -9.12 -3.10 -15.67
N LEU B 55 -10.19 -3.64 -15.11
CA LEU B 55 -10.99 -4.66 -15.79
C LEU B 55 -11.66 -4.11 -17.05
N ARG B 56 -12.03 -2.84 -17.01
CA ARG B 56 -12.68 -2.21 -18.15
C ARG B 56 -11.76 -1.19 -18.84
N TYR B 57 -10.51 -1.13 -18.41
CA TYR B 57 -9.55 -0.18 -18.98
C TYR B 57 -8.13 -0.74 -18.92
N GLU A 6 -11.45 -1.06 16.69
CA GLU A 6 -12.02 0.25 17.00
C GLU A 6 -12.60 0.88 15.74
N GLU A 7 -13.66 1.67 15.91
CA GLU A 7 -14.30 2.33 14.78
C GLU A 7 -14.00 3.82 14.79
N CYS A 8 -12.93 4.19 15.46
CA CYS A 8 -12.51 5.58 15.53
C CYS A 8 -10.99 5.65 15.64
N MET A 9 -10.42 6.81 15.34
CA MET A 9 -8.98 6.98 15.41
C MET A 9 -8.60 7.93 16.54
N HIS A 10 -7.51 7.61 17.23
CA HIS A 10 -7.03 8.44 18.33
C HIS A 10 -6.03 9.46 17.81
N GLY A 11 -5.47 9.18 16.63
CA GLY A 11 -4.51 10.07 16.03
C GLY A 11 -4.68 10.17 14.53
N SER A 12 -4.09 9.23 13.80
CA SER A 12 -4.17 9.22 12.34
C SER A 12 -4.59 7.84 11.82
N GLY A 13 -5.35 7.13 12.64
CA GLY A 13 -5.82 5.80 12.26
C GLY A 13 -4.69 4.80 12.08
N GLU A 14 -3.65 4.93 12.89
CA GLU A 14 -2.50 4.03 12.81
C GLU A 14 -2.90 2.62 13.23
N ASN A 15 -3.49 2.51 14.42
CA ASN A 15 -3.92 1.21 14.93
C ASN A 15 -5.43 1.05 14.76
N TYR A 16 -5.96 1.68 13.72
CA TYR A 16 -7.39 1.61 13.44
C TYR A 16 -7.73 0.33 12.70
N ASP A 17 -8.57 -0.49 13.31
CA ASP A 17 -9.00 -1.74 12.71
C ASP A 17 -10.52 -1.80 12.69
N GLY A 18 -11.11 -0.95 11.85
CA GLY A 18 -12.55 -0.90 11.72
C GLY A 18 -13.03 -1.63 10.49
N LYS A 19 -14.33 -1.64 10.28
CA LYS A 19 -14.91 -2.32 9.14
C LYS A 19 -15.33 -1.35 8.05
N ILE A 20 -14.85 -0.12 8.15
CA ILE A 20 -15.14 0.90 7.14
C ILE A 20 -14.32 0.63 5.89
N SER A 21 -14.99 0.58 4.75
CA SER A 21 -14.33 0.30 3.49
C SER A 21 -14.82 1.25 2.39
N LYS A 22 -14.90 2.54 2.70
CA LYS A 22 -15.35 3.52 1.74
C LYS A 22 -14.56 4.82 1.90
N THR A 23 -14.24 5.44 0.77
CA THR A 23 -13.49 6.68 0.75
C THR A 23 -14.32 7.86 1.25
N MET A 24 -13.68 9.03 1.36
CA MET A 24 -14.37 10.24 1.81
C MET A 24 -15.40 10.67 0.79
N SER A 25 -15.15 10.35 -0.47
CA SER A 25 -16.07 10.69 -1.55
C SER A 25 -17.28 9.76 -1.51
N GLY A 26 -17.05 8.52 -1.08
CA GLY A 26 -18.12 7.56 -1.02
C GLY A 26 -17.92 6.40 -1.96
N LEU A 27 -16.67 6.17 -2.34
CA LEU A 27 -16.34 5.08 -3.26
C LEU A 27 -15.99 3.83 -2.46
N GLU A 28 -16.29 2.67 -3.02
CA GLU A 28 -16.00 1.41 -2.37
C GLU A 28 -14.52 1.07 -2.50
N CYS A 29 -13.87 0.78 -1.38
CA CYS A 29 -12.46 0.45 -1.39
C CYS A 29 -12.20 -0.91 -2.04
N GLN A 30 -11.06 -1.02 -2.70
CA GLN A 30 -10.67 -2.24 -3.38
C GLN A 30 -10.02 -3.21 -2.41
N ALA A 31 -10.30 -4.50 -2.60
CA ALA A 31 -9.73 -5.55 -1.77
C ALA A 31 -8.21 -5.51 -1.86
N TRP A 32 -7.55 -5.45 -0.71
CA TRP A 32 -6.09 -5.39 -0.65
C TRP A 32 -5.47 -6.62 -1.31
N ASP A 33 -6.07 -7.77 -1.04
CA ASP A 33 -5.61 -9.03 -1.60
C ASP A 33 -5.86 -9.12 -3.10
N SER A 34 -6.69 -8.22 -3.62
CA SER A 34 -7.02 -8.20 -5.03
C SER A 34 -6.14 -7.19 -5.76
N GLN A 35 -5.91 -7.45 -7.04
CA GLN A 35 -5.09 -6.57 -7.87
C GLN A 35 -5.97 -5.91 -8.92
N SER A 36 -7.27 -5.98 -8.70
CA SER A 36 -8.24 -5.39 -9.60
C SER A 36 -9.10 -4.39 -8.84
N PRO A 37 -9.37 -3.21 -9.43
CA PRO A 37 -8.87 -2.85 -10.76
C PRO A 37 -7.48 -2.24 -10.75
N HIS A 38 -6.97 -1.88 -9.58
CA HIS A 38 -5.65 -1.27 -9.47
C HIS A 38 -4.63 -2.23 -8.88
N ALA A 39 -3.48 -2.34 -9.54
CA ALA A 39 -2.40 -3.21 -9.10
C ALA A 39 -1.49 -2.44 -8.14
N HIS A 40 -1.03 -3.11 -7.09
CA HIS A 40 -0.18 -2.47 -6.10
C HIS A 40 0.72 -3.49 -5.40
N GLY A 41 1.56 -3.01 -4.50
CA GLY A 41 2.46 -3.88 -3.78
C GLY A 41 2.16 -3.92 -2.29
N TYR A 42 0.95 -3.50 -1.93
CA TYR A 42 0.53 -3.49 -0.53
C TYR A 42 -0.22 -4.78 -0.20
N ILE A 43 0.35 -5.89 -0.62
CA ILE A 43 -0.25 -7.19 -0.38
C ILE A 43 -0.23 -7.54 1.10
N PRO A 44 -1.38 -7.94 1.67
CA PRO A 44 -1.50 -8.30 3.09
C PRO A 44 -0.49 -9.38 3.50
N SER A 45 -0.14 -10.24 2.55
CA SER A 45 0.80 -11.31 2.80
C SER A 45 2.22 -10.77 2.97
N LYS A 46 2.47 -9.57 2.45
CA LYS A 46 3.77 -8.95 2.56
C LYS A 46 3.85 -8.16 3.87
N PHE A 47 2.71 -7.61 4.26
CA PHE A 47 2.61 -6.84 5.49
C PHE A 47 1.47 -7.38 6.37
N PRO A 48 1.65 -8.58 6.96
CA PRO A 48 0.62 -9.20 7.80
C PRO A 48 0.58 -8.62 9.21
N ASN A 49 1.16 -7.44 9.36
CA ASN A 49 1.20 -6.77 10.66
C ASN A 49 0.62 -5.36 10.55
N LYS A 50 -0.21 -5.12 9.53
CA LYS A 50 -0.80 -3.81 9.35
C LYS A 50 -2.33 -3.88 9.31
N ASN A 51 -2.87 -5.03 9.69
CA ASN A 51 -4.32 -5.26 9.73
C ASN A 51 -4.98 -5.05 8.37
N LEU A 52 -4.28 -5.44 7.30
CA LEU A 52 -4.83 -5.30 5.95
C LEU A 52 -5.84 -6.43 5.71
N LYS A 53 -7.09 -6.16 6.03
CA LYS A 53 -8.15 -7.15 5.88
C LYS A 53 -9.19 -6.72 4.86
N LYS A 54 -9.54 -7.62 3.95
CA LYS A 54 -10.55 -7.37 2.92
C LYS A 54 -10.23 -6.09 2.14
N ASN A 55 -11.10 -5.10 2.31
CA ASN A 55 -10.94 -3.82 1.65
C ASN A 55 -11.14 -2.69 2.64
N TYR A 56 -10.90 -2.99 3.91
CA TYR A 56 -11.07 -1.99 4.97
C TYR A 56 -9.97 -0.94 4.89
N CYS A 57 -10.32 0.30 5.19
CA CYS A 57 -9.37 1.40 5.15
C CYS A 57 -8.34 1.26 6.26
N ARG A 58 -7.07 1.24 5.89
CA ARG A 58 -5.98 1.09 6.85
C ARG A 58 -4.89 2.11 6.57
N ASN A 59 -3.98 2.27 7.52
CA ASN A 59 -2.88 3.20 7.38
C ASN A 59 -1.56 2.44 7.41
N PRO A 60 -1.05 2.02 6.24
CA PRO A 60 0.19 1.26 6.13
C PRO A 60 1.45 2.12 6.20
N ASP A 61 1.63 2.99 5.20
CA ASP A 61 2.80 3.85 5.10
C ASP A 61 2.78 5.01 6.10
N ARG A 62 1.76 5.04 6.97
CA ARG A 62 1.63 6.08 7.99
C ARG A 62 1.35 7.45 7.38
N ASP A 63 0.31 7.55 6.56
CA ASP A 63 -0.05 8.81 5.95
C ASP A 63 -0.89 9.61 6.96
N LEU A 64 -1.37 10.77 6.55
CA LEU A 64 -2.15 11.63 7.43
C LEU A 64 -3.49 11.01 7.80
N ARG A 65 -4.00 10.16 6.93
CA ARG A 65 -5.29 9.50 7.15
C ARG A 65 -5.29 8.13 6.47
N PRO A 66 -6.05 7.17 7.02
CA PRO A 66 -6.15 5.83 6.43
C PRO A 66 -6.71 5.90 5.02
N TRP A 67 -6.01 5.31 4.08
CA TRP A 67 -6.43 5.34 2.70
C TRP A 67 -6.71 3.95 2.15
N CYS A 68 -7.26 3.91 0.95
CA CYS A 68 -7.58 2.66 0.29
C CYS A 68 -7.67 2.88 -1.22
N PHE A 69 -7.60 1.81 -1.98
CA PHE A 69 -7.74 1.91 -3.42
C PHE A 69 -9.22 1.95 -3.73
N THR A 70 -9.62 2.61 -4.80
CA THR A 70 -11.05 2.70 -5.11
C THR A 70 -11.43 1.74 -6.23
N THR A 71 -12.73 1.49 -6.35
CA THR A 71 -13.25 0.60 -7.38
C THR A 71 -13.37 1.32 -8.71
N ASP A 72 -13.09 2.62 -8.72
CA ASP A 72 -13.17 3.42 -9.93
C ASP A 72 -11.83 3.40 -10.65
N PRO A 73 -11.80 2.93 -11.91
CA PRO A 73 -10.58 2.88 -12.72
C PRO A 73 -9.92 4.24 -12.91
N ASN A 74 -10.69 5.31 -12.72
CA ASN A 74 -10.17 6.67 -12.90
C ASN A 74 -9.68 7.23 -11.57
N LYS A 75 -9.82 6.46 -10.51
CA LYS A 75 -9.37 6.89 -9.19
C LYS A 75 -8.55 5.78 -8.54
N ARG A 76 -7.23 5.97 -8.52
CA ARG A 76 -6.32 4.98 -7.95
C ARG A 76 -6.60 4.75 -6.46
N TRP A 77 -6.35 5.77 -5.64
CA TRP A 77 -6.55 5.65 -4.21
C TRP A 77 -7.07 6.95 -3.63
N GLU A 78 -7.69 6.86 -2.46
CA GLU A 78 -8.22 8.04 -1.80
C GLU A 78 -8.26 7.82 -0.29
N TYR A 79 -8.45 8.89 0.45
CA TYR A 79 -8.52 8.83 1.91
C TYR A 79 -9.94 8.53 2.37
N CYS A 80 -10.06 7.75 3.43
CA CYS A 80 -11.38 7.40 3.96
C CYS A 80 -11.75 8.34 5.10
N ASP A 81 -13.03 8.41 5.40
CA ASP A 81 -13.51 9.27 6.49
C ASP A 81 -13.80 8.45 7.73
N ILE A 82 -12.86 8.45 8.67
CA ILE A 82 -13.01 7.71 9.90
C ILE A 82 -13.20 8.67 11.07
N PRO A 83 -14.20 8.43 11.93
CA PRO A 83 -14.47 9.27 13.10
C PRO A 83 -13.30 9.30 14.09
N ARG A 84 -13.23 10.33 14.89
CA ARG A 84 -12.17 10.46 15.87
C ARG A 84 -12.68 10.09 17.26
N CYS A 85 -11.81 9.54 18.09
CA CYS A 85 -12.20 9.15 19.44
C CYS A 85 -12.09 10.34 20.39
N GLY B 1 25.32 -24.23 10.74
CA GLY B 1 26.74 -23.93 10.76
C GLY B 1 27.09 -22.80 9.81
N SER B 2 28.39 -22.58 9.62
CA SER B 2 28.85 -21.54 8.73
C SER B 2 28.98 -22.05 7.30
N LYS B 3 29.32 -23.33 7.17
CA LYS B 3 29.48 -23.95 5.86
C LYS B 3 28.10 -24.28 5.28
N THR B 4 27.20 -24.70 6.15
CA THR B 4 25.85 -25.04 5.74
C THR B 4 25.00 -23.80 5.55
N ILE B 5 24.60 -23.55 4.31
CA ILE B 5 23.78 -22.38 4.00
C ILE B 5 22.34 -22.60 4.43
N GLN B 6 21.91 -21.83 5.42
CA GLN B 6 20.55 -21.92 5.94
C GLN B 6 19.58 -21.14 5.05
N GLU B 7 18.47 -21.77 4.69
CA GLU B 7 17.46 -21.13 3.85
C GLU B 7 16.72 -20.05 4.62
N LYS B 8 16.29 -20.38 5.83
CA LYS B 8 15.58 -19.45 6.68
C LYS B 8 16.55 -18.53 7.40
N GLU B 9 16.19 -17.26 7.49
CA GLU B 9 17.02 -16.27 8.16
C GLU B 9 17.16 -16.61 9.65
N GLN B 10 18.32 -16.33 10.21
CA GLN B 10 18.57 -16.61 11.63
C GLN B 10 17.88 -15.57 12.48
N GLU B 11 17.91 -14.33 12.02
CA GLU B 11 17.28 -13.22 12.73
C GLU B 11 16.10 -12.71 11.94
N LEU B 12 14.95 -12.61 12.60
CA LEU B 12 13.74 -12.11 11.94
C LEU B 12 13.66 -10.60 12.09
N LYS B 13 13.51 -9.91 10.98
CA LYS B 13 13.42 -8.46 10.98
C LYS B 13 12.00 -8.00 11.32
N ASN B 14 11.90 -7.06 12.24
CA ASN B 14 10.61 -6.52 12.67
C ASN B 14 10.09 -5.49 11.67
N LEU B 15 8.83 -5.67 11.26
CA LEU B 15 8.21 -4.77 10.29
C LEU B 15 7.83 -3.43 10.92
N LYS B 16 7.49 -3.46 12.21
CA LYS B 16 7.09 -2.25 12.94
C LYS B 16 8.23 -1.24 13.01
N ASP B 17 9.43 -1.72 13.32
CA ASP B 17 10.60 -0.84 13.42
C ASP B 17 10.91 -0.19 12.08
N ASN B 18 10.58 -0.90 11.00
CA ASN B 18 10.80 -0.40 9.65
C ASN B 18 9.92 0.81 9.37
N VAL B 19 8.72 0.79 9.94
CA VAL B 19 7.76 1.87 9.76
C VAL B 19 8.26 3.14 10.43
N GLU B 20 9.02 2.99 11.50
CA GLU B 20 9.56 4.13 12.22
C GLU B 20 10.67 4.78 11.42
N LEU B 21 11.39 3.98 10.64
CA LEU B 21 12.47 4.49 9.80
C LEU B 21 11.87 5.26 8.63
N GLU B 22 10.72 4.78 8.17
CA GLU B 22 9.99 5.39 7.07
C GLU B 22 10.85 5.52 5.81
N ARG B 23 11.31 4.37 5.33
CA ARG B 23 12.13 4.30 4.13
C ARG B 23 11.28 4.56 2.86
N LEU B 24 9.97 4.45 3.00
CA LEU B 24 9.06 4.65 1.87
C LEU B 24 9.08 6.10 1.40
N LYS B 25 8.94 7.03 2.35
CA LYS B 25 8.96 8.47 2.07
C LYS B 25 7.79 8.89 1.19
N ASN B 26 6.71 8.10 1.22
CA ASN B 26 5.50 8.36 0.44
C ASN B 26 5.77 8.34 -1.07
N GLU B 27 6.99 8.01 -1.47
CA GLU B 27 7.37 7.97 -2.87
C GLU B 27 6.63 6.87 -3.61
N ARG B 28 6.64 5.66 -3.05
CA ARG B 28 5.94 4.53 -3.66
C ARG B 28 4.44 4.70 -3.58
N HIS B 29 4.01 5.52 -2.63
CA HIS B 29 2.59 5.82 -2.43
C HIS B 29 2.07 6.65 -3.59
N ASP B 30 2.86 7.64 -3.99
CA ASP B 30 2.49 8.51 -5.09
C ASP B 30 2.75 7.88 -6.44
N HIS B 31 3.93 7.28 -6.60
CA HIS B 31 4.29 6.66 -7.87
C HIS B 31 4.90 5.28 -7.68
N ASP B 32 4.27 4.29 -8.27
CA ASP B 32 4.75 2.92 -8.19
C ASP B 32 5.73 2.64 -9.34
N GLU B 33 6.02 3.69 -10.12
CA GLU B 33 6.95 3.58 -11.25
C GLU B 33 8.34 3.17 -10.76
N GLU B 34 8.67 3.58 -9.54
CA GLU B 34 9.96 3.26 -8.95
C GLU B 34 10.06 1.77 -8.64
N ALA B 35 8.92 1.17 -8.33
CA ALA B 35 8.87 -0.26 -8.02
C ALA B 35 9.17 -1.06 -9.28
N GLU B 36 8.73 -0.53 -10.41
CA GLU B 36 8.95 -1.17 -11.70
C GLU B 36 10.45 -1.20 -12.01
N ARG B 37 11.10 -0.06 -11.77
CA ARG B 37 12.54 0.07 -12.02
C ARG B 37 13.32 -0.79 -11.02
N LYS B 38 12.72 -0.99 -9.86
CA LYS B 38 13.35 -1.79 -8.81
C LYS B 38 13.27 -3.28 -9.17
N ALA B 39 12.17 -3.68 -9.80
CA ALA B 39 11.97 -5.07 -10.19
C ALA B 39 12.83 -5.43 -11.40
N LEU B 40 12.78 -4.58 -12.41
CA LEU B 40 13.55 -4.81 -13.63
C LEU B 40 15.03 -4.55 -13.39
N GLU B 41 15.88 -5.35 -14.00
CA GLU B 41 17.32 -5.20 -13.85
C GLU B 41 17.87 -4.29 -14.95
N ASP B 42 17.04 -4.02 -15.94
CA ASP B 42 17.40 -3.17 -17.06
C ASP B 42 16.17 -2.46 -17.61
N LYS B 43 16.37 -1.33 -18.24
CA LYS B 43 15.27 -0.55 -18.80
C LYS B 43 14.98 -0.98 -20.23
N LEU B 44 13.72 -0.86 -20.62
CA LEU B 44 13.28 -1.23 -21.95
C LEU B 44 13.88 -0.28 -22.99
N ALA B 45 14.35 -0.84 -24.10
CA ALA B 45 14.94 -0.04 -25.16
C ALA B 45 13.82 0.69 -25.91
N ASP B 46 12.63 0.14 -25.83
CA ASP B 46 11.46 0.72 -26.46
C ASP B 46 10.79 1.70 -25.51
N LYS B 47 9.79 2.42 -26.01
CA LYS B 47 9.08 3.40 -25.22
C LYS B 47 8.15 2.73 -24.21
N GLN B 48 8.20 3.18 -22.97
CA GLN B 48 7.35 2.64 -21.93
C GLN B 48 5.89 2.96 -22.23
N GLU B 49 5.06 1.93 -22.21
CA GLU B 49 3.63 2.11 -22.46
C GLU B 49 2.90 2.42 -21.17
N HIS B 50 3.33 1.76 -20.10
CA HIS B 50 2.76 1.93 -18.77
C HIS B 50 1.24 1.70 -18.79
N LEU B 51 0.46 2.70 -18.35
CA LEU B 51 -1.00 2.60 -18.28
C LEU B 51 -1.42 1.63 -17.17
N ASP B 52 -2.49 1.99 -16.46
CA ASP B 52 -2.98 1.14 -15.37
C ASP B 52 -3.66 -0.10 -15.94
N GLY B 53 -3.73 -1.14 -15.14
CA GLY B 53 -4.35 -2.38 -15.58
C GLY B 53 -5.74 -2.53 -14.99
N ALA B 54 -6.58 -1.53 -15.21
CA ALA B 54 -7.93 -1.54 -14.71
C ALA B 54 -8.84 -2.42 -15.55
N LEU B 55 -10.07 -2.62 -15.09
CA LEU B 55 -11.04 -3.44 -15.80
C LEU B 55 -11.81 -2.61 -16.82
N ARG B 56 -11.35 -1.40 -17.06
CA ARG B 56 -11.99 -0.51 -18.01
C ARG B 56 -10.96 0.10 -18.94
N TYR B 57 -10.11 0.97 -18.39
CA TYR B 57 -9.07 1.62 -19.18
C TYR B 57 -7.69 1.15 -18.72
N GLU A 6 -11.59 -0.79 17.56
CA GLU A 6 -12.17 0.55 17.51
C GLU A 6 -12.50 0.93 16.07
N GLU A 7 -13.67 1.55 15.89
CA GLU A 7 -14.11 1.98 14.57
C GLU A 7 -13.77 3.45 14.36
N CYS A 8 -13.17 4.07 15.37
CA CYS A 8 -12.79 5.47 15.30
C CYS A 8 -11.28 5.61 15.44
N MET A 9 -10.74 6.76 15.08
CA MET A 9 -9.31 7.00 15.17
C MET A 9 -8.99 7.93 16.34
N HIS A 10 -7.78 7.83 16.84
CA HIS A 10 -7.34 8.67 17.95
C HIS A 10 -6.41 9.77 17.46
N GLY A 11 -5.66 9.48 16.41
CA GLY A 11 -4.74 10.47 15.85
C GLY A 11 -4.74 10.45 14.33
N SER A 12 -4.10 9.45 13.75
CA SER A 12 -4.02 9.32 12.29
C SER A 12 -4.38 7.90 11.87
N GLY A 13 -5.10 7.20 12.75
CA GLY A 13 -5.50 5.83 12.48
C GLY A 13 -4.33 4.90 12.21
N GLU A 14 -3.27 5.05 12.98
CA GLU A 14 -2.08 4.21 12.83
C GLU A 14 -2.42 2.74 13.08
N ASN A 15 -2.91 2.45 14.28
CA ASN A 15 -3.28 1.09 14.64
C ASN A 15 -4.79 0.91 14.57
N TYR A 16 -5.39 1.45 13.52
CA TYR A 16 -6.83 1.37 13.32
C TYR A 16 -7.21 0.06 12.64
N ASP A 17 -8.21 -0.61 13.18
CA ASP A 17 -8.69 -1.88 12.62
C ASP A 17 -10.21 -1.92 12.68
N GLY A 18 -10.84 -1.10 11.85
CA GLY A 18 -12.28 -1.03 11.81
C GLY A 18 -12.84 -1.69 10.56
N LYS A 19 -14.13 -1.51 10.33
CA LYS A 19 -14.80 -2.11 9.17
C LYS A 19 -15.16 -1.08 8.11
N ILE A 20 -14.65 0.13 8.23
CA ILE A 20 -14.93 1.15 7.22
C ILE A 20 -14.25 0.77 5.90
N SER A 21 -15.06 0.59 4.86
CA SER A 21 -14.55 0.21 3.56
C SER A 21 -15.00 1.19 2.46
N LYS A 22 -15.12 2.46 2.82
CA LYS A 22 -15.53 3.47 1.86
C LYS A 22 -14.74 4.76 2.08
N THR A 23 -14.32 5.36 0.97
CA THR A 23 -13.55 6.59 1.00
C THR A 23 -14.42 7.80 1.35
N MET A 24 -13.77 8.95 1.54
CA MET A 24 -14.47 10.19 1.86
C MET A 24 -15.30 10.66 0.66
N SER A 25 -14.91 10.19 -0.53
CA SER A 25 -15.59 10.55 -1.76
C SER A 25 -16.83 9.66 -1.97
N GLY A 26 -16.99 8.66 -1.12
CA GLY A 26 -18.12 7.77 -1.22
C GLY A 26 -17.84 6.60 -2.15
N LEU A 27 -16.58 6.39 -2.49
CA LEU A 27 -16.19 5.30 -3.37
C LEU A 27 -15.86 4.06 -2.55
N GLU A 28 -16.33 2.91 -3.03
CA GLU A 28 -16.08 1.65 -2.36
C GLU A 28 -14.60 1.27 -2.48
N CYS A 29 -14.00 0.87 -1.36
CA CYS A 29 -12.60 0.50 -1.34
C CYS A 29 -12.35 -0.83 -2.05
N GLN A 30 -11.17 -0.94 -2.65
CA GLN A 30 -10.76 -2.14 -3.35
C GLN A 30 -10.08 -3.10 -2.37
N ALA A 31 -10.36 -4.39 -2.55
CA ALA A 31 -9.78 -5.42 -1.70
C ALA A 31 -8.25 -5.41 -1.81
N TRP A 32 -7.58 -5.37 -0.67
CA TRP A 32 -6.12 -5.35 -0.63
C TRP A 32 -5.54 -6.61 -1.29
N ASP A 33 -6.22 -7.73 -1.07
CA ASP A 33 -5.81 -9.00 -1.65
C ASP A 33 -6.12 -9.08 -3.15
N SER A 34 -6.74 -8.03 -3.67
CA SER A 34 -7.10 -7.97 -5.07
C SER A 34 -6.23 -6.94 -5.79
N GLN A 35 -5.89 -7.24 -7.04
CA GLN A 35 -5.07 -6.34 -7.84
C GLN A 35 -5.94 -5.71 -8.92
N SER A 36 -7.24 -5.85 -8.75
CA SER A 36 -8.20 -5.28 -9.68
C SER A 36 -9.08 -4.27 -8.96
N PRO A 37 -9.31 -3.10 -9.57
CA PRO A 37 -8.76 -2.74 -10.87
C PRO A 37 -7.39 -2.05 -10.80
N HIS A 38 -6.88 -1.84 -9.59
CA HIS A 38 -5.59 -1.19 -9.42
C HIS A 38 -4.57 -2.14 -8.82
N ALA A 39 -3.50 -2.39 -9.55
CA ALA A 39 -2.43 -3.26 -9.08
C ALA A 39 -1.47 -2.45 -8.21
N HIS A 40 -1.27 -2.90 -6.99
CA HIS A 40 -0.41 -2.19 -6.05
C HIS A 40 0.64 -3.11 -5.44
N GLY A 41 1.40 -2.59 -4.50
CA GLY A 41 2.44 -3.37 -3.85
C GLY A 41 2.19 -3.59 -2.38
N TYR A 42 0.99 -3.27 -1.91
CA TYR A 42 0.64 -3.45 -0.51
C TYR A 42 -0.02 -4.79 -0.30
N ILE A 43 0.74 -5.85 -0.58
CA ILE A 43 0.26 -7.21 -0.44
C ILE A 43 0.07 -7.58 1.03
N PRO A 44 -1.13 -8.03 1.42
CA PRO A 44 -1.43 -8.42 2.80
C PRO A 44 -0.49 -9.52 3.31
N SER A 45 -0.10 -10.41 2.40
CA SER A 45 0.80 -11.50 2.72
C SER A 45 2.23 -10.99 2.95
N LYS A 46 2.52 -9.79 2.49
CA LYS A 46 3.83 -9.20 2.66
C LYS A 46 3.86 -8.32 3.90
N PHE A 47 2.71 -7.73 4.21
CA PHE A 47 2.59 -6.86 5.39
C PHE A 47 1.45 -7.35 6.29
N PRO A 48 1.67 -8.48 7.00
CA PRO A 48 0.65 -9.06 7.88
C PRO A 48 0.49 -8.29 9.18
N ASN A 49 1.42 -7.39 9.46
CA ASN A 49 1.37 -6.60 10.69
C ASN A 49 0.68 -5.25 10.48
N LYS A 50 -0.14 -5.16 9.45
CA LYS A 50 -0.86 -3.91 9.18
C LYS A 50 -2.36 -4.13 9.13
N ASN A 51 -2.78 -5.37 9.41
CA ASN A 51 -4.20 -5.74 9.42
C ASN A 51 -4.93 -5.33 8.15
N LEU A 52 -4.38 -5.71 7.00
CA LEU A 52 -4.98 -5.40 5.72
C LEU A 52 -6.08 -6.43 5.41
N LYS A 53 -7.23 -6.24 6.06
CA LYS A 53 -8.35 -7.14 5.90
C LYS A 53 -9.31 -6.68 4.81
N LYS A 54 -9.66 -7.61 3.93
CA LYS A 54 -10.60 -7.35 2.84
C LYS A 54 -10.30 -6.05 2.10
N ASN A 55 -11.21 -5.09 2.24
CA ASN A 55 -11.06 -3.80 1.60
C ASN A 55 -11.28 -2.69 2.61
N TYR A 56 -11.01 -2.97 3.87
CA TYR A 56 -11.18 -1.98 4.92
C TYR A 56 -10.04 -0.96 4.89
N CYS A 57 -10.38 0.30 5.17
CA CYS A 57 -9.40 1.38 5.18
C CYS A 57 -8.36 1.16 6.27
N ARG A 58 -7.09 1.25 5.90
CA ARG A 58 -6.00 1.05 6.84
C ARG A 58 -4.89 2.08 6.61
N ASN A 59 -3.90 2.07 7.49
CA ASN A 59 -2.76 2.98 7.37
C ASN A 59 -1.48 2.16 7.32
N PRO A 60 -1.04 1.78 6.10
CA PRO A 60 0.15 0.97 5.90
C PRO A 60 1.45 1.76 5.69
N ASP A 61 1.33 3.02 5.29
CA ASP A 61 2.53 3.84 5.03
C ASP A 61 2.66 4.99 6.02
N ARG A 62 1.91 4.91 7.11
CA ARG A 62 1.94 5.92 8.17
C ARG A 62 1.53 7.29 7.64
N ASP A 63 0.44 7.33 6.90
CA ASP A 63 -0.06 8.59 6.35
C ASP A 63 -0.80 9.37 7.43
N LEU A 64 -1.36 10.51 7.08
CA LEU A 64 -2.07 11.36 8.03
C LEU A 64 -3.50 10.87 8.20
N ARG A 65 -4.00 10.16 7.21
CA ARG A 65 -5.36 9.64 7.24
C ARG A 65 -5.40 8.25 6.62
N PRO A 66 -6.09 7.30 7.26
CA PRO A 66 -6.23 5.94 6.71
C PRO A 66 -6.87 5.99 5.33
N TRP A 67 -6.26 5.33 4.37
CA TRP A 67 -6.76 5.34 3.01
C TRP A 67 -7.04 3.94 2.49
N CYS A 68 -7.48 3.89 1.24
CA CYS A 68 -7.78 2.64 0.56
C CYS A 68 -7.85 2.89 -0.94
N PHE A 69 -7.74 1.83 -1.72
CA PHE A 69 -7.84 1.97 -3.17
C PHE A 69 -9.31 1.99 -3.53
N THR A 70 -9.67 2.58 -4.65
CA THR A 70 -11.08 2.64 -5.02
C THR A 70 -11.41 1.60 -6.08
N THR A 71 -12.70 1.29 -6.20
CA THR A 71 -13.15 0.31 -7.18
C THR A 71 -13.35 0.97 -8.55
N ASP A 72 -12.99 2.25 -8.63
CA ASP A 72 -13.12 3.00 -9.87
C ASP A 72 -11.77 3.06 -10.58
N PRO A 73 -11.70 2.51 -11.81
CA PRO A 73 -10.45 2.49 -12.60
C PRO A 73 -9.89 3.89 -12.89
N ASN A 74 -10.71 4.92 -12.69
CA ASN A 74 -10.28 6.29 -12.93
C ASN A 74 -9.74 6.94 -11.66
N LYS A 75 -9.76 6.21 -10.57
CA LYS A 75 -9.28 6.72 -9.29
C LYS A 75 -8.49 5.64 -8.57
N ARG A 76 -7.18 5.82 -8.49
CA ARG A 76 -6.32 4.83 -7.84
C ARG A 76 -6.68 4.63 -6.37
N TRP A 77 -6.46 5.65 -5.56
CA TRP A 77 -6.76 5.54 -4.14
C TRP A 77 -7.24 6.87 -3.57
N GLU A 78 -7.93 6.80 -2.45
CA GLU A 78 -8.47 7.97 -1.78
C GLU A 78 -8.40 7.77 -0.28
N TYR A 79 -8.61 8.84 0.48
CA TYR A 79 -8.57 8.77 1.93
C TYR A 79 -9.98 8.51 2.47
N CYS A 80 -10.05 7.77 3.56
CA CYS A 80 -11.33 7.46 4.18
C CYS A 80 -11.62 8.40 5.33
N ASP A 81 -12.84 8.90 5.39
CA ASP A 81 -13.24 9.82 6.45
C ASP A 81 -13.73 9.06 7.67
N ILE A 82 -12.79 8.70 8.52
CA ILE A 82 -13.09 7.96 9.74
C ILE A 82 -13.22 8.93 10.92
N PRO A 83 -14.29 8.80 11.72
CA PRO A 83 -14.51 9.67 12.89
C PRO A 83 -13.45 9.46 13.96
N ARG A 84 -13.27 10.47 14.81
CA ARG A 84 -12.30 10.41 15.88
C ARG A 84 -13.00 10.09 17.19
N CYS A 85 -12.28 9.45 18.11
CA CYS A 85 -12.86 9.09 19.41
C CYS A 85 -12.73 10.25 20.39
N GLY B 1 20.26 -27.89 14.87
CA GLY B 1 19.80 -28.39 13.59
C GLY B 1 20.10 -27.42 12.46
N SER B 2 21.21 -26.71 12.59
CA SER B 2 21.62 -25.73 11.58
C SER B 2 22.11 -26.42 10.32
N LYS B 3 22.63 -27.64 10.47
CA LYS B 3 23.13 -28.39 9.33
C LYS B 3 21.98 -28.88 8.44
N THR B 4 20.80 -28.93 9.01
CA THR B 4 19.62 -29.38 8.27
C THR B 4 18.76 -28.20 7.84
N ILE B 5 18.63 -28.03 6.53
CA ILE B 5 17.84 -26.94 5.98
C ILE B 5 16.36 -27.31 5.97
N GLN B 6 15.63 -26.80 6.95
CA GLN B 6 14.20 -27.09 7.05
C GLN B 6 13.40 -25.98 6.38
N GLU B 7 12.08 -26.16 6.31
CA GLU B 7 11.23 -25.15 5.70
C GLU B 7 11.15 -23.91 6.58
N LYS B 8 11.00 -24.13 7.87
CA LYS B 8 10.92 -23.03 8.82
C LYS B 8 12.29 -22.36 8.96
N GLU B 9 12.34 -21.08 8.62
CA GLU B 9 13.58 -20.33 8.71
C GLU B 9 14.02 -20.21 10.17
N GLN B 10 15.32 -20.26 10.38
CA GLN B 10 15.88 -20.20 11.72
C GLN B 10 15.58 -18.87 12.39
N GLU B 11 15.91 -17.77 11.73
CA GLU B 11 15.68 -16.45 12.29
C GLU B 11 14.66 -15.67 11.46
N LEU B 12 13.72 -15.05 12.14
CA LEU B 12 12.68 -14.28 11.49
C LEU B 12 13.02 -12.79 11.57
N LYS B 13 12.55 -12.03 10.59
CA LYS B 13 12.82 -10.60 10.56
C LYS B 13 11.63 -9.83 11.13
N ASN B 14 11.92 -8.70 11.75
CA ASN B 14 10.89 -7.86 12.35
C ASN B 14 10.44 -6.78 11.37
N LEU B 15 9.18 -6.79 11.00
CA LEU B 15 8.64 -5.80 10.08
C LEU B 15 8.51 -4.45 10.76
N LYS B 16 8.31 -4.47 12.08
CA LYS B 16 8.18 -3.25 12.86
C LYS B 16 9.44 -2.40 12.75
N ASP B 17 10.59 -3.05 12.88
CA ASP B 17 11.89 -2.38 12.79
C ASP B 17 12.04 -1.69 11.45
N ASN B 18 11.46 -2.29 10.42
CA ASN B 18 11.51 -1.76 9.06
C ASN B 18 10.66 -0.50 8.93
N VAL B 19 9.49 -0.51 9.58
CA VAL B 19 8.57 0.61 9.52
C VAL B 19 9.12 1.79 10.32
N GLU B 20 9.78 1.49 11.43
CA GLU B 20 10.35 2.53 12.30
C GLU B 20 11.47 3.29 11.61
N LEU B 21 12.01 2.71 10.54
CA LEU B 21 13.08 3.35 9.79
C LEU B 21 12.49 4.30 8.75
N GLU B 22 11.21 4.08 8.42
CA GLU B 22 10.48 4.90 7.46
C GLU B 22 11.20 4.97 6.11
N ARG B 23 11.58 3.81 5.59
CA ARG B 23 12.29 3.73 4.32
C ARG B 23 11.36 3.97 3.14
N LEU B 24 10.07 3.72 3.34
CA LEU B 24 9.07 3.90 2.27
C LEU B 24 8.97 5.36 1.87
N LYS B 25 8.96 6.25 2.86
CA LYS B 25 8.87 7.70 2.62
C LYS B 25 7.59 8.08 1.88
N ASN B 26 6.65 7.13 1.82
CA ASN B 26 5.37 7.32 1.14
C ASN B 26 5.55 7.50 -0.37
N GLU B 27 6.78 7.34 -0.86
CA GLU B 27 7.07 7.49 -2.29
C GLU B 27 6.30 6.46 -3.09
N ARG B 28 6.27 5.22 -2.59
CA ARG B 28 5.55 4.13 -3.24
C ARG B 28 4.04 4.37 -3.18
N HIS B 29 3.62 5.17 -2.21
CA HIS B 29 2.21 5.50 -2.03
C HIS B 29 1.77 6.40 -3.17
N ASP B 30 2.66 7.29 -3.59
CA ASP B 30 2.38 8.21 -4.67
C ASP B 30 2.66 7.57 -6.03
N HIS B 31 3.80 6.89 -6.13
CA HIS B 31 4.19 6.23 -7.36
C HIS B 31 4.94 4.94 -7.05
N ASP B 32 4.31 3.81 -7.36
CA ASP B 32 4.92 2.52 -7.09
C ASP B 32 5.63 1.97 -8.33
N GLU B 33 5.87 2.83 -9.32
CA GLU B 33 6.54 2.42 -10.55
C GLU B 33 7.98 2.00 -10.25
N GLU B 34 8.53 2.53 -9.17
CA GLU B 34 9.89 2.20 -8.77
C GLU B 34 9.98 0.75 -8.30
N ALA B 35 8.85 0.21 -7.87
CA ALA B 35 8.79 -1.18 -7.40
C ALA B 35 9.00 -2.12 -8.57
N GLU B 36 8.39 -1.79 -9.70
CA GLU B 36 8.51 -2.59 -10.91
C GLU B 36 9.95 -2.53 -11.41
N ARG B 37 10.56 -1.35 -11.30
CA ARG B 37 11.94 -1.16 -11.73
C ARG B 37 12.89 -1.97 -10.85
N LYS B 38 12.53 -2.14 -9.59
CA LYS B 38 13.34 -2.91 -8.65
C LYS B 38 13.16 -4.41 -8.89
N ALA B 39 11.91 -4.78 -9.18
CA ALA B 39 11.58 -6.19 -9.42
C ALA B 39 12.24 -6.69 -10.71
N LEU B 40 12.46 -5.79 -11.65
CA LEU B 40 13.08 -6.15 -12.92
C LEU B 40 14.59 -5.98 -12.83
N GLU B 41 15.31 -6.73 -13.65
CA GLU B 41 16.76 -6.65 -13.67
C GLU B 41 17.20 -5.54 -14.61
N ASP B 42 16.41 -5.34 -15.65
CA ASP B 42 16.68 -4.32 -16.65
C ASP B 42 15.36 -3.84 -17.24
N LYS B 43 15.35 -2.65 -17.81
CA LYS B 43 14.15 -2.10 -18.40
C LYS B 43 14.08 -2.46 -19.87
N LEU B 44 12.88 -2.78 -20.34
CA LEU B 44 12.64 -3.16 -21.72
C LEU B 44 13.16 -2.11 -22.70
N ALA B 45 13.69 -2.58 -23.82
CA ALA B 45 14.23 -1.70 -24.84
C ALA B 45 13.13 -1.06 -25.66
N ASP B 46 11.98 -1.75 -25.74
CA ASP B 46 10.85 -1.26 -26.51
C ASP B 46 9.87 -0.50 -25.61
N LYS B 47 8.89 0.13 -26.23
CA LYS B 47 7.88 0.89 -25.51
C LYS B 47 7.02 -0.03 -24.65
N GLN B 48 7.07 0.18 -23.35
CA GLN B 48 6.31 -0.63 -22.42
C GLN B 48 4.83 -0.24 -22.46
N GLU B 49 3.96 -1.22 -22.32
CA GLU B 49 2.51 -0.96 -22.36
C GLU B 49 2.04 -0.37 -21.04
N HIS B 50 2.43 -1.04 -19.95
CA HIS B 50 2.05 -0.64 -18.60
C HIS B 50 0.53 -0.74 -18.43
N LEU B 51 -0.14 0.40 -18.27
CA LEU B 51 -1.59 0.45 -18.08
C LEU B 51 -2.01 -0.22 -16.76
N ASP B 52 -3.17 0.16 -16.25
CA ASP B 52 -3.67 -0.41 -15.01
C ASP B 52 -4.28 -1.78 -15.25
N GLY B 53 -4.80 -2.39 -14.20
CA GLY B 53 -5.39 -3.70 -14.33
C GLY B 53 -6.91 -3.65 -14.23
N ALA B 54 -7.50 -2.72 -14.97
CA ALA B 54 -8.94 -2.55 -14.98
C ALA B 54 -9.63 -3.76 -15.57
N LEU B 55 -10.88 -3.97 -15.17
CA LEU B 55 -11.67 -5.10 -15.66
C LEU B 55 -12.54 -4.67 -16.83
N ARG B 56 -12.16 -3.56 -17.45
CA ARG B 56 -12.89 -3.03 -18.60
C ARG B 56 -11.95 -2.47 -19.65
N TYR B 57 -10.71 -2.21 -19.26
CA TYR B 57 -9.70 -1.67 -20.16
C TYR B 57 -8.31 -2.17 -19.76
N GLU A 6 -11.42 -0.59 17.41
CA GLU A 6 -12.08 0.70 17.49
C GLU A 6 -12.47 1.18 16.10
N GLU A 7 -13.66 1.76 15.99
CA GLU A 7 -14.15 2.26 14.70
C GLU A 7 -13.84 3.74 14.56
N CYS A 8 -13.07 4.27 15.50
CA CYS A 8 -12.69 5.66 15.50
C CYS A 8 -11.18 5.78 15.62
N MET A 9 -10.62 6.89 15.18
CA MET A 9 -9.19 7.10 15.25
C MET A 9 -8.83 8.08 16.35
N HIS A 10 -7.67 7.87 16.97
CA HIS A 10 -7.21 8.74 18.04
C HIS A 10 -6.25 9.78 17.48
N GLY A 11 -5.52 9.39 16.44
CA GLY A 11 -4.57 10.29 15.82
C GLY A 11 -4.63 10.24 14.31
N SER A 12 -3.93 9.30 13.70
CA SER A 12 -3.90 9.17 12.25
C SER A 12 -4.39 7.79 11.83
N GLY A 13 -5.16 7.13 12.69
CA GLY A 13 -5.67 5.81 12.38
C GLY A 13 -4.57 4.78 12.18
N GLU A 14 -3.49 4.91 12.94
CA GLU A 14 -2.37 3.99 12.83
C GLU A 14 -2.75 2.59 13.29
N ASN A 15 -3.37 2.51 14.46
CA ASN A 15 -3.78 1.22 15.02
C ASN A 15 -5.26 0.96 14.77
N TYR A 16 -5.85 1.74 13.87
CA TYR A 16 -7.26 1.60 13.55
C TYR A 16 -7.56 0.29 12.82
N ASP A 17 -8.38 -0.54 13.44
CA ASP A 17 -8.78 -1.81 12.84
C ASP A 17 -10.30 -1.87 12.78
N GLY A 18 -10.87 -0.94 12.05
CA GLY A 18 -12.31 -0.88 11.92
C GLY A 18 -12.81 -1.64 10.71
N LYS A 19 -14.06 -1.42 10.35
CA LYS A 19 -14.66 -2.12 9.21
C LYS A 19 -15.07 -1.15 8.11
N ILE A 20 -14.60 0.09 8.19
CA ILE A 20 -14.92 1.09 7.17
C ILE A 20 -14.23 0.72 5.86
N SER A 21 -15.02 0.65 4.78
CA SER A 21 -14.48 0.30 3.47
C SER A 21 -14.97 1.27 2.41
N LYS A 22 -15.14 2.53 2.79
CA LYS A 22 -15.61 3.55 1.87
C LYS A 22 -14.75 4.80 1.96
N THR A 23 -14.38 5.34 0.80
CA THR A 23 -13.57 6.54 0.73
C THR A 23 -14.34 7.77 1.21
N MET A 24 -13.64 8.89 1.31
CA MET A 24 -14.28 10.14 1.75
C MET A 24 -15.26 10.62 0.69
N SER A 25 -15.04 10.21 -0.56
CA SER A 25 -15.92 10.59 -1.65
C SER A 25 -17.18 9.73 -1.63
N GLY A 26 -17.02 8.48 -1.20
CA GLY A 26 -18.16 7.58 -1.13
C GLY A 26 -18.02 6.39 -2.07
N LEU A 27 -16.78 5.98 -2.33
CA LEU A 27 -16.52 4.85 -3.20
C LEU A 27 -16.11 3.64 -2.38
N GLU A 28 -16.47 2.45 -2.84
CA GLU A 28 -16.11 1.23 -2.15
C GLU A 28 -14.63 0.93 -2.35
N CYS A 29 -13.93 0.65 -1.27
CA CYS A 29 -12.52 0.36 -1.34
C CYS A 29 -12.25 -0.99 -2.01
N GLN A 30 -11.14 -1.06 -2.72
CA GLN A 30 -10.74 -2.28 -3.40
C GLN A 30 -10.05 -3.21 -2.43
N ALA A 31 -10.40 -4.49 -2.50
CA ALA A 31 -9.81 -5.50 -1.63
C ALA A 31 -8.29 -5.49 -1.78
N TRP A 32 -7.59 -5.51 -0.66
CA TRP A 32 -6.12 -5.50 -0.65
C TRP A 32 -5.57 -6.73 -1.37
N ASP A 33 -6.25 -7.86 -1.21
CA ASP A 33 -5.83 -9.10 -1.86
C ASP A 33 -6.18 -9.10 -3.35
N SER A 34 -6.89 -8.05 -3.79
CA SER A 34 -7.28 -7.91 -5.17
C SER A 34 -6.33 -6.95 -5.89
N GLN A 35 -6.03 -7.27 -7.15
CA GLN A 35 -5.15 -6.42 -7.95
C GLN A 35 -5.92 -5.75 -9.08
N SER A 36 -7.23 -5.72 -8.91
CA SER A 36 -8.12 -5.10 -9.87
C SER A 36 -9.08 -4.15 -9.16
N PRO A 37 -9.39 -3.00 -9.79
CA PRO A 37 -8.85 -2.64 -11.09
C PRO A 37 -7.47 -1.99 -11.02
N HIS A 38 -6.99 -1.75 -9.81
CA HIS A 38 -5.69 -1.12 -9.63
C HIS A 38 -4.68 -2.07 -8.99
N ALA A 39 -3.52 -2.20 -9.60
CA ALA A 39 -2.46 -3.04 -9.08
C ALA A 39 -1.66 -2.27 -8.05
N HIS A 40 -1.05 -2.96 -7.11
CA HIS A 40 -0.27 -2.31 -6.06
C HIS A 40 0.73 -3.27 -5.43
N GLY A 41 1.37 -2.83 -4.35
CA GLY A 41 2.34 -3.66 -3.68
C GLY A 41 2.05 -3.81 -2.20
N TYR A 42 0.84 -3.45 -1.79
CA TYR A 42 0.43 -3.54 -0.40
C TYR A 42 -0.28 -4.86 -0.18
N ILE A 43 0.44 -5.94 -0.47
CA ILE A 43 -0.10 -7.29 -0.33
C ILE A 43 -0.22 -7.68 1.14
N PRO A 44 -1.39 -8.23 1.54
CA PRO A 44 -1.62 -8.66 2.93
C PRO A 44 -0.60 -9.68 3.41
N SER A 45 -0.04 -10.45 2.47
CA SER A 45 0.97 -11.45 2.80
C SER A 45 2.34 -10.79 2.97
N LYS A 46 2.47 -9.59 2.41
CA LYS A 46 3.71 -8.84 2.49
C LYS A 46 3.74 -8.01 3.76
N PHE A 47 2.57 -7.51 4.15
CA PHE A 47 2.41 -6.72 5.36
C PHE A 47 1.35 -7.36 6.26
N PRO A 48 1.67 -8.52 6.86
CA PRO A 48 0.72 -9.26 7.71
C PRO A 48 0.47 -8.60 9.06
N ASN A 49 1.32 -7.64 9.42
CA ASN A 49 1.17 -6.97 10.70
C ASN A 49 0.59 -5.57 10.54
N LYS A 50 -0.03 -5.30 9.39
CA LYS A 50 -0.62 -4.00 9.15
C LYS A 50 -2.15 -4.09 9.10
N ASN A 51 -2.66 -5.29 9.38
CA ASN A 51 -4.10 -5.55 9.42
C ASN A 51 -4.80 -5.22 8.10
N LEU A 52 -4.19 -5.57 6.98
CA LEU A 52 -4.79 -5.34 5.68
C LEU A 52 -5.81 -6.43 5.39
N LYS A 53 -7.01 -6.27 5.94
CA LYS A 53 -8.07 -7.25 5.79
C LYS A 53 -9.14 -6.78 4.82
N LYS A 54 -9.52 -7.68 3.91
CA LYS A 54 -10.57 -7.43 2.92
C LYS A 54 -10.30 -6.13 2.16
N ASN A 55 -11.21 -5.18 2.29
CA ASN A 55 -11.09 -3.89 1.62
C ASN A 55 -11.23 -2.77 2.65
N TYR A 56 -10.89 -3.08 3.88
CA TYR A 56 -10.99 -2.10 4.96
C TYR A 56 -9.89 -1.05 4.86
N CYS A 57 -10.23 0.20 5.14
CA CYS A 57 -9.27 1.30 5.09
C CYS A 57 -8.24 1.15 6.19
N ARG A 58 -6.96 1.30 5.82
CA ARG A 58 -5.87 1.17 6.79
C ARG A 58 -4.78 2.19 6.52
N ASN A 59 -3.89 2.34 7.48
CA ASN A 59 -2.76 3.26 7.35
C ASN A 59 -1.46 2.48 7.50
N PRO A 60 -0.92 1.95 6.39
CA PRO A 60 0.30 1.15 6.38
C PRO A 60 1.57 1.93 6.06
N ASP A 61 1.44 3.18 5.65
CA ASP A 61 2.62 3.99 5.28
C ASP A 61 2.75 5.23 6.15
N ARG A 62 2.09 5.22 7.30
CA ARG A 62 2.14 6.32 8.26
C ARG A 62 1.65 7.64 7.68
N ASP A 63 0.58 7.59 6.91
CA ASP A 63 0.00 8.79 6.33
C ASP A 63 -0.78 9.54 7.42
N LEU A 64 -1.44 10.62 7.04
CA LEU A 64 -2.21 11.42 7.99
C LEU A 64 -3.60 10.84 8.22
N ARG A 65 -4.07 10.05 7.26
CA ARG A 65 -5.38 9.44 7.34
C ARG A 65 -5.37 8.08 6.66
N PRO A 66 -6.08 7.07 7.21
CA PRO A 66 -6.16 5.75 6.60
C PRO A 66 -6.77 5.84 5.21
N TRP A 67 -6.13 5.19 4.25
CA TRP A 67 -6.59 5.24 2.87
C TRP A 67 -6.89 3.84 2.34
N CYS A 68 -7.31 3.81 1.09
CA CYS A 68 -7.63 2.56 0.41
C CYS A 68 -7.71 2.81 -1.09
N PHE A 69 -7.66 1.75 -1.87
CA PHE A 69 -7.79 1.88 -3.31
C PHE A 69 -9.27 1.90 -3.63
N THR A 70 -9.67 2.58 -4.69
CA THR A 70 -11.08 2.64 -5.02
C THR A 70 -11.43 1.63 -6.10
N THR A 71 -12.71 1.39 -6.28
CA THR A 71 -13.18 0.46 -7.28
C THR A 71 -13.40 1.16 -8.61
N ASP A 72 -12.97 2.41 -8.68
CA ASP A 72 -13.10 3.21 -9.90
C ASP A 72 -11.79 3.24 -10.66
N PRO A 73 -11.82 2.88 -11.96
CA PRO A 73 -10.60 2.83 -12.81
C PRO A 73 -9.89 4.18 -12.97
N ASN A 74 -10.51 5.27 -12.54
CA ASN A 74 -9.89 6.58 -12.65
C ASN A 74 -9.17 6.96 -11.36
N LYS A 75 -9.87 6.80 -10.24
CA LYS A 75 -9.29 7.11 -8.94
C LYS A 75 -8.57 5.88 -8.38
N ARG A 76 -7.25 5.92 -8.36
CA ARG A 76 -6.47 4.79 -7.86
C ARG A 76 -6.70 4.58 -6.37
N TRP A 77 -6.42 5.62 -5.58
CA TRP A 77 -6.59 5.53 -4.14
C TRP A 77 -7.08 6.85 -3.57
N GLU A 78 -7.68 6.78 -2.40
CA GLU A 78 -8.20 7.95 -1.73
C GLU A 78 -8.24 7.70 -0.22
N TYR A 79 -8.42 8.75 0.55
CA TYR A 79 -8.49 8.62 1.99
C TYR A 79 -9.92 8.36 2.44
N CYS A 80 -10.08 7.60 3.51
CA CYS A 80 -11.40 7.27 4.01
C CYS A 80 -11.80 8.20 5.14
N ASP A 81 -13.07 8.57 5.17
CA ASP A 81 -13.60 9.44 6.20
C ASP A 81 -13.97 8.63 7.43
N ILE A 82 -13.07 8.59 8.40
CA ILE A 82 -13.29 7.83 9.62
C ILE A 82 -13.40 8.76 10.82
N PRO A 83 -14.39 8.53 11.70
CA PRO A 83 -14.60 9.33 12.91
C PRO A 83 -13.39 9.36 13.83
N ARG A 84 -13.27 10.42 14.62
CA ARG A 84 -12.15 10.56 15.54
C ARG A 84 -12.67 10.58 16.97
N CYS A 85 -11.92 9.97 17.87
CA CYS A 85 -12.31 9.90 19.27
C CYS A 85 -11.12 10.25 20.17
N GLY B 1 22.55 -28.94 16.56
CA GLY B 1 23.79 -28.70 15.86
C GLY B 1 23.63 -27.71 14.74
N SER B 2 24.72 -27.04 14.38
CA SER B 2 24.70 -26.05 13.30
C SER B 2 24.49 -26.71 11.95
N LYS B 3 25.02 -27.93 11.80
CA LYS B 3 24.91 -28.68 10.56
C LYS B 3 23.44 -28.97 10.24
N THR B 4 22.68 -29.31 11.28
CA THR B 4 21.27 -29.59 11.12
C THR B 4 20.46 -28.30 11.14
N ILE B 5 20.27 -27.71 9.97
CA ILE B 5 19.54 -26.46 9.86
C ILE B 5 18.05 -26.71 9.69
N GLN B 6 17.26 -26.17 10.61
CA GLN B 6 15.82 -26.32 10.57
C GLN B 6 15.20 -25.16 9.82
N GLU B 7 13.89 -25.17 9.67
CA GLU B 7 13.19 -24.10 8.97
C GLU B 7 12.73 -23.03 9.95
N LYS B 8 12.86 -23.33 11.25
CA LYS B 8 12.46 -22.39 12.29
C LYS B 8 13.52 -21.31 12.46
N GLU B 9 13.10 -20.06 12.40
CA GLU B 9 14.01 -18.94 12.56
C GLU B 9 14.35 -18.73 14.02
N GLN B 10 15.52 -18.16 14.26
CA GLN B 10 15.98 -17.91 15.63
C GLN B 10 15.31 -16.67 16.19
N GLU B 11 15.35 -15.57 15.44
CA GLU B 11 14.76 -14.32 15.86
C GLU B 11 13.81 -13.78 14.80
N LEU B 12 12.99 -12.81 15.19
CA LEU B 12 12.04 -12.20 14.28
C LEU B 12 12.24 -10.68 14.27
N LYS B 13 12.12 -10.08 13.11
CA LYS B 13 12.28 -8.63 12.98
C LYS B 13 11.01 -7.91 13.41
N ASN B 14 11.18 -6.77 14.04
CA ASN B 14 10.06 -5.97 14.50
C ASN B 14 9.73 -4.89 13.48
N LEU B 15 8.52 -4.95 12.92
CA LEU B 15 8.10 -3.98 11.92
C LEU B 15 7.66 -2.69 12.61
N LYS B 16 7.24 -2.79 13.86
CA LYS B 16 6.79 -1.63 14.62
C LYS B 16 7.90 -0.58 14.73
N ASP B 17 9.14 -1.06 14.82
CA ASP B 17 10.29 -0.17 14.90
C ASP B 17 10.54 0.53 13.58
N ASN B 18 10.17 -0.14 12.50
CA ASN B 18 10.34 0.39 11.16
C ASN B 18 9.25 1.43 10.87
N VAL B 19 8.12 1.30 11.56
CA VAL B 19 7.00 2.21 11.39
C VAL B 19 7.38 3.64 11.81
N GLU B 20 8.13 3.75 12.91
CA GLU B 20 8.54 5.05 13.41
C GLU B 20 9.62 5.66 12.52
N LEU B 21 10.34 4.81 11.79
CA LEU B 21 11.40 5.26 10.90
C LEU B 21 10.78 5.72 9.59
N GLU B 22 9.89 4.90 9.05
CA GLU B 22 9.20 5.17 7.80
C GLU B 22 10.17 5.41 6.64
N ARG B 23 10.74 4.34 6.14
CA ARG B 23 11.67 4.41 5.02
C ARG B 23 10.91 4.56 3.70
N LEU B 24 9.62 4.24 3.72
CA LEU B 24 8.79 4.34 2.51
C LEU B 24 8.67 5.79 2.05
N LYS B 25 8.43 6.69 3.01
CA LYS B 25 8.32 8.12 2.73
C LYS B 25 7.20 8.43 1.73
N ASN B 26 6.18 7.57 1.71
CA ASN B 26 5.04 7.72 0.81
C ASN B 26 5.43 7.55 -0.66
N GLU B 27 6.69 7.16 -0.91
CA GLU B 27 7.19 7.00 -2.28
C GLU B 27 6.36 5.97 -3.05
N ARG B 28 6.28 4.76 -2.51
CA ARG B 28 5.52 3.67 -3.15
C ARG B 28 4.03 3.97 -3.15
N HIS B 29 3.61 4.83 -2.25
CA HIS B 29 2.20 5.22 -2.13
C HIS B 29 1.82 6.21 -3.23
N ASP B 30 2.66 7.21 -3.44
CA ASP B 30 2.43 8.24 -4.45
C ASP B 30 2.65 7.70 -5.86
N HIS B 31 3.69 6.90 -6.03
CA HIS B 31 4.02 6.33 -7.33
C HIS B 31 4.52 4.90 -7.20
N ASP B 32 4.13 4.04 -8.14
CA ASP B 32 4.51 2.63 -8.09
C ASP B 32 5.46 2.24 -9.23
N GLU B 33 5.86 3.20 -10.05
CA GLU B 33 6.75 2.90 -11.18
C GLU B 33 8.10 2.40 -10.66
N GLU B 34 8.46 2.84 -9.46
CA GLU B 34 9.72 2.44 -8.84
C GLU B 34 9.75 0.93 -8.62
N ALA B 35 8.57 0.35 -8.41
CA ALA B 35 8.43 -1.08 -8.18
C ALA B 35 8.77 -1.85 -9.46
N GLU B 36 8.42 -1.26 -10.60
CA GLU B 36 8.70 -1.89 -11.89
C GLU B 36 10.20 -1.94 -12.12
N ARG B 37 10.90 -0.89 -11.69
CA ARG B 37 12.34 -0.81 -11.85
C ARG B 37 13.04 -1.79 -10.90
N LYS B 38 12.34 -2.15 -9.82
CA LYS B 38 12.88 -3.07 -8.84
C LYS B 38 12.57 -4.51 -9.25
N ALA B 39 11.43 -4.69 -9.91
CA ALA B 39 11.02 -6.02 -10.35
C ALA B 39 11.82 -6.45 -11.58
N LEU B 40 12.09 -5.52 -12.47
CA LEU B 40 12.85 -5.81 -13.67
C LEU B 40 14.32 -5.50 -13.46
N GLU B 41 15.18 -6.27 -14.13
CA GLU B 41 16.61 -6.06 -14.02
C GLU B 41 17.07 -5.08 -15.08
N ASP B 42 16.29 -4.98 -16.14
CA ASP B 42 16.57 -4.07 -17.25
C ASP B 42 15.27 -3.48 -17.78
N LYS B 43 15.35 -2.26 -18.28
CA LYS B 43 14.19 -1.59 -18.82
C LYS B 43 13.98 -1.98 -20.27
N LEU B 44 12.73 -2.13 -20.66
CA LEU B 44 12.37 -2.50 -22.02
C LEU B 44 13.00 -1.54 -23.01
N ALA B 45 13.73 -2.10 -23.98
CA ALA B 45 14.39 -1.30 -24.99
C ALA B 45 13.38 -0.72 -25.96
N ASP B 46 12.33 -1.47 -26.23
CA ASP B 46 11.27 -1.03 -27.13
C ASP B 46 10.29 -0.14 -26.37
N LYS B 47 9.48 0.61 -27.10
CA LYS B 47 8.52 1.51 -26.50
C LYS B 47 7.57 0.77 -25.57
N GLN B 48 7.49 1.24 -24.33
CA GLN B 48 6.62 0.62 -23.34
C GLN B 48 5.21 1.15 -23.46
N GLU B 49 4.23 0.28 -23.22
CA GLU B 49 2.83 0.66 -23.30
C GLU B 49 2.36 1.30 -22.00
N HIS B 50 2.39 0.52 -20.92
CA HIS B 50 1.98 0.97 -19.59
C HIS B 50 0.45 1.16 -19.55
N LEU B 51 -0.01 2.35 -19.91
CA LEU B 51 -1.44 2.68 -19.93
C LEU B 51 -2.10 2.37 -18.56
N ASP B 52 -3.37 1.99 -18.58
CA ASP B 52 -4.09 1.67 -17.36
C ASP B 52 -4.08 0.16 -17.11
N GLY B 53 -4.43 -0.23 -15.89
CA GLY B 53 -4.45 -1.62 -15.53
C GLY B 53 -5.86 -2.15 -15.35
N ALA B 54 -6.82 -1.41 -15.88
CA ALA B 54 -8.21 -1.82 -15.78
C ALA B 54 -8.57 -2.72 -16.95
N LEU B 55 -9.78 -3.27 -16.92
CA LEU B 55 -10.23 -4.16 -17.98
C LEU B 55 -10.93 -3.39 -19.09
N ARG B 56 -10.30 -2.32 -19.56
CA ARG B 56 -10.88 -1.51 -20.63
C ARG B 56 -9.83 -1.14 -21.67
N TYR B 57 -8.85 -0.34 -21.29
CA TYR B 57 -7.81 0.08 -22.22
C TYR B 57 -6.48 -0.61 -21.90
N GLU A 6 -11.53 -0.88 17.15
CA GLU A 6 -12.12 0.45 17.24
C GLU A 6 -12.54 0.95 15.86
N GLU A 7 -13.65 1.66 15.81
CA GLU A 7 -14.17 2.20 14.56
C GLU A 7 -13.79 3.68 14.45
N CYS A 8 -13.00 4.14 15.40
CA CYS A 8 -12.55 5.52 15.42
C CYS A 8 -11.03 5.56 15.48
N MET A 9 -10.45 6.71 15.19
CA MET A 9 -9.01 6.85 15.23
C MET A 9 -8.60 7.84 16.32
N HIS A 10 -7.48 7.58 16.96
CA HIS A 10 -6.99 8.46 18.01
C HIS A 10 -6.09 9.54 17.43
N GLY A 11 -5.26 9.15 16.47
CA GLY A 11 -4.37 10.10 15.84
C GLY A 11 -4.51 10.11 14.34
N SER A 12 -3.66 9.34 13.67
CA SER A 12 -3.66 9.26 12.22
C SER A 12 -4.22 7.93 11.74
N GLY A 13 -5.04 7.30 12.58
CA GLY A 13 -5.63 6.02 12.23
C GLY A 13 -4.61 4.91 12.00
N GLU A 14 -3.46 5.02 12.65
CA GLU A 14 -2.41 4.01 12.51
C GLU A 14 -2.83 2.72 13.18
N ASN A 15 -3.39 2.85 14.37
CA ASN A 15 -3.85 1.70 15.13
C ASN A 15 -5.34 1.47 14.95
N TYR A 16 -5.88 1.97 13.84
CA TYR A 16 -7.29 1.80 13.53
C TYR A 16 -7.51 0.43 12.89
N ASP A 17 -8.50 -0.30 13.40
CA ASP A 17 -8.82 -1.62 12.87
C ASP A 17 -10.34 -1.82 12.86
N GLY A 18 -11.03 -0.91 12.18
CA GLY A 18 -12.47 -0.97 12.10
C GLY A 18 -12.97 -1.70 10.87
N LYS A 19 -14.13 -1.28 10.36
CA LYS A 19 -14.72 -1.93 9.19
C LYS A 19 -15.13 -0.93 8.11
N ILE A 20 -14.55 0.26 8.11
CA ILE A 20 -14.87 1.24 7.08
C ILE A 20 -14.26 0.81 5.74
N SER A 21 -15.09 0.65 4.72
CA SER A 21 -14.61 0.22 3.41
C SER A 21 -15.04 1.18 2.31
N LYS A 22 -15.10 2.47 2.64
CA LYS A 22 -15.49 3.46 1.64
C LYS A 22 -14.67 4.73 1.82
N THR A 23 -14.31 5.33 0.70
CA THR A 23 -13.52 6.54 0.69
C THR A 23 -14.36 7.74 1.13
N MET A 24 -13.71 8.90 1.25
CA MET A 24 -14.40 10.12 1.65
C MET A 24 -15.40 10.54 0.58
N SER A 25 -15.18 10.09 -0.65
CA SER A 25 -16.07 10.40 -1.76
C SER A 25 -17.28 9.46 -1.76
N GLY A 26 -17.15 8.33 -1.06
CA GLY A 26 -18.24 7.37 -0.99
C GLY A 26 -18.03 6.18 -1.91
N LEU A 27 -16.80 5.99 -2.36
CA LEU A 27 -16.47 4.87 -3.25
C LEU A 27 -16.05 3.66 -2.44
N GLU A 28 -16.53 2.49 -2.84
CA GLU A 28 -16.18 1.25 -2.16
C GLU A 28 -14.71 0.94 -2.38
N CYS A 29 -14.01 0.64 -1.30
CA CYS A 29 -12.59 0.34 -1.37
C CYS A 29 -12.33 -0.99 -2.06
N GLN A 30 -11.21 -1.06 -2.75
CA GLN A 30 -10.79 -2.25 -3.47
C GLN A 30 -10.12 -3.25 -2.52
N ALA A 31 -10.46 -4.52 -2.69
CA ALA A 31 -9.89 -5.59 -1.88
C ALA A 31 -8.36 -5.58 -1.95
N TRP A 32 -7.72 -5.57 -0.79
CA TRP A 32 -6.25 -5.55 -0.73
C TRP A 32 -5.66 -6.79 -1.39
N ASP A 33 -6.35 -7.91 -1.24
CA ASP A 33 -5.90 -9.17 -1.83
C ASP A 33 -6.20 -9.23 -3.32
N SER A 34 -6.67 -8.12 -3.88
CA SER A 34 -7.00 -8.06 -5.29
C SER A 34 -6.17 -6.99 -5.98
N GLN A 35 -5.72 -7.28 -7.19
CA GLN A 35 -4.91 -6.34 -7.97
C GLN A 35 -5.79 -5.68 -9.03
N SER A 36 -7.09 -5.83 -8.87
CA SER A 36 -8.06 -5.26 -9.79
C SER A 36 -8.99 -4.30 -9.06
N PRO A 37 -9.30 -3.15 -9.67
CA PRO A 37 -8.80 -2.79 -10.99
C PRO A 37 -7.43 -2.09 -10.94
N HIS A 38 -6.94 -1.84 -9.74
CA HIS A 38 -5.66 -1.16 -9.58
C HIS A 38 -4.61 -2.06 -8.97
N ALA A 39 -3.47 -2.15 -9.65
CA ALA A 39 -2.35 -2.95 -9.17
C ALA A 39 -1.62 -2.19 -8.07
N HIS A 40 -1.02 -2.93 -7.15
CA HIS A 40 -0.30 -2.32 -6.03
C HIS A 40 0.65 -3.31 -5.38
N GLY A 41 1.52 -2.80 -4.52
CA GLY A 41 2.47 -3.64 -3.82
C GLY A 41 2.15 -3.76 -2.34
N TYR A 42 0.92 -3.41 -1.98
CA TYR A 42 0.48 -3.50 -0.60
C TYR A 42 -0.21 -4.84 -0.36
N ILE A 43 0.55 -5.91 -0.54
CA ILE A 43 0.02 -7.25 -0.37
C ILE A 43 -0.06 -7.61 1.12
N PRO A 44 -1.23 -8.12 1.57
CA PRO A 44 -1.44 -8.52 2.97
C PRO A 44 -0.42 -9.56 3.45
N SER A 45 0.12 -10.33 2.51
CA SER A 45 1.11 -11.34 2.83
C SER A 45 2.48 -10.70 3.09
N LYS A 46 2.66 -9.51 2.54
CA LYS A 46 3.90 -8.77 2.71
C LYS A 46 3.83 -7.93 3.99
N PHE A 47 2.63 -7.45 4.29
CA PHE A 47 2.40 -6.65 5.48
C PHE A 47 1.29 -7.29 6.32
N PRO A 48 1.56 -8.44 6.96
CA PRO A 48 0.57 -9.16 7.75
C PRO A 48 0.34 -8.54 9.13
N ASN A 49 1.05 -7.47 9.43
CA ASN A 49 0.90 -6.81 10.71
C ASN A 49 0.27 -5.43 10.55
N LYS A 50 -0.18 -5.12 9.35
CA LYS A 50 -0.80 -3.82 9.11
C LYS A 50 -2.32 -3.92 9.09
N ASN A 51 -2.83 -5.10 9.42
CA ASN A 51 -4.27 -5.35 9.50
C ASN A 51 -4.98 -5.08 8.18
N LEU A 52 -4.40 -5.56 7.08
CA LEU A 52 -5.00 -5.37 5.76
C LEU A 52 -6.10 -6.41 5.54
N LYS A 53 -7.25 -6.17 6.15
CA LYS A 53 -8.38 -7.09 6.06
C LYS A 53 -9.37 -6.67 4.99
N LYS A 54 -9.70 -7.61 4.11
CA LYS A 54 -10.66 -7.42 3.03
C LYS A 54 -10.36 -6.16 2.21
N ASN A 55 -11.19 -5.14 2.37
CA ASN A 55 -11.04 -3.88 1.67
C ASN A 55 -11.24 -2.73 2.64
N TYR A 56 -10.94 -2.98 3.91
CA TYR A 56 -11.10 -1.97 4.94
C TYR A 56 -9.97 -0.94 4.87
N CYS A 57 -10.32 0.30 5.14
CA CYS A 57 -9.35 1.40 5.11
C CYS A 57 -8.35 1.24 6.25
N ARG A 58 -7.07 1.30 5.91
CA ARG A 58 -6.01 1.15 6.89
C ARG A 58 -4.90 2.16 6.62
N ASN A 59 -3.91 2.22 7.49
CA ASN A 59 -2.80 3.12 7.33
C ASN A 59 -1.49 2.33 7.30
N PRO A 60 -1.09 1.85 6.12
CA PRO A 60 0.12 1.04 5.95
C PRO A 60 1.40 1.86 5.73
N ASP A 61 1.28 3.07 5.19
CA ASP A 61 2.45 3.90 4.91
C ASP A 61 2.60 5.04 5.90
N ARG A 62 1.81 5.01 6.96
CA ARG A 62 1.87 6.03 8.02
C ARG A 62 1.53 7.41 7.46
N ASP A 63 0.37 7.50 6.81
CA ASP A 63 -0.09 8.76 6.25
C ASP A 63 -0.80 9.58 7.33
N LEU A 64 -1.42 10.69 6.92
CA LEU A 64 -2.12 11.57 7.85
C LEU A 64 -3.49 11.01 8.20
N ARG A 65 -4.03 10.21 7.30
CA ARG A 65 -5.35 9.60 7.48
C ARG A 65 -5.38 8.26 6.77
N PRO A 66 -6.07 7.25 7.33
CA PRO A 66 -6.19 5.93 6.71
C PRO A 66 -6.84 6.03 5.33
N TRP A 67 -6.29 5.30 4.38
CA TRP A 67 -6.79 5.33 3.03
C TRP A 67 -7.09 3.93 2.52
N CYS A 68 -7.52 3.86 1.28
CA CYS A 68 -7.83 2.60 0.63
C CYS A 68 -7.85 2.79 -0.87
N PHE A 69 -7.81 1.70 -1.61
CA PHE A 69 -7.87 1.76 -3.06
C PHE A 69 -9.34 1.86 -3.45
N THR A 70 -9.64 2.47 -4.58
CA THR A 70 -11.04 2.61 -4.99
C THR A 70 -11.39 1.63 -6.10
N THR A 71 -12.69 1.38 -6.25
CA THR A 71 -13.17 0.48 -7.28
C THR A 71 -13.41 1.26 -8.58
N ASP A 72 -12.92 2.49 -8.61
CA ASP A 72 -13.06 3.36 -9.77
C ASP A 72 -11.75 3.39 -10.55
N PRO A 73 -11.80 3.07 -11.86
CA PRO A 73 -10.60 3.03 -12.72
C PRO A 73 -9.94 4.40 -12.93
N ASN A 74 -10.58 5.46 -12.49
CA ASN A 74 -10.03 6.80 -12.67
C ASN A 74 -9.30 7.29 -11.42
N LYS A 75 -9.36 6.51 -10.34
CA LYS A 75 -8.70 6.87 -9.11
C LYS A 75 -8.17 5.62 -8.41
N ARG A 76 -6.85 5.53 -8.30
CA ARG A 76 -6.22 4.38 -7.67
C ARG A 76 -6.57 4.28 -6.18
N TRP A 77 -6.35 5.35 -5.44
CA TRP A 77 -6.64 5.35 -4.01
C TRP A 77 -7.14 6.71 -3.54
N GLU A 78 -7.70 6.73 -2.34
CA GLU A 78 -8.21 7.95 -1.75
C GLU A 78 -8.30 7.78 -0.24
N TYR A 79 -8.39 8.89 0.48
CA TYR A 79 -8.50 8.86 1.93
C TYR A 79 -9.92 8.51 2.36
N CYS A 80 -10.04 7.87 3.51
CA CYS A 80 -11.35 7.49 4.03
C CYS A 80 -11.74 8.39 5.19
N ASP A 81 -13.01 8.73 5.28
CA ASP A 81 -13.49 9.58 6.36
C ASP A 81 -13.86 8.74 7.58
N ILE A 82 -12.92 8.61 8.49
CA ILE A 82 -13.13 7.83 9.70
C ILE A 82 -13.20 8.76 10.91
N PRO A 83 -14.24 8.58 11.74
CA PRO A 83 -14.43 9.41 12.95
C PRO A 83 -13.30 9.27 13.95
N ARG A 84 -13.10 10.30 14.75
CA ARG A 84 -12.07 10.29 15.78
C ARG A 84 -12.67 9.81 17.09
N CYS A 85 -11.82 9.38 18.02
CA CYS A 85 -12.29 8.89 19.31
C CYS A 85 -12.42 10.03 20.30
N GLY B 1 24.77 -26.42 15.44
CA GLY B 1 25.87 -26.50 14.49
C GLY B 1 26.01 -25.23 13.67
N SER B 2 27.17 -24.59 13.77
CA SER B 2 27.44 -23.36 13.05
C SER B 2 27.64 -23.61 11.56
N LYS B 3 28.14 -24.80 11.22
CA LYS B 3 28.39 -25.15 9.83
C LYS B 3 27.08 -25.34 9.07
N THR B 4 26.12 -26.00 9.70
CA THR B 4 24.83 -26.24 9.09
C THR B 4 23.97 -24.97 9.13
N ILE B 5 23.71 -24.41 7.94
CA ILE B 5 22.92 -23.20 7.84
C ILE B 5 21.43 -23.52 7.93
N GLN B 6 20.73 -22.79 8.80
CA GLN B 6 19.30 -22.98 8.98
C GLN B 6 18.54 -22.18 7.92
N GLU B 7 17.48 -22.76 7.40
CA GLU B 7 16.68 -22.11 6.36
C GLU B 7 15.86 -20.96 6.93
N LYS B 8 15.24 -21.20 8.07
CA LYS B 8 14.42 -20.19 8.72
C LYS B 8 15.30 -19.05 9.21
N GLU B 9 14.79 -17.82 9.10
CA GLU B 9 15.53 -16.65 9.53
C GLU B 9 15.67 -16.65 11.04
N GLN B 10 16.81 -16.17 11.52
CA GLN B 10 17.07 -16.10 12.94
C GLN B 10 16.29 -14.95 13.57
N GLU B 11 16.38 -13.79 12.94
CA GLU B 11 15.69 -12.61 13.41
C GLU B 11 14.73 -12.12 12.34
N LEU B 12 13.45 -12.05 12.68
CA LEU B 12 12.43 -11.58 11.75
C LEU B 12 12.53 -10.08 11.55
N LYS B 13 11.86 -9.58 10.53
CA LYS B 13 11.88 -8.15 10.22
C LYS B 13 10.69 -7.45 10.87
N ASN B 14 10.99 -6.57 11.82
CA ASN B 14 9.95 -5.83 12.53
C ASN B 14 9.37 -4.72 11.65
N LEU B 15 8.09 -4.80 11.37
CA LEU B 15 7.42 -3.82 10.54
C LEU B 15 7.14 -2.54 11.32
N LYS B 16 7.06 -2.67 12.65
CA LYS B 16 6.80 -1.51 13.51
C LYS B 16 7.96 -0.53 13.44
N ASP B 17 9.18 -1.06 13.30
CA ASP B 17 10.37 -0.24 13.21
C ASP B 17 10.38 0.58 11.93
N ASN B 18 9.95 -0.06 10.84
CA ASN B 18 9.90 0.58 9.53
C ASN B 18 8.97 1.79 9.53
N VAL B 19 7.87 1.69 10.28
CA VAL B 19 6.90 2.78 10.38
C VAL B 19 7.54 4.04 10.94
N GLU B 20 8.43 3.87 11.91
CA GLU B 20 9.12 4.99 12.52
C GLU B 20 10.16 5.57 11.56
N LEU B 21 10.78 4.69 10.78
CA LEU B 21 11.79 5.11 9.82
C LEU B 21 11.15 5.89 8.68
N GLU B 22 10.10 5.30 8.11
CA GLU B 22 9.36 5.90 7.00
C GLU B 22 10.27 6.19 5.81
N ARG B 23 10.78 5.14 5.19
CA ARG B 23 11.65 5.28 4.03
C ARG B 23 10.81 5.51 2.77
N LEU B 24 9.54 5.12 2.84
CA LEU B 24 8.63 5.29 1.72
C LEU B 24 8.45 6.77 1.42
N LYS B 25 8.35 7.56 2.49
CA LYS B 25 8.20 9.01 2.39
C LYS B 25 7.01 9.41 1.54
N ASN B 26 6.03 8.52 1.46
CA ASN B 26 4.81 8.73 0.66
C ASN B 26 5.12 8.85 -0.83
N GLU B 27 6.38 8.60 -1.20
CA GLU B 27 6.80 8.69 -2.59
C GLU B 27 6.15 7.58 -3.42
N ARG B 28 6.26 6.35 -2.93
CA ARG B 28 5.69 5.20 -3.60
C ARG B 28 4.17 5.28 -3.57
N HIS B 29 3.65 6.06 -2.63
CA HIS B 29 2.21 6.25 -2.48
C HIS B 29 1.66 7.04 -3.66
N ASP B 30 2.46 7.97 -4.16
CA ASP B 30 2.07 8.79 -5.30
C ASP B 30 2.42 8.11 -6.61
N HIS B 31 3.62 7.55 -6.68
CA HIS B 31 4.07 6.87 -7.87
C HIS B 31 4.69 5.53 -7.51
N ASP B 32 4.16 4.46 -8.08
CA ASP B 32 4.65 3.12 -7.80
C ASP B 32 5.44 2.57 -8.98
N GLU B 33 5.82 3.46 -9.89
CA GLU B 33 6.60 3.07 -11.06
C GLU B 33 7.99 2.61 -10.65
N GLU B 34 8.44 3.07 -9.49
CA GLU B 34 9.77 2.69 -8.98
C GLU B 34 9.81 1.20 -8.64
N ALA B 35 8.63 0.62 -8.40
CA ALA B 35 8.54 -0.80 -8.08
C ALA B 35 8.92 -1.62 -9.31
N GLU B 36 8.50 -1.15 -10.46
CA GLU B 36 8.79 -1.82 -11.73
C GLU B 36 10.28 -1.69 -12.03
N ARG B 37 10.84 -0.55 -11.66
CA ARG B 37 12.25 -0.28 -11.86
C ARG B 37 13.10 -1.10 -10.91
N LYS B 38 12.51 -1.50 -9.79
CA LYS B 38 13.21 -2.29 -8.80
C LYS B 38 13.13 -3.78 -9.12
N ALA B 39 11.98 -4.20 -9.65
CA ALA B 39 11.77 -5.60 -9.99
C ALA B 39 12.64 -6.01 -11.17
N LEU B 40 12.69 -5.17 -12.19
CA LEU B 40 13.48 -5.45 -13.38
C LEU B 40 14.90 -4.93 -13.23
N GLU B 41 15.86 -5.73 -13.68
CA GLU B 41 17.27 -5.35 -13.62
C GLU B 41 17.62 -4.51 -14.85
N ASP B 42 16.74 -4.57 -15.84
CA ASP B 42 16.91 -3.83 -17.07
C ASP B 42 15.57 -3.31 -17.56
N LYS B 43 15.56 -2.15 -18.18
CA LYS B 43 14.32 -1.56 -18.68
C LYS B 43 14.25 -1.67 -20.19
N LEU B 44 13.03 -1.72 -20.72
CA LEU B 44 12.81 -1.82 -22.16
C LEU B 44 13.38 -0.60 -22.86
N ALA B 45 14.20 -0.83 -23.88
CA ALA B 45 14.80 0.25 -24.64
C ALA B 45 13.75 0.94 -25.50
N ASP B 46 12.77 0.16 -25.93
CA ASP B 46 11.67 0.68 -26.74
C ASP B 46 10.54 1.14 -25.82
N LYS B 47 9.46 1.62 -26.42
CA LYS B 47 8.32 2.10 -25.64
C LYS B 47 7.74 1.00 -24.76
N GLN B 48 7.67 1.27 -23.46
CA GLN B 48 7.13 0.32 -22.50
C GLN B 48 5.61 0.50 -22.41
N GLU B 49 4.95 -0.50 -21.82
CA GLU B 49 3.50 -0.47 -21.67
C GLU B 49 3.03 0.75 -20.90
N HIS B 50 3.41 0.82 -19.63
CA HIS B 50 3.01 1.94 -18.75
C HIS B 50 1.49 1.96 -18.59
N LEU B 51 0.95 3.11 -18.18
CA LEU B 51 -0.49 3.28 -17.98
C LEU B 51 -0.98 2.45 -16.78
N ASP B 52 -2.26 2.60 -16.45
CA ASP B 52 -2.86 1.86 -15.35
C ASP B 52 -3.15 0.43 -15.76
N GLY B 53 -3.64 -0.38 -14.83
CA GLY B 53 -3.95 -1.77 -15.14
C GLY B 53 -5.44 -2.07 -15.11
N ALA B 54 -6.26 -1.07 -15.37
CA ALA B 54 -7.69 -1.27 -15.37
C ALA B 54 -8.15 -1.80 -16.72
N LEU B 55 -9.31 -2.44 -16.74
CA LEU B 55 -9.84 -3.03 -17.96
C LEU B 55 -10.40 -1.93 -18.88
N ARG B 56 -11.23 -1.05 -18.33
CA ARG B 56 -11.82 0.03 -19.11
C ARG B 56 -10.78 1.09 -19.45
N TYR B 57 -9.86 1.33 -18.53
CA TYR B 57 -8.82 2.32 -18.74
C TYR B 57 -7.44 1.65 -18.84
N GLU A 6 -11.00 -0.96 16.61
CA GLU A 6 -11.52 0.38 16.82
C GLU A 6 -12.13 0.94 15.55
N GLU A 7 -13.43 1.26 15.59
CA GLU A 7 -14.13 1.80 14.43
C GLU A 7 -13.79 3.27 14.22
N CYS A 8 -13.18 3.89 15.22
CA CYS A 8 -12.79 5.28 15.14
C CYS A 8 -11.27 5.40 15.26
N MET A 9 -10.73 6.58 15.00
CA MET A 9 -9.29 6.79 15.10
C MET A 9 -8.97 7.79 16.19
N HIS A 10 -7.81 7.63 16.80
CA HIS A 10 -7.36 8.53 17.86
C HIS A 10 -6.44 9.57 17.29
N GLY A 11 -5.45 9.12 16.52
CA GLY A 11 -4.50 10.03 15.91
C GLY A 11 -4.63 10.04 14.40
N SER A 12 -3.65 9.44 13.73
CA SER A 12 -3.66 9.36 12.28
C SER A 12 -4.35 8.08 11.82
N GLY A 13 -4.67 7.23 12.77
CA GLY A 13 -5.34 5.97 12.44
C GLY A 13 -4.37 4.88 12.06
N GLU A 14 -3.17 4.93 12.62
CA GLU A 14 -2.15 3.93 12.33
C GLU A 14 -2.61 2.55 12.83
N ASN A 15 -3.12 2.52 14.05
CA ASN A 15 -3.60 1.29 14.64
C ASN A 15 -5.11 1.19 14.49
N TYR A 16 -5.58 1.46 13.29
CA TYR A 16 -7.01 1.40 13.00
C TYR A 16 -7.41 0.04 12.44
N ASP A 17 -8.41 -0.58 13.05
CA ASP A 17 -8.89 -1.89 12.61
C ASP A 17 -10.40 -1.85 12.45
N GLY A 18 -10.90 -0.70 12.05
CA GLY A 18 -12.33 -0.52 11.86
C GLY A 18 -12.84 -1.21 10.61
N LYS A 19 -14.16 -1.33 10.50
CA LYS A 19 -14.78 -1.97 9.37
C LYS A 19 -15.29 -0.97 8.33
N ILE A 20 -14.60 0.16 8.21
CA ILE A 20 -14.99 1.17 7.23
C ILE A 20 -14.29 0.86 5.91
N SER A 21 -15.07 0.62 4.87
CA SER A 21 -14.52 0.31 3.55
C SER A 21 -15.02 1.26 2.48
N LYS A 22 -14.94 2.56 2.76
CA LYS A 22 -15.40 3.56 1.80
C LYS A 22 -14.60 4.86 1.95
N THR A 23 -14.28 5.46 0.82
CA THR A 23 -13.53 6.71 0.81
C THR A 23 -14.43 7.88 1.18
N MET A 24 -13.83 9.05 1.37
CA MET A 24 -14.60 10.25 1.72
C MET A 24 -15.47 10.68 0.54
N SER A 25 -15.19 10.12 -0.63
CA SER A 25 -15.95 10.44 -1.83
C SER A 25 -17.12 9.48 -1.99
N GLY A 26 -17.20 8.50 -1.11
CA GLY A 26 -18.28 7.53 -1.17
C GLY A 26 -18.00 6.43 -2.18
N LEU A 27 -16.73 6.05 -2.31
CA LEU A 27 -16.35 5.00 -3.23
C LEU A 27 -15.98 3.74 -2.47
N GLU A 28 -16.45 2.60 -2.96
CA GLU A 28 -16.17 1.32 -2.32
C GLU A 28 -14.68 0.99 -2.48
N CYS A 29 -14.03 0.65 -1.38
CA CYS A 29 -12.60 0.34 -1.41
C CYS A 29 -12.33 -1.03 -2.05
N GLN A 30 -11.19 -1.11 -2.72
CA GLN A 30 -10.74 -2.33 -3.37
C GLN A 30 -10.12 -3.26 -2.33
N ALA A 31 -10.29 -4.56 -2.52
CA ALA A 31 -9.76 -5.54 -1.59
C ALA A 31 -8.23 -5.53 -1.60
N TRP A 32 -7.63 -5.62 -0.41
CA TRP A 32 -6.18 -5.61 -0.28
C TRP A 32 -5.55 -6.82 -0.95
N ASP A 33 -6.29 -7.93 -0.98
CA ASP A 33 -5.80 -9.14 -1.61
C ASP A 33 -6.18 -9.22 -3.08
N SER A 34 -6.71 -8.12 -3.60
CA SER A 34 -7.12 -8.08 -4.99
C SER A 34 -6.28 -7.08 -5.76
N GLN A 35 -5.97 -7.42 -7.01
CA GLN A 35 -5.18 -6.56 -7.88
C GLN A 35 -6.07 -5.90 -8.92
N SER A 36 -7.37 -5.90 -8.64
CA SER A 36 -8.34 -5.31 -9.53
C SER A 36 -9.21 -4.31 -8.80
N PRO A 37 -9.53 -3.17 -9.43
CA PRO A 37 -9.08 -2.85 -10.79
C PRO A 37 -7.70 -2.20 -10.85
N HIS A 38 -7.12 -1.91 -9.68
CA HIS A 38 -5.82 -1.27 -9.62
C HIS A 38 -4.75 -2.22 -9.11
N ALA A 39 -3.63 -2.25 -9.81
CA ALA A 39 -2.50 -3.09 -9.42
C ALA A 39 -1.66 -2.36 -8.37
N HIS A 40 -1.27 -3.05 -7.32
CA HIS A 40 -0.49 -2.44 -6.24
C HIS A 40 0.47 -3.44 -5.62
N GLY A 41 1.30 -2.96 -4.70
CA GLY A 41 2.26 -3.81 -4.03
C GLY A 41 1.99 -3.94 -2.55
N TYR A 42 0.80 -3.53 -2.11
CA TYR A 42 0.44 -3.61 -0.70
C TYR A 42 -0.25 -4.94 -0.43
N ILE A 43 0.48 -6.02 -0.66
CA ILE A 43 -0.05 -7.37 -0.45
C ILE A 43 -0.15 -7.71 1.03
N PRO A 44 -1.28 -8.28 1.46
CA PRO A 44 -1.50 -8.67 2.87
C PRO A 44 -0.39 -9.58 3.40
N SER A 45 0.14 -10.44 2.53
CA SER A 45 1.21 -11.35 2.92
C SER A 45 2.55 -10.62 3.03
N LYS A 46 2.62 -9.44 2.41
CA LYS A 46 3.81 -8.64 2.45
C LYS A 46 3.83 -7.78 3.70
N PHE A 47 2.64 -7.38 4.14
CA PHE A 47 2.49 -6.56 5.34
C PHE A 47 1.39 -7.12 6.24
N PRO A 48 1.59 -8.33 6.81
CA PRO A 48 0.59 -8.96 7.67
C PRO A 48 0.44 -8.23 9.00
N ASN A 49 1.44 -7.43 9.35
CA ASN A 49 1.43 -6.68 10.60
C ASN A 49 0.78 -5.31 10.43
N LYS A 50 0.05 -5.12 9.34
CA LYS A 50 -0.60 -3.84 9.08
C LYS A 50 -2.12 -3.99 9.03
N ASN A 51 -2.60 -5.12 9.55
CA ASN A 51 -4.03 -5.41 9.61
C ASN A 51 -4.73 -5.26 8.27
N LEU A 52 -4.09 -5.73 7.20
CA LEU A 52 -4.66 -5.65 5.87
C LEU A 52 -5.71 -6.75 5.72
N LYS A 53 -6.96 -6.40 5.98
CA LYS A 53 -8.06 -7.34 5.89
C LYS A 53 -9.17 -6.81 5.00
N LYS A 54 -9.69 -7.69 4.14
CA LYS A 54 -10.79 -7.36 3.23
C LYS A 54 -10.46 -6.12 2.39
N ASN A 55 -11.30 -5.10 2.52
CA ASN A 55 -11.13 -3.86 1.79
C ASN A 55 -11.33 -2.68 2.73
N TYR A 56 -11.05 -2.90 4.01
CA TYR A 56 -11.21 -1.85 5.02
C TYR A 56 -10.04 -0.86 4.94
N CYS A 57 -10.36 0.41 5.14
CA CYS A 57 -9.35 1.46 5.10
C CYS A 57 -8.30 1.25 6.19
N ARG A 58 -7.03 1.32 5.80
CA ARG A 58 -5.94 1.13 6.74
C ARG A 58 -4.86 2.20 6.53
N ASN A 59 -3.97 2.31 7.49
CA ASN A 59 -2.87 3.28 7.42
C ASN A 59 -1.56 2.56 7.67
N PRO A 60 -1.02 1.88 6.64
CA PRO A 60 0.21 1.10 6.75
C PRO A 60 1.49 1.87 6.43
N ASP A 61 1.37 3.00 5.75
CA ASP A 61 2.55 3.78 5.38
C ASP A 61 2.70 5.05 6.20
N ARG A 62 2.01 5.09 7.33
CA ARG A 62 2.06 6.24 8.25
C ARG A 62 1.63 7.52 7.54
N ASP A 63 0.43 7.52 6.99
CA ASP A 63 -0.09 8.67 6.30
C ASP A 63 -0.95 9.51 7.25
N LEU A 64 -1.54 10.58 6.73
CA LEU A 64 -2.38 11.47 7.52
C LEU A 64 -3.62 10.76 8.06
N ARG A 65 -4.35 10.11 7.17
CA ARG A 65 -5.55 9.39 7.55
C ARG A 65 -5.57 8.05 6.83
N PRO A 66 -6.26 7.04 7.39
CA PRO A 66 -6.37 5.71 6.75
C PRO A 66 -6.92 5.83 5.33
N TRP A 67 -6.30 5.12 4.42
CA TRP A 67 -6.70 5.17 3.02
C TRP A 67 -7.03 3.79 2.48
N CYS A 68 -7.44 3.77 1.22
CA CYS A 68 -7.78 2.54 0.53
C CYS A 68 -7.81 2.79 -0.96
N PHE A 69 -7.72 1.73 -1.76
CA PHE A 69 -7.80 1.86 -3.20
C PHE A 69 -9.27 1.91 -3.58
N THR A 70 -9.61 2.63 -4.63
CA THR A 70 -11.02 2.74 -5.01
C THR A 70 -11.38 1.76 -6.11
N THR A 71 -12.67 1.56 -6.31
CA THR A 71 -13.18 0.65 -7.33
C THR A 71 -13.26 1.38 -8.67
N ASP A 72 -12.94 2.66 -8.63
CA ASP A 72 -12.96 3.50 -9.82
C ASP A 72 -11.61 3.43 -10.53
N PRO A 73 -11.59 2.90 -11.76
CA PRO A 73 -10.36 2.79 -12.55
C PRO A 73 -9.70 4.14 -12.84
N ASN A 74 -10.41 5.22 -12.54
CA ASN A 74 -9.88 6.57 -12.77
C ASN A 74 -9.38 7.19 -11.47
N LYS A 75 -9.50 6.44 -10.38
CA LYS A 75 -9.07 6.92 -9.07
C LYS A 75 -8.20 5.85 -8.38
N ARG A 76 -6.90 6.06 -8.40
CA ARG A 76 -5.93 5.14 -7.80
C ARG A 76 -6.31 4.82 -6.35
N TRP A 77 -6.15 5.80 -5.47
CA TRP A 77 -6.47 5.61 -4.06
C TRP A 77 -7.01 6.91 -3.48
N GLU A 78 -7.63 6.82 -2.31
CA GLU A 78 -8.16 8.00 -1.66
C GLU A 78 -8.18 7.81 -0.15
N TYR A 79 -8.36 8.92 0.57
CA TYR A 79 -8.40 8.90 2.02
C TYR A 79 -9.82 8.63 2.49
N CYS A 80 -9.95 7.89 3.57
CA CYS A 80 -11.25 7.58 4.12
C CYS A 80 -11.57 8.52 5.28
N ASP A 81 -12.79 9.03 5.32
CA ASP A 81 -13.20 9.93 6.38
C ASP A 81 -13.78 9.15 7.54
N ILE A 82 -12.91 8.80 8.47
CA ILE A 82 -13.30 8.02 9.63
C ILE A 82 -13.42 8.92 10.86
N PRO A 83 -14.51 8.77 11.64
CA PRO A 83 -14.74 9.56 12.85
C PRO A 83 -13.61 9.37 13.88
N ARG A 84 -13.38 10.40 14.68
CA ARG A 84 -12.35 10.36 15.70
C ARG A 84 -12.96 9.92 17.04
N CYS A 85 -12.17 9.24 17.86
CA CYS A 85 -12.64 8.78 19.17
C CYS A 85 -12.62 9.91 20.19
N GLY B 1 27.71 -26.41 3.61
CA GLY B 1 28.01 -26.14 2.23
C GLY B 1 27.92 -24.67 1.89
N SER B 2 29.04 -23.97 2.02
CA SER B 2 29.07 -22.54 1.75
C SER B 2 29.47 -22.25 0.32
N LYS B 3 30.02 -23.26 -0.36
CA LYS B 3 30.43 -23.11 -1.75
C LYS B 3 29.19 -23.02 -2.64
N THR B 4 28.16 -23.75 -2.24
CA THR B 4 26.90 -23.74 -2.97
C THR B 4 26.08 -22.52 -2.59
N ILE B 5 25.79 -21.68 -3.57
CA ILE B 5 25.02 -20.47 -3.32
C ILE B 5 23.53 -20.75 -3.43
N GLN B 6 22.82 -20.51 -2.35
CA GLN B 6 21.38 -20.73 -2.31
C GLN B 6 20.65 -19.57 -2.96
N GLU B 7 19.33 -19.66 -3.02
CA GLU B 7 18.53 -18.61 -3.61
C GLU B 7 18.12 -17.60 -2.56
N LYS B 8 17.77 -18.11 -1.39
CA LYS B 8 17.37 -17.27 -0.27
C LYS B 8 18.59 -16.56 0.30
N GLU B 9 18.44 -15.29 0.64
CA GLU B 9 19.53 -14.52 1.20
C GLU B 9 19.81 -14.95 2.64
N GLN B 10 21.06 -14.84 3.05
CA GLN B 10 21.47 -15.22 4.40
C GLN B 10 20.99 -14.17 5.41
N GLU B 11 21.58 -12.99 5.35
CA GLU B 11 21.20 -11.90 6.24
C GLU B 11 20.01 -11.16 5.67
N LEU B 12 19.00 -10.93 6.50
CA LEU B 12 17.80 -10.23 6.07
C LEU B 12 17.69 -8.87 6.75
N LYS B 13 16.90 -7.98 6.16
CA LYS B 13 16.71 -6.65 6.70
C LYS B 13 15.38 -6.54 7.42
N ASN B 14 15.42 -5.97 8.62
CA ASN B 14 14.22 -5.80 9.44
C ASN B 14 13.34 -4.69 8.88
N LEU B 15 12.06 -4.99 8.67
CA LEU B 15 11.12 -4.03 8.13
C LEU B 15 10.82 -2.93 9.13
N LYS B 16 10.82 -3.27 10.41
CA LYS B 16 10.55 -2.28 11.47
C LYS B 16 11.65 -1.23 11.52
N ASP B 17 12.82 -1.58 10.99
CA ASP B 17 13.94 -0.66 10.96
C ASP B 17 13.81 0.30 9.78
N ASN B 18 13.15 -0.14 8.73
CA ASN B 18 12.95 0.68 7.53
C ASN B 18 12.05 1.87 7.85
N VAL B 19 10.97 1.59 8.57
CA VAL B 19 10.01 2.64 8.96
C VAL B 19 10.66 3.57 9.98
N GLU B 20 11.64 3.04 10.71
CA GLU B 20 12.35 3.82 11.71
C GLU B 20 13.30 4.80 11.02
N LEU B 21 13.87 4.37 9.92
CA LEU B 21 14.80 5.19 9.15
C LEU B 21 14.03 6.12 8.22
N GLU B 22 12.77 5.79 7.96
CA GLU B 22 11.91 6.58 7.07
C GLU B 22 12.58 6.79 5.72
N ARG B 23 12.98 5.68 5.10
CA ARG B 23 13.65 5.72 3.81
C ARG B 23 12.64 5.88 2.67
N LEU B 24 11.46 5.30 2.87
CA LEU B 24 10.42 5.36 1.85
C LEU B 24 9.86 6.78 1.71
N LYS B 25 9.57 7.41 2.84
CA LYS B 25 9.03 8.78 2.87
C LYS B 25 7.66 8.82 2.19
N ASN B 26 7.04 7.65 2.08
CA ASN B 26 5.73 7.48 1.47
C ASN B 26 5.70 7.97 0.02
N GLU B 27 6.85 7.92 -0.65
CA GLU B 27 6.95 8.36 -2.04
C GLU B 27 6.22 7.41 -2.97
N ARG B 28 6.34 6.11 -2.71
CA ARG B 28 5.70 5.09 -3.53
C ARG B 28 4.18 5.21 -3.49
N HIS B 29 3.67 5.74 -2.38
CA HIS B 29 2.23 5.92 -2.21
C HIS B 29 1.70 6.94 -3.22
N ASP B 30 2.39 8.06 -3.33
CA ASP B 30 2.00 9.12 -4.25
C ASP B 30 2.35 8.76 -5.68
N HIS B 31 3.56 8.27 -5.87
CA HIS B 31 4.03 7.87 -7.20
C HIS B 31 4.74 6.53 -7.14
N ASP B 32 4.02 5.49 -7.54
CA ASP B 32 4.57 4.14 -7.54
C ASP B 32 5.33 3.88 -8.84
N GLU B 33 5.37 4.89 -9.70
CA GLU B 33 6.08 4.79 -10.98
C GLU B 33 7.57 4.53 -10.77
N GLU B 34 8.04 4.73 -9.54
CA GLU B 34 9.43 4.49 -9.21
C GLU B 34 9.72 2.99 -9.24
N ALA B 35 8.70 2.19 -8.93
CA ALA B 35 8.84 0.75 -8.92
C ALA B 35 9.11 0.24 -10.33
N GLU B 36 8.56 0.93 -11.31
CA GLU B 36 8.77 0.56 -12.70
C GLU B 36 10.21 0.82 -13.11
N ARG B 37 10.74 1.98 -12.71
CA ARG B 37 12.12 2.32 -13.02
C ARG B 37 13.07 1.34 -12.36
N LYS B 38 12.67 0.83 -11.21
CA LYS B 38 13.47 -0.13 -10.47
C LYS B 38 13.35 -1.52 -11.11
N ALA B 39 12.14 -1.87 -11.55
CA ALA B 39 11.89 -3.15 -12.19
C ALA B 39 12.64 -3.26 -13.51
N LEU B 40 12.65 -2.17 -14.26
CA LEU B 40 13.34 -2.13 -15.54
C LEU B 40 14.82 -1.82 -15.32
N GLU B 41 15.66 -2.26 -16.22
CA GLU B 41 17.08 -2.01 -16.11
C GLU B 41 17.43 -0.69 -16.79
N ASP B 42 16.80 -0.45 -17.93
CA ASP B 42 17.03 0.78 -18.68
C ASP B 42 15.77 1.18 -19.44
N LYS B 43 15.77 2.39 -19.98
CA LYS B 43 14.62 2.90 -20.74
C LYS B 43 14.58 2.27 -22.12
N LEU B 44 13.41 2.33 -22.75
CA LEU B 44 13.22 1.76 -24.07
C LEU B 44 13.77 2.71 -25.13
N ALA B 45 14.29 2.16 -26.21
CA ALA B 45 14.85 2.95 -27.30
C ALA B 45 13.75 3.69 -28.05
N ASP B 46 12.59 3.07 -28.13
CA ASP B 46 11.44 3.65 -28.82
C ASP B 46 10.44 4.19 -27.79
N LYS B 47 9.25 4.57 -28.24
CA LYS B 47 8.24 5.11 -27.34
C LYS B 47 7.70 4.03 -26.40
N GLN B 48 7.73 4.32 -25.11
CA GLN B 48 7.25 3.40 -24.09
C GLN B 48 5.74 3.53 -23.91
N GLU B 49 5.12 2.48 -23.39
CA GLU B 49 3.68 2.47 -23.17
C GLU B 49 3.30 3.29 -21.94
N HIS B 50 3.73 2.80 -20.77
CA HIS B 50 3.44 3.44 -19.48
C HIS B 50 1.97 3.24 -19.11
N LEU B 51 1.10 4.07 -19.69
CA LEU B 51 -0.34 3.98 -19.45
C LEU B 51 -0.68 4.11 -17.96
N ASP B 52 -1.91 3.73 -17.61
CA ASP B 52 -2.37 3.78 -16.23
C ASP B 52 -2.32 2.38 -15.63
N GLY B 53 -2.28 2.31 -14.30
CA GLY B 53 -2.20 1.02 -13.63
C GLY B 53 -3.55 0.41 -13.35
N ALA B 54 -4.44 0.45 -14.33
CA ALA B 54 -5.77 -0.13 -14.20
C ALA B 54 -6.01 -1.16 -15.29
N LEU B 55 -6.95 -2.07 -15.04
CA LEU B 55 -7.28 -3.13 -15.98
C LEU B 55 -8.34 -2.67 -16.99
N ARG B 56 -8.23 -1.43 -17.45
CA ARG B 56 -9.17 -0.89 -18.41
C ARG B 56 -8.44 -0.29 -19.60
N TYR B 57 -7.47 0.56 -19.32
CA TYR B 57 -6.69 1.21 -20.36
C TYR B 57 -5.19 1.06 -20.10
N GLU A 6 -11.06 -0.43 16.81
CA GLU A 6 -12.13 0.54 17.01
C GLU A 6 -12.61 1.08 15.68
N GLU A 7 -13.80 1.66 15.65
CA GLU A 7 -14.36 2.23 14.43
C GLU A 7 -14.03 3.72 14.34
N CYS A 8 -13.02 4.12 15.09
CA CYS A 8 -12.59 5.50 15.10
C CYS A 8 -11.09 5.56 15.35
N MET A 9 -10.50 6.73 15.14
CA MET A 9 -9.08 6.89 15.36
C MET A 9 -8.81 7.91 16.47
N HIS A 10 -7.65 7.80 17.08
CA HIS A 10 -7.28 8.71 18.16
C HIS A 10 -6.32 9.77 17.63
N GLY A 11 -5.59 9.41 16.59
CA GLY A 11 -4.63 10.33 16.00
C GLY A 11 -4.62 10.26 14.49
N SER A 12 -3.70 9.47 13.94
CA SER A 12 -3.58 9.32 12.50
C SER A 12 -4.38 8.10 12.00
N GLY A 13 -4.65 7.17 12.91
CA GLY A 13 -5.37 5.99 12.53
C GLY A 13 -4.45 4.86 12.14
N GLU A 14 -3.24 4.88 12.70
CA GLU A 14 -2.24 3.85 12.42
C GLU A 14 -2.74 2.50 12.94
N ASN A 15 -3.20 2.47 14.18
CA ASN A 15 -3.68 1.25 14.80
C ASN A 15 -5.18 1.07 14.56
N TYR A 16 -5.70 1.76 13.55
CA TYR A 16 -7.11 1.67 13.22
C TYR A 16 -7.44 0.34 12.53
N ASP A 17 -8.47 -0.33 13.02
CA ASP A 17 -8.89 -1.61 12.46
C ASP A 17 -10.42 -1.70 12.53
N GLY A 18 -11.07 -0.82 11.78
CA GLY A 18 -12.52 -0.79 11.75
C GLY A 18 -13.10 -1.47 10.53
N LYS A 19 -14.40 -1.29 10.32
CA LYS A 19 -15.08 -1.92 9.20
C LYS A 19 -15.43 -0.93 8.09
N ILE A 20 -14.87 0.27 8.16
CA ILE A 20 -15.14 1.28 7.12
C ILE A 20 -14.38 0.90 5.86
N SER A 21 -15.11 0.73 4.75
CA SER A 21 -14.51 0.37 3.48
C SER A 21 -14.95 1.31 2.37
N LYS A 22 -15.04 2.60 2.70
CA LYS A 22 -15.44 3.59 1.71
C LYS A 22 -14.60 4.84 1.87
N THR A 23 -14.21 5.42 0.73
CA THR A 23 -13.41 6.63 0.72
C THR A 23 -14.23 7.83 1.17
N MET A 24 -13.58 9.00 1.27
CA MET A 24 -14.28 10.21 1.68
C MET A 24 -15.30 10.60 0.61
N SER A 25 -15.11 10.08 -0.59
CA SER A 25 -16.00 10.35 -1.70
C SER A 25 -17.23 9.43 -1.64
N GLY A 26 -17.09 8.32 -0.92
CA GLY A 26 -18.19 7.38 -0.78
C GLY A 26 -18.06 6.19 -1.72
N LEU A 27 -16.86 5.94 -2.20
CA LEU A 27 -16.62 4.82 -3.11
C LEU A 27 -16.17 3.59 -2.34
N GLU A 28 -16.63 2.42 -2.77
CA GLU A 28 -16.25 1.17 -2.11
C GLU A 28 -14.79 0.88 -2.39
N CYS A 29 -14.05 0.55 -1.34
CA CYS A 29 -12.63 0.27 -1.48
C CYS A 29 -12.37 -1.09 -2.12
N GLN A 30 -11.23 -1.20 -2.78
CA GLN A 30 -10.81 -2.43 -3.42
C GLN A 30 -10.11 -3.33 -2.42
N ALA A 31 -10.32 -4.63 -2.53
CA ALA A 31 -9.71 -5.60 -1.63
C ALA A 31 -8.18 -5.53 -1.70
N TRP A 32 -7.54 -5.52 -0.53
CA TRP A 32 -6.08 -5.45 -0.45
C TRP A 32 -5.45 -6.71 -1.05
N ASP A 33 -6.20 -7.80 -1.04
CA ASP A 33 -5.72 -9.07 -1.57
C ASP A 33 -6.01 -9.18 -3.06
N SER A 34 -6.66 -8.18 -3.62
CA SER A 34 -7.00 -8.16 -5.04
C SER A 34 -6.10 -7.18 -5.78
N GLN A 35 -5.81 -7.49 -7.03
CA GLN A 35 -4.95 -6.64 -7.86
C GLN A 35 -5.77 -5.98 -8.95
N SER A 36 -7.08 -6.02 -8.80
CA SER A 36 -7.99 -5.42 -9.76
C SER A 36 -9.00 -4.53 -9.04
N PRO A 37 -9.35 -3.38 -9.64
CA PRO A 37 -8.84 -2.95 -10.93
C PRO A 37 -7.50 -2.20 -10.83
N HIS A 38 -7.11 -1.83 -9.62
CA HIS A 38 -5.87 -1.10 -9.40
C HIS A 38 -4.78 -2.00 -8.86
N ALA A 39 -3.68 -2.10 -9.60
CA ALA A 39 -2.54 -2.90 -9.19
C ALA A 39 -1.74 -2.14 -8.14
N HIS A 40 -1.21 -2.87 -7.17
CA HIS A 40 -0.45 -2.26 -6.08
C HIS A 40 0.56 -3.24 -5.48
N GLY A 41 1.33 -2.75 -4.51
CA GLY A 41 2.32 -3.57 -3.85
C GLY A 41 2.08 -3.66 -2.35
N TYR A 42 0.81 -3.58 -1.96
CA TYR A 42 0.43 -3.64 -0.56
C TYR A 42 -0.25 -4.98 -0.26
N ILE A 43 0.44 -6.06 -0.60
CA ILE A 43 -0.08 -7.40 -0.37
C ILE A 43 -0.17 -7.70 1.13
N PRO A 44 -1.33 -8.20 1.59
CA PRO A 44 -1.56 -8.53 3.01
C PRO A 44 -0.49 -9.47 3.58
N SER A 45 0.08 -10.32 2.73
CA SER A 45 1.13 -11.24 3.15
C SER A 45 2.48 -10.53 3.28
N LYS A 46 2.64 -9.44 2.55
CA LYS A 46 3.87 -8.66 2.60
C LYS A 46 3.86 -7.83 3.87
N PHE A 47 2.69 -7.31 4.21
CA PHE A 47 2.50 -6.51 5.41
C PHE A 47 1.41 -7.13 6.28
N PRO A 48 1.71 -8.25 6.94
CA PRO A 48 0.75 -8.95 7.79
C PRO A 48 0.47 -8.23 9.10
N ASN A 49 1.41 -7.42 9.55
CA ASN A 49 1.28 -6.70 10.80
C ASN A 49 0.54 -5.38 10.63
N LYS A 50 0.08 -5.10 9.42
CA LYS A 50 -0.65 -3.85 9.15
C LYS A 50 -2.15 -4.09 9.13
N ASN A 51 -2.55 -5.34 9.37
CA ASN A 51 -3.96 -5.73 9.42
C ASN A 51 -4.73 -5.31 8.16
N LEU A 52 -4.21 -5.69 7.00
CA LEU A 52 -4.86 -5.37 5.74
C LEU A 52 -5.98 -6.38 5.50
N LYS A 53 -7.10 -6.16 6.18
CA LYS A 53 -8.25 -7.07 6.09
C LYS A 53 -9.25 -6.63 5.03
N LYS A 54 -9.64 -7.59 4.18
CA LYS A 54 -10.61 -7.38 3.11
C LYS A 54 -10.30 -6.13 2.29
N ASN A 55 -11.19 -5.16 2.38
CA ASN A 55 -11.06 -3.91 1.64
C ASN A 55 -11.23 -2.73 2.59
N TYR A 56 -11.01 -2.98 3.88
CA TYR A 56 -11.17 -1.95 4.90
C TYR A 56 -10.05 -0.92 4.81
N CYS A 57 -10.39 0.33 5.03
CA CYS A 57 -9.42 1.43 4.98
C CYS A 57 -8.39 1.26 6.10
N ARG A 58 -7.12 1.23 5.72
CA ARG A 58 -6.04 1.07 6.69
C ARG A 58 -4.93 2.09 6.43
N ASN A 59 -4.02 2.21 7.39
CA ASN A 59 -2.89 3.12 7.28
C ASN A 59 -1.60 2.33 7.45
N PRO A 60 -1.08 1.74 6.37
CA PRO A 60 0.13 0.93 6.39
C PRO A 60 1.42 1.70 6.07
N ASP A 61 1.30 2.95 5.64
CA ASP A 61 2.48 3.74 5.28
C ASP A 61 2.63 4.97 6.17
N ARG A 62 2.00 4.94 7.34
CA ARG A 62 2.09 6.03 8.32
C ARG A 62 1.61 7.36 7.72
N ASP A 63 0.60 7.30 6.87
CA ASP A 63 0.07 8.50 6.23
C ASP A 63 -0.75 9.32 7.21
N LEU A 64 -1.31 10.41 6.72
CA LEU A 64 -2.12 11.32 7.54
C LEU A 64 -3.39 10.64 8.03
N ARG A 65 -4.08 9.98 7.12
CA ARG A 65 -5.33 9.31 7.44
C ARG A 65 -5.39 7.97 6.72
N PRO A 66 -6.11 6.98 7.28
CA PRO A 66 -6.27 5.67 6.64
C PRO A 66 -6.86 5.81 5.25
N TRP A 67 -6.32 5.07 4.30
CA TRP A 67 -6.76 5.15 2.93
C TRP A 67 -7.09 3.77 2.36
N CYS A 68 -7.45 3.76 1.09
CA CYS A 68 -7.79 2.54 0.38
C CYS A 68 -7.83 2.81 -1.11
N PHE A 69 -7.90 1.74 -1.90
CA PHE A 69 -7.99 1.88 -3.35
C PHE A 69 -9.47 1.93 -3.72
N THR A 70 -9.82 2.70 -4.73
CA THR A 70 -11.22 2.81 -5.11
C THR A 70 -11.58 1.77 -6.16
N THR A 71 -12.88 1.57 -6.36
CA THR A 71 -13.37 0.63 -7.35
C THR A 71 -13.56 1.33 -8.68
N ASP A 72 -13.08 2.56 -8.77
CA ASP A 72 -13.19 3.36 -9.98
C ASP A 72 -11.81 3.55 -10.59
N PRO A 73 -11.58 2.95 -11.76
CA PRO A 73 -10.29 3.04 -12.48
C PRO A 73 -9.83 4.47 -12.76
N ASN A 74 -10.70 5.44 -12.57
CA ASN A 74 -10.38 6.84 -12.81
C ASN A 74 -9.57 7.41 -11.64
N LYS A 75 -9.63 6.76 -10.49
CA LYS A 75 -8.91 7.21 -9.31
C LYS A 75 -8.30 6.01 -8.59
N ARG A 76 -6.98 5.98 -8.54
CA ARG A 76 -6.23 4.89 -7.91
C ARG A 76 -6.65 4.70 -6.44
N TRP A 77 -6.29 5.64 -5.60
CA TRP A 77 -6.61 5.56 -4.18
C TRP A 77 -7.08 6.91 -3.64
N GLU A 78 -7.63 6.89 -2.43
CA GLU A 78 -8.10 8.10 -1.78
C GLU A 78 -8.18 7.87 -0.27
N TYR A 79 -8.25 8.96 0.49
CA TYR A 79 -8.33 8.88 1.94
C TYR A 79 -9.76 8.60 2.37
N CYS A 80 -9.92 7.80 3.42
CA CYS A 80 -11.24 7.49 3.96
C CYS A 80 -11.56 8.39 5.14
N ASP A 81 -12.81 8.80 5.24
CA ASP A 81 -13.21 9.68 6.34
C ASP A 81 -13.68 8.87 7.54
N ILE A 82 -12.78 8.63 8.47
CA ILE A 82 -13.08 7.88 9.67
C ILE A 82 -13.20 8.82 10.87
N PRO A 83 -14.28 8.69 11.66
CA PRO A 83 -14.50 9.54 12.83
C PRO A 83 -13.39 9.38 13.88
N ARG A 84 -13.28 10.35 14.78
CA ARG A 84 -12.27 10.30 15.82
C ARG A 84 -12.91 9.87 17.13
N CYS A 85 -12.12 9.24 17.99
CA CYS A 85 -12.62 8.79 19.28
C CYS A 85 -12.59 9.92 20.29
N GLY B 1 31.97 -22.33 7.48
CA GLY B 1 31.14 -22.19 6.29
C GLY B 1 31.25 -20.80 5.69
N SER B 2 32.42 -20.19 5.86
CA SER B 2 32.67 -18.86 5.33
C SER B 2 32.85 -18.90 3.82
N LYS B 3 33.46 -19.98 3.33
CA LYS B 3 33.70 -20.15 1.90
C LYS B 3 32.40 -20.39 1.17
N THR B 4 31.55 -21.23 1.75
CA THR B 4 30.26 -21.54 1.14
C THR B 4 29.34 -20.34 1.21
N ILE B 5 29.07 -19.74 0.07
CA ILE B 5 28.21 -18.57 -0.01
C ILE B 5 26.75 -18.97 0.09
N GLN B 6 26.09 -18.49 1.13
CA GLN B 6 24.69 -18.80 1.35
C GLN B 6 23.81 -17.73 0.72
N GLU B 7 22.55 -18.05 0.50
CA GLU B 7 21.61 -17.10 -0.08
C GLU B 7 21.13 -16.15 1.00
N LYS B 8 21.00 -16.69 2.21
CA LYS B 8 20.57 -15.92 3.36
C LYS B 8 21.72 -15.07 3.86
N GLU B 9 21.43 -13.82 4.21
CA GLU B 9 22.43 -12.90 4.71
C GLU B 9 22.69 -13.14 6.19
N GLN B 10 23.81 -12.61 6.68
CA GLN B 10 24.17 -12.75 8.08
C GLN B 10 23.29 -11.86 8.95
N GLU B 11 23.11 -10.62 8.51
CA GLU B 11 22.28 -9.67 9.25
C GLU B 11 21.02 -9.33 8.46
N LEU B 12 19.89 -9.41 9.14
CA LEU B 12 18.61 -9.09 8.51
C LEU B 12 18.13 -7.72 9.01
N LYS B 13 17.65 -6.90 8.10
CA LYS B 13 17.18 -5.56 8.45
C LYS B 13 15.88 -5.62 9.24
N ASN B 14 15.78 -4.78 10.25
CA ASN B 14 14.60 -4.71 11.09
C ASN B 14 13.57 -3.77 10.48
N LEU B 15 12.41 -4.33 10.14
CA LEU B 15 11.33 -3.56 9.53
C LEU B 15 10.86 -2.42 10.42
N LYS B 16 10.78 -2.69 11.72
CA LYS B 16 10.34 -1.69 12.68
C LYS B 16 11.22 -0.45 12.64
N ASP B 17 12.53 -0.66 12.56
CA ASP B 17 13.48 0.45 12.51
C ASP B 17 13.36 1.18 11.19
N ASN B 18 13.16 0.43 10.12
CA ASN B 18 13.03 1.00 8.78
C ASN B 18 11.83 1.96 8.72
N VAL B 19 10.70 1.52 9.26
CA VAL B 19 9.49 2.35 9.26
C VAL B 19 9.63 3.52 10.23
N GLU B 20 10.32 3.30 11.34
CA GLU B 20 10.52 4.33 12.34
C GLU B 20 11.33 5.49 11.77
N LEU B 21 12.27 5.17 10.88
CA LEU B 21 13.11 6.17 10.25
C LEU B 21 12.43 6.73 8.99
N GLU B 22 11.85 5.81 8.21
CA GLU B 22 11.16 6.14 6.97
C GLU B 22 12.14 6.67 5.93
N ARG B 23 12.70 5.76 5.16
CA ARG B 23 13.67 6.08 4.13
C ARG B 23 12.96 6.37 2.80
N LEU B 24 11.71 5.94 2.70
CA LEU B 24 10.94 6.12 1.47
C LEU B 24 10.29 7.50 1.42
N LYS B 25 9.95 8.03 2.59
CA LYS B 25 9.33 9.35 2.72
C LYS B 25 7.92 9.35 2.14
N ASN B 26 7.32 8.16 2.05
CA ASN B 26 5.96 8.00 1.54
C ASN B 26 5.86 8.42 0.06
N GLU B 27 7.00 8.54 -0.62
CA GLU B 27 7.01 8.95 -2.02
C GLU B 27 6.33 7.91 -2.90
N ARG B 28 6.49 6.64 -2.53
CA ARG B 28 5.89 5.53 -3.27
C ARG B 28 4.37 5.60 -3.24
N HIS B 29 3.83 6.25 -2.22
CA HIS B 29 2.39 6.37 -2.09
C HIS B 29 1.83 7.45 -3.02
N ASP B 30 2.57 8.55 -3.16
CA ASP B 30 2.13 9.64 -4.02
C ASP B 30 2.25 9.27 -5.49
N HIS B 31 3.37 8.64 -5.84
CA HIS B 31 3.60 8.24 -7.22
C HIS B 31 4.29 6.87 -7.26
N ASP B 32 3.63 5.91 -7.91
CA ASP B 32 4.18 4.55 -8.02
C ASP B 32 5.01 4.42 -9.29
N GLU B 33 5.27 5.55 -9.93
CA GLU B 33 6.06 5.60 -11.16
C GLU B 33 7.49 5.13 -10.90
N GLU B 34 7.96 5.30 -9.67
CA GLU B 34 9.30 4.89 -9.30
C GLU B 34 9.45 3.38 -9.42
N ALA B 35 8.35 2.67 -9.23
CA ALA B 35 8.34 1.21 -9.32
C ALA B 35 8.63 0.77 -10.75
N GLU B 36 8.18 1.57 -11.72
CA GLU B 36 8.41 1.26 -13.12
C GLU B 36 9.85 1.56 -13.49
N ARG B 37 10.37 2.67 -12.96
CA ARG B 37 11.74 3.08 -13.21
C ARG B 37 12.70 2.08 -12.56
N LYS B 38 12.24 1.44 -11.50
CA LYS B 38 13.04 0.45 -10.81
C LYS B 38 12.89 -0.92 -11.49
N ALA B 39 11.75 -1.12 -12.13
CA ALA B 39 11.48 -2.37 -12.83
C ALA B 39 12.30 -2.43 -14.11
N LEU B 40 12.20 -1.39 -14.91
CA LEU B 40 12.94 -1.32 -16.16
C LEU B 40 14.37 -0.87 -15.86
N GLU B 41 15.32 -1.45 -16.57
CA GLU B 41 16.72 -1.11 -16.36
C GLU B 41 17.05 0.23 -17.02
N ASP B 42 16.63 0.39 -18.27
CA ASP B 42 16.86 1.62 -19.01
C ASP B 42 15.66 1.95 -19.88
N LYS B 43 15.63 3.17 -20.41
CA LYS B 43 14.53 3.60 -21.24
C LYS B 43 14.65 3.04 -22.65
N LEU B 44 13.59 3.17 -23.42
CA LEU B 44 13.56 2.66 -24.77
C LEU B 44 13.96 3.74 -25.76
N ALA B 45 14.55 3.34 -26.88
CA ALA B 45 14.95 4.28 -27.91
C ALA B 45 13.73 4.73 -28.69
N ASP B 46 12.64 3.99 -28.50
CA ASP B 46 11.36 4.29 -29.13
C ASP B 46 10.47 5.02 -28.14
N LYS B 47 9.34 5.53 -28.61
CA LYS B 47 8.42 6.25 -27.75
C LYS B 47 7.73 5.31 -26.77
N GLN B 48 7.94 5.56 -25.47
CA GLN B 48 7.33 4.74 -24.44
C GLN B 48 5.82 4.96 -24.44
N GLU B 49 5.07 3.87 -24.33
CA GLU B 49 3.61 3.96 -24.32
C GLU B 49 3.11 4.63 -23.06
N HIS B 50 3.69 4.25 -21.92
CA HIS B 50 3.33 4.81 -20.62
C HIS B 50 1.89 4.46 -20.25
N LEU B 51 1.00 5.41 -20.49
CA LEU B 51 -0.43 5.26 -20.20
C LEU B 51 -0.67 5.13 -18.69
N ASP B 52 -1.92 4.93 -18.32
CA ASP B 52 -2.30 4.77 -16.92
C ASP B 52 -2.58 3.32 -16.60
N GLY B 53 -2.36 2.94 -15.35
CA GLY B 53 -2.59 1.57 -14.94
C GLY B 53 -4.04 1.32 -14.58
N ALA B 54 -4.89 1.25 -15.59
CA ALA B 54 -6.30 1.01 -15.38
C ALA B 54 -6.80 -0.11 -16.29
N LEU B 55 -8.03 -0.54 -16.08
CA LEU B 55 -8.61 -1.61 -16.88
C LEU B 55 -9.47 -1.04 -18.01
N ARG B 56 -9.62 0.28 -18.02
CA ARG B 56 -10.42 0.93 -19.05
C ARG B 56 -9.53 1.67 -20.04
N TYR B 57 -8.35 2.06 -19.58
CA TYR B 57 -7.39 2.77 -20.41
C TYR B 57 -6.00 2.17 -20.26
N GLU A 6 -11.20 -0.81 17.04
CA GLU A 6 -11.84 0.50 17.16
C GLU A 6 -12.38 0.94 15.81
N GLU A 7 -13.56 1.57 15.82
CA GLU A 7 -14.17 2.04 14.59
C GLU A 7 -13.89 3.52 14.39
N CYS A 8 -13.17 4.10 15.34
CA CYS A 8 -12.79 5.51 15.27
C CYS A 8 -11.28 5.65 15.34
N MET A 9 -10.77 6.80 14.93
CA MET A 9 -9.33 7.04 14.97
C MET A 9 -8.96 7.90 16.18
N HIS A 10 -7.93 7.45 16.89
CA HIS A 10 -7.45 8.18 18.07
C HIS A 10 -6.43 9.23 17.63
N GLY A 11 -5.78 8.96 16.51
CA GLY A 11 -4.80 9.87 15.97
C GLY A 11 -4.80 9.87 14.46
N SER A 12 -3.73 9.36 13.87
CA SER A 12 -3.62 9.29 12.42
C SER A 12 -4.04 7.91 11.90
N GLY A 13 -4.74 7.16 12.74
CA GLY A 13 -5.18 5.83 12.37
C GLY A 13 -4.03 4.84 12.26
N GLU A 14 -2.98 5.07 13.03
CA GLU A 14 -1.80 4.21 13.04
C GLU A 14 -2.18 2.76 13.30
N ASN A 15 -3.01 2.54 14.32
CA ASN A 15 -3.45 1.20 14.67
C ASN A 15 -4.97 1.09 14.55
N TYR A 16 -5.52 1.73 13.52
CA TYR A 16 -6.94 1.71 13.30
C TYR A 16 -7.37 0.44 12.57
N ASP A 17 -8.22 -0.34 13.20
CA ASP A 17 -8.72 -1.58 12.61
C ASP A 17 -10.24 -1.54 12.58
N GLY A 18 -10.79 -0.66 11.75
CA GLY A 18 -12.23 -0.52 11.64
C GLY A 18 -12.78 -1.25 10.44
N LYS A 19 -14.09 -1.37 10.37
CA LYS A 19 -14.72 -2.09 9.27
C LYS A 19 -15.29 -1.13 8.22
N ILE A 20 -14.64 0.02 8.09
CA ILE A 20 -15.05 1.02 7.10
C ILE A 20 -14.37 0.72 5.78
N SER A 21 -15.16 0.60 4.71
CA SER A 21 -14.63 0.30 3.39
C SER A 21 -15.09 1.33 2.35
N LYS A 22 -15.15 2.59 2.75
CA LYS A 22 -15.57 3.63 1.83
C LYS A 22 -14.70 4.86 1.97
N THR A 23 -14.33 5.43 0.83
CA THR A 23 -13.51 6.63 0.80
C THR A 23 -14.29 7.85 1.30
N MET A 24 -13.62 9.00 1.39
CA MET A 24 -14.26 10.21 1.85
C MET A 24 -15.30 10.70 0.85
N SER A 25 -15.15 10.32 -0.41
CA SER A 25 -16.10 10.71 -1.44
C SER A 25 -17.28 9.73 -1.48
N GLY A 26 -17.07 8.54 -0.92
CA GLY A 26 -18.13 7.55 -0.89
C GLY A 26 -17.91 6.42 -1.89
N LEU A 27 -16.66 6.07 -2.15
CA LEU A 27 -16.36 5.00 -3.09
C LEU A 27 -16.00 3.73 -2.33
N GLU A 28 -16.44 2.60 -2.84
CA GLU A 28 -16.16 1.32 -2.23
C GLU A 28 -14.69 0.95 -2.43
N CYS A 29 -13.99 0.71 -1.34
CA CYS A 29 -12.58 0.38 -1.39
C CYS A 29 -12.34 -0.99 -2.03
N GLN A 30 -11.19 -1.12 -2.68
CA GLN A 30 -10.81 -2.37 -3.34
C GLN A 30 -10.10 -3.28 -2.34
N ALA A 31 -10.43 -4.56 -2.40
CA ALA A 31 -9.81 -5.54 -1.52
C ALA A 31 -8.29 -5.53 -1.69
N TRP A 32 -7.57 -5.47 -0.58
CA TRP A 32 -6.11 -5.42 -0.60
C TRP A 32 -5.54 -6.66 -1.28
N ASP A 33 -6.12 -7.81 -0.98
CA ASP A 33 -5.68 -9.08 -1.57
C ASP A 33 -5.96 -9.14 -3.07
N SER A 34 -6.76 -8.21 -3.56
CA SER A 34 -7.12 -8.18 -4.97
C SER A 34 -6.26 -7.15 -5.71
N GLN A 35 -5.97 -7.44 -6.97
CA GLN A 35 -5.16 -6.55 -7.79
C GLN A 35 -6.02 -5.93 -8.90
N SER A 36 -7.33 -6.02 -8.73
CA SER A 36 -8.26 -5.47 -9.68
C SER A 36 -9.19 -4.47 -8.99
N PRO A 37 -9.45 -3.30 -9.61
CA PRO A 37 -8.87 -2.94 -10.91
C PRO A 37 -7.54 -2.20 -10.80
N HIS A 38 -7.06 -2.01 -9.59
CA HIS A 38 -5.79 -1.30 -9.38
C HIS A 38 -4.72 -2.24 -8.83
N ALA A 39 -3.56 -2.22 -9.48
CA ALA A 39 -2.43 -3.04 -9.07
C ALA A 39 -1.51 -2.24 -8.15
N HIS A 40 -1.12 -2.83 -7.05
CA HIS A 40 -0.26 -2.14 -6.08
C HIS A 40 0.77 -3.10 -5.47
N GLY A 41 1.46 -2.61 -4.44
CA GLY A 41 2.48 -3.43 -3.79
C GLY A 41 2.22 -3.59 -2.31
N TYR A 42 1.03 -3.20 -1.86
CA TYR A 42 0.67 -3.32 -0.46
C TYR A 42 -0.08 -4.63 -0.23
N ILE A 43 0.59 -5.72 -0.56
CA ILE A 43 0.03 -7.06 -0.43
C ILE A 43 -0.06 -7.48 1.04
N PRO A 44 -1.24 -7.95 1.48
CA PRO A 44 -1.46 -8.40 2.86
C PRO A 44 -0.48 -9.51 3.29
N SER A 45 -0.02 -10.28 2.31
CA SER A 45 0.92 -11.35 2.58
C SER A 45 2.31 -10.79 2.89
N LYS A 46 2.57 -9.60 2.37
CA LYS A 46 3.85 -8.92 2.59
C LYS A 46 3.81 -8.15 3.90
N PHE A 47 2.66 -7.56 4.20
CA PHE A 47 2.47 -6.82 5.43
C PHE A 47 1.32 -7.41 6.24
N PRO A 48 1.53 -8.59 6.86
CA PRO A 48 0.49 -9.25 7.64
C PRO A 48 0.31 -8.62 9.02
N ASN A 49 1.27 -7.80 9.41
CA ASN A 49 1.23 -7.14 10.71
C ASN A 49 0.59 -5.77 10.61
N LYS A 50 0.10 -5.43 9.41
CA LYS A 50 -0.55 -4.13 9.20
C LYS A 50 -2.06 -4.25 9.19
N ASN A 51 -2.55 -5.46 9.48
CA ASN A 51 -3.99 -5.73 9.55
C ASN A 51 -4.73 -5.37 8.26
N LEU A 52 -4.17 -5.76 7.12
CA LEU A 52 -4.81 -5.47 5.84
C LEU A 52 -5.90 -6.51 5.59
N LYS A 53 -7.10 -6.23 6.10
CA LYS A 53 -8.23 -7.15 5.97
C LYS A 53 -9.23 -6.67 4.93
N LYS A 54 -9.66 -7.62 4.08
CA LYS A 54 -10.64 -7.37 3.03
C LYS A 54 -10.36 -6.09 2.25
N ASN A 55 -11.30 -5.16 2.29
CA ASN A 55 -11.19 -3.89 1.60
C ASN A 55 -11.38 -2.74 2.57
N TYR A 56 -11.03 -2.98 3.82
CA TYR A 56 -11.19 -1.97 4.86
C TYR A 56 -10.07 -0.94 4.78
N CYS A 57 -10.38 0.30 5.15
CA CYS A 57 -9.42 1.38 5.12
C CYS A 57 -8.38 1.21 6.22
N ARG A 58 -7.12 1.30 5.86
CA ARG A 58 -6.03 1.14 6.82
C ARG A 58 -4.94 2.17 6.57
N ASN A 59 -4.00 2.25 7.50
CA ASN A 59 -2.87 3.16 7.38
C ASN A 59 -1.58 2.39 7.61
N PRO A 60 -1.09 1.68 6.58
CA PRO A 60 0.11 0.87 6.68
C PRO A 60 1.38 1.59 6.22
N ASP A 61 1.24 2.83 5.78
CA ASP A 61 2.38 3.61 5.29
C ASP A 61 2.59 4.88 6.11
N ARG A 62 1.80 5.00 7.19
CA ARG A 62 1.88 6.14 8.10
C ARG A 62 1.54 7.46 7.41
N ASP A 63 0.40 7.50 6.72
CA ASP A 63 -0.03 8.71 6.06
C ASP A 63 -0.79 9.58 7.07
N LEU A 64 -1.34 10.69 6.62
CA LEU A 64 -2.07 11.61 7.49
C LEU A 64 -3.41 11.03 7.90
N ARG A 65 -4.00 10.24 7.01
CA ARG A 65 -5.30 9.65 7.25
C ARG A 65 -5.38 8.28 6.59
N PRO A 66 -6.12 7.33 7.21
CA PRO A 66 -6.30 5.99 6.63
C PRO A 66 -6.88 6.08 5.23
N TRP A 67 -6.29 5.35 4.30
CA TRP A 67 -6.74 5.38 2.92
C TRP A 67 -7.05 3.98 2.40
N CYS A 68 -7.46 3.93 1.14
CA CYS A 68 -7.78 2.68 0.48
C CYS A 68 -7.82 2.89 -1.02
N PHE A 69 -7.87 1.80 -1.78
CA PHE A 69 -7.96 1.89 -3.23
C PHE A 69 -9.42 1.90 -3.61
N THR A 70 -9.78 2.51 -4.73
CA THR A 70 -11.18 2.56 -5.11
C THR A 70 -11.49 1.53 -6.20
N THR A 71 -12.78 1.34 -6.47
CA THR A 71 -13.23 0.41 -7.48
C THR A 71 -13.36 1.09 -8.84
N ASP A 72 -12.93 2.34 -8.91
CA ASP A 72 -13.00 3.11 -10.14
C ASP A 72 -11.59 3.30 -10.72
N PRO A 73 -11.35 2.81 -11.95
CA PRO A 73 -10.05 2.94 -12.63
C PRO A 73 -9.60 4.39 -12.79
N ASN A 74 -10.51 5.33 -12.58
CA ASN A 74 -10.21 6.75 -12.71
C ASN A 74 -9.59 7.28 -11.42
N LYS A 75 -9.79 6.56 -10.33
CA LYS A 75 -9.25 6.96 -9.03
C LYS A 75 -8.50 5.79 -8.41
N ARG A 76 -7.17 5.87 -8.40
CA ARG A 76 -6.33 4.80 -7.86
C ARG A 76 -6.58 4.62 -6.36
N TRP A 77 -6.37 5.68 -5.59
CA TRP A 77 -6.56 5.61 -4.15
C TRP A 77 -7.12 6.92 -3.62
N GLU A 78 -7.73 6.87 -2.46
CA GLU A 78 -8.31 8.05 -1.85
C GLU A 78 -8.34 7.88 -0.33
N TYR A 79 -8.41 8.99 0.39
CA TYR A 79 -8.47 8.97 1.84
C TYR A 79 -9.87 8.59 2.31
N CYS A 80 -9.96 7.88 3.42
CA CYS A 80 -11.25 7.48 3.98
C CYS A 80 -11.63 8.39 5.13
N ASP A 81 -12.92 8.64 5.30
CA ASP A 81 -13.38 9.50 6.39
C ASP A 81 -13.82 8.65 7.56
N ILE A 82 -12.98 8.61 8.58
CA ILE A 82 -13.27 7.83 9.77
C ILE A 82 -13.42 8.76 10.97
N PRO A 83 -14.51 8.60 11.74
CA PRO A 83 -14.76 9.43 12.93
C PRO A 83 -13.60 9.37 13.92
N ARG A 84 -13.39 10.48 14.60
CA ARG A 84 -12.31 10.57 15.58
C ARG A 84 -12.87 10.30 16.97
N CYS A 85 -12.09 9.64 17.80
CA CYS A 85 -12.52 9.31 19.15
C CYS A 85 -12.35 10.50 20.08
N GLY B 1 27.87 -24.38 6.28
CA GLY B 1 27.38 -23.56 5.18
C GLY B 1 28.15 -22.26 5.08
N SER B 2 29.33 -22.23 5.67
CA SER B 2 30.17 -21.05 5.66
C SER B 2 30.94 -20.96 4.34
N LYS B 3 31.44 -22.10 3.87
CA LYS B 3 32.20 -22.13 2.63
C LYS B 3 31.27 -22.18 1.43
N THR B 4 30.20 -22.94 1.54
CA THR B 4 29.24 -23.06 0.47
C THR B 4 28.45 -21.77 0.30
N ILE B 5 27.94 -21.53 -0.89
CA ILE B 5 27.18 -20.33 -1.16
C ILE B 5 25.70 -20.55 -0.89
N GLN B 6 25.21 -19.91 0.16
CA GLN B 6 23.80 -20.02 0.54
C GLN B 6 23.01 -18.85 -0.01
N GLU B 7 21.81 -19.12 -0.50
CA GLU B 7 20.96 -18.07 -1.05
C GLU B 7 20.42 -17.18 0.07
N LYS B 8 20.22 -17.77 1.25
CA LYS B 8 19.72 -17.04 2.39
C LYS B 8 20.83 -16.15 2.97
N GLU B 9 20.47 -14.92 3.29
CA GLU B 9 21.41 -13.98 3.85
C GLU B 9 21.67 -14.30 5.32
N GLN B 10 22.84 -13.92 5.80
CA GLN B 10 23.22 -14.17 7.19
C GLN B 10 22.30 -13.40 8.14
N GLU B 11 22.02 -12.16 7.81
CA GLU B 11 21.15 -11.33 8.62
C GLU B 11 19.85 -11.04 7.88
N LEU B 12 18.82 -10.69 8.64
CA LEU B 12 17.52 -10.37 8.06
C LEU B 12 17.30 -8.87 8.08
N LYS B 13 16.56 -8.37 7.10
CA LYS B 13 16.28 -6.93 7.01
C LYS B 13 15.07 -6.59 7.87
N ASN B 14 15.31 -5.84 8.93
CA ASN B 14 14.24 -5.43 9.84
C ASN B 14 13.34 -4.40 9.17
N LEU B 15 12.08 -4.76 9.00
CA LEU B 15 11.10 -3.87 8.37
C LEU B 15 10.67 -2.77 9.34
N LYS B 16 10.77 -3.06 10.63
CA LYS B 16 10.38 -2.10 11.67
C LYS B 16 11.27 -0.86 11.60
N ASP B 17 12.53 -1.09 11.23
CA ASP B 17 13.50 0.00 11.13
C ASP B 17 13.17 0.92 9.96
N ASN B 18 12.65 0.35 8.88
CA ASN B 18 12.29 1.12 7.70
C ASN B 18 11.24 2.18 8.03
N VAL B 19 10.25 1.77 8.81
CA VAL B 19 9.17 2.66 9.21
C VAL B 19 9.68 3.77 10.14
N GLU B 20 10.67 3.44 10.95
CA GLU B 20 11.24 4.41 11.87
C GLU B 20 12.22 5.35 11.17
N LEU B 21 13.04 4.79 10.28
CA LEU B 21 14.02 5.57 9.54
C LEU B 21 13.34 6.56 8.61
N GLU B 22 12.16 6.16 8.09
CA GLU B 22 11.38 7.00 7.19
C GLU B 22 12.16 7.39 5.94
N ARG B 23 13.10 6.53 5.54
CA ARG B 23 13.92 6.80 4.37
C ARG B 23 13.10 6.70 3.09
N LEU B 24 12.03 5.90 3.16
CA LEU B 24 11.17 5.69 2.00
C LEU B 24 10.37 6.96 1.68
N LYS B 25 10.02 7.72 2.73
CA LYS B 25 9.25 8.96 2.58
C LYS B 25 7.88 8.69 1.97
N ASN B 26 7.48 7.42 1.96
CA ASN B 26 6.21 6.98 1.41
C ASN B 26 6.02 7.46 -0.03
N GLU B 27 7.12 7.55 -0.77
CA GLU B 27 7.07 8.01 -2.15
C GLU B 27 6.37 6.98 -3.05
N ARG B 28 6.36 5.72 -2.61
CA ARG B 28 5.71 4.64 -3.36
C ARG B 28 4.19 4.80 -3.33
N HIS B 29 3.71 5.51 -2.32
CA HIS B 29 2.27 5.76 -2.18
C HIS B 29 1.81 6.76 -3.23
N ASP B 30 2.65 7.76 -3.45
CA ASP B 30 2.36 8.82 -4.40
C ASP B 30 2.65 8.38 -5.84
N HIS B 31 3.76 7.67 -6.02
CA HIS B 31 4.15 7.19 -7.35
C HIS B 31 4.85 5.84 -7.27
N ASP B 32 4.60 4.97 -8.24
CA ASP B 32 5.21 3.64 -8.25
C ASP B 32 6.18 3.49 -9.42
N GLU B 33 6.37 4.57 -10.16
CA GLU B 33 7.27 4.55 -11.32
C GLU B 33 8.71 4.23 -10.91
N GLU B 34 9.08 4.63 -9.69
CA GLU B 34 10.42 4.38 -9.19
C GLU B 34 10.65 2.87 -9.01
N ALA B 35 9.57 2.15 -8.71
CA ALA B 35 9.63 0.72 -8.51
C ALA B 35 9.83 0.02 -9.85
N GLU B 36 9.20 0.58 -10.88
CA GLU B 36 9.30 0.05 -12.23
C GLU B 36 10.75 0.11 -12.70
N ARG B 37 11.38 1.27 -12.48
CA ARG B 37 12.77 1.47 -12.88
C ARG B 37 13.70 0.59 -12.03
N LYS B 38 13.25 0.27 -10.82
CA LYS B 38 14.03 -0.58 -9.94
C LYS B 38 14.04 -2.03 -10.43
N ALA B 39 12.91 -2.44 -11.00
CA ALA B 39 12.78 -3.80 -11.53
C ALA B 39 13.35 -3.89 -12.94
N LEU B 40 13.10 -2.85 -13.74
CA LEU B 40 13.61 -2.81 -15.10
C LEU B 40 14.98 -2.18 -15.14
N GLU B 41 15.99 -3.00 -15.38
CA GLU B 41 17.38 -2.53 -15.43
C GLU B 41 17.66 -1.79 -16.73
N ASP B 42 16.64 -1.67 -17.57
CA ASP B 42 16.78 -0.97 -18.84
C ASP B 42 15.54 -0.14 -19.12
N LYS B 43 15.69 0.83 -20.00
CA LYS B 43 14.58 1.69 -20.38
C LYS B 43 14.09 1.32 -21.77
N LEU B 44 12.78 1.19 -21.92
CA LEU B 44 12.19 0.85 -23.21
C LEU B 44 12.54 1.91 -24.26
N ALA B 45 13.09 1.45 -25.37
CA ALA B 45 13.48 2.35 -26.46
C ALA B 45 12.27 2.87 -27.22
N ASP B 46 11.19 2.12 -27.22
CA ASP B 46 9.98 2.52 -27.93
C ASP B 46 9.07 3.38 -27.05
N LYS B 47 8.27 2.75 -26.22
CA LYS B 47 7.35 3.47 -25.34
C LYS B 47 7.00 2.65 -24.11
N GLN B 48 6.85 3.32 -22.98
CA GLN B 48 6.50 2.64 -21.74
C GLN B 48 5.05 2.14 -21.83
N GLU B 49 4.79 0.96 -21.30
CA GLU B 49 3.46 0.36 -21.35
C GLU B 49 2.56 0.91 -20.25
N HIS B 50 2.84 0.52 -19.01
CA HIS B 50 2.06 0.93 -17.85
C HIS B 50 0.64 0.35 -17.92
N LEU B 51 -0.29 1.14 -18.48
CA LEU B 51 -1.68 0.74 -18.63
C LEU B 51 -2.35 0.56 -17.26
N ASP B 52 -3.59 0.09 -17.26
CA ASP B 52 -4.34 -0.12 -16.03
C ASP B 52 -4.69 -1.59 -15.86
N GLY B 53 -5.13 -1.96 -14.66
CA GLY B 53 -5.49 -3.33 -14.39
C GLY B 53 -6.98 -3.55 -14.42
N ALA B 54 -7.69 -2.75 -15.22
CA ALA B 54 -9.13 -2.88 -15.33
C ALA B 54 -9.49 -3.59 -16.62
N LEU B 55 -10.55 -4.37 -16.58
CA LEU B 55 -11.00 -5.12 -17.76
C LEU B 55 -11.86 -4.23 -18.66
N ARG B 56 -11.42 -2.99 -18.85
CA ARG B 56 -12.13 -2.03 -19.69
C ARG B 56 -11.14 -1.19 -20.50
N TYR B 57 -10.06 -0.77 -19.86
CA TYR B 57 -9.05 0.05 -20.52
C TYR B 57 -7.67 -0.58 -20.39
N GLU A 6 -11.34 -0.70 17.76
CA GLU A 6 -12.20 0.47 17.69
C GLU A 6 -12.46 0.86 16.24
N GLU A 7 -13.64 1.41 15.98
CA GLU A 7 -14.03 1.81 14.63
C GLU A 7 -13.64 3.26 14.38
N CYS A 8 -13.16 3.93 15.41
CA CYS A 8 -12.74 5.31 15.31
C CYS A 8 -11.21 5.41 15.43
N MET A 9 -10.65 6.56 15.09
CA MET A 9 -9.22 6.75 15.18
C MET A 9 -8.87 7.73 16.29
N HIS A 10 -7.70 7.54 16.90
CA HIS A 10 -7.25 8.41 17.97
C HIS A 10 -6.27 9.45 17.43
N GLY A 11 -5.51 9.07 16.42
CA GLY A 11 -4.55 9.95 15.82
C GLY A 11 -4.62 9.95 14.31
N SER A 12 -3.78 9.14 13.69
CA SER A 12 -3.73 9.03 12.24
C SER A 12 -4.13 7.62 11.77
N GLY A 13 -4.82 6.89 12.64
CA GLY A 13 -5.24 5.54 12.32
C GLY A 13 -4.09 4.57 12.14
N GLU A 14 -3.02 4.77 12.91
CA GLU A 14 -1.85 3.90 12.84
C GLU A 14 -2.21 2.49 13.33
N ASN A 15 -2.96 2.42 14.42
CA ASN A 15 -3.37 1.15 15.00
C ASN A 15 -4.86 0.92 14.78
N TYR A 16 -5.36 1.38 13.64
CA TYR A 16 -6.78 1.26 13.32
C TYR A 16 -7.09 -0.10 12.67
N ASP A 17 -8.25 -0.65 13.05
CA ASP A 17 -8.73 -1.91 12.50
C ASP A 17 -10.25 -1.94 12.55
N GLY A 18 -10.87 -1.14 11.71
CA GLY A 18 -12.32 -1.07 11.66
C GLY A 18 -12.87 -1.72 10.41
N LYS A 19 -14.19 -1.74 10.29
CA LYS A 19 -14.85 -2.36 9.15
C LYS A 19 -15.27 -1.33 8.10
N ILE A 20 -14.79 -0.10 8.23
CA ILE A 20 -15.10 0.95 7.27
C ILE A 20 -14.35 0.70 5.96
N SER A 21 -15.10 0.52 4.88
CA SER A 21 -14.49 0.25 3.59
C SER A 21 -14.99 1.20 2.50
N LYS A 22 -14.87 2.50 2.74
CA LYS A 22 -15.30 3.50 1.76
C LYS A 22 -14.53 4.79 1.94
N THR A 23 -14.20 5.42 0.81
CA THR A 23 -13.47 6.67 0.82
C THR A 23 -14.34 7.83 1.25
N MET A 24 -13.71 8.98 1.51
CA MET A 24 -14.44 10.19 1.92
C MET A 24 -15.33 10.67 0.79
N SER A 25 -15.00 10.27 -0.43
CA SER A 25 -15.76 10.65 -1.61
C SER A 25 -16.99 9.77 -1.74
N GLY A 26 -17.01 8.67 -1.00
CA GLY A 26 -18.14 7.75 -1.03
C GLY A 26 -17.92 6.63 -2.03
N LEU A 27 -16.66 6.32 -2.30
CA LEU A 27 -16.34 5.25 -3.24
C LEU A 27 -15.99 3.97 -2.49
N GLU A 28 -16.32 2.84 -3.08
CA GLU A 28 -16.05 1.55 -2.46
C GLU A 28 -14.56 1.21 -2.55
N CYS A 29 -13.99 0.81 -1.43
CA CYS A 29 -12.58 0.45 -1.37
C CYS A 29 -12.31 -0.89 -2.01
N GLN A 30 -11.17 -1.00 -2.69
CA GLN A 30 -10.77 -2.23 -3.34
C GLN A 30 -10.09 -3.16 -2.36
N ALA A 31 -10.40 -4.44 -2.46
CA ALA A 31 -9.81 -5.45 -1.60
C ALA A 31 -8.29 -5.42 -1.70
N TRP A 32 -7.63 -5.40 -0.55
CA TRP A 32 -6.17 -5.36 -0.50
C TRP A 32 -5.56 -6.58 -1.19
N ASP A 33 -6.19 -7.74 -0.96
CA ASP A 33 -5.71 -8.99 -1.55
C ASP A 33 -6.15 -9.10 -3.01
N SER A 34 -6.78 -8.05 -3.53
CA SER A 34 -7.23 -8.03 -4.91
C SER A 34 -6.34 -7.10 -5.73
N GLN A 35 -6.07 -7.47 -6.97
CA GLN A 35 -5.23 -6.67 -7.85
C GLN A 35 -6.06 -6.02 -8.96
N SER A 36 -7.37 -6.00 -8.77
CA SER A 36 -8.26 -5.41 -9.75
C SER A 36 -9.23 -4.44 -9.07
N PRO A 37 -9.49 -3.27 -9.70
CA PRO A 37 -8.90 -2.90 -10.98
C PRO A 37 -7.54 -2.22 -10.86
N HIS A 38 -7.09 -2.00 -9.62
CA HIS A 38 -5.81 -1.35 -9.40
C HIS A 38 -4.76 -2.32 -8.90
N ALA A 39 -3.68 -2.46 -9.66
CA ALA A 39 -2.58 -3.33 -9.27
C ALA A 39 -1.67 -2.56 -8.32
N HIS A 40 -1.19 -3.22 -7.28
CA HIS A 40 -0.32 -2.56 -6.31
C HIS A 40 0.56 -3.56 -5.58
N GLY A 41 1.33 -3.07 -4.60
CA GLY A 41 2.23 -3.93 -3.85
C GLY A 41 1.90 -3.96 -2.37
N TYR A 42 0.65 -3.69 -2.01
CA TYR A 42 0.22 -3.71 -0.63
C TYR A 42 -0.47 -5.03 -0.33
N ILE A 43 0.28 -6.11 -0.49
CA ILE A 43 -0.24 -7.45 -0.27
C ILE A 43 -0.33 -7.77 1.23
N PRO A 44 -1.50 -8.27 1.67
CA PRO A 44 -1.74 -8.63 3.09
C PRO A 44 -0.68 -9.58 3.66
N SER A 45 -0.20 -10.50 2.84
CA SER A 45 0.80 -11.46 3.28
C SER A 45 2.19 -10.81 3.38
N LYS A 46 2.34 -9.69 2.70
CA LYS A 46 3.60 -8.95 2.72
C LYS A 46 3.66 -8.09 3.97
N PHE A 47 2.50 -7.55 4.35
CA PHE A 47 2.39 -6.72 5.53
C PHE A 47 1.32 -7.28 6.47
N PRO A 48 1.61 -8.40 7.15
CA PRO A 48 0.66 -9.05 8.06
C PRO A 48 0.64 -8.41 9.44
N ASN A 49 1.21 -7.22 9.54
CA ASN A 49 1.27 -6.50 10.81
C ASN A 49 0.63 -5.13 10.68
N LYS A 50 -0.01 -4.86 9.54
CA LYS A 50 -0.63 -3.56 9.33
C LYS A 50 -2.15 -3.66 9.21
N ASN A 51 -2.69 -4.81 9.64
CA ASN A 51 -4.14 -5.05 9.64
C ASN A 51 -4.75 -4.99 8.24
N LEU A 52 -4.04 -5.47 7.24
CA LEU A 52 -4.57 -5.46 5.87
C LEU A 52 -5.56 -6.61 5.70
N LYS A 53 -6.84 -6.31 5.90
CA LYS A 53 -7.89 -7.31 5.78
C LYS A 53 -9.03 -6.82 4.89
N LYS A 54 -9.53 -7.72 4.05
CA LYS A 54 -10.62 -7.43 3.12
C LYS A 54 -10.35 -6.17 2.31
N ASN A 55 -11.23 -5.18 2.45
CA ASN A 55 -11.09 -3.91 1.74
C ASN A 55 -11.30 -2.75 2.69
N TYR A 56 -11.07 -3.01 3.98
CA TYR A 56 -11.24 -1.98 4.99
C TYR A 56 -10.13 -0.94 4.93
N CYS A 57 -10.47 0.30 5.22
CA CYS A 57 -9.50 1.39 5.20
C CYS A 57 -8.42 1.20 6.25
N ARG A 58 -7.17 1.28 5.82
CA ARG A 58 -6.04 1.11 6.73
C ARG A 58 -4.98 2.17 6.43
N ASN A 59 -3.93 2.19 7.25
CA ASN A 59 -2.86 3.16 7.07
C ASN A 59 -1.49 2.48 7.18
N PRO A 60 -0.94 2.02 6.05
CA PRO A 60 0.36 1.35 6.03
C PRO A 60 1.54 2.33 5.93
N ASP A 61 1.42 3.31 5.04
CA ASP A 61 2.48 4.30 4.81
C ASP A 61 2.49 5.37 5.90
N ARG A 62 1.59 5.24 6.87
CA ARG A 62 1.49 6.19 7.99
C ARG A 62 1.18 7.60 7.46
N ASP A 63 0.18 7.69 6.61
CA ASP A 63 -0.22 8.96 6.04
C ASP A 63 -1.04 9.76 7.05
N LEU A 64 -1.42 10.97 6.67
CA LEU A 64 -2.21 11.85 7.54
C LEU A 64 -3.53 11.22 7.95
N ARG A 65 -4.06 10.36 7.09
CA ARG A 65 -5.33 9.69 7.35
C ARG A 65 -5.36 8.35 6.62
N PRO A 66 -6.06 7.35 7.19
CA PRO A 66 -6.16 6.02 6.56
C PRO A 66 -6.80 6.12 5.17
N TRP A 67 -6.36 5.26 4.26
CA TRP A 67 -6.87 5.29 2.91
C TRP A 67 -7.17 3.89 2.39
N CYS A 68 -7.55 3.84 1.12
CA CYS A 68 -7.85 2.58 0.45
C CYS A 68 -7.91 2.82 -1.05
N PHE A 69 -7.69 1.78 -1.85
CA PHE A 69 -7.77 1.91 -3.29
C PHE A 69 -9.24 1.94 -3.68
N THR A 70 -9.58 2.59 -4.77
CA THR A 70 -10.97 2.67 -5.18
C THR A 70 -11.30 1.62 -6.23
N THR A 71 -12.58 1.42 -6.47
CA THR A 71 -13.04 0.46 -7.46
C THR A 71 -13.16 1.11 -8.83
N ASP A 72 -12.72 2.35 -8.93
CA ASP A 72 -12.79 3.09 -10.19
C ASP A 72 -11.40 3.22 -10.79
N PRO A 73 -11.22 2.77 -12.05
CA PRO A 73 -9.93 2.84 -12.74
C PRO A 73 -9.44 4.28 -12.93
N ASN A 74 -10.33 5.24 -12.72
CA ASN A 74 -9.99 6.65 -12.88
C ASN A 74 -9.67 7.31 -11.55
N LYS A 75 -9.42 6.49 -10.54
CA LYS A 75 -9.09 6.99 -9.21
C LYS A 75 -8.24 5.96 -8.46
N ARG A 76 -6.95 6.24 -8.34
CA ARG A 76 -6.03 5.33 -7.66
C ARG A 76 -6.46 5.06 -6.24
N TRP A 77 -6.43 6.09 -5.39
CA TRP A 77 -6.82 5.95 -4.01
C TRP A 77 -7.37 7.26 -3.47
N GLU A 78 -7.98 7.19 -2.29
CA GLU A 78 -8.54 8.36 -1.65
C GLU A 78 -8.58 8.14 -0.15
N TYR A 79 -8.58 9.23 0.61
CA TYR A 79 -8.62 9.14 2.07
C TYR A 79 -10.01 8.69 2.53
N CYS A 80 -10.04 8.00 3.65
CA CYS A 80 -11.30 7.52 4.21
C CYS A 80 -11.75 8.41 5.36
N ASP A 81 -13.03 8.78 5.35
CA ASP A 81 -13.58 9.62 6.39
C ASP A 81 -13.95 8.76 7.60
N ILE A 82 -13.00 8.60 8.49
CA ILE A 82 -13.21 7.79 9.68
C ILE A 82 -13.33 8.68 10.92
N PRO A 83 -14.38 8.45 11.74
CA PRO A 83 -14.62 9.22 12.96
C PRO A 83 -13.44 9.19 13.94
N ARG A 84 -13.37 10.21 14.78
CA ARG A 84 -12.31 10.30 15.78
C ARG A 84 -12.85 9.91 17.14
N CYS A 85 -12.00 9.33 17.98
CA CYS A 85 -12.41 8.91 19.31
C CYS A 85 -12.29 10.06 20.30
N GLY B 1 21.93 -24.61 15.85
CA GLY B 1 23.32 -24.26 15.67
C GLY B 1 23.48 -22.98 14.87
N SER B 2 24.68 -22.41 14.91
CA SER B 2 24.96 -21.18 14.19
C SER B 2 25.41 -21.48 12.76
N LYS B 3 25.83 -22.71 12.51
CA LYS B 3 26.27 -23.11 11.19
C LYS B 3 25.08 -23.44 10.30
N THR B 4 24.07 -24.05 10.89
CA THR B 4 22.86 -24.41 10.16
C THR B 4 21.97 -23.19 9.94
N ILE B 5 22.01 -22.63 8.74
CA ILE B 5 21.23 -21.46 8.42
C ILE B 5 19.76 -21.82 8.21
N GLN B 6 18.89 -21.15 8.94
CA GLN B 6 17.46 -21.41 8.85
C GLN B 6 16.77 -20.46 7.89
N GLU B 7 15.61 -20.87 7.39
CA GLU B 7 14.84 -20.06 6.47
C GLU B 7 14.30 -18.83 7.19
N LYS B 8 13.78 -19.06 8.38
CA LYS B 8 13.25 -17.99 9.21
C LYS B 8 14.39 -17.32 9.96
N GLU B 9 14.43 -16.00 9.89
CA GLU B 9 15.45 -15.23 10.58
C GLU B 9 15.31 -15.40 12.08
N GLN B 10 16.40 -15.22 12.81
CA GLN B 10 16.37 -15.36 14.26
C GLN B 10 15.68 -14.14 14.88
N GLU B 11 15.48 -13.12 14.06
CA GLU B 11 14.84 -11.88 14.49
C GLU B 11 13.73 -11.52 13.48
N LEU B 12 12.70 -10.87 13.96
CA LEU B 12 11.59 -10.46 13.11
C LEU B 12 11.83 -9.04 12.59
N LYS B 13 11.25 -8.73 11.45
CA LYS B 13 11.40 -7.40 10.87
C LYS B 13 10.25 -6.50 11.31
N ASN B 14 10.47 -5.75 12.38
CA ASN B 14 9.46 -4.85 12.92
C ASN B 14 9.14 -3.73 11.93
N LEU B 15 7.88 -3.63 11.56
CA LEU B 15 7.45 -2.62 10.63
C LEU B 15 7.21 -1.28 11.34
N LYS B 16 6.87 -1.34 12.62
CA LYS B 16 6.62 -0.13 13.40
C LYS B 16 7.84 0.79 13.40
N ASP B 17 9.02 0.21 13.43
CA ASP B 17 10.27 0.97 13.41
C ASP B 17 10.48 1.60 12.04
N ASN B 18 10.26 0.79 11.01
CA ASN B 18 10.42 1.23 9.62
C ASN B 18 9.41 2.32 9.29
N VAL B 19 8.22 2.20 9.87
CA VAL B 19 7.14 3.16 9.66
C VAL B 19 7.50 4.53 10.24
N GLU B 20 8.20 4.51 11.37
CA GLU B 20 8.61 5.75 12.03
C GLU B 20 9.54 6.56 11.14
N LEU B 21 10.41 5.87 10.42
CA LEU B 21 11.37 6.52 9.55
C LEU B 21 10.70 6.87 8.21
N GLU B 22 9.85 5.97 7.76
CA GLU B 22 9.12 6.12 6.49
C GLU B 22 10.07 6.34 5.33
N ARG B 23 10.68 5.25 4.86
CA ARG B 23 11.60 5.30 3.73
C ARG B 23 10.86 5.51 2.42
N LEU B 24 9.56 5.24 2.43
CA LEU B 24 8.74 5.39 1.24
C LEU B 24 8.57 6.88 0.93
N LYS B 25 8.51 7.69 1.98
CA LYS B 25 8.37 9.14 1.87
C LYS B 25 7.11 9.50 1.08
N ASN B 26 6.10 8.64 1.18
CA ASN B 26 4.83 8.82 0.49
C ASN B 26 5.00 8.80 -1.04
N GLU B 27 6.22 8.52 -1.51
CA GLU B 27 6.51 8.47 -2.94
C GLU B 27 5.90 7.22 -3.54
N ARG B 28 6.13 6.09 -2.89
CA ARG B 28 5.59 4.80 -3.32
C ARG B 28 4.07 4.83 -3.21
N HIS B 29 3.61 5.68 -2.32
CA HIS B 29 2.18 5.87 -2.06
C HIS B 29 1.52 6.62 -3.22
N ASP B 30 2.22 7.63 -3.73
CA ASP B 30 1.70 8.44 -4.83
C ASP B 30 1.92 7.74 -6.18
N HIS B 31 3.15 7.32 -6.43
CA HIS B 31 3.47 6.65 -7.68
C HIS B 31 4.19 5.33 -7.40
N ASP B 32 3.60 4.23 -7.85
CA ASP B 32 4.17 2.92 -7.61
C ASP B 32 5.07 2.46 -8.77
N GLU B 33 5.40 3.39 -9.65
CA GLU B 33 6.25 3.08 -10.80
C GLU B 33 7.65 2.65 -10.35
N GLU B 34 8.02 3.04 -9.15
CA GLU B 34 9.32 2.70 -8.59
C GLU B 34 9.46 1.20 -8.39
N ALA B 35 8.33 0.51 -8.28
CA ALA B 35 8.34 -0.94 -8.11
C ALA B 35 8.83 -1.64 -9.37
N GLU B 36 8.50 -1.07 -10.52
CA GLU B 36 8.91 -1.61 -11.81
C GLU B 36 10.41 -1.47 -11.98
N ARG B 37 10.93 -0.32 -11.57
CA ARG B 37 12.35 -0.02 -11.67
C ARG B 37 13.16 -0.97 -10.77
N LYS B 38 12.53 -1.42 -9.70
CA LYS B 38 13.17 -2.33 -8.76
C LYS B 38 13.07 -3.78 -9.26
N ALA B 39 12.01 -4.06 -9.99
CA ALA B 39 11.79 -5.41 -10.52
C ALA B 39 12.78 -5.73 -11.64
N LEU B 40 12.86 -4.85 -12.62
CA LEU B 40 13.76 -5.04 -13.75
C LEU B 40 15.19 -4.71 -13.35
N GLU B 41 16.13 -5.50 -13.86
CA GLU B 41 17.54 -5.30 -13.58
C GLU B 41 18.10 -4.25 -14.53
N ASP B 42 17.54 -4.24 -15.74
CA ASP B 42 17.94 -3.29 -16.77
C ASP B 42 16.76 -3.05 -17.71
N LYS B 43 16.66 -1.84 -18.22
CA LYS B 43 15.57 -1.50 -19.13
C LYS B 43 15.93 -1.84 -20.56
N LEU B 44 14.91 -2.14 -21.36
CA LEU B 44 15.09 -2.50 -22.75
C LEU B 44 15.56 -1.29 -23.56
N ALA B 45 16.17 -1.54 -24.72
CA ALA B 45 16.67 -0.46 -25.56
C ALA B 45 15.61 -0.01 -26.57
N ASP B 46 14.49 -0.69 -26.59
CA ASP B 46 13.40 -0.34 -27.49
C ASP B 46 12.34 0.45 -26.74
N LYS B 47 11.23 0.76 -27.40
CA LYS B 47 10.15 1.52 -26.78
C LYS B 47 9.42 0.67 -25.74
N GLN B 48 9.42 1.13 -24.50
CA GLN B 48 8.73 0.41 -23.43
C GLN B 48 7.24 0.74 -23.50
N GLU B 49 6.42 -0.28 -23.59
CA GLU B 49 4.98 -0.10 -23.68
C GLU B 49 4.37 0.27 -22.32
N HIS B 50 5.03 -0.19 -21.25
CA HIS B 50 4.57 0.07 -19.88
C HIS B 50 3.22 -0.59 -19.61
N LEU B 51 2.14 0.11 -19.95
CA LEU B 51 0.77 -0.36 -19.75
C LEU B 51 0.40 -0.46 -18.27
N ASP B 52 -0.80 -0.04 -17.94
CA ASP B 52 -1.28 -0.08 -16.57
C ASP B 52 -1.69 -1.50 -16.19
N GLY B 53 -1.70 -1.79 -14.90
CA GLY B 53 -2.07 -3.10 -14.43
C GLY B 53 -3.56 -3.24 -14.21
N ALA B 54 -4.32 -3.15 -15.30
CA ALA B 54 -5.77 -3.27 -15.21
C ALA B 54 -6.25 -4.45 -16.05
N LEU B 55 -7.55 -4.72 -16.01
CA LEU B 55 -8.12 -5.81 -16.77
C LEU B 55 -8.48 -5.34 -18.18
N ARG B 56 -8.80 -4.05 -18.29
CA ARG B 56 -9.16 -3.47 -19.58
C ARG B 56 -7.91 -3.09 -20.37
N TYR B 57 -7.02 -2.34 -19.73
CA TYR B 57 -5.79 -1.90 -20.37
C TYR B 57 -4.59 -2.25 -19.50
N GLU A 6 -10.58 -0.19 17.20
CA GLU A 6 -11.88 0.48 17.27
C GLU A 6 -12.31 0.92 15.88
N GLU A 7 -13.52 1.46 15.79
CA GLU A 7 -14.05 1.94 14.51
C GLU A 7 -13.66 3.38 14.27
N CYS A 8 -13.11 4.02 15.30
CA CYS A 8 -12.68 5.40 15.19
C CYS A 8 -11.17 5.49 15.37
N MET A 9 -10.60 6.64 15.02
CA MET A 9 -9.17 6.85 15.14
C MET A 9 -8.85 7.81 16.29
N HIS A 10 -7.65 7.70 16.83
CA HIS A 10 -7.21 8.56 17.92
C HIS A 10 -6.18 9.56 17.40
N GLY A 11 -5.31 9.07 16.54
CA GLY A 11 -4.28 9.92 15.98
C GLY A 11 -4.36 9.98 14.47
N SER A 12 -3.37 9.41 13.81
CA SER A 12 -3.32 9.40 12.35
C SER A 12 -3.84 8.07 11.79
N GLY A 13 -4.74 7.44 12.53
CA GLY A 13 -5.32 6.18 12.10
C GLY A 13 -4.32 5.03 12.01
N GLU A 14 -3.27 5.07 12.83
CA GLU A 14 -2.27 4.00 12.83
C GLU A 14 -2.88 2.73 13.44
N ASN A 15 -3.30 2.83 14.68
CA ASN A 15 -3.91 1.69 15.37
C ASN A 15 -5.40 1.63 15.05
N TYR A 16 -5.70 1.32 13.79
CA TYR A 16 -7.07 1.23 13.33
C TYR A 16 -7.38 -0.17 12.81
N ASP A 17 -8.59 -0.64 13.11
CA ASP A 17 -9.04 -1.96 12.65
C ASP A 17 -10.55 -1.93 12.49
N GLY A 18 -11.06 -0.79 12.04
CA GLY A 18 -12.48 -0.63 11.84
C GLY A 18 -12.97 -1.32 10.59
N LYS A 19 -14.28 -1.37 10.42
CA LYS A 19 -14.87 -2.04 9.26
C LYS A 19 -15.30 -1.05 8.17
N ILE A 20 -14.78 0.17 8.24
CA ILE A 20 -15.10 1.18 7.24
C ILE A 20 -14.34 0.90 5.94
N SER A 21 -15.08 0.67 4.87
CA SER A 21 -14.48 0.39 3.57
C SER A 21 -14.98 1.34 2.49
N LYS A 22 -14.93 2.63 2.78
CA LYS A 22 -15.38 3.63 1.83
C LYS A 22 -14.56 4.91 1.92
N THR A 23 -14.22 5.45 0.76
CA THR A 23 -13.43 6.67 0.68
C THR A 23 -14.25 7.87 1.13
N MET A 24 -13.62 9.04 1.22
CA MET A 24 -14.32 10.25 1.63
C MET A 24 -15.38 10.62 0.60
N SER A 25 -15.18 10.16 -0.63
CA SER A 25 -16.11 10.42 -1.72
C SER A 25 -17.28 9.45 -1.67
N GLY A 26 -17.18 8.42 -0.83
CA GLY A 26 -18.23 7.45 -0.69
C GLY A 26 -18.09 6.29 -1.66
N LEU A 27 -16.88 6.04 -2.13
CA LEU A 27 -16.62 4.95 -3.07
C LEU A 27 -16.18 3.70 -2.31
N GLU A 28 -16.51 2.54 -2.85
CA GLU A 28 -16.14 1.28 -2.23
C GLU A 28 -14.66 1.00 -2.45
N CYS A 29 -13.97 0.66 -1.39
CA CYS A 29 -12.54 0.37 -1.46
C CYS A 29 -12.28 -0.98 -2.12
N GLN A 30 -11.16 -1.06 -2.83
CA GLN A 30 -10.76 -2.29 -3.49
C GLN A 30 -10.09 -3.22 -2.50
N ALA A 31 -10.43 -4.51 -2.59
CA ALA A 31 -9.86 -5.51 -1.70
C ALA A 31 -8.34 -5.49 -1.79
N TRP A 32 -7.69 -5.47 -0.62
CA TRP A 32 -6.23 -5.43 -0.56
C TRP A 32 -5.64 -6.67 -1.24
N ASP A 33 -6.30 -7.80 -1.04
CA ASP A 33 -5.88 -9.06 -1.63
C ASP A 33 -6.13 -9.10 -3.14
N SER A 34 -6.85 -8.11 -3.66
CA SER A 34 -7.17 -8.06 -5.08
C SER A 34 -6.24 -7.09 -5.80
N GLN A 35 -5.92 -7.42 -7.05
CA GLN A 35 -5.04 -6.60 -7.87
C GLN A 35 -5.82 -5.98 -9.02
N SER A 36 -7.13 -5.99 -8.89
CA SER A 36 -8.01 -5.43 -9.89
C SER A 36 -9.00 -4.47 -9.25
N PRO A 37 -9.27 -3.32 -9.87
CA PRO A 37 -8.69 -2.94 -11.16
C PRO A 37 -7.34 -2.21 -11.03
N HIS A 38 -6.92 -1.94 -9.80
CA HIS A 38 -5.67 -1.25 -9.57
C HIS A 38 -4.61 -2.19 -9.04
N ALA A 39 -3.45 -2.19 -9.68
CA ALA A 39 -2.34 -3.04 -9.29
C ALA A 39 -1.46 -2.31 -8.28
N HIS A 40 -1.20 -2.94 -7.15
CA HIS A 40 -0.40 -2.34 -6.10
C HIS A 40 0.55 -3.37 -5.48
N GLY A 41 1.44 -2.88 -4.62
CA GLY A 41 2.39 -3.76 -3.97
C GLY A 41 2.15 -3.86 -2.47
N TYR A 42 0.93 -3.57 -2.04
CA TYR A 42 0.59 -3.63 -0.63
C TYR A 42 -0.11 -4.96 -0.32
N ILE A 43 0.60 -6.04 -0.57
CA ILE A 43 0.08 -7.38 -0.36
C ILE A 43 -0.02 -7.69 1.14
N PRO A 44 -1.19 -8.16 1.60
CA PRO A 44 -1.41 -8.51 3.01
C PRO A 44 -0.40 -9.52 3.55
N SER A 45 0.04 -10.44 2.70
CA SER A 45 1.01 -11.45 3.10
C SER A 45 2.40 -10.84 3.22
N LYS A 46 2.63 -9.75 2.49
CA LYS A 46 3.91 -9.05 2.52
C LYS A 46 4.00 -8.21 3.78
N PHE A 47 2.86 -7.67 4.18
CA PHE A 47 2.77 -6.85 5.39
C PHE A 47 1.67 -7.39 6.30
N PRO A 48 1.95 -8.49 7.02
CA PRO A 48 0.96 -9.12 7.91
C PRO A 48 0.90 -8.47 9.30
N ASN A 49 1.23 -7.18 9.36
CA ASN A 49 1.21 -6.46 10.63
C ASN A 49 0.51 -5.12 10.48
N LYS A 50 -0.37 -4.99 9.50
CA LYS A 50 -1.09 -3.74 9.30
C LYS A 50 -2.59 -3.95 9.27
N ASN A 51 -3.01 -5.18 9.52
CA ASN A 51 -4.43 -5.54 9.54
C ASN A 51 -5.13 -5.21 8.22
N LEU A 52 -4.48 -5.54 7.11
CA LEU A 52 -5.04 -5.29 5.79
C LEU A 52 -6.10 -6.34 5.48
N LYS A 53 -7.20 -6.27 6.20
CA LYS A 53 -8.29 -7.22 6.05
C LYS A 53 -9.32 -6.75 5.03
N LYS A 54 -9.71 -7.67 4.15
CA LYS A 54 -10.70 -7.42 3.11
C LYS A 54 -10.37 -6.17 2.29
N ASN A 55 -11.21 -5.15 2.44
CA ASN A 55 -11.03 -3.89 1.73
C ASN A 55 -11.23 -2.71 2.67
N TYR A 56 -11.01 -2.94 3.96
CA TYR A 56 -11.19 -1.89 4.95
C TYR A 56 -10.06 -0.87 4.86
N CYS A 57 -10.38 0.39 5.15
CA CYS A 57 -9.39 1.47 5.10
C CYS A 57 -8.35 1.27 6.19
N ARG A 58 -7.08 1.37 5.81
CA ARG A 58 -5.97 1.19 6.76
C ARG A 58 -4.88 2.21 6.48
N ASN A 59 -3.86 2.23 7.33
CA ASN A 59 -2.74 3.15 7.18
C ASN A 59 -1.42 2.37 7.24
N PRO A 60 -0.93 1.91 6.08
CA PRO A 60 0.31 1.15 6.00
C PRO A 60 1.58 1.98 5.76
N ASP A 61 1.41 3.22 5.33
CA ASP A 61 2.55 4.09 5.03
C ASP A 61 2.77 5.15 6.10
N ARG A 62 2.01 5.06 7.19
CA ARG A 62 2.10 6.01 8.31
C ARG A 62 1.68 7.39 7.86
N ASP A 63 0.62 7.44 7.06
CA ASP A 63 0.08 8.70 6.55
C ASP A 63 -0.68 9.44 7.65
N LEU A 64 -1.33 10.54 7.30
CA LEU A 64 -2.07 11.34 8.25
C LEU A 64 -3.47 10.78 8.46
N ARG A 65 -3.97 10.06 7.47
CA ARG A 65 -5.30 9.49 7.52
C ARG A 65 -5.34 8.16 6.78
N PRO A 66 -6.08 7.16 7.29
CA PRO A 66 -6.21 5.86 6.63
C PRO A 66 -6.82 6.01 5.24
N TRP A 67 -6.32 5.24 4.30
CA TRP A 67 -6.81 5.32 2.92
C TRP A 67 -7.09 3.93 2.35
N CYS A 68 -7.49 3.91 1.10
CA CYS A 68 -7.78 2.66 0.40
C CYS A 68 -7.84 2.92 -1.11
N PHE A 69 -7.79 1.87 -1.88
CA PHE A 69 -7.89 1.98 -3.32
C PHE A 69 -9.36 1.97 -3.69
N THR A 70 -9.76 2.64 -4.75
CA THR A 70 -11.17 2.66 -5.12
C THR A 70 -11.46 1.63 -6.20
N THR A 71 -12.74 1.32 -6.37
CA THR A 71 -13.16 0.36 -7.37
C THR A 71 -13.29 1.00 -8.75
N ASP A 72 -13.04 2.30 -8.81
CA ASP A 72 -13.12 3.04 -10.05
C ASP A 72 -11.74 3.26 -10.65
N PRO A 73 -11.51 2.77 -11.88
CA PRO A 73 -10.21 2.92 -12.56
C PRO A 73 -9.78 4.37 -12.76
N ASN A 74 -10.73 5.31 -12.63
CA ASN A 74 -10.42 6.73 -12.79
C ASN A 74 -9.82 7.29 -11.52
N LYS A 75 -9.96 6.56 -10.43
CA LYS A 75 -9.43 6.98 -9.13
C LYS A 75 -8.63 5.85 -8.51
N ARG A 76 -7.31 6.00 -8.49
CA ARG A 76 -6.44 4.98 -7.94
C ARG A 76 -6.67 4.78 -6.44
N TRP A 77 -6.41 5.83 -5.66
CA TRP A 77 -6.59 5.76 -4.22
C TRP A 77 -7.10 7.06 -3.66
N GLU A 78 -7.66 7.00 -2.46
CA GLU A 78 -8.20 8.16 -1.78
C GLU A 78 -8.25 7.90 -0.27
N TYR A 79 -8.34 8.96 0.51
CA TYR A 79 -8.39 8.84 1.95
C TYR A 79 -9.83 8.65 2.42
N CYS A 80 -10.01 7.91 3.49
CA CYS A 80 -11.34 7.64 4.04
C CYS A 80 -11.64 8.58 5.20
N ASP A 81 -12.89 9.02 5.31
CA ASP A 81 -13.28 9.91 6.40
C ASP A 81 -13.76 9.09 7.59
N ILE A 82 -12.80 8.58 8.35
CA ILE A 82 -13.10 7.76 9.51
C ILE A 82 -13.28 8.63 10.75
N PRO A 83 -14.33 8.38 11.55
CA PRO A 83 -14.61 9.14 12.77
C PRO A 83 -13.44 9.10 13.76
N ARG A 84 -13.42 10.06 14.67
CA ARG A 84 -12.37 10.15 15.67
C ARG A 84 -12.94 9.93 17.07
N CYS A 85 -12.15 9.32 17.93
CA CYS A 85 -12.60 9.03 19.29
C CYS A 85 -12.31 10.22 20.20
N GLY B 1 28.98 -22.50 4.54
CA GLY B 1 29.85 -22.36 3.39
C GLY B 1 29.88 -20.93 2.87
N SER B 2 31.06 -20.42 2.61
CA SER B 2 31.21 -19.07 2.11
C SER B 2 30.97 -19.01 0.61
N LYS B 3 31.25 -20.12 -0.06
CA LYS B 3 31.04 -20.21 -1.51
C LYS B 3 29.55 -20.30 -1.82
N THR B 4 28.82 -20.98 -0.95
CA THR B 4 27.39 -21.15 -1.11
C THR B 4 26.63 -19.97 -0.51
N ILE B 5 26.13 -19.09 -1.37
CA ILE B 5 25.38 -17.93 -0.93
C ILE B 5 23.94 -18.34 -0.61
N GLN B 6 23.48 -17.96 0.58
CA GLN B 6 22.13 -18.29 1.01
C GLN B 6 21.13 -17.31 0.41
N GLU B 7 20.01 -17.83 -0.07
CA GLU B 7 18.98 -17.00 -0.68
C GLU B 7 18.30 -16.15 0.39
N LYS B 8 17.96 -16.79 1.50
CA LYS B 8 17.30 -16.09 2.61
C LYS B 8 18.31 -15.27 3.41
N GLU B 9 17.88 -14.10 3.86
CA GLU B 9 18.74 -13.22 4.65
C GLU B 9 18.95 -13.80 6.04
N GLN B 10 20.15 -13.63 6.57
CA GLN B 10 20.48 -14.14 7.88
C GLN B 10 20.17 -13.11 8.95
N GLU B 11 20.48 -11.84 8.65
CA GLU B 11 20.22 -10.75 9.57
C GLU B 11 18.93 -10.03 9.19
N LEU B 12 17.87 -10.31 9.94
CA LEU B 12 16.57 -9.70 9.67
C LEU B 12 16.55 -8.24 10.11
N LYS B 13 15.71 -7.45 9.45
CA LYS B 13 15.60 -6.03 9.73
C LYS B 13 14.27 -5.73 10.43
N ASN B 14 14.27 -4.71 11.27
CA ASN B 14 13.07 -4.32 12.00
C ASN B 14 12.24 -3.34 11.18
N LEU B 15 10.97 -3.66 10.99
CA LEU B 15 10.08 -2.80 10.21
C LEU B 15 9.84 -1.48 10.92
N LYS B 16 9.68 -1.52 12.24
CA LYS B 16 9.43 -0.31 13.02
C LYS B 16 10.58 0.68 12.88
N ASP B 17 11.78 0.16 12.68
CA ASP B 17 12.97 1.00 12.53
C ASP B 17 12.83 1.89 11.31
N ASN B 18 12.45 1.28 10.18
CA ASN B 18 12.28 1.99 8.93
C ASN B 18 11.12 2.98 9.00
N VAL B 19 10.10 2.61 9.76
CA VAL B 19 8.92 3.46 9.91
C VAL B 19 9.25 4.75 10.66
N GLU B 20 9.93 4.63 11.80
CA GLU B 20 10.28 5.80 12.59
C GLU B 20 11.35 6.64 11.90
N LEU B 21 12.14 5.99 11.06
CA LEU B 21 13.18 6.69 10.30
C LEU B 21 12.56 7.45 9.15
N GLU B 22 11.36 7.02 8.77
CA GLU B 22 10.60 7.62 7.68
C GLU B 22 11.36 7.50 6.37
N ARG B 23 11.53 6.26 5.91
CA ARG B 23 12.22 6.00 4.66
C ARG B 23 11.22 6.03 3.51
N LEU B 24 9.94 5.91 3.84
CA LEU B 24 8.89 5.91 2.85
C LEU B 24 8.67 7.31 2.29
N LYS B 25 8.43 8.27 3.19
CA LYS B 25 8.21 9.67 2.82
C LYS B 25 7.04 9.82 1.86
N ASN B 26 6.14 8.84 1.89
CA ASN B 26 4.96 8.80 1.03
C ASN B 26 5.34 8.86 -0.46
N GLU B 27 6.58 8.50 -0.78
CA GLU B 27 7.05 8.53 -2.16
C GLU B 27 6.30 7.52 -3.02
N ARG B 28 6.35 6.25 -2.61
CA ARG B 28 5.69 5.18 -3.36
C ARG B 28 4.18 5.30 -3.25
N HIS B 29 3.73 5.98 -2.22
CA HIS B 29 2.31 6.20 -2.00
C HIS B 29 1.80 7.27 -2.97
N ASP B 30 2.67 8.22 -3.28
CA ASP B 30 2.34 9.30 -4.19
C ASP B 30 2.28 8.78 -5.63
N HIS B 31 3.26 7.97 -6.00
CA HIS B 31 3.33 7.43 -7.35
C HIS B 31 4.22 6.20 -7.39
N ASP B 32 3.88 5.25 -8.25
CA ASP B 32 4.65 4.01 -8.39
C ASP B 32 5.43 4.01 -9.70
N GLU B 33 5.49 5.17 -10.34
CA GLU B 33 6.20 5.32 -11.62
C GLU B 33 7.67 4.98 -11.46
N GLU B 34 8.24 5.37 -10.33
CA GLU B 34 9.65 5.10 -10.04
C GLU B 34 9.88 3.60 -9.83
N ALA B 35 8.83 2.90 -9.42
CA ALA B 35 8.90 1.47 -9.20
C ALA B 35 9.01 0.75 -10.53
N GLU B 36 8.40 1.32 -11.56
CA GLU B 36 8.46 0.74 -12.89
C GLU B 36 9.87 0.86 -13.44
N ARG B 37 10.49 2.01 -13.20
CA ARG B 37 11.85 2.26 -13.65
C ARG B 37 12.82 1.36 -12.89
N LYS B 38 12.48 1.03 -11.65
CA LYS B 38 13.32 0.16 -10.83
C LYS B 38 13.20 -1.29 -11.33
N ALA B 39 12.00 -1.64 -11.78
CA ALA B 39 11.75 -2.98 -12.29
C ALA B 39 12.35 -3.15 -13.69
N LEU B 40 12.22 -2.12 -14.51
CA LEU B 40 12.75 -2.13 -15.86
C LEU B 40 14.13 -1.47 -15.88
N GLU B 41 15.16 -2.30 -15.85
CA GLU B 41 16.53 -1.79 -15.86
C GLU B 41 16.86 -1.14 -17.20
N ASP B 42 16.08 -1.48 -18.22
CA ASP B 42 16.28 -0.93 -19.55
C ASP B 42 14.94 -0.51 -20.15
N LYS B 43 14.98 0.47 -21.04
CA LYS B 43 13.79 0.97 -21.70
C LYS B 43 13.95 0.88 -23.21
N LEU B 44 12.84 0.95 -23.93
CA LEU B 44 12.87 0.89 -25.37
C LEU B 44 13.10 2.27 -25.95
N ALA B 45 13.63 2.33 -27.16
CA ALA B 45 13.90 3.61 -27.81
C ALA B 45 12.65 4.13 -28.50
N ASP B 46 11.76 3.21 -28.85
CA ASP B 46 10.51 3.57 -29.50
C ASP B 46 9.41 3.73 -28.44
N LYS B 47 8.29 4.32 -28.86
CA LYS B 47 7.17 4.55 -27.96
C LYS B 47 6.60 3.25 -27.40
N GLN B 48 6.65 3.10 -26.07
CA GLN B 48 6.14 1.92 -25.41
C GLN B 48 4.63 2.03 -25.27
N GLU B 49 3.91 1.00 -25.71
CA GLU B 49 2.45 1.00 -25.63
C GLU B 49 1.97 1.11 -24.19
N HIS B 50 2.67 0.41 -23.30
CA HIS B 50 2.36 0.40 -21.87
C HIS B 50 1.01 -0.28 -21.58
N LEU B 51 -0.07 0.49 -21.66
CA LEU B 51 -1.41 -0.03 -21.38
C LEU B 51 -1.51 -0.49 -19.93
N ASP B 52 -2.51 -1.31 -19.62
CA ASP B 52 -2.69 -1.81 -18.26
C ASP B 52 -3.22 -3.24 -18.29
N GLY B 53 -3.29 -3.87 -17.13
CA GLY B 53 -3.75 -5.24 -17.04
C GLY B 53 -5.26 -5.39 -17.14
N ALA B 54 -5.85 -4.83 -18.19
CA ALA B 54 -7.28 -4.91 -18.40
C ALA B 54 -7.62 -6.17 -19.21
N LEU B 55 -8.86 -6.63 -19.07
CA LEU B 55 -9.30 -7.81 -19.79
C LEU B 55 -9.93 -7.43 -21.12
N ARG B 56 -10.29 -6.16 -21.26
CA ARG B 56 -10.91 -5.67 -22.49
C ARG B 56 -9.87 -5.38 -23.57
N TYR B 57 -8.63 -5.16 -23.16
CA TYR B 57 -7.56 -4.86 -24.11
C TYR B 57 -6.39 -5.82 -23.92
N GLU A 6 -11.07 -0.90 16.52
CA GLU A 6 -11.96 0.22 16.80
C GLU A 6 -12.46 0.82 15.50
N GLU A 7 -13.62 1.46 15.54
CA GLU A 7 -14.19 2.07 14.36
C GLU A 7 -13.81 3.55 14.26
N CYS A 8 -13.07 4.04 15.25
CA CYS A 8 -12.63 5.42 15.24
C CYS A 8 -11.12 5.50 15.40
N MET A 9 -10.54 6.66 15.11
CA MET A 9 -9.10 6.85 15.24
C MET A 9 -8.77 7.87 16.31
N HIS A 10 -7.63 7.70 16.95
CA HIS A 10 -7.19 8.62 18.00
C HIS A 10 -6.22 9.65 17.43
N GLY A 11 -5.35 9.19 16.55
CA GLY A 11 -4.37 10.07 15.94
C GLY A 11 -4.52 10.12 14.43
N SER A 12 -3.75 9.29 13.75
CA SER A 12 -3.79 9.25 12.29
C SER A 12 -4.19 7.85 11.81
N GLY A 13 -4.94 7.13 12.64
CA GLY A 13 -5.37 5.78 12.30
C GLY A 13 -4.21 4.82 12.12
N GLU A 14 -3.15 4.99 12.91
CA GLU A 14 -1.98 4.13 12.85
C GLU A 14 -2.35 2.67 13.10
N ASN A 15 -3.09 2.44 14.18
CA ASN A 15 -3.50 1.10 14.55
C ASN A 15 -5.01 0.97 14.49
N TYR A 16 -5.62 1.67 13.54
CA TYR A 16 -7.05 1.65 13.37
C TYR A 16 -7.49 0.37 12.67
N ASP A 17 -8.26 -0.45 13.38
CA ASP A 17 -8.78 -1.69 12.81
C ASP A 17 -10.30 -1.66 12.83
N GLY A 18 -10.87 -0.96 11.87
CA GLY A 18 -12.32 -0.84 11.77
C GLY A 18 -12.86 -1.55 10.55
N LYS A 19 -14.16 -1.48 10.35
CA LYS A 19 -14.80 -2.14 9.22
C LYS A 19 -15.31 -1.15 8.18
N ILE A 20 -14.68 0.03 8.13
CA ILE A 20 -15.07 1.04 7.15
C ILE A 20 -14.35 0.76 5.83
N SER A 21 -15.14 0.60 4.77
CA SER A 21 -14.58 0.31 3.45
C SER A 21 -15.07 1.31 2.41
N LYS A 22 -15.19 2.56 2.82
CA LYS A 22 -15.65 3.60 1.90
C LYS A 22 -14.79 4.86 2.04
N THR A 23 -14.39 5.40 0.90
CA THR A 23 -13.57 6.60 0.87
C THR A 23 -14.40 7.82 1.24
N MET A 24 -13.72 8.93 1.49
CA MET A 24 -14.39 10.18 1.85
C MET A 24 -15.21 10.71 0.67
N SER A 25 -14.92 10.20 -0.52
CA SER A 25 -15.61 10.61 -1.73
C SER A 25 -16.84 9.74 -1.98
N GLY A 26 -16.98 8.67 -1.20
CA GLY A 26 -18.11 7.79 -1.35
C GLY A 26 -17.83 6.65 -2.33
N LEU A 27 -16.62 6.13 -2.28
CA LEU A 27 -16.24 5.03 -3.16
C LEU A 27 -15.92 3.79 -2.33
N GLU A 28 -16.35 2.63 -2.80
CA GLU A 28 -16.08 1.38 -2.09
C GLU A 28 -14.62 1.00 -2.31
N CYS A 29 -13.92 0.73 -1.22
CA CYS A 29 -12.51 0.37 -1.29
C CYS A 29 -12.28 -0.96 -1.99
N GLN A 30 -11.18 -1.03 -2.71
CA GLN A 30 -10.79 -2.24 -3.42
C GLN A 30 -10.12 -3.22 -2.45
N ALA A 31 -10.44 -4.49 -2.60
CA ALA A 31 -9.86 -5.53 -1.74
C ALA A 31 -8.34 -5.49 -1.80
N TRP A 32 -7.70 -5.51 -0.63
CA TRP A 32 -6.25 -5.47 -0.54
C TRP A 32 -5.63 -6.68 -1.25
N ASP A 33 -6.30 -7.82 -1.12
CA ASP A 33 -5.82 -9.05 -1.75
C ASP A 33 -6.21 -9.11 -3.23
N SER A 34 -6.63 -7.98 -3.77
CA SER A 34 -7.02 -7.90 -5.17
C SER A 34 -6.09 -6.95 -5.93
N GLN A 35 -5.67 -7.37 -7.12
CA GLN A 35 -4.80 -6.57 -7.96
C GLN A 35 -5.63 -5.83 -9.00
N SER A 36 -6.94 -5.99 -8.91
CA SER A 36 -7.87 -5.36 -9.83
C SER A 36 -8.88 -4.53 -9.03
N PRO A 37 -9.36 -3.42 -9.59
CA PRO A 37 -8.93 -2.94 -10.91
C PRO A 37 -7.59 -2.20 -10.89
N HIS A 38 -7.12 -1.84 -9.71
CA HIS A 38 -5.86 -1.12 -9.58
C HIS A 38 -4.76 -2.01 -9.03
N ALA A 39 -3.67 -2.12 -9.78
CA ALA A 39 -2.54 -2.92 -9.35
C ALA A 39 -1.75 -2.18 -8.28
N HIS A 40 -1.19 -2.92 -7.34
CA HIS A 40 -0.43 -2.32 -6.26
C HIS A 40 0.53 -3.34 -5.64
N GLY A 41 1.32 -2.89 -4.67
CA GLY A 41 2.27 -3.76 -4.02
C GLY A 41 2.02 -3.89 -2.53
N TYR A 42 0.84 -3.51 -2.09
CA TYR A 42 0.49 -3.59 -0.67
C TYR A 42 -0.18 -4.93 -0.38
N ILE A 43 0.54 -6.00 -0.65
CA ILE A 43 0.04 -7.35 -0.43
C ILE A 43 -0.08 -7.64 1.06
N PRO A 44 -1.27 -8.06 1.53
CA PRO A 44 -1.50 -8.37 2.94
C PRO A 44 -0.54 -9.44 3.46
N SER A 45 -0.10 -10.32 2.56
CA SER A 45 0.82 -11.38 2.90
C SER A 45 2.24 -10.84 3.09
N LYS A 46 2.50 -9.64 2.55
CA LYS A 46 3.81 -9.02 2.67
C LYS A 46 3.85 -8.14 3.92
N PHE A 47 2.67 -7.69 4.33
CA PHE A 47 2.53 -6.85 5.52
C PHE A 47 1.40 -7.38 6.40
N PRO A 48 1.59 -8.55 7.05
CA PRO A 48 0.58 -9.16 7.91
C PRO A 48 0.47 -8.46 9.26
N ASN A 49 1.30 -7.46 9.47
CA ASN A 49 1.30 -6.72 10.73
C ASN A 49 0.50 -5.42 10.64
N LYS A 50 -0.01 -5.11 9.45
CA LYS A 50 -0.77 -3.88 9.28
C LYS A 50 -2.27 -4.15 9.25
N ASN A 51 -2.64 -5.43 9.28
CA ASN A 51 -4.04 -5.85 9.30
C ASN A 51 -4.82 -5.34 8.10
N LEU A 52 -4.32 -5.63 6.90
CA LEU A 52 -4.99 -5.23 5.67
C LEU A 52 -6.11 -6.22 5.37
N LYS A 53 -7.13 -6.20 6.21
CA LYS A 53 -8.27 -7.10 6.09
C LYS A 53 -9.27 -6.66 5.03
N LYS A 54 -9.67 -7.63 4.20
CA LYS A 54 -10.64 -7.42 3.12
C LYS A 54 -10.35 -6.17 2.30
N ASN A 55 -11.20 -5.16 2.45
CA ASN A 55 -11.06 -3.91 1.73
C ASN A 55 -11.25 -2.73 2.69
N TYR A 56 -10.97 -2.97 3.96
CA TYR A 56 -11.12 -1.94 4.97
C TYR A 56 -9.99 -0.93 4.90
N CYS A 57 -10.32 0.34 5.15
CA CYS A 57 -9.34 1.41 5.12
C CYS A 57 -8.32 1.25 6.23
N ARG A 58 -7.04 1.32 5.87
CA ARG A 58 -5.96 1.18 6.84
C ARG A 58 -4.86 2.20 6.57
N ASN A 59 -3.92 2.31 7.50
CA ASN A 59 -2.80 3.23 7.35
C ASN A 59 -1.48 2.46 7.46
N PRO A 60 -0.96 1.97 6.32
CA PRO A 60 0.27 1.19 6.27
C PRO A 60 1.54 2.01 6.01
N ASP A 61 1.40 3.24 5.55
CA ASP A 61 2.56 4.08 5.24
C ASP A 61 2.72 5.23 6.24
N ARG A 62 1.87 5.22 7.27
CA ARG A 62 1.90 6.25 8.31
C ARG A 62 1.52 7.62 7.74
N ASP A 63 0.38 7.66 7.06
CA ASP A 63 -0.12 8.90 6.47
C ASP A 63 -0.90 9.70 7.51
N LEU A 64 -1.58 10.74 7.07
CA LEU A 64 -2.36 11.59 7.98
C LEU A 64 -3.76 11.04 8.20
N ARG A 65 -4.21 10.22 7.27
CA ARG A 65 -5.54 9.61 7.36
C ARG A 65 -5.54 8.26 6.68
N PRO A 66 -6.25 7.26 7.24
CA PRO A 66 -6.34 5.94 6.64
C PRO A 66 -6.90 6.01 5.22
N TRP A 67 -6.32 5.26 4.32
CA TRP A 67 -6.75 5.28 2.93
C TRP A 67 -7.03 3.88 2.41
N CYS A 68 -7.43 3.82 1.15
CA CYS A 68 -7.72 2.57 0.48
C CYS A 68 -7.80 2.81 -1.02
N PHE A 69 -7.80 1.74 -1.80
CA PHE A 69 -7.90 1.86 -3.24
C PHE A 69 -9.38 1.94 -3.60
N THR A 70 -9.72 2.60 -4.70
CA THR A 70 -11.12 2.74 -5.06
C THR A 70 -11.55 1.70 -6.09
N THR A 71 -12.85 1.56 -6.27
CA THR A 71 -13.40 0.62 -7.23
C THR A 71 -13.55 1.27 -8.61
N ASP A 72 -13.16 2.54 -8.69
CA ASP A 72 -13.24 3.28 -9.93
C ASP A 72 -11.87 3.29 -10.58
N PRO A 73 -11.73 2.68 -11.77
CA PRO A 73 -10.45 2.61 -12.50
C PRO A 73 -9.95 3.98 -12.95
N ASN A 74 -10.53 5.05 -12.42
CA ASN A 74 -10.13 6.41 -12.76
C ASN A 74 -9.42 7.06 -11.58
N LYS A 75 -9.45 6.38 -10.43
CA LYS A 75 -8.81 6.87 -9.21
C LYS A 75 -8.16 5.71 -8.48
N ARG A 76 -6.83 5.74 -8.39
CA ARG A 76 -6.08 4.67 -7.74
C ARG A 76 -6.43 4.54 -6.25
N TRP A 77 -6.21 5.59 -5.49
CA TRP A 77 -6.48 5.54 -4.06
C TRP A 77 -7.14 6.82 -3.57
N GLU A 78 -7.73 6.76 -2.39
CA GLU A 78 -8.41 7.90 -1.80
C GLU A 78 -8.43 7.77 -0.28
N TYR A 79 -8.55 8.89 0.42
CA TYR A 79 -8.60 8.88 1.87
C TYR A 79 -10.02 8.52 2.34
N CYS A 80 -10.12 7.88 3.49
CA CYS A 80 -11.42 7.50 4.04
C CYS A 80 -11.81 8.40 5.21
N ASP A 81 -13.06 8.81 5.26
CA ASP A 81 -13.54 9.66 6.34
C ASP A 81 -13.97 8.82 7.53
N ILE A 82 -13.04 8.62 8.46
CA ILE A 82 -13.31 7.82 9.64
C ILE A 82 -13.41 8.74 10.87
N PRO A 83 -14.46 8.54 11.70
CA PRO A 83 -14.67 9.35 12.90
C PRO A 83 -13.53 9.25 13.90
N ARG A 84 -13.30 10.34 14.61
CA ARG A 84 -12.25 10.39 15.62
C ARG A 84 -12.80 9.97 16.98
N CYS A 85 -11.96 9.42 17.83
CA CYS A 85 -12.37 8.98 19.16
C CYS A 85 -12.34 10.14 20.15
N GLY B 1 29.64 -21.83 12.84
CA GLY B 1 30.94 -21.39 13.31
C GLY B 1 31.43 -20.17 12.57
N SER B 2 32.74 -19.99 12.52
CA SER B 2 33.33 -18.85 11.84
C SER B 2 33.41 -19.09 10.34
N LYS B 3 33.77 -20.31 9.96
CA LYS B 3 33.89 -20.68 8.56
C LYS B 3 32.50 -20.91 7.96
N THR B 4 31.57 -21.35 8.79
CA THR B 4 30.21 -21.60 8.38
C THR B 4 29.44 -20.29 8.19
N ILE B 5 29.14 -19.95 6.95
CA ILE B 5 28.41 -18.73 6.66
C ILE B 5 26.91 -18.97 6.81
N GLN B 6 26.42 -18.75 8.02
CA GLN B 6 25.01 -18.94 8.32
C GLN B 6 24.13 -17.94 7.58
N GLU B 7 22.96 -18.39 7.17
CA GLU B 7 22.00 -17.55 6.47
C GLU B 7 21.23 -16.71 7.47
N LYS B 8 20.98 -17.29 8.64
CA LYS B 8 20.24 -16.63 9.69
C LYS B 8 20.96 -15.38 10.18
N GLU B 9 20.28 -14.25 10.13
CA GLU B 9 20.86 -12.99 10.57
C GLU B 9 21.10 -13.03 12.07
N GLN B 10 22.22 -12.48 12.50
CA GLN B 10 22.57 -12.46 13.91
C GLN B 10 21.83 -11.32 14.62
N GLU B 11 21.52 -10.28 13.86
CA GLU B 11 20.81 -9.13 14.40
C GLU B 11 19.47 -8.99 13.71
N LEU B 12 18.52 -8.39 14.40
CA LEU B 12 17.19 -8.17 13.85
C LEU B 12 16.96 -6.68 13.61
N LYS B 13 16.59 -6.34 12.38
CA LYS B 13 16.34 -4.96 12.02
C LYS B 13 15.02 -4.48 12.59
N ASN B 14 15.06 -3.44 13.40
CA ASN B 14 13.87 -2.89 14.01
C ASN B 14 13.16 -1.97 13.04
N LEU B 15 12.01 -2.42 12.55
CA LEU B 15 11.22 -1.64 11.60
C LEU B 15 10.73 -0.33 12.22
N LYS B 16 10.49 -0.35 13.53
CA LYS B 16 10.01 0.84 14.23
C LYS B 16 11.01 1.99 14.12
N ASP B 17 12.29 1.66 14.03
CA ASP B 17 13.34 2.67 13.90
C ASP B 17 13.30 3.30 12.52
N ASN B 18 13.15 2.45 11.50
CA ASN B 18 13.10 2.90 10.12
C ASN B 18 11.83 3.72 9.87
N VAL B 19 10.72 3.28 10.45
CA VAL B 19 9.44 3.97 10.30
C VAL B 19 9.52 5.37 10.92
N GLU B 20 10.24 5.48 12.03
CA GLU B 20 10.38 6.75 12.71
C GLU B 20 11.19 7.72 11.85
N LEU B 21 12.19 7.18 11.16
CA LEU B 21 13.03 7.97 10.28
C LEU B 21 12.26 8.36 9.02
N GLU B 22 11.44 7.43 8.54
CA GLU B 22 10.62 7.62 7.36
C GLU B 22 11.49 7.95 6.14
N ARG B 23 12.13 6.92 5.61
CA ARG B 23 13.02 7.09 4.46
C ARG B 23 12.21 7.07 3.17
N LEU B 24 11.06 6.41 3.19
CA LEU B 24 10.20 6.34 2.01
C LEU B 24 9.58 7.69 1.72
N LYS B 25 9.33 8.46 2.78
CA LYS B 25 8.78 9.82 2.67
C LYS B 25 7.45 9.84 1.92
N ASN B 26 6.70 8.74 1.99
CA ASN B 26 5.40 8.64 1.32
C ASN B 26 5.52 8.76 -0.21
N GLU B 27 6.75 8.57 -0.72
CA GLU B 27 7.01 8.69 -2.15
C GLU B 27 6.28 7.60 -2.94
N ARG B 28 6.42 6.35 -2.50
CA ARG B 28 5.80 5.21 -3.18
C ARG B 28 4.27 5.29 -3.12
N HIS B 29 3.77 5.99 -2.13
CA HIS B 29 2.33 6.16 -1.94
C HIS B 29 1.72 6.96 -3.09
N ASP B 30 2.46 7.96 -3.55
CA ASP B 30 1.99 8.82 -4.65
C ASP B 30 2.47 8.32 -6.00
N HIS B 31 3.76 8.03 -6.10
CA HIS B 31 4.34 7.58 -7.36
C HIS B 31 5.11 6.27 -7.17
N ASP B 32 4.87 5.32 -8.08
CA ASP B 32 5.52 4.01 -8.00
C ASP B 32 6.62 3.87 -9.04
N GLU B 33 7.00 4.98 -9.68
CA GLU B 33 8.05 4.96 -10.70
C GLU B 33 9.37 4.48 -10.09
N GLU B 34 9.51 4.66 -8.79
CA GLU B 34 10.69 4.23 -8.06
C GLU B 34 10.88 2.72 -8.18
N ALA B 35 9.78 1.98 -8.02
CA ALA B 35 9.82 0.54 -8.12
C ALA B 35 9.98 0.11 -9.57
N GLU B 36 9.52 0.95 -10.47
CA GLU B 36 9.62 0.69 -11.90
C GLU B 36 11.08 0.73 -12.35
N ARG B 37 11.79 1.74 -11.87
CA ARG B 37 13.20 1.92 -12.21
C ARG B 37 14.06 0.88 -11.48
N LYS B 38 13.57 0.40 -10.35
CA LYS B 38 14.29 -0.60 -9.57
C LYS B 38 14.10 -2.00 -10.18
N ALA B 39 12.95 -2.21 -10.81
CA ALA B 39 12.65 -3.49 -11.43
C ALA B 39 13.37 -3.66 -12.77
N LEU B 40 13.79 -2.54 -13.34
CA LEU B 40 14.50 -2.56 -14.62
C LEU B 40 15.95 -2.21 -14.43
N GLU B 41 16.79 -2.59 -15.38
CA GLU B 41 18.20 -2.31 -15.31
C GLU B 41 18.51 -0.93 -15.90
N ASP B 42 17.81 -0.59 -16.97
CA ASP B 42 17.99 0.69 -17.63
C ASP B 42 16.64 1.36 -17.87
N LYS B 43 16.68 2.63 -18.24
CA LYS B 43 15.46 3.37 -18.50
C LYS B 43 15.16 3.41 -20.00
N LEU B 44 13.88 3.33 -20.33
CA LEU B 44 13.43 3.35 -21.72
C LEU B 44 13.85 4.65 -22.39
N ALA B 45 14.39 4.53 -23.60
CA ALA B 45 14.83 5.69 -24.34
C ALA B 45 13.64 6.38 -25.01
N ASP B 46 12.56 5.64 -25.15
CA ASP B 46 11.34 6.17 -25.75
C ASP B 46 10.50 6.87 -24.70
N LYS B 47 9.49 7.61 -25.13
CA LYS B 47 8.62 8.32 -24.21
C LYS B 47 7.82 7.36 -23.34
N GLN B 48 8.04 7.42 -22.04
CA GLN B 48 7.34 6.57 -21.08
C GLN B 48 5.83 6.76 -21.20
N GLU B 49 5.09 5.66 -21.26
CA GLU B 49 3.65 5.73 -21.36
C GLU B 49 3.04 6.23 -20.06
N HIS B 50 3.67 5.83 -18.95
CA HIS B 50 3.23 6.22 -17.62
C HIS B 50 1.81 5.73 -17.35
N LEU B 51 0.86 6.66 -17.23
CA LEU B 51 -0.53 6.34 -16.95
C LEU B 51 -0.64 5.61 -15.62
N ASP B 52 -1.76 4.95 -15.38
CA ASP B 52 -1.96 4.22 -14.15
C ASP B 52 -2.26 2.76 -14.44
N GLY B 53 -1.97 1.90 -13.47
CA GLY B 53 -2.21 0.48 -13.62
C GLY B 53 -3.65 0.11 -13.35
N ALA B 54 -4.56 0.60 -14.18
CA ALA B 54 -5.98 0.31 -14.04
C ALA B 54 -6.47 -0.51 -15.22
N LEU B 55 -7.72 -0.94 -15.17
CA LEU B 55 -8.30 -1.73 -16.25
C LEU B 55 -9.00 -0.86 -17.29
N ARG B 56 -9.25 0.40 -16.92
CA ARG B 56 -9.91 1.32 -17.84
C ARG B 56 -8.91 2.35 -18.36
N TYR B 57 -7.98 2.75 -17.50
CA TYR B 57 -6.96 3.72 -17.86
C TYR B 57 -5.60 3.26 -17.35
N GLU A 6 -11.08 -1.21 16.73
CA GLU A 6 -11.73 0.07 16.97
C GLU A 6 -12.26 0.65 15.67
N GLU A 7 -13.40 1.33 15.76
CA GLU A 7 -14.03 1.92 14.58
C GLU A 7 -13.80 3.42 14.53
N CYS A 8 -13.00 3.92 15.46
CA CYS A 8 -12.69 5.35 15.51
C CYS A 8 -11.18 5.55 15.53
N MET A 9 -10.72 6.76 15.22
CA MET A 9 -9.30 7.05 15.20
C MET A 9 -8.89 7.96 16.35
N HIS A 10 -7.68 7.75 16.85
CA HIS A 10 -7.14 8.56 17.94
C HIS A 10 -6.09 9.52 17.39
N GLY A 11 -5.66 9.25 16.16
CA GLY A 11 -4.67 10.08 15.52
C GLY A 11 -4.66 9.92 14.02
N SER A 12 -3.56 9.42 13.48
CA SER A 12 -3.44 9.22 12.04
C SER A 12 -4.18 7.96 11.61
N GLY A 13 -4.46 7.08 12.55
CA GLY A 13 -5.15 5.85 12.24
C GLY A 13 -4.20 4.70 12.04
N GLU A 14 -2.98 4.86 12.55
CA GLU A 14 -1.94 3.84 12.45
C GLU A 14 -2.40 2.55 13.10
N ASN A 15 -3.07 2.68 14.24
CA ASN A 15 -3.56 1.53 14.98
C ASN A 15 -5.06 1.36 14.80
N TYR A 16 -5.57 1.78 13.65
CA TYR A 16 -7.00 1.67 13.37
C TYR A 16 -7.32 0.34 12.68
N ASP A 17 -8.22 -0.42 13.29
CA ASP A 17 -8.63 -1.70 12.74
C ASP A 17 -10.16 -1.82 12.84
N GLY A 18 -10.84 -1.11 11.95
CA GLY A 18 -12.29 -1.12 11.93
C GLY A 18 -12.86 -1.81 10.71
N LYS A 19 -14.08 -1.46 10.36
CA LYS A 19 -14.76 -2.06 9.22
C LYS A 19 -15.17 -1.04 8.17
N ILE A 20 -14.68 0.18 8.29
CA ILE A 20 -15.00 1.22 7.32
C ILE A 20 -14.31 0.90 5.99
N SER A 21 -15.09 0.72 4.93
CA SER A 21 -14.55 0.40 3.63
C SER A 21 -15.05 1.37 2.55
N LYS A 22 -15.24 2.62 2.93
CA LYS A 22 -15.72 3.62 1.99
C LYS A 22 -14.87 4.89 2.08
N THR A 23 -14.49 5.40 0.93
CA THR A 23 -13.68 6.61 0.86
C THR A 23 -14.50 7.82 1.30
N MET A 24 -13.83 8.94 1.55
CA MET A 24 -14.52 10.16 1.95
C MET A 24 -15.31 10.74 0.77
N SER A 25 -15.06 10.15 -0.40
CA SER A 25 -15.74 10.57 -1.63
C SER A 25 -17.00 9.74 -1.83
N GLY A 26 -17.12 8.66 -1.07
CA GLY A 26 -18.28 7.80 -1.18
C GLY A 26 -18.07 6.66 -2.15
N LEU A 27 -16.84 6.20 -2.29
CA LEU A 27 -16.52 5.11 -3.20
C LEU A 27 -16.19 3.85 -2.42
N GLU A 28 -16.48 2.71 -3.03
CA GLU A 28 -16.21 1.41 -2.41
C GLU A 28 -14.72 1.08 -2.55
N CYS A 29 -14.08 0.75 -1.45
CA CYS A 29 -12.66 0.43 -1.46
C CYS A 29 -12.40 -0.94 -2.11
N GLN A 30 -11.25 -1.05 -2.75
CA GLN A 30 -10.83 -2.28 -3.41
C GLN A 30 -10.12 -3.18 -2.41
N ALA A 31 -10.39 -4.48 -2.49
CA ALA A 31 -9.77 -5.45 -1.60
C ALA A 31 -8.24 -5.42 -1.76
N TRP A 32 -7.55 -5.38 -0.62
CA TRP A 32 -6.09 -5.34 -0.62
C TRP A 32 -5.50 -6.57 -1.30
N ASP A 33 -6.12 -7.72 -1.04
CA ASP A 33 -5.69 -8.99 -1.61
C ASP A 33 -6.11 -9.14 -3.08
N SER A 34 -6.68 -8.08 -3.64
CA SER A 34 -7.11 -8.09 -5.02
C SER A 34 -6.35 -7.04 -5.81
N GLN A 35 -5.92 -7.42 -7.01
CA GLN A 35 -5.19 -6.50 -7.87
C GLN A 35 -6.06 -6.08 -9.05
N SER A 36 -7.30 -5.73 -8.74
CA SER A 36 -8.26 -5.30 -9.74
C SER A 36 -9.23 -4.28 -9.15
N PRO A 37 -9.48 -3.17 -9.85
CA PRO A 37 -8.89 -2.90 -11.17
C PRO A 37 -7.48 -2.31 -11.08
N HIS A 38 -7.05 -1.93 -9.88
CA HIS A 38 -5.73 -1.34 -9.70
C HIS A 38 -4.74 -2.34 -9.12
N ALA A 39 -3.53 -2.30 -9.64
CA ALA A 39 -2.46 -3.16 -9.17
C ALA A 39 -1.58 -2.37 -8.22
N HIS A 40 -1.16 -3.00 -7.13
CA HIS A 40 -0.34 -2.32 -6.15
C HIS A 40 0.66 -3.28 -5.51
N GLY A 41 1.38 -2.79 -4.52
CA GLY A 41 2.36 -3.60 -3.83
C GLY A 41 2.04 -3.78 -2.36
N TYR A 42 0.82 -3.41 -1.97
CA TYR A 42 0.41 -3.54 -0.58
C TYR A 42 -0.22 -4.91 -0.35
N ILE A 43 0.57 -5.94 -0.59
CA ILE A 43 0.13 -7.31 -0.44
C ILE A 43 -0.03 -7.66 1.03
N PRO A 44 -1.22 -8.13 1.45
CA PRO A 44 -1.50 -8.51 2.84
C PRO A 44 -0.53 -9.57 3.35
N SER A 45 0.01 -10.36 2.44
CA SER A 45 0.95 -11.42 2.78
C SER A 45 2.36 -10.83 2.97
N LYS A 46 2.57 -9.62 2.46
CA LYS A 46 3.85 -8.96 2.58
C LYS A 46 3.89 -8.10 3.85
N PHE A 47 2.73 -7.59 4.23
CA PHE A 47 2.62 -6.76 5.44
C PHE A 47 1.45 -7.24 6.30
N PRO A 48 1.58 -8.41 6.93
CA PRO A 48 0.51 -8.97 7.78
C PRO A 48 0.32 -8.18 9.08
N ASN A 49 1.36 -7.46 9.49
CA ASN A 49 1.31 -6.68 10.72
C ASN A 49 0.61 -5.35 10.51
N LYS A 50 0.13 -5.09 9.31
CA LYS A 50 -0.55 -3.82 9.02
C LYS A 50 -2.06 -3.99 9.01
N ASN A 51 -2.53 -5.18 9.35
CA ASN A 51 -3.97 -5.48 9.42
C ASN A 51 -4.70 -5.20 8.11
N LEU A 52 -4.12 -5.64 6.99
CA LEU A 52 -4.77 -5.44 5.69
C LEU A 52 -5.86 -6.49 5.51
N LYS A 53 -7.06 -6.18 5.99
CA LYS A 53 -8.18 -7.10 5.92
C LYS A 53 -9.23 -6.65 4.90
N LYS A 54 -9.60 -7.57 4.02
CA LYS A 54 -10.61 -7.32 2.99
C LYS A 54 -10.32 -6.04 2.20
N ASN A 55 -11.25 -5.11 2.26
CA ASN A 55 -11.12 -3.84 1.57
C ASN A 55 -11.33 -2.69 2.54
N TYR A 56 -11.07 -2.98 3.81
CA TYR A 56 -11.25 -1.98 4.86
C TYR A 56 -10.14 -0.93 4.80
N CYS A 57 -10.51 0.31 5.12
CA CYS A 57 -9.56 1.41 5.12
C CYS A 57 -8.53 1.22 6.22
N ARG A 58 -7.27 1.33 5.86
CA ARG A 58 -6.19 1.16 6.83
C ARG A 58 -5.10 2.19 6.58
N ASN A 59 -4.14 2.25 7.49
CA ASN A 59 -3.01 3.15 7.37
C ASN A 59 -1.73 2.33 7.39
N PRO A 60 -1.32 1.81 6.22
CA PRO A 60 -0.14 0.97 6.10
C PRO A 60 1.15 1.73 5.81
N ASP A 61 1.06 3.03 5.58
CA ASP A 61 2.25 3.82 5.28
C ASP A 61 2.40 5.03 6.19
N ARG A 62 1.71 4.99 7.33
CA ARG A 62 1.78 6.07 8.33
C ARG A 62 1.39 7.42 7.73
N ASP A 63 0.32 7.43 6.94
CA ASP A 63 -0.16 8.67 6.33
C ASP A 63 -0.93 9.50 7.36
N LEU A 64 -1.44 10.63 6.93
CA LEU A 64 -2.18 11.53 7.82
C LEU A 64 -3.54 10.95 8.22
N ARG A 65 -4.11 10.17 7.33
CA ARG A 65 -5.42 9.56 7.55
C ARG A 65 -5.49 8.22 6.85
N PRO A 66 -6.32 7.29 7.34
CA PRO A 66 -6.47 5.97 6.71
C PRO A 66 -7.02 6.10 5.29
N TRP A 67 -6.46 5.33 4.38
CA TRP A 67 -6.88 5.38 2.99
C TRP A 67 -7.14 3.99 2.45
N CYS A 68 -7.56 3.93 1.19
CA CYS A 68 -7.84 2.66 0.53
C CYS A 68 -7.83 2.86 -0.98
N PHE A 69 -7.73 1.77 -1.72
CA PHE A 69 -7.77 1.84 -3.17
C PHE A 69 -9.23 1.88 -3.57
N THR A 70 -9.57 2.55 -4.65
CA THR A 70 -10.97 2.65 -5.05
C THR A 70 -11.29 1.68 -6.18
N THR A 71 -12.58 1.42 -6.35
CA THR A 71 -13.03 0.52 -7.41
C THR A 71 -13.14 1.26 -8.73
N ASP A 72 -12.79 2.55 -8.71
CA ASP A 72 -12.84 3.40 -9.89
C ASP A 72 -11.50 3.33 -10.62
N PRO A 73 -11.49 2.80 -11.85
CA PRO A 73 -10.27 2.66 -12.65
C PRO A 73 -9.52 3.98 -12.89
N ASN A 74 -10.18 5.11 -12.67
CA ASN A 74 -9.53 6.40 -12.87
C ASN A 74 -9.06 6.99 -11.54
N LYS A 75 -9.30 6.26 -10.45
CA LYS A 75 -8.89 6.70 -9.13
C LYS A 75 -8.16 5.59 -8.40
N ARG A 76 -6.83 5.67 -8.39
CA ARG A 76 -6.01 4.64 -7.74
C ARG A 76 -6.34 4.50 -6.26
N TRP A 77 -6.22 5.59 -5.52
CA TRP A 77 -6.51 5.55 -4.09
C TRP A 77 -7.17 6.83 -3.63
N GLU A 78 -7.86 6.74 -2.50
CA GLU A 78 -8.54 7.89 -1.92
C GLU A 78 -8.50 7.78 -0.39
N TYR A 79 -8.71 8.91 0.27
CA TYR A 79 -8.71 8.94 1.73
C TYR A 79 -10.07 8.56 2.26
N CYS A 80 -10.09 7.88 3.40
CA CYS A 80 -11.34 7.46 4.01
C CYS A 80 -11.69 8.39 5.16
N ASP A 81 -12.97 8.49 5.46
CA ASP A 81 -13.42 9.36 6.54
C ASP A 81 -13.79 8.54 7.77
N ILE A 82 -12.92 8.57 8.77
CA ILE A 82 -13.13 7.84 10.00
C ILE A 82 -13.26 8.82 11.17
N PRO A 83 -14.36 8.75 11.94
CA PRO A 83 -14.59 9.63 13.09
C PRO A 83 -13.54 9.45 14.18
N ARG A 84 -13.23 10.52 14.88
CA ARG A 84 -12.25 10.47 15.96
C ARG A 84 -12.91 10.03 17.25
N CYS A 85 -12.14 9.43 18.15
CA CYS A 85 -12.66 8.97 19.42
C CYS A 85 -12.74 10.10 20.44
N GLY B 1 27.63 -20.92 5.72
CA GLY B 1 28.51 -20.62 6.83
C GLY B 1 29.48 -19.51 6.50
N SER B 2 30.75 -19.85 6.35
CA SER B 2 31.78 -18.87 6.02
C SER B 2 31.86 -18.68 4.50
N LYS B 3 31.96 -19.79 3.78
CA LYS B 3 32.04 -19.74 2.33
C LYS B 3 30.65 -19.70 1.72
N THR B 4 29.77 -20.54 2.23
CA THR B 4 28.41 -20.60 1.73
C THR B 4 27.58 -19.44 2.27
N ILE B 5 26.99 -18.68 1.36
CA ILE B 5 26.18 -17.54 1.73
C ILE B 5 24.73 -17.98 1.97
N GLN B 6 24.28 -17.85 3.19
CA GLN B 6 22.93 -18.22 3.55
C GLN B 6 21.95 -17.12 3.16
N GLU B 7 20.70 -17.48 2.94
CA GLU B 7 19.69 -16.51 2.56
C GLU B 7 19.37 -15.57 3.71
N LYS B 8 19.11 -16.15 4.88
CA LYS B 8 18.80 -15.37 6.06
C LYS B 8 20.05 -14.64 6.53
N GLU B 9 19.92 -13.34 6.75
CA GLU B 9 21.03 -12.52 7.19
C GLU B 9 21.45 -12.89 8.62
N GLN B 10 22.71 -12.60 8.94
CA GLN B 10 23.25 -12.91 10.26
C GLN B 10 22.61 -12.02 11.31
N GLU B 11 22.69 -10.72 11.11
CA GLU B 11 22.12 -9.77 12.05
C GLU B 11 20.76 -9.28 11.53
N LEU B 12 19.73 -9.48 12.31
CA LEU B 12 18.38 -9.06 11.93
C LEU B 12 18.19 -7.58 12.24
N LYS B 13 17.40 -6.91 11.42
CA LYS B 13 17.15 -5.50 11.59
C LYS B 13 15.70 -5.22 11.96
N ASN B 14 15.49 -4.24 12.82
CA ASN B 14 14.15 -3.86 13.25
C ASN B 14 13.51 -2.96 12.20
N LEU B 15 12.45 -3.44 11.57
CA LEU B 15 11.77 -2.70 10.53
C LEU B 15 11.10 -1.44 11.10
N LYS B 16 10.65 -1.53 12.35
CA LYS B 16 10.01 -0.39 13.01
C LYS B 16 10.98 0.79 13.09
N ASP B 17 12.26 0.48 13.21
CA ASP B 17 13.31 1.51 13.28
C ASP B 17 13.43 2.24 11.95
N ASN B 18 13.37 1.46 10.87
CA ASN B 18 13.47 2.01 9.52
C ASN B 18 12.27 2.89 9.21
N VAL B 19 11.08 2.38 9.54
CA VAL B 19 9.84 3.11 9.30
C VAL B 19 9.82 4.43 10.08
N GLU B 20 10.43 4.42 11.27
CA GLU B 20 10.49 5.60 12.12
C GLU B 20 11.21 6.74 11.40
N LEU B 21 12.25 6.41 10.67
CA LEU B 21 13.03 7.42 9.94
C LEU B 21 12.40 7.66 8.57
N GLU B 22 11.79 6.61 8.03
CA GLU B 22 11.13 6.65 6.72
C GLU B 22 12.09 7.13 5.64
N ARG B 23 12.92 6.21 5.17
CA ARG B 23 13.89 6.51 4.14
C ARG B 23 13.22 6.71 2.78
N LEU B 24 12.09 6.02 2.58
CA LEU B 24 11.35 6.11 1.33
C LEU B 24 10.48 7.36 1.29
N LYS B 25 10.21 7.92 2.48
CA LYS B 25 9.39 9.13 2.62
C LYS B 25 7.99 8.93 2.05
N ASN B 26 7.61 7.66 1.88
CA ASN B 26 6.30 7.27 1.35
C ASN B 26 6.05 7.86 -0.04
N GLU B 27 7.12 8.11 -0.78
CA GLU B 27 6.99 8.66 -2.13
C GLU B 27 6.34 7.65 -3.07
N ARG B 28 6.43 6.38 -2.70
CA ARG B 28 5.85 5.31 -3.49
C ARG B 28 4.33 5.34 -3.44
N HIS B 29 3.78 6.00 -2.42
CA HIS B 29 2.33 6.12 -2.28
C HIS B 29 1.82 7.13 -3.30
N ASP B 30 2.65 8.13 -3.58
CA ASP B 30 2.31 9.17 -4.55
C ASP B 30 2.56 8.67 -5.97
N HIS B 31 3.69 8.00 -6.15
CA HIS B 31 4.06 7.46 -7.45
C HIS B 31 4.90 6.18 -7.29
N ASP B 32 4.42 5.09 -7.87
CA ASP B 32 5.13 3.81 -7.78
C ASP B 32 6.02 3.59 -9.00
N GLU B 33 6.25 4.66 -9.74
CA GLU B 33 7.09 4.61 -10.94
C GLU B 33 8.54 4.33 -10.56
N GLU B 34 8.94 4.77 -9.37
CA GLU B 34 10.31 4.56 -8.88
C GLU B 34 10.62 3.07 -8.78
N ALA B 35 9.61 2.28 -8.42
CA ALA B 35 9.77 0.84 -8.29
C ALA B 35 10.10 0.22 -9.64
N GLU B 36 9.49 0.73 -10.69
CA GLU B 36 9.72 0.23 -12.04
C GLU B 36 11.15 0.55 -12.47
N ARG B 37 11.61 1.75 -12.18
CA ARG B 37 12.96 2.18 -12.52
C ARG B 37 13.99 1.43 -11.70
N LYS B 38 13.55 0.89 -10.56
CA LYS B 38 14.44 0.14 -9.69
C LYS B 38 14.48 -1.33 -10.12
N ALA B 39 13.34 -1.86 -10.55
CA ALA B 39 13.24 -3.24 -11.00
C ALA B 39 14.04 -3.45 -12.28
N LEU B 40 13.98 -2.47 -13.16
CA LEU B 40 14.71 -2.52 -14.42
C LEU B 40 16.09 -1.94 -14.25
N GLU B 41 17.06 -2.47 -14.97
CA GLU B 41 18.43 -1.98 -14.87
C GLU B 41 18.64 -0.83 -15.84
N ASP B 42 17.91 -0.87 -16.94
CA ASP B 42 18.00 0.17 -17.96
C ASP B 42 16.61 0.42 -18.55
N LYS B 43 16.37 1.64 -19.01
CA LYS B 43 15.10 1.99 -19.60
C LYS B 43 15.22 2.17 -21.10
N LEU B 44 14.18 1.76 -21.80
CA LEU B 44 14.13 1.84 -23.27
C LEU B 44 14.33 3.28 -23.76
N ALA B 45 14.91 3.39 -24.94
CA ALA B 45 15.18 4.69 -25.55
C ALA B 45 13.96 5.22 -26.30
N ASP B 46 12.95 4.38 -26.45
CA ASP B 46 11.73 4.76 -27.14
C ASP B 46 10.67 5.20 -26.14
N LYS B 47 9.62 5.83 -26.65
CA LYS B 47 8.53 6.31 -25.82
C LYS B 47 7.82 5.17 -25.11
N GLN B 48 7.92 5.16 -23.78
CA GLN B 48 7.28 4.14 -22.97
C GLN B 48 5.77 4.32 -22.96
N GLU B 49 5.04 3.21 -22.87
CA GLU B 49 3.58 3.25 -22.85
C GLU B 49 3.09 3.72 -21.49
N HIS B 50 3.83 3.35 -20.44
CA HIS B 50 3.51 3.73 -19.07
C HIS B 50 2.27 2.99 -18.55
N LEU B 51 1.10 3.55 -18.81
CA LEU B 51 -0.17 2.99 -18.36
C LEU B 51 -0.24 3.00 -16.82
N ASP B 52 -1.31 2.47 -16.26
CA ASP B 52 -1.46 2.42 -14.81
C ASP B 52 -2.16 1.13 -14.36
N GLY B 53 -3.49 1.15 -14.37
CA GLY B 53 -4.24 -0.01 -13.94
C GLY B 53 -5.65 0.01 -14.48
N ALA B 54 -5.97 -0.96 -15.32
CA ALA B 54 -7.29 -1.07 -15.91
C ALA B 54 -7.52 -2.47 -16.43
N LEU B 55 -8.77 -2.92 -16.37
CA LEU B 55 -9.13 -4.25 -16.84
C LEU B 55 -9.69 -4.15 -18.26
N ARG B 56 -10.13 -2.96 -18.61
CA ARG B 56 -10.70 -2.70 -19.92
C ARG B 56 -9.63 -2.17 -20.88
N TYR B 57 -8.61 -1.55 -20.32
CA TYR B 57 -7.52 -0.99 -21.12
C TYR B 57 -6.21 -1.64 -20.73
N GLU A 6 -11.03 -0.43 17.23
CA GLU A 6 -11.98 0.65 17.48
C GLU A 6 -12.46 1.24 16.16
N GLU A 7 -13.66 1.79 16.15
CA GLU A 7 -14.22 2.37 14.94
C GLU A 7 -13.95 3.87 14.88
N CYS A 8 -12.79 4.26 15.39
CA CYS A 8 -12.38 5.65 15.39
C CYS A 8 -10.87 5.74 15.53
N MET A 9 -10.34 6.93 15.36
CA MET A 9 -8.90 7.13 15.47
C MET A 9 -8.57 8.15 16.55
N HIS A 10 -7.49 7.90 17.27
CA HIS A 10 -7.04 8.80 18.31
C HIS A 10 -6.04 9.80 17.75
N GLY A 11 -5.24 9.32 16.79
CA GLY A 11 -4.24 10.17 16.16
C GLY A 11 -4.36 10.18 14.66
N SER A 12 -3.41 9.53 13.99
CA SER A 12 -3.41 9.46 12.53
C SER A 12 -4.22 8.27 12.03
N GLY A 13 -4.62 7.40 12.96
CA GLY A 13 -5.39 6.23 12.60
C GLY A 13 -4.54 5.10 12.07
N GLU A 14 -3.38 4.91 12.68
CA GLU A 14 -2.45 3.87 12.25
C GLU A 14 -2.85 2.51 12.82
N ASN A 15 -3.48 2.52 13.99
CA ASN A 15 -3.90 1.29 14.65
C ASN A 15 -5.37 1.04 14.42
N TYR A 16 -5.98 1.80 13.52
CA TYR A 16 -7.40 1.66 13.23
C TYR A 16 -7.68 0.34 12.51
N ASP A 17 -8.50 -0.49 13.12
CA ASP A 17 -8.89 -1.76 12.52
C ASP A 17 -10.40 -1.89 12.58
N GLY A 18 -11.07 -1.13 11.74
CA GLY A 18 -12.51 -1.14 11.69
C GLY A 18 -13.06 -1.81 10.45
N LYS A 19 -14.36 -1.68 10.24
CA LYS A 19 -15.01 -2.29 9.09
C LYS A 19 -15.35 -1.25 8.01
N ILE A 20 -14.84 -0.05 8.14
CA ILE A 20 -15.10 1.00 7.16
C ILE A 20 -14.29 0.74 5.89
N SER A 21 -14.98 0.68 4.76
CA SER A 21 -14.32 0.43 3.49
C SER A 21 -14.83 1.40 2.42
N LYS A 22 -15.01 2.66 2.78
CA LYS A 22 -15.49 3.66 1.84
C LYS A 22 -14.71 4.96 1.97
N THR A 23 -14.28 5.49 0.84
CA THR A 23 -13.52 6.72 0.79
C THR A 23 -14.39 7.91 1.19
N MET A 24 -13.78 9.08 1.32
CA MET A 24 -14.52 10.29 1.69
C MET A 24 -15.52 10.67 0.61
N SER A 25 -15.28 10.19 -0.61
CA SER A 25 -16.18 10.46 -1.73
C SER A 25 -17.35 9.48 -1.73
N GLY A 26 -17.25 8.44 -0.92
CA GLY A 26 -18.31 7.45 -0.84
C GLY A 26 -18.11 6.32 -1.82
N LEU A 27 -16.86 5.98 -2.08
CA LEU A 27 -16.54 4.89 -3.00
C LEU A 27 -16.08 3.67 -2.23
N GLU A 28 -16.58 2.50 -2.60
CA GLU A 28 -16.19 1.26 -1.96
C GLU A 28 -14.73 0.96 -2.31
N CYS A 29 -13.94 0.71 -1.27
CA CYS A 29 -12.52 0.44 -1.45
C CYS A 29 -12.27 -0.91 -2.12
N GLN A 30 -11.10 -1.04 -2.72
CA GLN A 30 -10.67 -2.26 -3.39
C GLN A 30 -10.00 -3.18 -2.38
N ALA A 31 -10.27 -4.48 -2.49
CA ALA A 31 -9.68 -5.46 -1.59
C ALA A 31 -8.16 -5.49 -1.73
N TRP A 32 -7.47 -5.48 -0.60
CA TRP A 32 -6.01 -5.51 -0.59
C TRP A 32 -5.51 -6.81 -1.21
N ASP A 33 -6.25 -7.88 -0.98
CA ASP A 33 -5.91 -9.20 -1.52
C ASP A 33 -6.21 -9.29 -3.01
N SER A 34 -6.66 -8.18 -3.60
CA SER A 34 -6.98 -8.13 -5.01
C SER A 34 -6.07 -7.15 -5.74
N GLN A 35 -5.67 -7.51 -6.95
CA GLN A 35 -4.82 -6.67 -7.78
C GLN A 35 -5.66 -5.94 -8.80
N SER A 36 -6.97 -6.06 -8.66
CA SER A 36 -7.92 -5.40 -9.55
C SER A 36 -8.88 -4.55 -8.73
N PRO A 37 -9.32 -3.40 -9.25
CA PRO A 37 -8.93 -2.93 -10.59
C PRO A 37 -7.55 -2.26 -10.62
N HIS A 38 -7.03 -1.89 -9.47
CA HIS A 38 -5.72 -1.23 -9.41
C HIS A 38 -4.64 -2.17 -8.88
N ALA A 39 -3.58 -2.31 -9.66
CA ALA A 39 -2.44 -3.14 -9.27
C ALA A 39 -1.58 -2.38 -8.27
N HIS A 40 -1.18 -3.07 -7.20
CA HIS A 40 -0.38 -2.44 -6.17
C HIS A 40 0.62 -3.42 -5.56
N GLY A 41 1.38 -2.96 -4.58
CA GLY A 41 2.36 -3.79 -3.92
C GLY A 41 2.10 -3.93 -2.43
N TYR A 42 0.90 -3.54 -2.00
CA TYR A 42 0.53 -3.61 -0.60
C TYR A 42 -0.18 -4.94 -0.32
N ILE A 43 0.52 -6.02 -0.62
CA ILE A 43 -0.02 -7.36 -0.44
C ILE A 43 -0.17 -7.68 1.05
N PRO A 44 -1.37 -8.13 1.48
CA PRO A 44 -1.65 -8.48 2.87
C PRO A 44 -0.69 -9.54 3.41
N SER A 45 -0.19 -10.38 2.52
CA SER A 45 0.75 -11.43 2.89
C SER A 45 2.14 -10.84 3.12
N LYS A 46 2.40 -9.68 2.52
CA LYS A 46 3.67 -9.01 2.67
C LYS A 46 3.65 -8.09 3.89
N PHE A 47 2.47 -7.55 4.18
CA PHE A 47 2.30 -6.68 5.33
C PHE A 47 1.17 -7.18 6.23
N PRO A 48 1.37 -8.36 6.88
CA PRO A 48 0.35 -8.94 7.75
C PRO A 48 0.24 -8.22 9.10
N ASN A 49 1.23 -7.40 9.40
CA ASN A 49 1.26 -6.67 10.66
C ASN A 49 0.46 -5.36 10.56
N LYS A 50 -0.03 -5.06 9.37
CA LYS A 50 -0.80 -3.83 9.17
C LYS A 50 -2.30 -4.13 9.07
N ASN A 51 -2.66 -5.37 9.39
CA ASN A 51 -4.05 -5.82 9.38
C ASN A 51 -4.79 -5.45 8.10
N LEU A 52 -4.23 -5.84 6.96
CA LEU A 52 -4.86 -5.56 5.68
C LEU A 52 -5.94 -6.60 5.41
N LYS A 53 -7.13 -6.36 5.97
CA LYS A 53 -8.26 -7.27 5.83
C LYS A 53 -9.25 -6.76 4.80
N LYS A 54 -9.69 -7.67 3.93
CA LYS A 54 -10.66 -7.36 2.89
C LYS A 54 -10.29 -6.09 2.12
N ASN A 55 -11.16 -5.09 2.21
CA ASN A 55 -10.97 -3.82 1.54
C ASN A 55 -11.10 -2.67 2.53
N TYR A 56 -10.90 -2.97 3.80
CA TYR A 56 -11.02 -1.97 4.85
C TYR A 56 -9.89 -0.94 4.75
N CYS A 57 -10.21 0.32 5.00
CA CYS A 57 -9.23 1.39 4.96
C CYS A 57 -8.20 1.22 6.06
N ARG A 58 -6.92 1.26 5.69
CA ARG A 58 -5.84 1.11 6.66
C ARG A 58 -4.76 2.15 6.43
N ASN A 59 -3.80 2.19 7.33
CA ASN A 59 -2.69 3.14 7.24
C ASN A 59 -1.37 2.39 7.36
N PRO A 60 -0.81 1.92 6.23
CA PRO A 60 0.43 1.15 6.20
C PRO A 60 1.70 1.98 5.94
N ASP A 61 1.56 3.18 5.40
CA ASP A 61 2.71 4.03 5.10
C ASP A 61 2.86 5.18 6.07
N ARG A 62 2.03 5.16 7.13
CA ARG A 62 2.06 6.19 8.16
C ARG A 62 1.60 7.54 7.61
N ASP A 63 0.45 7.54 6.96
CA ASP A 63 -0.12 8.77 6.42
C ASP A 63 -0.87 9.52 7.53
N LEU A 64 -1.54 10.60 7.18
CA LEU A 64 -2.28 11.40 8.15
C LEU A 64 -3.67 10.81 8.38
N ARG A 65 -4.11 9.99 7.45
CA ARG A 65 -5.44 9.37 7.53
C ARG A 65 -5.43 8.02 6.82
N PRO A 66 -6.17 7.02 7.35
CA PRO A 66 -6.26 5.70 6.71
C PRO A 66 -6.85 5.81 5.32
N TRP A 67 -6.18 5.22 4.34
CA TRP A 67 -6.64 5.29 2.96
C TRP A 67 -6.92 3.91 2.39
N CYS A 68 -7.30 3.90 1.11
CA CYS A 68 -7.60 2.66 0.41
C CYS A 68 -7.66 2.95 -1.09
N PHE A 69 -7.67 1.87 -1.88
CA PHE A 69 -7.79 2.02 -3.32
C PHE A 69 -9.27 2.00 -3.65
N THR A 70 -9.67 2.61 -4.74
CA THR A 70 -11.08 2.65 -5.07
C THR A 70 -11.44 1.60 -6.12
N THR A 71 -12.73 1.41 -6.34
CA THR A 71 -13.23 0.45 -7.30
C THR A 71 -13.39 1.11 -8.68
N ASP A 72 -12.89 2.33 -8.78
CA ASP A 72 -12.96 3.10 -10.00
C ASP A 72 -11.57 3.21 -10.63
N PRO A 73 -11.40 2.66 -11.85
CA PRO A 73 -10.11 2.71 -12.56
C PRO A 73 -9.62 4.14 -12.80
N ASN A 74 -10.52 5.10 -12.68
CA ASN A 74 -10.16 6.50 -12.89
C ASN A 74 -9.61 7.12 -11.61
N LYS A 75 -9.90 6.48 -10.49
CA LYS A 75 -9.45 6.97 -9.19
C LYS A 75 -8.50 5.96 -8.56
N ARG A 76 -7.23 6.31 -8.48
CA ARG A 76 -6.22 5.43 -7.91
C ARG A 76 -6.51 5.14 -6.44
N TRP A 77 -6.32 6.14 -5.60
CA TRP A 77 -6.55 5.98 -4.17
C TRP A 77 -7.11 7.26 -3.56
N GLU A 78 -7.69 7.13 -2.37
CA GLU A 78 -8.26 8.25 -1.66
C GLU A 78 -8.29 7.93 -0.17
N TYR A 79 -8.53 8.94 0.65
CA TYR A 79 -8.57 8.76 2.10
C TYR A 79 -10.00 8.54 2.55
N CYS A 80 -10.17 7.68 3.55
CA CYS A 80 -11.49 7.38 4.08
C CYS A 80 -11.83 8.29 5.25
N ASP A 81 -13.05 8.81 5.25
CA ASP A 81 -13.50 9.70 6.31
C ASP A 81 -13.99 8.90 7.51
N ILE A 82 -13.06 8.52 8.36
CA ILE A 82 -13.36 7.74 9.55
C ILE A 82 -13.42 8.66 10.77
N PRO A 83 -14.49 8.57 11.56
CA PRO A 83 -14.66 9.41 12.75
C PRO A 83 -13.51 9.28 13.75
N ARG A 84 -13.30 10.34 14.53
CA ARG A 84 -12.26 10.35 15.53
C ARG A 84 -12.84 10.00 16.89
N CYS A 85 -12.01 9.53 17.81
CA CYS A 85 -12.48 9.16 19.14
C CYS A 85 -12.60 10.41 20.02
N GLY B 1 29.30 -20.97 3.71
CA GLY B 1 30.54 -20.83 2.97
C GLY B 1 30.62 -19.49 2.25
N SER B 2 31.84 -18.98 2.08
CA SER B 2 32.04 -17.71 1.41
C SER B 2 32.32 -17.92 -0.08
N LYS B 3 32.41 -19.18 -0.47
CA LYS B 3 32.66 -19.53 -1.86
C LYS B 3 31.35 -19.65 -2.62
N THR B 4 30.34 -20.19 -1.95
CA THR B 4 29.03 -20.36 -2.54
C THR B 4 28.14 -19.15 -2.28
N ILE B 5 27.08 -19.01 -3.07
CA ILE B 5 26.16 -17.90 -2.92
C ILE B 5 24.86 -18.36 -2.28
N GLN B 6 24.52 -17.80 -1.14
CA GLN B 6 23.29 -18.16 -0.46
C GLN B 6 22.15 -17.31 -1.00
N GLU B 7 21.10 -17.97 -1.49
CA GLU B 7 19.96 -17.27 -2.05
C GLU B 7 19.22 -16.48 -0.97
N LYS B 8 19.01 -17.12 0.17
CA LYS B 8 18.33 -16.49 1.29
C LYS B 8 19.32 -15.60 2.04
N GLU B 9 18.91 -14.36 2.32
CA GLU B 9 19.76 -13.42 3.04
C GLU B 9 20.12 -13.96 4.42
N GLN B 10 21.35 -13.73 4.82
CA GLN B 10 21.82 -14.20 6.12
C GLN B 10 21.24 -13.34 7.24
N GLU B 11 21.02 -12.07 6.93
CA GLU B 11 20.45 -11.14 7.89
C GLU B 11 19.26 -10.42 7.29
N LEU B 12 18.18 -10.35 8.05
CA LEU B 12 16.97 -9.69 7.59
C LEU B 12 17.03 -8.20 7.94
N LYS B 13 16.25 -7.40 7.24
CA LYS B 13 16.21 -5.96 7.46
C LYS B 13 15.06 -5.58 8.39
N ASN B 14 15.20 -4.44 9.04
CA ASN B 14 14.17 -3.96 9.96
C ASN B 14 13.41 -2.81 9.34
N LEU B 15 12.15 -3.05 8.99
CA LEU B 15 11.31 -2.04 8.37
C LEU B 15 11.01 -0.91 9.36
N LYS B 16 10.95 -1.27 10.64
CA LYS B 16 10.67 -0.30 11.70
C LYS B 16 11.70 0.81 11.70
N ASP B 17 12.94 0.48 11.38
CA ASP B 17 14.02 1.46 11.34
C ASP B 17 13.78 2.45 10.21
N ASN B 18 13.34 1.94 9.06
CA ASN B 18 13.07 2.79 7.91
C ASN B 18 11.87 3.70 8.21
N VAL B 19 10.89 3.15 8.91
CA VAL B 19 9.70 3.90 9.28
C VAL B 19 10.05 4.99 10.29
N GLU B 20 10.99 4.69 11.17
CA GLU B 20 11.44 5.65 12.18
C GLU B 20 12.15 6.81 11.51
N LEU B 21 12.78 6.53 10.37
CA LEU B 21 13.49 7.54 9.61
C LEU B 21 12.53 8.29 8.69
N GLU B 22 11.45 7.61 8.30
CA GLU B 22 10.44 8.17 7.40
C GLU B 22 11.08 8.58 6.09
N ARG B 23 12.01 7.74 5.61
CA ARG B 23 12.74 8.00 4.38
C ARG B 23 11.82 7.93 3.16
N LEU B 24 10.72 7.20 3.28
CA LEU B 24 9.77 7.06 2.20
C LEU B 24 9.16 8.40 1.82
N LYS B 25 8.87 9.21 2.85
CA LYS B 25 8.29 10.54 2.67
C LYS B 25 6.94 10.48 1.96
N ASN B 26 6.31 9.31 2.03
CA ASN B 26 5.00 9.08 1.42
C ASN B 26 5.04 9.20 -0.11
N GLU B 27 6.24 9.27 -0.67
CA GLU B 27 6.39 9.43 -2.11
C GLU B 27 6.02 8.15 -2.86
N ARG B 28 6.34 7.00 -2.28
CA ARG B 28 6.03 5.72 -2.91
C ARG B 28 4.51 5.47 -2.89
N HIS B 29 3.84 6.15 -1.97
CA HIS B 29 2.40 6.04 -1.85
C HIS B 29 1.74 7.04 -2.80
N ASP B 30 2.38 8.18 -2.97
CA ASP B 30 1.88 9.23 -3.84
C ASP B 30 1.97 8.83 -5.31
N HIS B 31 3.12 8.31 -5.72
CA HIS B 31 3.32 7.92 -7.11
C HIS B 31 4.13 6.63 -7.22
N ASP B 32 3.76 5.81 -8.20
CA ASP B 32 4.44 4.55 -8.45
C ASP B 32 5.39 4.67 -9.63
N GLU B 33 5.52 5.89 -10.14
CA GLU B 33 6.40 6.17 -11.28
C GLU B 33 7.85 5.75 -10.99
N GLU B 34 8.29 5.99 -9.76
CA GLU B 34 9.65 5.66 -9.35
C GLU B 34 9.83 4.15 -9.28
N ALA B 35 8.76 3.43 -8.95
CA ALA B 35 8.82 1.98 -8.85
C ALA B 35 9.04 1.37 -10.23
N GLU B 36 8.43 1.98 -11.25
CA GLU B 36 8.57 1.52 -12.62
C GLU B 36 10.01 1.70 -13.10
N ARG B 37 10.61 2.82 -12.72
CA ARG B 37 11.98 3.13 -13.11
C ARG B 37 12.97 2.20 -12.39
N LYS B 38 12.56 1.70 -11.23
CA LYS B 38 13.40 0.81 -10.45
C LYS B 38 13.26 -0.63 -10.97
N ALA B 39 12.07 -0.96 -11.47
CA ALA B 39 11.79 -2.29 -11.99
C ALA B 39 12.55 -2.54 -13.30
N LEU B 40 12.86 -1.46 -14.00
CA LEU B 40 13.57 -1.54 -15.25
C LEU B 40 14.98 -0.95 -15.10
N GLU B 41 15.97 -1.59 -15.70
CA GLU B 41 17.33 -1.09 -15.64
C GLU B 41 17.49 0.08 -16.61
N ASP B 42 16.65 0.08 -17.63
CA ASP B 42 16.66 1.14 -18.63
C ASP B 42 15.23 1.48 -19.03
N LYS B 43 15.02 2.68 -19.53
CA LYS B 43 13.70 3.12 -19.96
C LYS B 43 13.73 3.52 -21.43
N LEU B 44 12.54 3.52 -22.04
CA LEU B 44 12.40 3.88 -23.44
C LEU B 44 12.89 5.30 -23.69
N ALA B 45 13.70 5.47 -24.73
CA ALA B 45 14.24 6.77 -25.08
C ALA B 45 13.33 7.49 -26.06
N ASP B 46 12.59 6.71 -26.86
CA ASP B 46 11.69 7.27 -27.86
C ASP B 46 10.45 7.89 -27.20
N LYS B 47 9.42 7.10 -26.95
CA LYS B 47 8.20 7.60 -26.33
C LYS B 47 7.39 6.45 -25.74
N GLN B 48 7.55 6.24 -24.45
CA GLN B 48 6.84 5.18 -23.75
C GLN B 48 5.38 5.56 -23.57
N GLU B 49 4.49 4.60 -23.82
CA GLU B 49 3.05 4.83 -23.70
C GLU B 49 2.70 5.25 -22.28
N HIS B 50 3.41 4.66 -21.31
CA HIS B 50 3.19 4.94 -19.89
C HIS B 50 1.81 4.45 -19.47
N LEU B 51 0.83 5.35 -19.51
CA LEU B 51 -0.55 5.03 -19.14
C LEU B 51 -0.69 4.71 -17.66
N ASP B 52 -1.80 5.14 -17.08
CA ASP B 52 -2.08 4.90 -15.67
C ASP B 52 -2.39 3.43 -15.44
N GLY B 53 -2.33 3.01 -14.18
CA GLY B 53 -2.58 1.62 -13.85
C GLY B 53 -4.05 1.26 -13.78
N ALA B 54 -4.80 1.58 -14.83
CA ALA B 54 -6.22 1.26 -14.86
C ALA B 54 -6.46 0.02 -15.73
N LEU B 55 -7.71 -0.39 -15.80
CA LEU B 55 -8.07 -1.57 -16.59
C LEU B 55 -8.07 -1.24 -18.09
N ARG B 56 -8.97 -0.36 -18.49
CA ARG B 56 -9.07 0.03 -19.90
C ARG B 56 -8.75 1.51 -20.06
N TYR B 57 -8.06 2.06 -19.07
CA TYR B 57 -7.67 3.47 -19.08
C TYR B 57 -6.20 3.60 -18.69
N GLU A 6 -11.52 -0.93 16.93
CA GLU A 6 -11.83 0.49 16.98
C GLU A 6 -12.37 0.97 15.65
N GLU A 7 -13.54 1.60 15.68
CA GLU A 7 -14.15 2.13 14.47
C GLU A 7 -13.83 3.61 14.33
N CYS A 8 -12.97 4.10 15.22
CA CYS A 8 -12.56 5.49 15.23
C CYS A 8 -11.05 5.58 15.38
N MET A 9 -10.49 6.78 15.22
CA MET A 9 -9.06 6.97 15.35
C MET A 9 -8.74 8.04 16.38
N HIS A 10 -7.54 7.96 16.96
CA HIS A 10 -7.10 8.94 17.95
C HIS A 10 -6.06 9.85 17.33
N GLY A 11 -5.11 9.25 16.61
CA GLY A 11 -4.07 10.00 15.96
C GLY A 11 -4.11 9.87 14.45
N SER A 12 -3.19 9.11 13.89
CA SER A 12 -3.12 8.90 12.45
C SER A 12 -4.06 7.78 12.03
N GLY A 13 -4.36 6.88 12.95
CA GLY A 13 -5.25 5.79 12.66
C GLY A 13 -4.51 4.57 12.14
N GLU A 14 -3.27 4.38 12.58
CA GLU A 14 -2.47 3.25 12.14
C GLU A 14 -2.97 1.96 12.77
N ASN A 15 -3.41 2.06 14.01
CA ASN A 15 -3.91 0.91 14.74
C ASN A 15 -5.40 0.75 14.53
N TYR A 16 -5.95 1.54 13.61
CA TYR A 16 -7.36 1.49 13.30
C TYR A 16 -7.70 0.18 12.58
N ASP A 17 -8.57 -0.60 13.19
CA ASP A 17 -8.97 -1.88 12.62
C ASP A 17 -10.49 -1.95 12.50
N GLY A 18 -11.07 -0.88 11.97
CA GLY A 18 -12.51 -0.80 11.80
C GLY A 18 -12.98 -1.48 10.53
N LYS A 19 -14.29 -1.42 10.28
CA LYS A 19 -14.86 -2.06 9.11
C LYS A 19 -15.29 -1.06 8.04
N ILE A 20 -14.78 0.16 8.10
CA ILE A 20 -15.13 1.16 7.09
C ILE A 20 -14.42 0.82 5.77
N SER A 21 -15.18 0.68 4.70
CA SER A 21 -14.61 0.33 3.41
C SER A 21 -15.00 1.33 2.32
N LYS A 22 -15.11 2.60 2.68
CA LYS A 22 -15.45 3.62 1.70
C LYS A 22 -14.68 4.91 1.95
N THR A 23 -14.21 5.51 0.86
CA THR A 23 -13.45 6.75 0.92
C THR A 23 -14.30 7.90 1.43
N MET A 24 -13.67 9.06 1.60
CA MET A 24 -14.37 10.25 2.07
C MET A 24 -15.43 10.69 1.05
N SER A 25 -15.29 10.24 -0.19
CA SER A 25 -16.23 10.58 -1.24
C SER A 25 -17.39 9.59 -1.27
N GLY A 26 -17.14 8.37 -0.80
CA GLY A 26 -18.17 7.35 -0.79
C GLY A 26 -17.90 6.23 -1.76
N LEU A 27 -16.66 6.13 -2.23
CA LEU A 27 -16.29 5.08 -3.17
C LEU A 27 -15.89 3.82 -2.41
N GLU A 28 -16.35 2.67 -2.90
CA GLU A 28 -16.05 1.39 -2.27
C GLU A 28 -14.57 1.06 -2.46
N CYS A 29 -13.90 0.78 -1.36
CA CYS A 29 -12.48 0.45 -1.39
C CYS A 29 -12.22 -0.90 -2.04
N GLN A 30 -11.13 -0.98 -2.77
CA GLN A 30 -10.72 -2.20 -3.44
C GLN A 30 -10.07 -3.12 -2.43
N ALA A 31 -10.35 -4.41 -2.56
CA ALA A 31 -9.79 -5.43 -1.67
C ALA A 31 -8.27 -5.40 -1.71
N TRP A 32 -7.65 -5.44 -0.54
CA TRP A 32 -6.20 -5.42 -0.42
C TRP A 32 -5.60 -6.65 -1.10
N ASP A 33 -6.27 -7.79 -0.95
CA ASP A 33 -5.82 -9.04 -1.55
C ASP A 33 -6.22 -9.14 -3.02
N SER A 34 -6.57 -8.01 -3.63
CA SER A 34 -6.95 -7.98 -5.02
C SER A 34 -6.07 -7.01 -5.81
N GLN A 35 -5.78 -7.37 -7.05
CA GLN A 35 -4.96 -6.54 -7.92
C GLN A 35 -5.81 -5.90 -9.01
N SER A 36 -7.12 -5.96 -8.82
CA SER A 36 -8.05 -5.40 -9.77
C SER A 36 -9.00 -4.42 -9.07
N PRO A 37 -9.29 -3.28 -9.71
CA PRO A 37 -8.75 -2.93 -11.03
C PRO A 37 -7.35 -2.33 -10.98
N HIS A 38 -6.92 -1.87 -9.80
CA HIS A 38 -5.61 -1.25 -9.65
C HIS A 38 -4.62 -2.22 -9.01
N ALA A 39 -3.49 -2.43 -9.69
CA ALA A 39 -2.45 -3.31 -9.18
C ALA A 39 -1.55 -2.56 -8.22
N HIS A 40 -1.43 -3.07 -7.00
CA HIS A 40 -0.61 -2.42 -5.99
C HIS A 40 0.31 -3.43 -5.29
N GLY A 41 1.26 -2.90 -4.51
CA GLY A 41 2.19 -3.75 -3.81
C GLY A 41 1.95 -3.78 -2.32
N TYR A 42 0.71 -3.56 -1.91
CA TYR A 42 0.34 -3.57 -0.50
C TYR A 42 -0.39 -4.87 -0.17
N ILE A 43 0.24 -5.97 -0.53
CA ILE A 43 -0.32 -7.30 -0.30
C ILE A 43 -0.26 -7.67 1.18
N PRO A 44 -1.36 -8.21 1.74
CA PRO A 44 -1.44 -8.62 3.14
C PRO A 44 -0.31 -9.58 3.55
N SER A 45 0.17 -10.37 2.60
CA SER A 45 1.24 -11.32 2.87
C SER A 45 2.58 -10.60 2.95
N LYS A 46 2.66 -9.43 2.33
CA LYS A 46 3.86 -8.62 2.33
C LYS A 46 3.92 -7.81 3.62
N PHE A 47 2.75 -7.34 4.04
CA PHE A 47 2.63 -6.57 5.28
C PHE A 47 1.61 -7.24 6.18
N PRO A 48 2.00 -8.32 6.88
CA PRO A 48 1.10 -9.07 7.76
C PRO A 48 1.01 -8.48 9.16
N ASN A 49 1.65 -7.34 9.36
CA ASN A 49 1.64 -6.68 10.66
C ASN A 49 1.06 -5.28 10.54
N LYS A 50 0.12 -5.09 9.61
CA LYS A 50 -0.49 -3.77 9.41
C LYS A 50 -2.02 -3.84 9.40
N ASN A 51 -2.56 -4.98 9.83
CA ASN A 51 -4.02 -5.19 9.91
C ASN A 51 -4.73 -5.03 8.56
N LEU A 52 -4.09 -5.46 7.48
CA LEU A 52 -4.69 -5.37 6.15
C LEU A 52 -5.72 -6.49 5.97
N LYS A 53 -6.99 -6.15 6.10
CA LYS A 53 -8.05 -7.14 5.98
C LYS A 53 -9.13 -6.69 4.98
N LYS A 54 -9.57 -7.64 4.16
CA LYS A 54 -10.61 -7.41 3.15
C LYS A 54 -10.34 -6.15 2.32
N ASN A 55 -11.23 -5.18 2.43
CA ASN A 55 -11.10 -3.93 1.71
C ASN A 55 -11.35 -2.76 2.65
N TYR A 56 -11.09 -2.98 3.93
CA TYR A 56 -11.28 -1.94 4.93
C TYR A 56 -10.17 -0.90 4.85
N CYS A 57 -10.54 0.35 5.08
CA CYS A 57 -9.58 1.45 5.03
C CYS A 57 -8.53 1.27 6.11
N ARG A 58 -7.26 1.35 5.73
CA ARG A 58 -6.17 1.17 6.67
C ARG A 58 -5.07 2.20 6.44
N ASN A 59 -4.21 2.36 7.43
CA ASN A 59 -3.10 3.29 7.35
C ASN A 59 -1.81 2.51 7.58
N PRO A 60 -1.30 1.85 6.53
CA PRO A 60 -0.11 1.03 6.60
C PRO A 60 1.19 1.75 6.28
N ASP A 61 1.09 2.96 5.78
CA ASP A 61 2.27 3.76 5.40
C ASP A 61 2.49 4.90 6.38
N ARG A 62 1.65 4.95 7.40
CA ARG A 62 1.74 5.98 8.44
C ARG A 62 1.47 7.37 7.85
N ASP A 63 0.40 7.49 7.09
CA ASP A 63 0.03 8.76 6.50
C ASP A 63 -0.81 9.57 7.49
N LEU A 64 -1.48 10.61 7.01
CA LEU A 64 -2.28 11.46 7.89
C LEU A 64 -3.67 10.86 8.14
N ARG A 65 -4.14 10.06 7.20
CA ARG A 65 -5.46 9.45 7.32
C ARG A 65 -5.48 8.09 6.63
N PRO A 66 -6.25 7.13 7.18
CA PRO A 66 -6.37 5.80 6.57
C PRO A 66 -6.95 5.91 5.16
N TRP A 67 -6.29 5.27 4.21
CA TRP A 67 -6.72 5.33 2.82
C TRP A 67 -7.01 3.95 2.26
N CYS A 68 -7.36 3.92 0.99
CA CYS A 68 -7.65 2.69 0.29
C CYS A 68 -7.73 2.95 -1.20
N PHE A 69 -7.70 1.90 -2.00
CA PHE A 69 -7.82 2.03 -3.44
C PHE A 69 -9.31 2.01 -3.77
N THR A 70 -9.71 2.65 -4.85
CA THR A 70 -11.13 2.69 -5.19
C THR A 70 -11.46 1.69 -6.28
N THR A 71 -12.76 1.45 -6.47
CA THR A 71 -13.23 0.53 -7.49
C THR A 71 -13.39 1.24 -8.84
N ASP A 72 -13.00 2.50 -8.88
CA ASP A 72 -13.08 3.31 -10.09
C ASP A 72 -11.74 3.29 -10.79
N PRO A 73 -11.70 2.76 -12.04
CA PRO A 73 -10.46 2.71 -12.82
C PRO A 73 -9.83 4.08 -13.05
N ASN A 74 -10.61 5.15 -12.85
CA ASN A 74 -10.10 6.50 -13.06
C ASN A 74 -9.64 7.13 -11.74
N LYS A 75 -9.76 6.37 -10.66
CA LYS A 75 -9.35 6.84 -9.35
C LYS A 75 -8.53 5.77 -8.65
N ARG A 76 -7.22 5.96 -8.62
CA ARG A 76 -6.31 4.99 -7.99
C ARG A 76 -6.63 4.80 -6.51
N TRP A 77 -6.38 5.82 -5.71
CA TRP A 77 -6.61 5.72 -4.28
C TRP A 77 -7.11 7.04 -3.71
N GLU A 78 -7.70 6.99 -2.53
CA GLU A 78 -8.20 8.17 -1.86
C GLU A 78 -8.25 7.91 -0.35
N TYR A 79 -8.41 8.99 0.42
CA TYR A 79 -8.46 8.87 1.87
C TYR A 79 -9.88 8.59 2.34
N CYS A 80 -10.00 7.84 3.43
CA CYS A 80 -11.31 7.52 3.99
C CYS A 80 -11.62 8.44 5.16
N ASP A 81 -12.88 8.83 5.28
CA ASP A 81 -13.30 9.72 6.34
C ASP A 81 -13.77 8.93 7.55
N ILE A 82 -12.84 8.62 8.45
CA ILE A 82 -13.16 7.87 9.65
C ILE A 82 -13.25 8.83 10.85
N PRO A 83 -14.35 8.75 11.62
CA PRO A 83 -14.55 9.61 12.80
C PRO A 83 -13.49 9.41 13.87
N ARG A 84 -13.17 10.47 14.58
CA ARG A 84 -12.19 10.40 15.66
C ARG A 84 -12.89 10.00 16.95
N CYS A 85 -12.14 9.47 17.90
CA CYS A 85 -12.72 9.05 19.17
C CYS A 85 -12.82 10.23 20.14
N GLY B 1 26.44 -22.14 8.25
CA GLY B 1 26.56 -21.57 9.56
C GLY B 1 27.56 -20.44 9.59
N SER B 2 28.84 -20.78 9.55
CA SER B 2 29.90 -19.79 9.56
C SER B 2 30.46 -19.59 8.15
N LYS B 3 30.64 -20.69 7.44
CA LYS B 3 31.15 -20.65 6.08
C LYS B 3 30.00 -20.87 5.09
N THR B 4 29.16 -21.84 5.40
CA THR B 4 28.01 -22.17 4.57
C THR B 4 26.95 -21.07 4.66
N ILE B 5 26.51 -20.58 3.51
CA ILE B 5 25.51 -19.53 3.48
C ILE B 5 24.13 -20.07 3.81
N GLN B 6 23.43 -19.39 4.71
CA GLN B 6 22.11 -19.82 5.12
C GLN B 6 21.05 -19.26 4.18
N GLU B 7 20.05 -20.08 3.88
CA GLU B 7 18.96 -19.67 3.01
C GLU B 7 17.93 -18.89 3.81
N LYS B 8 17.84 -19.23 5.09
CA LYS B 8 16.91 -18.56 5.99
C LYS B 8 17.56 -17.32 6.55
N GLU B 9 16.77 -16.27 6.73
CA GLU B 9 17.28 -15.01 7.28
C GLU B 9 17.69 -15.20 8.73
N GLN B 10 18.93 -14.87 9.03
CA GLN B 10 19.46 -15.02 10.39
C GLN B 10 18.83 -14.00 11.31
N GLU B 11 18.88 -12.73 10.91
CA GLU B 11 18.32 -11.66 11.70
C GLU B 11 17.33 -10.85 10.88
N LEU B 12 16.12 -10.68 11.41
CA LEU B 12 15.08 -9.93 10.73
C LEU B 12 15.12 -8.47 11.14
N LYS B 13 14.49 -7.62 10.34
CA LYS B 13 14.46 -6.19 10.63
C LYS B 13 13.09 -5.78 11.17
N ASN B 14 13.09 -5.00 12.23
CA ASN B 14 11.85 -4.53 12.84
C ASN B 14 11.19 -3.47 11.98
N LEU B 15 9.93 -3.70 11.62
CA LEU B 15 9.20 -2.77 10.79
C LEU B 15 8.99 -1.44 11.50
N LYS B 16 8.65 -1.50 12.79
CA LYS B 16 8.41 -0.29 13.58
C LYS B 16 9.64 0.61 13.59
N ASP B 17 10.81 0.01 13.63
CA ASP B 17 12.06 0.76 13.64
C ASP B 17 12.25 1.48 12.32
N ASN B 18 11.90 0.80 11.24
CA ASN B 18 12.02 1.36 9.90
C ASN B 18 11.01 2.49 9.68
N VAL B 19 9.80 2.29 10.20
CA VAL B 19 8.75 3.30 10.07
C VAL B 19 9.09 4.55 10.88
N GLU B 20 9.89 4.37 11.92
CA GLU B 20 10.30 5.48 12.76
C GLU B 20 11.36 6.32 12.05
N LEU B 21 12.03 5.71 11.09
CA LEU B 21 13.05 6.39 10.31
C LEU B 21 12.45 6.99 9.05
N GLU B 22 11.50 6.24 8.45
CA GLU B 22 10.82 6.67 7.24
C GLU B 22 11.79 7.02 6.13
N ARG B 23 12.45 6.01 5.59
CA ARG B 23 13.43 6.21 4.52
C ARG B 23 12.74 6.31 3.17
N LEU B 24 11.54 5.74 3.06
CA LEU B 24 10.80 5.75 1.81
C LEU B 24 10.18 7.12 1.55
N LYS B 25 9.92 7.86 2.63
CA LYS B 25 9.32 9.20 2.54
C LYS B 25 7.91 9.14 1.95
N ASN B 26 7.37 7.92 1.89
CA ASN B 26 6.04 7.65 1.35
C ASN B 26 5.88 8.19 -0.07
N GLU B 27 6.97 8.20 -0.83
CA GLU B 27 6.93 8.70 -2.20
C GLU B 27 6.12 7.76 -3.10
N ARG B 28 6.19 6.46 -2.79
CA ARG B 28 5.47 5.46 -3.56
C ARG B 28 3.97 5.64 -3.43
N HIS B 29 3.56 6.19 -2.30
CA HIS B 29 2.15 6.44 -2.03
C HIS B 29 1.59 7.46 -3.01
N ASP B 30 2.42 8.44 -3.38
CA ASP B 30 2.01 9.47 -4.30
C ASP B 30 2.29 9.09 -5.74
N HIS B 31 3.49 8.59 -5.99
CA HIS B 31 3.89 8.20 -7.35
C HIS B 31 4.73 6.93 -7.31
N ASP B 32 4.33 5.93 -8.09
CA ASP B 32 5.02 4.66 -8.12
C ASP B 32 5.88 4.51 -9.38
N GLU B 33 6.08 5.61 -10.09
CA GLU B 33 6.90 5.59 -11.29
C GLU B 33 8.35 5.27 -10.95
N GLU B 34 8.78 5.70 -9.77
CA GLU B 34 10.13 5.44 -9.31
C GLU B 34 10.33 3.95 -9.06
N ALA B 35 9.25 3.29 -8.67
CA ALA B 35 9.27 1.86 -8.42
C ALA B 35 9.47 1.11 -9.73
N GLU B 36 8.85 1.63 -10.79
CA GLU B 36 8.97 1.03 -12.11
C GLU B 36 10.39 1.22 -12.62
N ARG B 37 10.96 2.39 -12.36
CA ARG B 37 12.32 2.69 -12.77
C ARG B 37 13.30 1.80 -12.03
N LYS B 38 12.89 1.37 -10.83
CA LYS B 38 13.70 0.48 -10.01
C LYS B 38 13.68 -0.92 -10.60
N ALA B 39 12.59 -1.25 -11.29
CA ALA B 39 12.43 -2.56 -11.90
C ALA B 39 13.18 -2.62 -13.23
N LEU B 40 12.98 -1.59 -14.05
CA LEU B 40 13.62 -1.52 -15.36
C LEU B 40 15.07 -1.05 -15.22
N GLU B 41 15.99 -1.88 -15.71
CA GLU B 41 17.41 -1.56 -15.64
C GLU B 41 17.78 -0.51 -16.68
N ASP B 42 16.99 -0.47 -17.75
CA ASP B 42 17.21 0.47 -18.83
C ASP B 42 15.90 1.15 -19.20
N LYS B 43 15.99 2.19 -20.01
CA LYS B 43 14.81 2.91 -20.44
C LYS B 43 14.62 2.75 -21.94
N LEU B 44 13.37 2.72 -22.40
CA LEU B 44 13.08 2.57 -23.81
C LEU B 44 13.34 3.89 -24.55
N ALA B 45 13.63 3.78 -25.84
CA ALA B 45 13.93 4.95 -26.65
C ALA B 45 12.67 5.77 -26.95
N ASP B 46 11.55 5.09 -27.14
CA ASP B 46 10.31 5.79 -27.45
C ASP B 46 9.53 6.07 -26.17
N LYS B 47 8.51 6.93 -26.29
CA LYS B 47 7.68 7.32 -25.16
C LYS B 47 7.01 6.11 -24.49
N GLN B 48 7.01 6.11 -23.17
CA GLN B 48 6.41 5.03 -22.40
C GLN B 48 4.90 5.06 -22.52
N GLU B 49 4.31 3.87 -22.63
CA GLU B 49 2.86 3.72 -22.77
C GLU B 49 2.15 4.00 -21.45
N HIS B 50 2.84 3.74 -20.34
CA HIS B 50 2.31 3.95 -19.00
C HIS B 50 1.08 3.07 -18.75
N LEU B 51 -0.11 3.67 -18.83
CA LEU B 51 -1.37 2.96 -18.60
C LEU B 51 -1.51 2.52 -17.14
N ASP B 52 -2.72 2.19 -16.75
CA ASP B 52 -3.00 1.76 -15.38
C ASP B 52 -3.05 0.23 -15.30
N GLY B 53 -3.91 -0.35 -16.11
CA GLY B 53 -4.06 -1.80 -16.13
C GLY B 53 -5.44 -2.23 -15.71
N ALA B 54 -6.41 -1.33 -15.89
CA ALA B 54 -7.79 -1.61 -15.53
C ALA B 54 -8.38 -2.67 -16.47
N LEU B 55 -9.32 -3.44 -15.94
CA LEU B 55 -9.98 -4.50 -16.69
C LEU B 55 -10.77 -3.96 -17.88
N ARG B 56 -11.18 -2.70 -17.79
CA ARG B 56 -11.96 -2.07 -18.85
C ARG B 56 -11.06 -1.30 -19.82
N TYR B 57 -9.76 -1.39 -19.62
CA TYR B 57 -8.81 -0.69 -20.46
C TYR B 57 -7.65 -1.61 -20.83
N GLU A 6 -11.18 -0.75 17.16
CA GLU A 6 -12.08 0.39 17.25
C GLU A 6 -12.42 0.92 15.87
N GLU A 7 -13.59 1.51 15.74
CA GLU A 7 -14.04 2.06 14.46
C GLU A 7 -13.60 3.52 14.31
N CYS A 8 -13.00 4.05 15.36
CA CYS A 8 -12.55 5.44 15.35
C CYS A 8 -11.03 5.50 15.48
N MET A 9 -10.46 6.67 15.23
CA MET A 9 -9.02 6.85 15.33
C MET A 9 -8.68 7.84 16.44
N HIS A 10 -7.53 7.64 17.06
CA HIS A 10 -7.07 8.51 18.13
C HIS A 10 -6.00 9.46 17.62
N GLY A 11 -5.39 9.11 16.50
CA GLY A 11 -4.35 9.93 15.92
C GLY A 11 -4.53 10.08 14.42
N SER A 12 -3.82 9.28 13.64
CA SER A 12 -3.91 9.33 12.20
C SER A 12 -4.42 8.00 11.64
N GLY A 13 -4.73 7.07 12.54
CA GLY A 13 -5.22 5.78 12.13
C GLY A 13 -4.11 4.77 11.98
N GLU A 14 -2.98 5.03 12.64
CA GLU A 14 -1.83 4.15 12.60
C GLU A 14 -2.18 2.74 13.10
N ASN A 15 -2.94 2.69 14.17
CA ASN A 15 -3.35 1.41 14.75
C ASN A 15 -4.86 1.24 14.64
N TYR A 16 -5.44 1.84 13.62
CA TYR A 16 -6.87 1.75 13.40
C TYR A 16 -7.24 0.43 12.73
N ASP A 17 -8.21 -0.26 13.32
CA ASP A 17 -8.67 -1.54 12.78
C ASP A 17 -10.19 -1.60 12.87
N GLY A 18 -10.84 -0.95 11.91
CA GLY A 18 -12.29 -0.93 11.87
C GLY A 18 -12.84 -1.62 10.65
N LYS A 19 -14.14 -1.57 10.47
CA LYS A 19 -14.77 -2.22 9.32
C LYS A 19 -15.25 -1.20 8.30
N ILE A 20 -14.62 -0.03 8.27
CA ILE A 20 -14.99 1.00 7.31
C ILE A 20 -14.27 0.76 5.98
N SER A 21 -15.04 0.56 4.93
CA SER A 21 -14.49 0.32 3.61
C SER A 21 -15.04 1.29 2.58
N LYS A 22 -15.16 2.55 2.96
CA LYS A 22 -15.68 3.57 2.06
C LYS A 22 -14.84 4.83 2.14
N THR A 23 -14.36 5.27 0.98
CA THR A 23 -13.56 6.48 0.88
C THR A 23 -14.35 7.71 1.29
N MET A 24 -13.66 8.82 1.51
CA MET A 24 -14.30 10.07 1.89
C MET A 24 -15.17 10.62 0.76
N SER A 25 -14.94 10.12 -0.45
CA SER A 25 -15.72 10.56 -1.61
C SER A 25 -16.96 9.70 -1.78
N GLY A 26 -17.02 8.57 -1.08
CA GLY A 26 -18.17 7.70 -1.16
C GLY A 26 -17.98 6.58 -2.18
N LEU A 27 -16.75 6.17 -2.39
CA LEU A 27 -16.45 5.10 -3.33
C LEU A 27 -16.09 3.82 -2.57
N GLU A 28 -16.51 2.68 -3.09
CA GLU A 28 -16.22 1.40 -2.46
C GLU A 28 -14.75 1.06 -2.60
N CYS A 29 -14.12 0.67 -1.50
CA CYS A 29 -12.71 0.32 -1.51
C CYS A 29 -12.45 -1.01 -2.20
N GLN A 30 -11.28 -1.12 -2.79
CA GLN A 30 -10.85 -2.33 -3.47
C GLN A 30 -10.18 -3.26 -2.46
N ALA A 31 -10.40 -4.55 -2.60
CA ALA A 31 -9.81 -5.53 -1.70
C ALA A 31 -8.29 -5.50 -1.80
N TRP A 32 -7.62 -5.49 -0.65
CA TRP A 32 -6.16 -5.44 -0.59
C TRP A 32 -5.55 -6.67 -1.27
N ASP A 33 -6.24 -7.80 -1.15
CA ASP A 33 -5.78 -9.04 -1.75
C ASP A 33 -6.11 -9.10 -3.25
N SER A 34 -6.83 -8.08 -3.72
CA SER A 34 -7.22 -8.00 -5.11
C SER A 34 -6.31 -7.01 -5.84
N GLN A 35 -5.95 -7.34 -7.08
CA GLN A 35 -5.10 -6.48 -7.87
C GLN A 35 -5.88 -5.85 -9.01
N SER A 36 -7.19 -5.86 -8.86
CA SER A 36 -8.09 -5.29 -9.85
C SER A 36 -9.06 -4.33 -9.17
N PRO A 37 -9.33 -3.17 -9.78
CA PRO A 37 -8.74 -2.80 -11.08
C PRO A 37 -7.34 -2.21 -10.97
N HIS A 38 -6.96 -1.75 -9.79
CA HIS A 38 -5.65 -1.15 -9.59
C HIS A 38 -4.68 -2.11 -8.90
N ALA A 39 -3.56 -2.37 -9.57
CA ALA A 39 -2.54 -3.25 -9.02
C ALA A 39 -1.63 -2.45 -8.10
N HIS A 40 -1.23 -3.05 -6.99
CA HIS A 40 -0.38 -2.38 -6.02
C HIS A 40 0.61 -3.35 -5.39
N GLY A 41 1.43 -2.83 -4.48
CA GLY A 41 2.43 -3.64 -3.82
C GLY A 41 2.15 -3.81 -2.34
N TYR A 42 0.97 -3.40 -1.90
CA TYR A 42 0.59 -3.51 -0.48
C TYR A 42 -0.11 -4.83 -0.24
N ILE A 43 0.59 -5.91 -0.57
CA ILE A 43 0.06 -7.25 -0.41
C ILE A 43 -0.13 -7.60 1.06
N PRO A 44 -1.31 -8.13 1.44
CA PRO A 44 -1.61 -8.51 2.82
C PRO A 44 -0.61 -9.53 3.37
N SER A 45 -0.05 -10.34 2.48
CA SER A 45 0.93 -11.35 2.87
C SER A 45 2.30 -10.71 3.08
N LYS A 46 2.50 -9.56 2.45
CA LYS A 46 3.76 -8.84 2.55
C LYS A 46 3.78 -8.06 3.86
N PHE A 47 2.62 -7.55 4.26
CA PHE A 47 2.47 -6.80 5.49
C PHE A 47 1.34 -7.36 6.33
N PRO A 48 1.52 -8.54 6.94
CA PRO A 48 0.49 -9.18 7.76
C PRO A 48 0.42 -8.59 9.17
N ASN A 49 1.14 -7.50 9.39
CA ASN A 49 1.16 -6.85 10.68
C ASN A 49 0.50 -5.48 10.61
N LYS A 50 -0.11 -5.17 9.47
CA LYS A 50 -0.76 -3.87 9.31
C LYS A 50 -2.28 -4.01 9.27
N ASN A 51 -2.76 -5.21 9.62
CA ASN A 51 -4.20 -5.49 9.65
C ASN A 51 -4.90 -5.23 8.33
N LEU A 52 -4.29 -5.69 7.23
CA LEU A 52 -4.88 -5.52 5.91
C LEU A 52 -5.94 -6.59 5.68
N LYS A 53 -7.18 -6.27 6.03
CA LYS A 53 -8.28 -7.21 5.89
C LYS A 53 -9.31 -6.73 4.89
N LYS A 54 -9.72 -7.63 3.99
CA LYS A 54 -10.71 -7.36 2.97
C LYS A 54 -10.37 -6.10 2.18
N ASN A 55 -11.20 -5.08 2.33
CA ASN A 55 -11.01 -3.80 1.64
C ASN A 55 -11.20 -2.66 2.62
N TYR A 56 -11.02 -2.95 3.90
CA TYR A 56 -11.17 -1.95 4.94
C TYR A 56 -10.05 -0.93 4.88
N CYS A 57 -10.39 0.33 5.07
CA CYS A 57 -9.42 1.41 5.04
C CYS A 57 -8.41 1.26 6.17
N ARG A 58 -7.13 1.33 5.83
CA ARG A 58 -6.07 1.20 6.80
C ARG A 58 -4.98 2.24 6.55
N ASN A 59 -4.00 2.30 7.44
CA ASN A 59 -2.90 3.24 7.31
C ASN A 59 -1.58 2.48 7.38
N PRO A 60 -1.06 2.03 6.23
CA PRO A 60 0.18 1.28 6.14
C PRO A 60 1.43 2.15 5.99
N ASP A 61 1.29 3.32 5.38
CA ASP A 61 2.42 4.20 5.15
C ASP A 61 2.56 5.25 6.25
N ARG A 62 1.70 5.15 7.26
CA ARG A 62 1.73 6.07 8.40
C ARG A 62 1.41 7.51 7.96
N ASP A 63 0.35 7.65 7.18
CA ASP A 63 -0.08 8.96 6.69
C ASP A 63 -0.94 9.66 7.76
N LEU A 64 -1.57 10.75 7.39
CA LEU A 64 -2.42 11.51 8.33
C LEU A 64 -3.83 10.94 8.43
N ARG A 65 -4.20 10.12 7.46
CA ARG A 65 -5.54 9.53 7.43
C ARG A 65 -5.52 8.17 6.76
N PRO A 66 -6.34 7.22 7.23
CA PRO A 66 -6.42 5.88 6.63
C PRO A 66 -6.99 5.99 5.22
N TRP A 67 -6.53 5.13 4.33
CA TRP A 67 -6.98 5.17 2.95
C TRP A 67 -7.22 3.77 2.40
N CYS A 68 -7.61 3.72 1.13
CA CYS A 68 -7.87 2.47 0.45
C CYS A 68 -7.86 2.72 -1.05
N PHE A 69 -7.78 1.66 -1.83
CA PHE A 69 -7.84 1.79 -3.27
C PHE A 69 -9.30 1.86 -3.67
N THR A 70 -9.62 2.58 -4.73
CA THR A 70 -11.01 2.70 -5.14
C THR A 70 -11.36 1.72 -6.24
N THR A 71 -12.65 1.43 -6.39
CA THR A 71 -13.11 0.53 -7.42
C THR A 71 -13.35 1.29 -8.71
N ASP A 72 -12.89 2.54 -8.73
CA ASP A 72 -13.02 3.42 -9.87
C ASP A 72 -11.77 3.32 -10.74
N PRO A 73 -11.92 2.96 -12.03
CA PRO A 73 -10.78 2.80 -12.95
C PRO A 73 -10.11 4.12 -13.34
N ASN A 74 -10.48 5.21 -12.68
CA ASN A 74 -9.87 6.51 -12.98
C ASN A 74 -9.12 7.06 -11.78
N LYS A 75 -9.46 6.57 -10.59
CA LYS A 75 -8.81 7.01 -9.37
C LYS A 75 -8.20 5.82 -8.66
N ARG A 76 -6.87 5.79 -8.57
CA ARG A 76 -6.16 4.69 -7.94
C ARG A 76 -6.54 4.52 -6.47
N TRP A 77 -6.33 5.55 -5.67
CA TRP A 77 -6.62 5.49 -4.25
C TRP A 77 -7.18 6.80 -3.75
N GLU A 78 -7.85 6.75 -2.61
CA GLU A 78 -8.44 7.92 -1.99
C GLU A 78 -8.47 7.74 -0.47
N TYR A 79 -8.39 8.84 0.26
CA TYR A 79 -8.43 8.80 1.71
C TYR A 79 -9.84 8.47 2.19
N CYS A 80 -9.93 7.80 3.32
CA CYS A 80 -11.21 7.43 3.89
C CYS A 80 -11.54 8.35 5.05
N ASP A 81 -12.82 8.45 5.38
CA ASP A 81 -13.25 9.28 6.49
C ASP A 81 -13.61 8.40 7.68
N ILE A 82 -12.80 8.46 8.72
CA ILE A 82 -13.03 7.67 9.92
C ILE A 82 -13.24 8.58 11.12
N PRO A 83 -14.30 8.32 11.91
CA PRO A 83 -14.61 9.12 13.10
C PRO A 83 -13.43 9.23 14.06
N ARG A 84 -13.33 10.36 14.73
CA ARG A 84 -12.26 10.59 15.68
C ARG A 84 -12.81 10.61 17.09
N CYS A 85 -12.29 9.74 17.94
CA CYS A 85 -12.75 9.64 19.32
C CYS A 85 -12.04 10.64 20.21
N GLY B 1 23.79 -28.03 8.76
CA GLY B 1 25.13 -27.62 9.12
C GLY B 1 25.51 -26.27 8.53
N SER B 2 26.75 -25.83 8.76
CA SER B 2 27.24 -24.56 8.26
C SER B 2 27.50 -24.61 6.76
N LYS B 3 27.80 -25.80 6.26
CA LYS B 3 28.08 -25.97 4.83
C LYS B 3 26.80 -25.85 4.02
N THR B 4 25.71 -26.34 4.59
CA THR B 4 24.42 -26.30 3.94
C THR B 4 23.76 -24.94 4.14
N ILE B 5 23.50 -24.24 3.04
CA ILE B 5 22.88 -22.93 3.12
C ILE B 5 21.37 -23.07 3.16
N GLN B 6 20.76 -22.42 4.14
CA GLN B 6 19.30 -22.48 4.31
C GLN B 6 18.65 -21.28 3.64
N GLU B 7 17.49 -21.52 3.01
CA GLU B 7 16.76 -20.46 2.33
C GLU B 7 16.22 -19.44 3.33
N LYS B 8 15.84 -19.90 4.50
CA LYS B 8 15.31 -19.03 5.55
C LYS B 8 16.37 -18.01 5.98
N GLU B 9 15.92 -16.79 6.25
CA GLU B 9 16.83 -15.73 6.66
C GLU B 9 17.20 -15.90 8.13
N GLN B 10 18.39 -15.45 8.48
CA GLN B 10 18.87 -15.56 9.85
C GLN B 10 18.52 -14.30 10.65
N GLU B 11 18.99 -13.17 10.18
CA GLU B 11 18.73 -11.90 10.85
C GLU B 11 17.58 -11.16 10.17
N LEU B 12 16.45 -11.05 10.85
CA LEU B 12 15.27 -10.40 10.31
C LEU B 12 15.33 -8.89 10.51
N LYS B 13 14.39 -8.18 9.90
CA LYS B 13 14.33 -6.73 10.00
C LYS B 13 13.10 -6.28 10.78
N ASN B 14 13.31 -5.44 11.79
CA ASN B 14 12.22 -4.94 12.62
C ASN B 14 11.41 -3.89 11.86
N LEU B 15 10.12 -4.15 11.71
CA LEU B 15 9.22 -3.24 11.00
C LEU B 15 9.01 -1.93 11.77
N LYS B 16 9.01 -2.00 13.09
CA LYS B 16 8.80 -0.81 13.91
C LYS B 16 9.96 0.17 13.74
N ASP B 17 11.16 -0.36 13.62
CA ASP B 17 12.35 0.47 13.43
C ASP B 17 12.25 1.26 12.13
N ASN B 18 11.63 0.62 11.13
CA ASN B 18 11.47 1.24 9.82
C ASN B 18 10.58 2.47 9.90
N VAL B 19 9.60 2.42 10.80
CA VAL B 19 8.67 3.54 10.99
C VAL B 19 9.35 4.64 11.79
N GLU B 20 10.13 4.24 12.77
CA GLU B 20 10.83 5.20 13.62
C GLU B 20 11.90 5.96 12.83
N LEU B 21 12.58 5.25 11.93
CA LEU B 21 13.63 5.84 11.12
C LEU B 21 13.07 6.54 9.88
N GLU B 22 11.78 6.33 9.61
CA GLU B 22 11.11 6.92 8.44
C GLU B 22 11.84 6.58 7.15
N ARG B 23 11.83 5.31 6.77
CA ARG B 23 12.51 4.87 5.56
C ARG B 23 11.60 4.97 4.32
N LEU B 24 10.30 5.05 4.54
CA LEU B 24 9.35 5.14 3.44
C LEU B 24 9.18 6.59 3.01
N LYS B 25 9.04 7.47 4.00
CA LYS B 25 8.87 8.92 3.77
C LYS B 25 7.58 9.25 3.02
N ASN B 26 6.69 8.26 2.90
CA ASN B 26 5.39 8.42 2.23
C ASN B 26 5.55 8.86 0.76
N GLU B 27 6.67 8.49 0.14
CA GLU B 27 6.92 8.88 -1.25
C GLU B 27 6.24 7.93 -2.24
N ARG B 28 6.44 6.63 -2.05
CA ARG B 28 5.86 5.61 -2.93
C ARG B 28 4.34 5.69 -2.89
N HIS B 29 3.82 6.17 -1.77
CA HIS B 29 2.39 6.33 -1.59
C HIS B 29 1.84 7.38 -2.57
N ASP B 30 2.57 8.47 -2.71
CA ASP B 30 2.16 9.55 -3.60
C ASP B 30 2.53 9.25 -5.05
N HIS B 31 3.68 8.63 -5.26
CA HIS B 31 4.12 8.30 -6.61
C HIS B 31 4.85 6.97 -6.65
N ASP B 32 4.30 6.04 -7.42
CA ASP B 32 4.89 4.71 -7.56
C ASP B 32 5.81 4.66 -8.77
N GLU B 33 5.99 5.81 -9.41
CA GLU B 33 6.84 5.94 -10.59
C GLU B 33 8.30 5.57 -10.25
N GLU B 34 8.66 5.70 -8.98
CA GLU B 34 10.01 5.38 -8.53
C GLU B 34 10.26 3.87 -8.65
N ALA B 35 9.22 3.08 -8.47
CA ALA B 35 9.32 1.64 -8.56
C ALA B 35 9.59 1.21 -10.00
N GLU B 36 9.05 2.00 -10.94
CA GLU B 36 9.22 1.73 -12.35
C GLU B 36 10.69 1.89 -12.75
N ARG B 37 11.31 2.92 -12.19
CA ARG B 37 12.72 3.21 -12.47
C ARG B 37 13.62 2.16 -11.82
N LYS B 38 13.19 1.66 -10.67
CA LYS B 38 13.95 0.66 -9.94
C LYS B 38 13.85 -0.69 -10.64
N ALA B 39 12.64 -1.03 -11.09
CA ALA B 39 12.39 -2.29 -11.77
C ALA B 39 13.11 -2.35 -13.11
N LEU B 40 12.96 -1.31 -13.91
CA LEU B 40 13.61 -1.26 -15.22
C LEU B 40 15.00 -0.65 -15.09
N GLU B 41 16.01 -1.48 -15.31
CA GLU B 41 17.40 -1.03 -15.21
C GLU B 41 17.73 -0.05 -16.32
N ASP B 42 17.49 -0.45 -17.56
CA ASP B 42 17.75 0.40 -18.71
C ASP B 42 16.64 1.42 -18.87
N LYS B 43 16.83 2.39 -19.77
CA LYS B 43 15.84 3.41 -19.99
C LYS B 43 15.42 3.47 -21.44
N LEU B 44 14.20 3.93 -21.68
CA LEU B 44 13.68 4.04 -23.03
C LEU B 44 14.33 5.21 -23.76
N ALA B 45 14.60 5.03 -25.04
CA ALA B 45 15.21 6.09 -25.85
C ALA B 45 14.16 7.12 -26.21
N ASP B 46 12.91 6.73 -26.11
CA ASP B 46 11.79 7.60 -26.40
C ASP B 46 11.11 8.02 -25.12
N LYS B 47 10.18 8.97 -25.22
CA LYS B 47 9.46 9.45 -24.05
C LYS B 47 8.64 8.33 -23.41
N GLN B 48 8.84 8.13 -22.12
CA GLN B 48 8.11 7.09 -21.40
C GLN B 48 6.66 7.52 -21.17
N GLU B 49 5.81 6.55 -20.87
CA GLU B 49 4.40 6.82 -20.64
C GLU B 49 4.16 7.33 -19.23
N HIS B 50 4.67 6.58 -18.25
CA HIS B 50 4.51 6.92 -16.84
C HIS B 50 3.03 7.04 -16.48
N LEU B 51 2.54 8.27 -16.36
CA LEU B 51 1.14 8.53 -16.03
C LEU B 51 0.73 7.79 -14.75
N ASP B 52 -0.47 7.25 -14.74
CA ASP B 52 -0.99 6.52 -13.60
C ASP B 52 -1.84 5.35 -14.09
N GLY B 53 -2.57 4.70 -13.19
CA GLY B 53 -3.40 3.57 -13.56
C GLY B 53 -4.71 3.98 -14.20
N ALA B 54 -4.65 4.80 -15.24
CA ALA B 54 -5.84 5.25 -15.94
C ALA B 54 -6.29 4.20 -16.95
N LEU B 55 -7.32 3.47 -16.60
CA LEU B 55 -7.85 2.41 -17.47
C LEU B 55 -9.00 2.91 -18.33
N ARG B 56 -9.41 4.15 -18.10
CA ARG B 56 -10.51 4.74 -18.86
C ARG B 56 -10.05 5.93 -19.70
N TYR B 57 -8.74 6.08 -19.81
CA TYR B 57 -8.16 7.18 -20.58
C TYR B 57 -7.17 6.64 -21.60
N GLU A 6 -11.08 -0.35 17.18
CA GLU A 6 -12.23 0.55 17.22
C GLU A 6 -12.54 1.05 15.80
N GLU A 7 -13.72 1.65 15.65
CA GLU A 7 -14.14 2.15 14.35
C GLU A 7 -13.77 3.62 14.21
N CYS A 8 -13.15 4.17 15.24
CA CYS A 8 -12.74 5.57 15.23
C CYS A 8 -11.22 5.68 15.35
N MET A 9 -10.70 6.85 15.01
CA MET A 9 -9.27 7.10 15.08
C MET A 9 -8.94 8.02 16.23
N HIS A 10 -7.74 7.85 16.81
CA HIS A 10 -7.29 8.67 17.91
C HIS A 10 -6.24 9.66 17.43
N GLY A 11 -5.72 9.41 16.23
CA GLY A 11 -4.71 10.27 15.64
C GLY A 11 -4.66 10.14 14.14
N SER A 12 -3.69 9.39 13.65
CA SER A 12 -3.52 9.18 12.22
C SER A 12 -4.18 7.87 11.79
N GLY A 13 -4.35 6.96 12.74
CA GLY A 13 -4.96 5.69 12.44
C GLY A 13 -3.93 4.59 12.21
N GLU A 14 -2.80 4.70 12.89
CA GLU A 14 -1.71 3.74 12.77
C GLU A 14 -2.16 2.32 13.15
N ASN A 15 -2.93 2.23 14.24
CA ASN A 15 -3.41 0.94 14.69
C ASN A 15 -4.92 0.81 14.48
N TYR A 16 -5.45 1.59 13.53
CA TYR A 16 -6.87 1.56 13.25
C TYR A 16 -7.27 0.25 12.57
N ASP A 17 -8.20 -0.47 13.18
CA ASP A 17 -8.68 -1.74 12.63
C ASP A 17 -10.21 -1.72 12.61
N GLY A 18 -10.75 -0.78 11.86
CA GLY A 18 -12.20 -0.66 11.75
C GLY A 18 -12.74 -1.40 10.54
N LYS A 19 -14.05 -1.32 10.35
CA LYS A 19 -14.71 -2.01 9.23
C LYS A 19 -15.17 -1.04 8.16
N ILE A 20 -14.59 0.15 8.14
CA ILE A 20 -14.96 1.14 7.13
C ILE A 20 -14.33 0.76 5.80
N SER A 21 -15.15 0.58 4.78
CA SER A 21 -14.67 0.20 3.46
C SER A 21 -15.11 1.18 2.39
N LYS A 22 -15.12 2.46 2.72
CA LYS A 22 -15.51 3.48 1.76
C LYS A 22 -14.71 4.76 1.98
N THR A 23 -14.25 5.34 0.90
CA THR A 23 -13.48 6.57 0.94
C THR A 23 -14.37 7.77 1.29
N MET A 24 -13.76 8.94 1.46
CA MET A 24 -14.51 10.14 1.79
C MET A 24 -15.44 10.53 0.65
N SER A 25 -15.11 10.09 -0.56
CA SER A 25 -15.92 10.37 -1.74
C SER A 25 -17.15 9.45 -1.77
N GLY A 26 -17.07 8.35 -1.03
CA GLY A 26 -18.17 7.40 -0.98
C GLY A 26 -17.93 6.19 -1.85
N LEU A 27 -16.77 6.15 -2.51
CA LEU A 27 -16.43 5.04 -3.39
C LEU A 27 -16.05 3.81 -2.59
N GLU A 28 -16.41 2.64 -3.11
CA GLU A 28 -16.10 1.38 -2.45
C GLU A 28 -14.61 1.08 -2.57
N CYS A 29 -14.01 0.61 -1.48
CA CYS A 29 -12.60 0.30 -1.46
C CYS A 29 -12.30 -1.04 -2.13
N GLN A 30 -11.14 -1.10 -2.76
CA GLN A 30 -10.68 -2.31 -3.45
C GLN A 30 -10.03 -3.25 -2.45
N ALA A 31 -10.35 -4.53 -2.56
CA ALA A 31 -9.79 -5.56 -1.68
C ALA A 31 -8.27 -5.53 -1.76
N TRP A 32 -7.62 -5.52 -0.59
CA TRP A 32 -6.16 -5.48 -0.52
C TRP A 32 -5.57 -6.71 -1.20
N ASP A 33 -6.20 -7.86 -1.00
CA ASP A 33 -5.75 -9.11 -1.59
C ASP A 33 -6.21 -9.24 -3.06
N SER A 34 -6.61 -8.12 -3.65
CA SER A 34 -7.05 -8.09 -5.03
C SER A 34 -6.18 -7.11 -5.81
N GLN A 35 -5.70 -7.53 -6.97
CA GLN A 35 -4.86 -6.68 -7.81
C GLN A 35 -5.65 -6.08 -8.96
N SER A 36 -6.96 -5.96 -8.77
CA SER A 36 -7.82 -5.40 -9.79
C SER A 36 -8.79 -4.40 -9.17
N PRO A 37 -9.07 -3.27 -9.85
CA PRO A 37 -8.50 -2.97 -11.17
C PRO A 37 -7.15 -2.27 -11.08
N HIS A 38 -6.77 -1.86 -9.89
CA HIS A 38 -5.51 -1.16 -9.69
C HIS A 38 -4.48 -2.08 -9.06
N ALA A 39 -3.36 -2.25 -9.74
CA ALA A 39 -2.28 -3.09 -9.23
C ALA A 39 -1.48 -2.32 -8.19
N HIS A 40 -1.09 -3.01 -7.12
CA HIS A 40 -0.35 -2.37 -6.04
C HIS A 40 0.62 -3.35 -5.38
N GLY A 41 1.49 -2.81 -4.53
CA GLY A 41 2.46 -3.64 -3.85
C GLY A 41 2.16 -3.77 -2.36
N TYR A 42 0.94 -3.46 -1.98
CA TYR A 42 0.53 -3.54 -0.58
C TYR A 42 -0.11 -4.90 -0.32
N ILE A 43 0.68 -5.94 -0.52
CA ILE A 43 0.23 -7.31 -0.35
C ILE A 43 0.02 -7.64 1.13
N PRO A 44 -1.18 -8.12 1.49
CA PRO A 44 -1.51 -8.49 2.89
C PRO A 44 -0.58 -9.58 3.42
N SER A 45 -0.05 -10.39 2.52
CA SER A 45 0.86 -11.46 2.89
C SER A 45 2.25 -10.90 3.18
N LYS A 46 2.52 -9.71 2.66
CA LYS A 46 3.80 -9.05 2.85
C LYS A 46 3.77 -8.22 4.13
N PHE A 47 2.59 -7.70 4.46
CA PHE A 47 2.42 -6.90 5.67
C PHE A 47 1.22 -7.40 6.48
N PRO A 48 1.33 -8.58 7.10
CA PRO A 48 0.24 -9.16 7.90
C PRO A 48 0.07 -8.45 9.24
N ASN A 49 0.99 -7.55 9.55
CA ASN A 49 0.95 -6.82 10.81
C ASN A 49 0.33 -5.43 10.64
N LYS A 50 -0.16 -5.14 9.43
CA LYS A 50 -0.76 -3.83 9.17
C LYS A 50 -2.28 -3.91 9.12
N ASN A 51 -2.83 -5.04 9.56
CA ASN A 51 -4.28 -5.27 9.60
C ASN A 51 -4.92 -5.12 8.22
N LEU A 52 -4.22 -5.56 7.19
CA LEU A 52 -4.75 -5.48 5.84
C LEU A 52 -5.75 -6.61 5.62
N LYS A 53 -7.01 -6.35 5.96
CA LYS A 53 -8.07 -7.34 5.83
C LYS A 53 -9.16 -6.87 4.89
N LYS A 54 -9.56 -7.75 3.98
CA LYS A 54 -10.63 -7.48 3.02
C LYS A 54 -10.35 -6.20 2.22
N ASN A 55 -11.24 -5.23 2.35
CA ASN A 55 -11.10 -3.96 1.64
C ASN A 55 -11.30 -2.80 2.61
N TYR A 56 -11.03 -3.05 3.89
CA TYR A 56 -11.19 -2.03 4.90
C TYR A 56 -10.07 -0.99 4.83
N CYS A 57 -10.42 0.26 5.11
CA CYS A 57 -9.46 1.35 5.08
C CYS A 57 -8.42 1.18 6.17
N ARG A 58 -7.15 1.22 5.79
CA ARG A 58 -6.06 1.07 6.73
C ARG A 58 -4.99 2.12 6.50
N ASN A 59 -4.00 2.15 7.39
CA ASN A 59 -2.92 3.11 7.27
C ASN A 59 -1.58 2.37 7.30
N PRO A 60 -1.10 1.93 6.14
CA PRO A 60 0.16 1.20 6.01
C PRO A 60 1.39 2.10 5.93
N ASP A 61 1.37 3.03 4.99
CA ASP A 61 2.48 3.97 4.78
C ASP A 61 2.59 5.03 5.87
N ARG A 62 1.75 4.91 6.90
CA ARG A 62 1.77 5.83 8.04
C ARG A 62 1.45 7.25 7.59
N ASP A 63 0.33 7.42 6.92
CA ASP A 63 -0.10 8.73 6.44
C ASP A 63 -0.88 9.47 7.53
N LEU A 64 -1.39 10.65 7.20
CA LEU A 64 -2.16 11.47 8.14
C LEU A 64 -3.56 10.90 8.35
N ARG A 65 -4.05 10.15 7.39
CA ARG A 65 -5.38 9.57 7.47
C ARG A 65 -5.38 8.18 6.81
N PRO A 66 -6.18 7.24 7.34
CA PRO A 66 -6.29 5.90 6.76
C PRO A 66 -6.93 5.97 5.37
N TRP A 67 -6.41 5.18 4.44
CA TRP A 67 -6.92 5.21 3.08
C TRP A 67 -7.20 3.81 2.57
N CYS A 68 -7.62 3.74 1.32
CA CYS A 68 -7.92 2.49 0.65
C CYS A 68 -7.89 2.73 -0.85
N PHE A 69 -7.74 1.66 -1.63
CA PHE A 69 -7.75 1.78 -3.07
C PHE A 69 -9.19 1.89 -3.53
N THR A 70 -9.44 2.71 -4.53
CA THR A 70 -10.79 2.89 -5.00
C THR A 70 -11.13 1.93 -6.14
N THR A 71 -12.37 1.46 -6.16
CA THR A 71 -12.84 0.56 -7.21
C THR A 71 -13.15 1.35 -8.47
N ASP A 72 -12.87 2.64 -8.40
CA ASP A 72 -13.11 3.56 -9.51
C ASP A 72 -12.04 3.38 -10.58
N PRO A 73 -12.44 3.28 -11.86
CA PRO A 73 -11.51 3.10 -12.97
C PRO A 73 -10.65 4.33 -13.26
N ASN A 74 -10.95 5.44 -12.60
CA ASN A 74 -10.19 6.67 -12.80
C ASN A 74 -9.36 7.03 -11.57
N LYS A 75 -9.97 6.90 -10.40
CA LYS A 75 -9.30 7.22 -9.15
C LYS A 75 -8.49 6.03 -8.64
N ARG A 76 -7.21 6.25 -8.42
CA ARG A 76 -6.31 5.20 -7.92
C ARG A 76 -6.63 4.87 -6.46
N TRP A 77 -6.51 5.86 -5.59
CA TRP A 77 -6.79 5.69 -4.17
C TRP A 77 -7.23 7.01 -3.56
N GLU A 78 -7.80 6.95 -2.36
CA GLU A 78 -8.25 8.14 -1.66
C GLU A 78 -8.32 7.85 -0.17
N TYR A 79 -8.43 8.91 0.64
CA TYR A 79 -8.51 8.76 2.09
C TYR A 79 -9.95 8.49 2.51
N CYS A 80 -10.12 7.77 3.62
CA CYS A 80 -11.44 7.44 4.11
C CYS A 80 -11.82 8.34 5.29
N ASP A 81 -13.09 8.75 5.33
CA ASP A 81 -13.57 9.61 6.41
C ASP A 81 -13.94 8.78 7.62
N ILE A 82 -13.01 8.65 8.54
CA ILE A 82 -13.22 7.87 9.75
C ILE A 82 -13.38 8.80 10.95
N PRO A 83 -14.40 8.57 11.79
CA PRO A 83 -14.67 9.38 12.98
C PRO A 83 -13.48 9.43 13.95
N ARG A 84 -13.39 10.50 14.70
CA ARG A 84 -12.31 10.66 15.67
C ARG A 84 -12.86 10.51 17.08
N CYS A 85 -12.08 9.88 17.95
CA CYS A 85 -12.49 9.67 19.33
C CYS A 85 -11.33 9.95 20.28
N GLY B 1 25.25 -25.20 5.12
CA GLY B 1 26.58 -25.22 4.53
C GLY B 1 27.26 -23.87 4.61
N SER B 2 28.55 -23.84 4.37
CA SER B 2 29.32 -22.61 4.41
C SER B 2 29.87 -22.28 3.03
N LYS B 3 30.16 -23.32 2.26
CA LYS B 3 30.69 -23.14 0.91
C LYS B 3 29.55 -23.07 -0.10
N THR B 4 28.56 -23.92 0.10
CA THR B 4 27.41 -23.97 -0.79
C THR B 4 26.33 -23.02 -0.33
N ILE B 5 25.82 -22.22 -1.25
CA ILE B 5 24.76 -21.26 -0.95
C ILE B 5 23.44 -21.98 -0.77
N GLN B 6 22.89 -21.90 0.44
CA GLN B 6 21.63 -22.55 0.75
C GLN B 6 20.47 -21.77 0.13
N GLU B 7 19.47 -22.51 -0.33
CA GLU B 7 18.29 -21.91 -0.95
C GLU B 7 17.48 -21.14 0.08
N LYS B 8 17.34 -21.73 1.26
CA LYS B 8 16.58 -21.10 2.34
C LYS B 8 17.48 -20.14 3.11
N GLU B 9 16.90 -19.05 3.60
CA GLU B 9 17.64 -18.07 4.38
C GLU B 9 17.72 -18.50 5.83
N GLN B 10 18.72 -17.98 6.54
CA GLN B 10 18.91 -18.30 7.95
C GLN B 10 18.34 -17.20 8.81
N GLU B 11 18.72 -15.97 8.49
CA GLU B 11 18.23 -14.81 9.21
C GLU B 11 17.15 -14.11 8.40
N LEU B 12 15.92 -14.27 8.81
CA LEU B 12 14.79 -13.66 8.13
C LEU B 12 14.83 -12.16 8.28
N LYS B 13 14.39 -11.45 7.24
CA LYS B 13 14.39 -10.00 7.26
C LYS B 13 13.24 -9.48 8.13
N ASN B 14 13.42 -8.31 8.70
CA ASN B 14 12.42 -7.70 9.56
C ASN B 14 11.64 -6.63 8.79
N LEU B 15 10.36 -6.89 8.58
CA LEU B 15 9.50 -5.96 7.85
C LEU B 15 9.27 -4.69 8.65
N LYS B 16 9.17 -4.82 9.97
CA LYS B 16 8.93 -3.67 10.85
C LYS B 16 10.10 -2.67 10.76
N ASP B 17 11.27 -3.17 10.41
CA ASP B 17 12.46 -2.33 10.29
C ASP B 17 12.33 -1.37 9.13
N ASN B 18 11.65 -1.81 8.08
CA ASN B 18 11.45 -0.98 6.89
C ASN B 18 10.36 0.05 7.12
N VAL B 19 9.33 -0.35 7.88
CA VAL B 19 8.22 0.54 8.19
C VAL B 19 8.69 1.70 9.05
N GLU B 20 9.56 1.40 10.01
CA GLU B 20 10.10 2.42 10.90
C GLU B 20 10.98 3.41 10.16
N LEU B 21 11.51 2.98 9.02
CA LEU B 21 12.37 3.83 8.20
C LEU B 21 11.55 4.87 7.44
N GLU B 22 10.37 4.45 6.98
CA GLU B 22 9.48 5.32 6.21
C GLU B 22 10.22 5.86 4.98
N ARG B 23 10.92 4.96 4.31
CA ARG B 23 11.71 5.29 3.12
C ARG B 23 10.81 5.69 1.95
N LEU B 24 9.55 5.27 2.02
CA LEU B 24 8.60 5.57 0.96
C LEU B 24 8.35 7.08 0.87
N LYS B 25 8.27 7.73 2.04
CA LYS B 25 8.05 9.18 2.13
C LYS B 25 6.78 9.60 1.38
N ASN B 26 5.86 8.64 1.23
CA ASN B 26 4.59 8.87 0.53
C ASN B 26 4.80 9.12 -0.96
N GLU B 27 6.05 9.06 -1.41
CA GLU B 27 6.36 9.30 -2.82
C GLU B 27 5.92 8.11 -3.68
N ARG B 28 6.29 6.91 -3.27
CA ARG B 28 5.92 5.70 -4.00
C ARG B 28 4.42 5.46 -3.91
N HIS B 29 3.82 6.02 -2.87
CA HIS B 29 2.38 5.89 -2.64
C HIS B 29 1.60 6.87 -3.52
N ASP B 30 2.15 8.07 -3.66
CA ASP B 30 1.52 9.11 -4.48
C ASP B 30 1.67 8.80 -5.97
N HIS B 31 2.83 8.31 -6.36
CA HIS B 31 3.10 7.98 -7.76
C HIS B 31 4.02 6.78 -7.88
N ASP B 32 3.63 5.83 -8.73
CA ASP B 32 4.43 4.62 -8.93
C ASP B 32 5.43 4.79 -10.07
N GLU B 33 5.55 6.03 -10.56
CA GLU B 33 6.48 6.34 -11.65
C GLU B 33 7.90 5.97 -11.27
N GLU B 34 8.27 6.25 -10.03
CA GLU B 34 9.60 5.96 -9.52
C GLU B 34 9.82 4.47 -9.33
N ALA B 35 8.73 3.73 -9.21
CA ALA B 35 8.80 2.28 -9.05
C ALA B 35 9.08 1.64 -10.40
N GLU B 36 8.52 2.23 -11.45
CA GLU B 36 8.70 1.74 -12.81
C GLU B 36 10.16 1.91 -13.24
N ARG B 37 10.72 3.07 -12.92
CA ARG B 37 12.11 3.36 -13.27
C ARG B 37 13.06 2.52 -12.42
N LYS B 38 12.56 1.99 -11.32
CA LYS B 38 13.36 1.14 -10.44
C LYS B 38 13.54 -0.22 -11.10
N ALA B 39 12.49 -0.69 -11.76
CA ALA B 39 12.52 -1.98 -12.44
C ALA B 39 13.26 -1.84 -13.77
N LEU B 40 12.91 -0.81 -14.53
CA LEU B 40 13.55 -0.57 -15.81
C LEU B 40 14.90 0.10 -15.62
N GLU B 41 15.97 -0.66 -15.83
CA GLU B 41 17.32 -0.15 -15.71
C GLU B 41 17.54 0.98 -16.71
N ASP B 42 17.19 0.71 -17.95
CA ASP B 42 17.31 1.69 -19.02
C ASP B 42 15.92 2.00 -19.57
N LYS B 43 15.80 3.13 -20.25
CA LYS B 43 14.53 3.53 -20.83
C LYS B 43 14.47 3.14 -22.30
N LEU B 44 13.27 3.23 -22.87
CA LEU B 44 13.07 2.89 -24.26
C LEU B 44 13.63 3.98 -25.16
N ALA B 45 14.30 3.59 -26.23
CA ALA B 45 14.87 4.55 -27.17
C ALA B 45 13.82 5.03 -28.14
N ASP B 46 12.73 4.28 -28.21
CA ASP B 46 11.61 4.60 -29.07
C ASP B 46 10.57 5.41 -28.29
N LYS B 47 9.38 5.56 -28.85
CA LYS B 47 8.32 6.31 -28.19
C LYS B 47 7.74 5.49 -27.04
N GLN B 48 8.20 5.77 -25.83
CA GLN B 48 7.71 5.06 -24.66
C GLN B 48 6.25 5.45 -24.41
N GLU B 49 5.41 4.44 -24.31
CA GLU B 49 3.98 4.65 -24.09
C GLU B 49 3.71 5.43 -22.81
N HIS B 50 4.55 5.22 -21.80
CA HIS B 50 4.41 5.89 -20.50
C HIS B 50 3.16 5.38 -19.79
N LEU B 51 2.02 6.01 -20.06
CA LEU B 51 0.74 5.63 -19.47
C LEU B 51 0.76 5.80 -17.95
N ASP B 52 -0.31 5.37 -17.30
CA ASP B 52 -0.42 5.45 -15.85
C ASP B 52 -1.26 4.30 -15.33
N GLY B 53 -1.19 4.06 -14.02
CA GLY B 53 -1.94 2.98 -13.42
C GLY B 53 -3.42 3.29 -13.25
N ALA B 54 -4.19 3.02 -14.29
CA ALA B 54 -5.63 3.26 -14.26
C ALA B 54 -6.31 2.45 -15.34
N LEU B 55 -7.64 2.36 -15.28
CA LEU B 55 -8.38 1.60 -16.28
C LEU B 55 -8.79 2.49 -17.44
N ARG B 56 -9.32 3.68 -17.14
CA ARG B 56 -9.76 4.59 -18.19
C ARG B 56 -8.64 5.54 -18.59
N TYR B 57 -7.61 5.63 -17.75
CA TYR B 57 -6.47 6.49 -18.02
C TYR B 57 -5.24 5.67 -18.38
#